data_7UGN
#
_entry.id   7UGN
#
loop_
_entity.id
_entity.type
_entity.pdbx_description
1 polymer 'Envelope glycoprotein gp120'
2 polymer 'Envelope glycoprotein gp41'
3 polymer 'BG24 inferred germline Fab with germline CDR3s heavy chain'
4 polymer 'BG24 inferred germline Fab with germline CDR3s light chain'
5 polymer '10-1074 Fab heavy chain'
6 polymer '10-1074 Fab light chain'
7 branched 2-acetamido-2-deoxy-beta-D-glucopyranose-(1-4)-2-acetamido-2-deoxy-beta-D-glucopyranose
8 branched alpha-D-mannopyranose-(1-3)-[alpha-D-mannopyranose-(1-6)]beta-D-mannopyranose-(1-4)-2-acetamido-2-deoxy-beta-D-glucopyranose-(1-4)-2-acetamido-2-deoxy-beta-D-glucopyranose
9 branched alpha-D-mannopyranose-(1-3)-alpha-D-mannopyranose-(1-3)-[alpha-D-mannopyranose-(1-3)-alpha-D-mannopyranose-(1-6)]beta-D-mannopyranose-(1-4)-2-acetamido-2-deoxy-beta-D-glucopyranose-(1-4)-2-acetamido-2-deoxy-beta-D-glucopyranose
10 branched alpha-D-mannopyranose-(1-3)-alpha-D-mannopyranose-(1-6)-[alpha-D-mannopyranose-(1-3)]beta-D-mannopyranose-(1-4)-2-acetamido-2-deoxy-beta-D-glucopyranose-(1-4)-2-acetamido-2-deoxy-beta-D-glucopyranose
11 non-polymer 2-acetamido-2-deoxy-beta-D-glucopyranose
12 non-polymer alpha-D-mannopyranose
#
loop_
_entity_poly.entity_id
_entity_poly.type
_entity_poly.pdbx_seq_one_letter_code
_entity_poly.pdbx_strand_id
1 'polypeptide(L)'
;ENLWVTVYYGVPVWKDAETTLFCASDAKAYKKHNVWATHACVPTDPNPQEIHLENVTEEFNMWKNNMVEQMHTDIISLWD
QSLKPCVKLTPLCVTLQCTNVTNNIDDMRGELKNCSFNMTTELRDKRQKVHALFYKLDIVPINENQNTSYRLINCNTAAI
TQACPKVSFEPIPIHYCAPAGFAILKCKDKKFNGTGPCPSVSTVQCTHGIKPVVSTQLLLNGSLAEEEVMIRSEDIRNNA
KNILVQFNTPVQINCTRPNNNTRKSIRIGPGQWFYATGDIIGDIRQAHCNVSKATWNETLGKVVKQLRKHFGNNTIIRFA
NSSGGDLEVTTHSFNCGGEFFYCDTSGLFNSTWISNDSITLPCRIKQIINMWQRIGQAMYAPPIQGVIRCVSNITGLILT
RDGGSTDSTTETFRPSGGDMRDNWRSELYKYKVVKIEPLGVAPTRCKRRVV
;
A,B,C
2 'polypeptide(L)'
;VFLGFLGAAGSTMGAASMTLTVQARNLLSLLKLTVWGIKQLQARVLAVERYLRDQQLLGIWGCSGKLICCTNVPWNSSWS
NRNLSEIWDNMTWLQWDKEISNYTQIIYGLLEESQNQQEKNEQDLLALD
;
D,E,F
3 'polypeptide(L)'
;QVQLVQSGAEVKKPGASVKVSCKASGYTFTGYYMHWVRQAPGQGLEWMGWINPNSGGTNYAQKFQGRVTMTRDTSISTAY
MELSRLRSDDTAVYYCATQLELDSSAGYAFDIWGQGTMVTVSSAS
;
G,H,I
4 'polypeptide(L)'
;QSALTQPRSVSGSPGQSVTISCTGTSSDVGGYNYVSWYQQHPGKAPKLMIYDVSKRPSGVPDRFSGSKSGNTASLTISGL
QAEDEADYYCSSYEYFGGGTKLTVLS
;
J,K,L
5 'polypeptide(L)'
;QVQLQESGPGLVKPSETLSVTCSVSGDSMNNYYWTWIRQSPGKGLEWIGYISDRESATYNPSLNSRVVISRDTSKNQLSL
KLNSVTPADTAVYYCATARRGQRIYGVVSFGEFFYYYSMDVWGKGTTVTVSSA
;
M,N,O
6 'polypeptide(L)'
;VRPLSVALGETARISCGRQALGSRAVQWYQHRPGQAPILLIYNNQDRPSGIPERFSGTPDINFGTRATLTISGVEAGDEA
DYYCHMWDSRSGFSWSFGGATRLTVLG
;
P,Q,R
#
# COMPACT_ATOMS: atom_id res chain seq x y z
N GLU A 1 62.20 36.03 -19.04
CA GLU A 1 61.42 35.15 -18.18
C GLU A 1 60.34 34.43 -18.98
N ASN A 2 60.28 33.11 -18.85
CA ASN A 2 59.34 32.27 -19.57
C ASN A 2 58.62 31.34 -18.59
N LEU A 3 57.56 31.84 -17.97
CA LEU A 3 56.79 31.07 -17.01
C LEU A 3 55.76 30.21 -17.75
N TRP A 4 55.66 28.95 -17.35
CA TRP A 4 54.70 28.02 -17.92
C TRP A 4 53.78 27.49 -16.83
N VAL A 5 52.61 27.01 -17.25
CA VAL A 5 51.58 26.63 -16.29
C VAL A 5 51.90 25.28 -15.67
N THR A 6 51.21 24.97 -14.57
CA THR A 6 51.32 23.70 -13.88
C THR A 6 49.93 23.19 -13.53
N VAL A 7 49.87 21.97 -12.99
CA VAL A 7 48.63 21.41 -12.48
C VAL A 7 48.92 20.72 -11.16
N TYR A 8 48.06 20.95 -10.18
CA TYR A 8 48.18 20.34 -8.86
C TYR A 8 46.91 19.58 -8.54
N TYR A 9 47.06 18.45 -7.85
CA TYR A 9 45.92 17.62 -7.45
C TYR A 9 45.99 17.42 -5.95
N GLY A 10 45.07 18.05 -5.22
CA GLY A 10 45.07 18.01 -3.78
C GLY A 10 45.09 19.40 -3.17
N VAL A 11 44.67 20.38 -3.95
CA VAL A 11 44.69 21.78 -3.51
C VAL A 11 43.64 21.98 -2.42
N PRO A 12 43.99 22.53 -1.26
CA PRO A 12 42.97 22.82 -0.23
C PRO A 12 42.12 24.03 -0.59
N VAL A 13 41.14 23.83 -1.48
CA VAL A 13 40.23 24.89 -1.90
C VAL A 13 38.81 24.34 -1.85
N TRP A 14 37.90 25.09 -1.24
CA TRP A 14 36.52 24.65 -1.06
C TRP A 14 35.56 25.73 -1.55
N LYS A 15 34.33 25.30 -1.84
CA LYS A 15 33.29 26.20 -2.33
C LYS A 15 31.94 25.79 -1.74
N ASP A 16 31.07 26.79 -1.60
CA ASP A 16 29.75 26.54 -1.01
C ASP A 16 28.91 25.67 -1.93
N ALA A 17 28.24 24.67 -1.36
CA ALA A 17 27.40 23.78 -2.12
C ALA A 17 26.43 23.09 -1.18
N GLU A 18 25.35 22.56 -1.76
CA GLU A 18 24.33 21.84 -1.02
C GLU A 18 24.24 20.40 -1.53
N THR A 19 24.01 19.48 -0.60
CA THR A 19 23.92 18.06 -0.93
C THR A 19 23.13 17.36 0.16
N THR A 20 23.10 16.03 0.11
CA THR A 20 22.42 15.21 1.08
C THR A 20 23.40 14.69 2.12
N LEU A 21 22.87 14.39 3.30
CA LEU A 21 23.65 13.86 4.40
C LEU A 21 22.93 12.66 4.98
N PHE A 22 23.68 11.76 5.61
CA PHE A 22 23.11 10.55 6.18
C PHE A 22 23.23 10.56 7.69
N CYS A 23 22.53 9.63 8.32
CA CYS A 23 22.44 9.54 9.77
C CYS A 23 23.50 8.61 10.32
N ALA A 24 23.89 8.87 11.57
CA ALA A 24 24.87 8.04 12.28
C ALA A 24 24.58 8.15 13.76
N SER A 25 24.33 7.01 14.40
CA SER A 25 24.02 6.96 15.82
C SER A 25 24.99 6.03 16.53
N ASP A 26 25.07 6.17 17.84
CA ASP A 26 25.97 5.36 18.64
C ASP A 26 25.45 3.93 18.77
N ALA A 27 26.38 2.98 18.82
CA ALA A 27 26.04 1.57 18.94
C ALA A 27 26.00 1.15 20.41
N LYS A 28 25.04 1.72 21.13
CA LYS A 28 24.86 1.40 22.54
C LYS A 28 23.38 1.23 22.90
N ALA A 29 22.52 0.98 21.92
CA ALA A 29 21.09 0.84 22.20
C ALA A 29 20.79 -0.44 22.96
N TYR A 30 21.10 -1.58 22.35
CA TYR A 30 20.84 -2.88 22.98
C TYR A 30 21.98 -3.85 22.72
N LYS A 31 16.17 -3.73 22.68
CA LYS A 31 15.33 -2.53 22.66
C LYS A 31 14.41 -2.54 21.43
N LYS A 32 13.14 -2.21 21.65
CA LYS A 32 12.19 -2.13 20.57
C LYS A 32 12.55 -0.97 19.64
N HIS A 33 11.99 -1.00 18.43
CA HIS A 33 12.29 0.00 17.42
C HIS A 33 11.92 1.39 17.91
N ASN A 34 12.49 2.40 17.26
CA ASN A 34 12.29 3.79 17.60
C ASN A 34 11.50 4.49 16.49
N VAL A 35 10.86 5.59 16.85
CA VAL A 35 10.08 6.34 15.87
C VAL A 35 10.97 6.97 14.81
N TRP A 36 12.20 7.34 15.17
CA TRP A 36 13.15 7.92 14.23
C TRP A 36 13.90 6.89 13.42
N ALA A 37 13.66 5.60 13.67
CA ALA A 37 14.28 4.50 12.93
C ALA A 37 15.80 4.61 12.96
N THR A 38 16.34 4.90 14.15
CA THR A 38 17.78 5.04 14.31
C THR A 38 18.53 3.72 14.20
N HIS A 39 17.83 2.59 14.16
CA HIS A 39 18.49 1.31 13.98
C HIS A 39 18.96 1.09 12.55
N ALA A 40 18.63 1.99 11.63
CA ALA A 40 19.06 1.91 10.24
C ALA A 40 20.18 2.89 9.93
N CYS A 41 20.77 3.51 10.95
CA CYS A 41 21.90 4.42 10.78
C CYS A 41 23.21 3.67 10.93
N VAL A 42 24.26 4.22 10.32
CA VAL A 42 25.58 3.63 10.36
C VAL A 42 26.19 3.86 11.74
N PRO A 43 27.01 2.95 12.25
CA PRO A 43 27.64 3.17 13.55
C PRO A 43 28.64 4.32 13.49
N THR A 44 28.62 5.16 14.52
CA THR A 44 29.47 6.35 14.52
C THR A 44 30.91 5.98 14.85
N ASP A 45 31.81 6.91 14.53
CA ASP A 45 33.22 6.71 14.83
C ASP A 45 33.50 7.03 16.29
N PRO A 46 34.35 6.23 16.96
CA PRO A 46 34.53 6.44 18.41
C PRO A 46 35.19 7.75 18.77
N ASN A 47 36.14 8.22 17.97
CA ASN A 47 36.88 9.44 18.29
C ASN A 47 36.84 10.39 17.10
N PRO A 48 36.10 11.48 17.17
CA PRO A 48 36.10 12.44 16.05
C PRO A 48 37.46 13.10 15.89
N GLN A 49 37.65 13.70 14.71
CA GLN A 49 38.95 14.29 14.39
C GLN A 49 39.10 15.68 14.99
N GLU A 50 38.21 16.60 14.63
CA GLU A 50 38.25 17.98 15.11
C GLU A 50 39.58 18.64 14.76
N ILE A 51 39.84 18.75 13.47
CA ILE A 51 41.07 19.37 12.98
C ILE A 51 40.92 20.89 13.05
N HIS A 52 41.91 21.55 13.62
CA HIS A 52 41.89 23.00 13.78
C HIS A 52 42.59 23.67 12.61
N LEU A 53 42.10 24.85 12.24
CA LEU A 53 42.67 25.63 11.16
C LEU A 53 43.16 26.97 11.70
N GLU A 54 44.04 27.62 10.93
CA GLU A 54 44.66 28.88 11.34
C GLU A 54 44.60 29.89 10.19
N ASN A 55 44.62 31.17 10.57
CA ASN A 55 44.66 32.30 9.66
C ASN A 55 43.49 32.32 8.67
N VAL A 56 42.45 31.53 8.92
CA VAL A 56 41.35 31.37 7.98
C VAL A 56 40.06 31.92 8.60
N THR A 57 39.27 32.60 7.78
CA THR A 57 37.97 33.10 8.18
C THR A 57 36.90 32.55 7.23
N GLU A 58 35.66 32.55 7.69
CA GLU A 58 34.55 32.05 6.89
C GLU A 58 33.29 32.84 7.23
N GLU A 59 32.54 33.20 6.20
CA GLU A 59 31.30 33.96 6.36
C GLU A 59 30.15 32.98 6.55
N PHE A 60 29.68 32.85 7.79
CA PHE A 60 28.62 31.92 8.11
C PHE A 60 27.25 32.57 7.93
N ASN A 61 26.21 31.76 8.11
CA ASN A 61 24.83 32.23 8.04
C ASN A 61 23.93 31.17 8.66
N MET A 62 22.90 31.61 9.39
CA MET A 62 21.98 30.70 10.04
C MET A 62 20.54 30.85 9.58
N TRP A 63 20.19 31.94 8.90
CA TRP A 63 18.83 32.18 8.44
C TRP A 63 18.61 31.75 7.00
N LYS A 64 19.66 31.26 6.32
CA LYS A 64 19.53 30.70 4.98
C LYS A 64 20.23 29.35 4.87
N ASN A 65 20.42 28.67 6.01
CA ASN A 65 21.04 27.36 6.01
C ASN A 65 20.14 26.35 5.31
N ASN A 66 20.76 25.27 4.83
CA ASN A 66 20.05 24.21 4.13
C ASN A 66 19.95 22.91 4.92
N MET A 67 20.70 22.78 6.01
CA MET A 67 20.64 21.54 6.79
C MET A 67 19.32 21.42 7.54
N VAL A 68 18.77 22.55 7.99
CA VAL A 68 17.54 22.50 8.76
C VAL A 68 16.36 22.15 7.85
N GLU A 69 16.35 22.66 6.62
CA GLU A 69 15.27 22.34 5.69
C GLU A 69 15.28 20.87 5.32
N GLN A 70 16.45 20.22 5.35
CA GLN A 70 16.51 18.80 5.09
C GLN A 70 16.16 17.98 6.32
N MET A 71 16.58 18.44 7.50
CA MET A 71 16.24 17.73 8.73
C MET A 71 14.74 17.74 8.97
N HIS A 72 14.07 18.84 8.61
CA HIS A 72 12.62 18.90 8.76
C HIS A 72 11.93 17.83 7.94
N THR A 73 12.29 17.72 6.66
CA THR A 73 11.67 16.72 5.80
C THR A 73 12.03 15.31 6.25
N ASP A 74 13.25 15.11 6.74
CA ASP A 74 13.63 13.80 7.24
C ASP A 74 12.77 13.38 8.43
N ILE A 75 12.59 14.29 9.39
CA ILE A 75 11.78 13.99 10.55
C ILE A 75 10.34 13.72 10.15
N ILE A 76 9.81 14.53 9.23
CA ILE A 76 8.43 14.34 8.78
C ILE A 76 8.26 12.97 8.11
N SER A 77 9.21 12.59 7.26
CA SER A 77 9.11 11.33 6.55
C SER A 77 9.23 10.15 7.50
N LEU A 78 10.12 10.24 8.50
CA LEU A 78 10.23 9.16 9.47
C LEU A 78 8.95 9.02 10.28
N TRP A 79 8.41 10.14 10.77
CA TRP A 79 7.17 10.10 11.52
C TRP A 79 6.02 9.56 10.68
N ASP A 80 6.02 9.85 9.38
CA ASP A 80 4.95 9.38 8.51
C ASP A 80 5.05 7.89 8.24
N GLN A 81 6.27 7.40 7.96
CA GLN A 81 6.42 5.97 7.66
C GLN A 81 6.36 5.11 8.91
N SER A 82 6.52 5.68 10.11
CA SER A 82 6.42 4.89 11.33
C SER A 82 4.99 4.53 11.69
N LEU A 83 3.99 5.15 11.05
CA LEU A 83 2.59 4.90 11.36
C LEU A 83 1.87 4.15 10.24
N LYS A 84 2.61 3.42 9.41
CA LYS A 84 2.02 2.72 8.28
C LYS A 84 1.30 1.43 8.71
N PRO A 85 1.97 0.50 9.43
CA PRO A 85 1.31 -0.78 9.70
C PRO A 85 0.43 -0.80 10.94
N CYS A 86 0.10 0.38 11.48
CA CYS A 86 -0.68 0.46 12.71
C CYS A 86 -2.18 0.38 12.40
N VAL A 87 -2.99 0.35 13.45
CA VAL A 87 -4.42 0.11 13.31
C VAL A 87 -5.12 1.36 12.78
N LYS A 88 -6.17 1.14 11.99
CA LYS A 88 -7.01 2.21 11.46
C LYS A 88 -8.30 2.27 12.26
N LEU A 89 -8.51 3.36 12.98
CA LEU A 89 -9.69 3.51 13.84
C LEU A 89 -10.82 4.21 13.09
N THR A 90 -11.20 3.62 11.97
CA THR A 90 -12.32 4.14 11.19
C THR A 90 -13.70 3.80 11.78
N PRO A 91 -13.93 2.63 12.43
CA PRO A 91 -15.28 2.35 12.91
C PRO A 91 -15.57 2.94 14.29
N LEU A 92 -14.74 3.90 14.72
CA LEU A 92 -14.75 4.32 16.11
C LEU A 92 -15.66 5.53 16.38
N CYS A 93 -15.84 6.42 15.42
CA CYS A 93 -16.45 7.72 15.70
C CYS A 93 -17.96 7.71 15.51
N VAL A 94 -18.59 6.58 15.82
CA VAL A 94 -20.04 6.55 15.85
C VAL A 94 -20.56 7.46 16.97
N THR A 95 -21.86 7.72 16.94
CA THR A 95 -22.49 8.58 17.93
C THR A 95 -22.27 8.04 19.34
N LEU A 96 -21.74 8.89 20.22
CA LEU A 96 -21.46 8.50 21.59
C LEU A 96 -22.59 8.95 22.51
N GLN A 97 -22.50 8.53 23.77
CA GLN A 97 -23.50 8.82 24.80
C GLN A 97 -22.82 9.29 26.08
N CYS A 98 -21.90 10.24 25.92
CA CYS A 98 -21.05 10.66 27.03
C CYS A 98 -21.86 11.35 28.13
N THR A 99 -21.56 10.98 29.37
CA THR A 99 -22.07 11.67 30.55
C THR A 99 -20.89 12.10 31.41
N ASN A 100 -21.16 13.00 32.36
CA ASN A 100 -20.10 13.49 33.22
C ASN A 100 -19.55 12.38 34.10
N VAL A 101 -18.31 12.58 34.58
CA VAL A 101 -17.67 11.58 35.41
C VAL A 101 -18.42 11.46 36.74
N THR A 102 -18.16 10.36 37.44
CA THR A 102 -18.89 10.05 38.68
C THR A 102 -18.39 10.98 39.79
N ASN A 103 -19.23 11.96 40.14
CA ASN A 103 -18.98 12.85 41.27
C ASN A 103 -20.30 13.53 41.64
N ASN A 104 -20.54 13.65 42.95
CA ASN A 104 -21.77 14.27 43.41
C ASN A 104 -21.75 15.79 43.21
N ILE A 105 -20.69 16.43 43.70
CA ILE A 105 -20.58 17.88 43.57
C ILE A 105 -20.07 18.24 42.17
N ASP A 106 -20.57 19.35 41.65
CA ASP A 106 -20.19 19.79 40.31
C ASP A 106 -18.73 20.21 40.29
N ASP A 107 -18.11 20.06 39.12
CA ASP A 107 -16.70 20.34 38.92
C ASP A 107 -16.55 21.55 38.00
N MET A 108 -15.63 22.45 38.36
CA MET A 108 -15.39 23.62 37.52
C MET A 108 -14.48 23.27 36.34
N ARG A 109 -13.61 22.28 36.51
CA ARG A 109 -12.67 21.89 35.46
C ARG A 109 -12.12 20.50 35.74
N GLY A 110 -13.90 15.90 36.60
CA GLY A 110 -12.93 16.95 36.33
C GLY A 110 -13.00 17.49 34.92
N GLU A 111 -12.02 17.12 34.10
CA GLU A 111 -11.96 17.54 32.70
C GLU A 111 -12.14 16.37 31.73
N LEU A 112 -12.64 15.24 32.21
CA LEU A 112 -12.84 14.06 31.39
C LEU A 112 -14.26 13.52 31.58
N LYS A 113 -14.76 12.85 30.55
CA LYS A 113 -16.13 12.35 30.52
C LYS A 113 -16.13 10.84 30.35
N ASN A 114 -17.29 10.24 30.64
CA ASN A 114 -17.50 8.80 30.59
C ASN A 114 -18.48 8.49 29.47
N CYS A 115 -17.99 7.90 28.38
CA CYS A 115 -18.79 7.64 27.20
C CYS A 115 -19.07 6.16 27.04
N SER A 116 -20.13 5.85 26.30
CA SER A 116 -20.51 4.47 26.01
C SER A 116 -21.08 4.42 24.59
N PHE A 117 -20.77 3.36 23.87
CA PHE A 117 -21.14 3.28 22.46
C PHE A 117 -21.22 1.81 22.04
N ASN A 118 -21.51 1.59 20.76
CA ASN A 118 -21.56 0.28 20.14
C ASN A 118 -20.40 0.13 19.17
N MET A 119 -19.82 -1.07 19.11
CA MET A 119 -18.76 -1.35 18.15
C MET A 119 -18.94 -2.75 17.59
N THR A 120 -18.12 -3.09 16.61
CA THR A 120 -18.17 -4.38 15.94
C THR A 120 -17.36 -5.40 16.74
N THR A 121 -17.15 -6.57 16.16
CA THR A 121 -16.38 -7.63 16.80
C THR A 121 -15.69 -8.44 15.70
N GLU A 122 -15.13 -9.60 16.07
CA GLU A 122 -14.45 -10.43 15.09
C GLU A 122 -15.43 -11.01 14.09
N LEU A 123 -16.69 -11.20 14.49
CA LEU A 123 -17.71 -11.68 13.59
C LEU A 123 -18.43 -10.50 12.95
N ARG A 124 -18.60 -10.56 11.63
CA ARG A 124 -19.16 -9.46 10.86
C ARG A 124 -20.67 -9.34 10.98
N ASP A 125 -21.29 -10.04 11.92
CA ASP A 125 -22.75 -10.00 12.09
C ASP A 125 -23.13 -9.89 13.55
N LYS A 126 -22.30 -9.26 14.37
CA LYS A 126 -22.58 -9.08 15.78
C LYS A 126 -22.14 -7.69 16.22
N ARG A 127 -22.61 -7.28 17.39
CA ARG A 127 -22.29 -5.98 17.96
C ARG A 127 -21.96 -6.15 19.43
N GLN A 128 -21.20 -5.18 19.97
CA GLN A 128 -20.87 -5.16 21.39
C GLN A 128 -21.07 -3.76 21.93
N LYS A 129 -21.57 -3.69 23.15
CA LYS A 129 -21.84 -2.42 23.84
C LYS A 129 -20.72 -2.18 24.84
N VAL A 130 -19.87 -1.20 24.55
CA VAL A 130 -18.69 -0.94 25.36
C VAL A 130 -18.76 0.49 25.89
N HIS A 131 -17.84 0.81 26.80
CA HIS A 131 -17.75 2.13 27.39
C HIS A 131 -16.32 2.42 27.80
N ALA A 132 -15.96 3.70 27.77
CA ALA A 132 -14.60 4.13 28.10
C ALA A 132 -14.66 5.55 28.64
N LEU A 133 -13.49 6.13 28.88
CA LEU A 133 -13.36 7.49 29.39
C LEU A 133 -12.57 8.32 28.40
N PHE A 134 -13.12 9.44 27.99
CA PHE A 134 -12.48 10.33 27.03
C PHE A 134 -12.21 11.68 27.67
N TYR A 135 -11.44 12.52 26.99
CA TYR A 135 -11.13 13.86 27.46
C TYR A 135 -12.07 14.87 26.82
N LYS A 136 -12.27 15.98 27.54
CA LYS A 136 -13.22 16.98 27.07
C LYS A 136 -12.73 17.73 25.84
N LEU A 137 -11.42 17.70 25.56
CA LEU A 137 -10.87 18.40 24.41
C LEU A 137 -10.97 17.59 23.13
N ASP A 138 -11.32 16.31 23.21
CA ASP A 138 -11.41 15.44 22.04
C ASP A 138 -12.86 15.09 21.71
N ILE A 139 -13.79 15.93 22.09
CA ILE A 139 -15.22 15.64 21.98
C ILE A 139 -15.97 16.92 21.67
N VAL A 140 -16.80 16.89 20.64
CA VAL A 140 -17.64 18.03 20.27
C VAL A 140 -19.08 17.58 20.18
N PRO A 141 -20.04 18.36 20.68
CA PRO A 141 -21.44 17.95 20.59
C PRO A 141 -21.97 18.05 19.17
N ILE A 142 -22.90 17.16 18.85
CA ILE A 142 -23.47 17.09 17.52
C ILE A 142 -24.83 17.77 17.42
N ASN A 143 -25.62 17.78 18.49
CA ASN A 143 -26.93 18.40 18.49
C ASN A 143 -27.05 19.56 19.46
N GLU A 144 -26.51 19.41 20.67
CA GLU A 144 -26.46 20.45 21.72
C GLU A 144 -27.79 21.17 21.91
N ASN A 145 -28.89 20.49 21.56
CA ASN A 145 -30.24 21.04 21.72
C ASN A 145 -31.20 20.04 22.37
N GLN A 146 -30.85 19.48 23.53
CA GLN A 146 -29.65 19.78 24.32
C GLN A 146 -29.13 18.48 24.94
N ASN A 147 -29.54 17.36 24.36
CA ASN A 147 -29.28 16.05 24.95
C ASN A 147 -27.79 15.74 24.94
N THR A 148 -27.44 14.63 25.58
CA THR A 148 -26.05 14.19 25.69
C THR A 148 -25.76 13.24 24.54
N SER A 149 -25.33 13.81 23.41
CA SER A 149 -24.94 13.03 22.25
C SER A 149 -23.71 13.70 21.63
N TYR A 150 -22.56 13.05 21.74
CA TYR A 150 -21.30 13.62 21.32
C TYR A 150 -20.67 12.78 20.22
N ARG A 151 -19.55 13.28 19.70
CA ARG A 151 -18.79 12.58 18.67
C ARG A 151 -17.35 13.05 18.74
N LEU A 152 -16.47 12.32 18.06
CA LEU A 152 -15.07 12.70 18.02
C LEU A 152 -14.88 13.96 17.17
N ILE A 153 -13.71 14.57 17.31
CA ILE A 153 -13.43 15.84 16.64
C ILE A 153 -12.71 15.66 15.30
N ASN A 154 -12.24 14.45 15.00
CA ASN A 154 -11.41 14.25 13.81
C ASN A 154 -12.20 13.82 12.59
N CYS A 155 -13.12 12.86 12.72
CA CYS A 155 -13.70 12.21 11.56
C CYS A 155 -14.76 13.06 10.86
N ASN A 156 -14.83 14.35 11.17
CA ASN A 156 -15.59 15.28 10.34
C ASN A 156 -14.75 15.82 9.19
N THR A 157 -13.42 15.91 9.37
CA THR A 157 -12.54 16.45 8.36
C THR A 157 -11.37 15.56 7.98
N ALA A 158 -11.07 14.52 8.76
CA ALA A 158 -9.88 13.71 8.51
C ALA A 158 -10.12 12.30 9.03
N ALA A 159 -9.10 11.46 8.94
CA ALA A 159 -9.15 10.09 9.40
C ALA A 159 -8.07 9.86 10.44
N ILE A 160 -8.37 9.00 11.41
CA ILE A 160 -7.49 8.78 12.55
C ILE A 160 -6.90 7.37 12.47
N THR A 161 -5.68 7.23 12.96
CA THR A 161 -5.00 5.93 13.01
C THR A 161 -4.35 5.80 14.39
N GLN A 162 -4.55 4.67 15.03
CA GLN A 162 -3.95 4.44 16.34
C GLN A 162 -2.43 4.32 16.21
N ALA A 163 -1.72 4.70 17.26
CA ALA A 163 -0.28 4.57 17.30
C ALA A 163 0.10 3.21 17.87
N CYS A 164 1.05 2.55 17.21
CA CYS A 164 1.46 1.23 17.65
C CYS A 164 2.10 1.31 19.03
N PRO A 165 1.61 0.56 20.02
CA PRO A 165 2.07 0.73 21.39
C PRO A 165 3.46 0.18 21.69
N LYS A 166 4.17 -0.31 20.68
CA LYS A 166 5.51 -0.85 20.91
C LYS A 166 6.61 0.18 20.68
N VAL A 167 6.42 1.08 19.72
CA VAL A 167 7.44 2.09 19.45
C VAL A 167 7.45 3.13 20.56
N SER A 168 8.57 3.84 20.67
CA SER A 168 8.75 4.87 21.69
C SER A 168 8.99 6.22 21.03
N PHE A 169 8.63 7.29 21.75
CA PHE A 169 8.77 8.64 21.27
C PHE A 169 9.97 9.37 21.86
N GLU A 170 10.71 8.73 22.75
CA GLU A 170 11.85 9.39 23.40
C GLU A 170 12.95 9.66 22.38
N PRO A 171 13.38 10.91 22.22
CA PRO A 171 14.41 11.20 21.22
C PRO A 171 15.80 10.80 21.69
N ILE A 172 16.61 10.35 20.75
CA ILE A 172 17.99 9.97 21.03
C ILE A 172 18.91 10.74 20.08
N PRO A 173 20.15 11.00 20.48
CA PRO A 173 21.03 11.82 19.66
C PRO A 173 21.27 11.22 18.28
N ILE A 174 21.33 12.09 17.28
CA ILE A 174 21.50 11.69 15.88
C ILE A 174 22.55 12.58 15.25
N HIS A 175 23.58 11.97 14.67
CA HIS A 175 24.65 12.69 14.01
C HIS A 175 24.39 12.73 12.51
N TYR A 176 24.60 13.90 11.90
CA TYR A 176 24.41 14.08 10.46
C TYR A 176 25.78 14.17 9.79
N CYS A 177 26.12 13.17 8.99
CA CYS A 177 27.44 13.09 8.36
C CYS A 177 27.31 13.20 6.86
N ALA A 178 28.27 13.95 6.24
CA ALA A 178 28.45 14.31 4.84
C ALA A 178 29.18 13.20 4.08
N PRO A 179 28.89 13.03 2.79
CA PRO A 179 29.54 11.96 2.02
C PRO A 179 31.01 12.23 1.74
N ALA A 180 31.66 11.32 1.03
CA ALA A 180 33.05 11.51 0.66
C ALA A 180 33.16 12.58 -0.43
N GLY A 181 34.05 13.55 -0.22
CA GLY A 181 34.22 14.66 -1.11
C GLY A 181 33.77 15.99 -0.56
N PHE A 182 32.93 15.98 0.48
CA PHE A 182 32.43 17.18 1.13
C PHE A 182 33.07 17.31 2.50
N ALA A 183 32.79 18.44 3.16
CA ALA A 183 33.35 18.70 4.47
C ALA A 183 32.38 19.55 5.27
N ILE A 184 32.52 19.48 6.60
CA ILE A 184 31.68 20.22 7.53
C ILE A 184 32.57 21.15 8.34
N LEU A 185 32.28 22.44 8.29
CA LEU A 185 33.00 23.46 9.03
C LEU A 185 32.19 23.89 10.25
N LYS A 186 32.91 24.22 11.31
CA LYS A 186 32.32 24.53 12.61
C LYS A 186 32.99 25.77 13.17
N CYS A 187 32.18 26.76 13.54
CA CYS A 187 32.67 28.02 14.07
C CYS A 187 32.79 27.90 15.59
N LYS A 188 34.02 27.89 16.10
CA LYS A 188 34.29 27.74 17.52
C LYS A 188 34.40 29.08 18.24
N ASP A 189 33.83 30.15 17.68
CA ASP A 189 33.86 31.44 18.35
C ASP A 189 32.93 31.42 19.56
N LYS A 190 33.12 32.40 20.44
CA LYS A 190 32.31 32.51 21.66
C LYS A 190 31.34 33.68 21.65
N LYS A 191 31.57 34.69 20.80
CA LYS A 191 30.68 35.83 20.68
C LYS A 191 29.95 35.86 19.34
N PHE A 192 29.85 34.71 18.68
CA PHE A 192 29.22 34.63 17.37
C PHE A 192 27.72 34.85 17.49
N ASN A 193 27.22 35.90 16.84
CA ASN A 193 25.81 36.26 16.90
C ASN A 193 25.00 35.69 15.74
N GLY A 194 25.52 34.68 15.04
CA GLY A 194 24.76 33.99 14.02
C GLY A 194 25.15 34.30 12.60
N THR A 195 25.44 35.58 12.31
CA THR A 195 25.75 36.01 10.95
C THR A 195 27.04 36.82 10.96
N GLY A 196 27.88 36.57 9.96
CA GLY A 196 29.11 37.31 9.80
C GLY A 196 30.32 36.41 9.63
N PRO A 197 31.50 37.00 9.66
CA PRO A 197 32.72 36.19 9.57
C PRO A 197 33.14 35.65 10.94
N CYS A 198 33.54 34.39 10.95
CA CYS A 198 33.97 33.72 12.18
C CYS A 198 35.47 33.54 12.15
N PRO A 199 36.21 34.11 13.11
CA PRO A 199 37.68 34.00 13.08
C PRO A 199 38.18 32.59 13.29
N SER A 200 37.70 31.92 14.35
CA SER A 200 38.19 30.58 14.70
C SER A 200 37.26 29.55 14.06
N VAL A 201 37.74 28.91 13.00
CA VAL A 201 36.99 27.89 12.28
C VAL A 201 37.73 26.57 12.38
N SER A 202 36.97 25.47 12.41
CA SER A 202 37.54 24.14 12.42
C SER A 202 36.75 23.27 11.44
N THR A 203 37.31 22.10 11.13
CA THR A 203 36.62 21.12 10.32
C THR A 203 36.37 19.86 11.13
N VAL A 204 35.26 19.18 10.84
CA VAL A 204 34.85 18.02 11.60
C VAL A 204 34.24 16.99 10.66
N GLN A 205 34.40 15.71 11.00
CA GLN A 205 33.78 14.64 10.23
C GLN A 205 32.27 14.86 10.14
N CYS A 206 31.60 14.97 11.29
CA CYS A 206 30.19 15.35 11.31
C CYS A 206 29.81 15.82 12.71
N THR A 207 28.59 16.31 12.83
CA THR A 207 28.14 17.04 14.01
C THR A 207 28.04 16.13 15.22
N HIS A 208 27.72 16.73 16.36
CA HIS A 208 27.53 16.01 17.61
C HIS A 208 26.13 15.40 17.64
N GLY A 209 25.73 14.90 18.81
CA GLY A 209 24.41 14.31 18.94
C GLY A 209 23.35 15.39 19.09
N ILE A 210 22.25 15.23 18.35
CA ILE A 210 21.14 16.17 18.37
C ILE A 210 19.87 15.41 18.74
N LYS A 211 19.15 15.88 19.75
CA LYS A 211 17.92 15.26 20.18
C LYS A 211 16.75 15.99 19.58
N PRO A 212 16.00 15.40 18.65
CA PRO A 212 14.86 16.10 18.01
C PRO A 212 13.64 16.20 18.91
N VAL A 213 13.67 17.17 19.82
CA VAL A 213 12.57 17.43 20.73
C VAL A 213 11.60 18.40 20.06
N VAL A 214 10.32 18.27 20.38
CA VAL A 214 9.27 19.12 19.85
C VAL A 214 8.70 19.95 21.00
N SER A 215 8.74 21.27 20.87
CA SER A 215 8.26 22.15 21.92
C SER A 215 7.90 23.50 21.32
N THR A 216 7.10 24.26 22.07
CA THR A 216 6.70 25.60 21.69
C THR A 216 6.87 26.52 22.90
N GLN A 217 7.34 27.74 22.64
CA GLN A 217 7.59 28.79 23.62
C GLN A 217 8.74 28.47 24.56
N LEU A 218 9.33 27.28 24.47
CA LEU A 218 10.43 26.89 25.34
C LEU A 218 11.28 25.86 24.60
N LEU A 219 12.56 25.83 24.92
CA LEU A 219 13.50 24.88 24.30
C LEU A 219 14.01 23.95 25.39
N LEU A 220 13.61 22.68 25.32
CA LEU A 220 13.93 21.70 26.34
C LEU A 220 15.13 20.88 25.94
N ASN A 221 16.01 20.61 26.91
CA ASN A 221 17.16 19.72 26.72
C ASN A 221 18.05 20.18 25.58
N GLY A 222 18.30 21.49 25.53
CA GLY A 222 19.11 22.08 24.50
C GLY A 222 20.59 22.09 24.84
N SER A 223 21.30 23.01 24.19
CA SER A 223 22.74 23.19 24.40
C SER A 223 22.98 24.57 24.99
N LEU A 224 23.64 24.60 26.15
CA LEU A 224 23.89 25.87 26.84
C LEU A 224 24.91 26.71 26.08
N ALA A 225 24.88 28.01 26.34
CA ALA A 225 25.84 28.93 25.77
C ALA A 225 27.06 29.02 26.68
N GLU A 226 27.94 29.99 26.44
CA GLU A 226 29.16 30.14 27.22
C GLU A 226 29.32 31.61 27.62
N GLU A 227 29.37 31.84 28.94
CA GLU A 227 29.75 33.12 29.52
C GLU A 227 28.77 34.25 29.24
N GLU A 228 27.70 33.97 28.49
CA GLU A 228 26.75 35.03 28.15
C GLU A 228 25.50 34.40 27.56
N VAL A 229 24.34 34.95 27.92
CA VAL A 229 23.09 34.59 27.27
C VAL A 229 23.02 35.30 25.93
N MET A 230 22.71 34.56 24.87
CA MET A 230 22.78 35.09 23.52
C MET A 230 21.40 35.44 22.99
N ILE A 231 21.33 36.52 22.22
CA ILE A 231 20.09 36.99 21.60
C ILE A 231 20.34 37.03 20.10
N ARG A 232 19.55 36.26 19.35
CA ARG A 232 19.72 36.16 17.90
C ARG A 232 18.41 36.44 17.20
N SER A 233 18.52 37.01 16.00
CA SER A 233 17.36 37.34 15.17
C SER A 233 17.86 37.71 13.79
N GLU A 234 16.97 37.60 12.79
CA GLU A 234 17.33 37.98 11.43
C GLU A 234 17.55 39.48 11.33
N ASP A 235 16.64 40.28 11.90
CA ASP A 235 16.81 41.73 12.00
C ASP A 235 15.98 42.19 13.19
N ILE A 236 16.66 42.58 14.26
CA ILE A 236 15.98 42.85 15.53
C ILE A 236 15.08 44.08 15.44
N ARG A 237 15.24 44.91 14.42
CA ARG A 237 14.38 46.09 14.29
C ARG A 237 13.02 45.71 13.71
N ASN A 238 12.93 44.56 13.07
CA ASN A 238 11.69 44.08 12.47
C ASN A 238 10.90 43.28 13.48
N ASN A 239 9.57 43.41 13.44
CA ASN A 239 8.73 42.73 14.41
C ASN A 239 8.24 41.38 13.86
N ALA A 240 8.24 41.23 12.53
CA ALA A 240 7.72 40.00 11.93
C ALA A 240 8.58 38.81 12.29
N LYS A 241 9.89 39.00 12.40
CA LYS A 241 10.78 37.89 12.71
C LYS A 241 10.81 37.63 14.21
N ASN A 242 11.06 36.38 14.56
CA ASN A 242 11.08 35.97 15.96
C ASN A 242 12.41 36.35 16.59
N ILE A 243 12.60 36.00 17.86
CA ILE A 243 13.84 36.29 18.59
C ILE A 243 14.21 35.04 19.38
N LEU A 244 15.38 34.49 19.09
CA LEU A 244 15.87 33.32 19.80
C LEU A 244 16.74 33.77 20.97
N VAL A 245 16.48 33.23 22.15
CA VAL A 245 17.25 33.53 23.35
C VAL A 245 17.86 32.23 23.86
N GLN A 246 19.18 32.23 24.02
CA GLN A 246 19.91 31.05 24.48
C GLN A 246 20.49 31.34 25.86
N PHE A 247 20.12 30.53 26.83
CA PHE A 247 20.60 30.68 28.20
C PHE A 247 22.01 30.11 28.34
N ASN A 248 22.68 30.50 29.43
CA ASN A 248 23.98 29.94 29.78
C ASN A 248 23.94 29.01 30.97
N THR A 249 22.88 29.07 31.79
CA THR A 249 22.68 28.18 32.90
C THR A 249 21.32 27.51 32.80
N PRO A 250 21.23 26.20 33.05
CA PRO A 250 19.95 25.51 32.88
C PRO A 250 18.99 25.82 34.01
N VAL A 251 17.71 25.93 33.66
CA VAL A 251 16.63 26.13 34.62
C VAL A 251 15.78 24.86 34.63
N GLN A 252 15.66 24.25 35.79
CA GLN A 252 14.96 22.97 35.91
C GLN A 252 13.46 23.17 35.91
N ILE A 253 12.75 22.11 35.50
CA ILE A 253 11.29 22.11 35.48
C ILE A 253 10.82 20.68 35.72
N ASN A 254 9.83 20.51 36.61
CA ASN A 254 9.35 19.20 37.00
C ASN A 254 7.89 19.07 36.62
N CYS A 255 7.59 18.19 35.66
CA CYS A 255 6.21 18.00 35.20
C CYS A 255 5.69 16.64 35.66
N THR A 256 4.41 16.59 36.02
CA THR A 256 3.84 15.37 36.55
C THR A 256 2.35 15.28 36.22
N ARG A 257 1.88 14.04 36.12
CA ARG A 257 0.46 13.72 35.95
C ARG A 257 0.06 12.77 37.06
N PRO A 258 -0.64 13.26 38.10
CA PRO A 258 -0.81 12.45 39.32
C PRO A 258 -1.83 11.33 39.21
N ASN A 259 -2.61 11.26 38.13
CA ASN A 259 -3.64 10.24 38.03
C ASN A 259 -3.01 8.86 37.84
N ASN A 260 -3.82 7.82 38.03
CA ASN A 260 -3.42 6.43 37.87
C ASN A 260 -4.36 5.80 36.85
N ASN A 261 -4.00 5.89 35.58
CA ASN A 261 -4.86 5.40 34.51
C ASN A 261 -4.81 3.87 34.43
N THR A 262 -5.77 3.32 33.71
CA THR A 262 -5.86 1.88 33.49
C THR A 262 -6.23 1.63 32.04
N ARG A 263 -5.41 0.85 31.35
CA ARG A 263 -5.60 0.57 29.93
C ARG A 263 -6.42 -0.70 29.75
N LYS A 264 -7.45 -0.62 28.92
CA LYS A 264 -8.28 -1.77 28.60
C LYS A 264 -8.24 -2.04 27.10
N SER A 265 -8.31 -3.32 26.74
CA SER A 265 -8.20 -3.76 25.36
C SER A 265 -9.53 -4.32 24.90
N ILE A 266 -10.03 -3.81 23.77
CA ILE A 266 -11.26 -4.30 23.18
C ILE A 266 -11.03 -4.52 21.68
N ARG A 267 -11.55 -5.64 21.17
CA ARG A 267 -11.35 -6.00 19.77
C ARG A 267 -12.32 -5.25 18.87
N ILE A 268 -11.83 -4.83 17.71
CA ILE A 268 -12.64 -4.14 16.72
C ILE A 268 -12.66 -4.88 15.38
N GLY A 269 -12.03 -6.03 15.29
CA GLY A 269 -11.98 -6.80 14.07
C GLY A 269 -11.09 -8.01 14.22
N PRO A 270 -10.91 -8.77 13.13
CA PRO A 270 -10.05 -9.96 13.20
C PRO A 270 -8.58 -9.58 13.30
N GLY A 271 -7.99 -9.77 14.48
CA GLY A 271 -6.60 -9.44 14.71
C GLY A 271 -6.34 -8.04 15.21
N GLN A 272 -7.31 -7.13 15.05
CA GLN A 272 -7.12 -5.75 15.49
C GLN A 272 -7.38 -5.63 16.99
N TRP A 273 -6.93 -4.50 17.55
CA TRP A 273 -7.12 -4.22 18.96
C TRP A 273 -7.30 -2.73 19.15
N PHE A 274 -7.95 -2.35 20.26
CA PHE A 274 -8.18 -0.96 20.59
C PHE A 274 -7.94 -0.77 22.08
N TYR A 275 -7.03 0.13 22.42
CA TYR A 275 -6.62 0.38 23.80
C TYR A 275 -7.26 1.68 24.27
N ALA A 276 -8.22 1.57 25.18
CA ALA A 276 -8.92 2.71 25.74
C ALA A 276 -8.56 2.88 27.20
N THR A 277 -9.02 3.98 27.78
CA THR A 277 -8.72 4.33 29.17
C THR A 277 -9.85 3.85 30.07
N GLY A 278 -9.51 2.99 31.02
CA GLY A 278 -10.47 2.54 32.01
C GLY A 278 -10.61 3.56 33.14
N ASP A 279 -11.27 3.12 34.20
CA ASP A 279 -11.50 3.99 35.35
C ASP A 279 -10.20 4.29 36.07
N ILE A 280 -10.20 5.38 36.83
CA ILE A 280 -9.04 5.82 37.58
C ILE A 280 -9.06 5.15 38.95
N ILE A 281 -7.98 4.46 39.30
CA ILE A 281 -7.85 3.78 40.58
C ILE A 281 -7.21 4.77 41.56
N GLY A 282 -8.06 5.44 42.33
CA GLY A 282 -7.57 6.42 43.28
C GLY A 282 -8.43 7.67 43.32
N ASP A 283 -7.81 8.83 43.49
CA ASP A 283 -8.50 10.11 43.49
C ASP A 283 -8.11 10.92 42.26
N ILE A 284 -9.01 11.80 41.84
CA ILE A 284 -8.84 12.56 40.62
C ILE A 284 -8.06 13.82 40.94
N ARG A 285 -6.93 14.00 40.24
CA ARG A 285 -6.11 15.19 40.41
C ARG A 285 -5.82 15.82 39.05
N GLN A 286 -4.93 16.81 39.01
CA GLN A 286 -4.65 17.54 37.79
C GLN A 286 -3.15 17.57 37.54
N ALA A 287 -2.75 17.33 36.28
CA ALA A 287 -1.35 17.39 35.91
C ALA A 287 -0.84 18.83 35.97
N HIS A 288 0.44 18.98 36.27
CA HIS A 288 1.00 20.32 36.43
C HIS A 288 2.51 20.28 36.24
N CYS A 289 3.13 21.46 36.33
CA CYS A 289 4.57 21.60 36.20
C CYS A 289 5.07 22.66 37.16
N ASN A 290 6.14 22.36 37.89
CA ASN A 290 6.75 23.28 38.84
C ASN A 290 8.05 23.84 38.29
N VAL A 291 8.24 25.14 38.46
CA VAL A 291 9.46 25.85 38.10
C VAL A 291 9.85 26.75 39.26
N SER A 292 11.13 26.73 39.62
CA SER A 292 11.60 27.56 40.72
C SER A 292 11.41 29.04 40.40
N LYS A 293 11.46 29.87 41.44
CA LYS A 293 11.15 31.29 41.33
C LYS A 293 12.38 32.18 41.32
N ALA A 294 13.32 31.96 42.24
CA ALA A 294 14.53 32.77 42.28
C ALA A 294 15.35 32.60 41.01
N THR A 295 15.52 31.34 40.57
CA THR A 295 16.28 31.08 39.35
C THR A 295 15.62 31.75 38.15
N TRP A 296 14.29 31.70 38.07
CA TRP A 296 13.59 32.32 36.95
C TRP A 296 13.77 33.84 36.95
N ASN A 297 13.70 34.46 38.13
CA ASN A 297 13.91 35.90 38.22
C ASN A 297 15.32 36.28 37.82
N GLU A 298 16.31 35.51 38.28
CA GLU A 298 17.69 35.80 37.91
C GLU A 298 17.91 35.65 36.41
N THR A 299 17.31 34.62 35.80
CA THR A 299 17.45 34.42 34.37
C THR A 299 16.77 35.54 33.59
N LEU A 300 15.61 35.99 34.05
CA LEU A 300 14.94 37.10 33.38
C LEU A 300 15.76 38.38 33.48
N GLY A 301 16.41 38.60 34.63
CA GLY A 301 17.30 39.74 34.74
C GLY A 301 18.47 39.66 33.78
N LYS A 302 19.10 38.48 33.70
CA LYS A 302 20.19 38.28 32.76
C LYS A 302 19.73 38.52 31.32
N VAL A 303 18.50 38.12 31.00
CA VAL A 303 17.99 38.29 29.65
C VAL A 303 17.76 39.76 29.35
N VAL A 304 17.12 40.48 30.28
CA VAL A 304 16.82 41.89 30.04
C VAL A 304 18.10 42.72 29.99
N LYS A 305 19.15 42.28 30.68
CA LYS A 305 20.42 42.99 30.61
C LYS A 305 20.93 43.08 29.18
N GLN A 306 20.93 41.94 28.48
CA GLN A 306 21.37 41.94 27.08
C GLN A 306 20.30 42.50 26.14
N LEU A 307 19.03 42.41 26.53
CA LEU A 307 17.97 42.98 25.69
C LEU A 307 18.06 44.50 25.65
N ARG A 308 18.53 45.13 26.73
CA ARG A 308 18.66 46.58 26.74
C ARG A 308 19.77 47.08 25.82
N LYS A 309 20.66 46.21 25.37
CA LYS A 309 21.77 46.65 24.54
C LYS A 309 21.32 47.00 23.12
N HIS A 310 20.23 46.40 22.64
CA HIS A 310 19.79 46.62 21.28
C HIS A 310 18.74 47.73 21.17
N PHE A 311 18.05 48.05 22.25
CA PHE A 311 16.95 49.01 22.21
C PHE A 311 17.24 50.29 23.00
N GLY A 312 18.37 50.37 23.69
CA GLY A 312 18.69 51.57 24.43
C GLY A 312 18.88 51.32 25.91
N ASN A 313 19.73 52.12 26.55
CA ASN A 313 20.06 51.91 27.95
C ASN A 313 18.96 52.34 28.92
N ASN A 314 17.99 53.14 28.46
CA ASN A 314 16.87 53.58 29.30
C ASN A 314 15.57 53.25 28.58
N THR A 315 15.12 52.01 28.72
CA THR A 315 13.89 51.54 28.10
C THR A 315 13.17 50.61 29.07
N ILE A 316 11.85 50.65 29.05
CA ILE A 316 11.02 49.78 29.88
C ILE A 316 10.76 48.49 29.11
N ILE A 317 10.99 47.36 29.78
CA ILE A 317 10.84 46.04 29.15
C ILE A 317 9.73 45.30 29.89
N ARG A 318 8.64 45.02 29.19
CA ARG A 318 7.50 44.31 29.74
C ARG A 318 7.42 42.89 29.18
N PHE A 319 6.74 42.04 29.93
CA PHE A 319 6.51 40.65 29.54
C PHE A 319 5.05 40.31 29.72
N ALA A 320 4.40 39.87 28.64
CA ALA A 320 2.99 39.52 28.67
C ALA A 320 2.82 38.11 28.09
N ASN A 321 1.63 37.56 28.29
CA ASN A 321 1.33 36.22 27.80
C ASN A 321 1.00 36.27 26.31
N SER A 322 0.59 35.14 25.77
CA SER A 322 0.29 35.04 24.35
C SER A 322 -0.93 35.89 23.99
N SER A 323 -1.08 36.15 22.69
CA SER A 323 -2.18 36.97 22.19
C SER A 323 -3.40 36.13 21.83
N GLY A 324 -3.21 35.17 20.93
CA GLY A 324 -4.32 34.33 20.52
C GLY A 324 -3.84 33.26 19.57
N GLY A 325 -4.76 32.37 19.21
CA GLY A 325 -4.52 31.27 18.31
C GLY A 325 -5.05 29.97 18.88
N ASP A 326 -4.82 28.88 18.14
CA ASP A 326 -5.27 27.57 18.57
C ASP A 326 -4.41 27.08 19.75
N LEU A 327 -4.72 25.89 20.24
CA LEU A 327 -4.04 25.35 21.42
C LEU A 327 -2.72 24.67 21.05
N GLU A 328 -1.91 25.35 20.26
CA GLU A 328 -0.53 24.92 20.03
C GLU A 328 0.46 26.08 20.05
N VAL A 329 0.02 27.32 19.98
CA VAL A 329 0.91 28.48 20.03
C VAL A 329 0.62 29.38 21.22
N THR A 330 -0.54 29.25 21.86
CA THR A 330 -0.86 30.02 23.05
C THR A 330 -0.42 29.33 24.33
N THR A 331 0.03 28.09 24.26
CA THR A 331 0.46 27.34 25.43
C THR A 331 1.82 26.70 25.12
N HIS A 332 2.40 26.09 26.14
CA HIS A 332 3.64 25.34 26.01
C HIS A 332 3.27 23.87 25.82
N SER A 333 3.40 23.37 24.60
CA SER A 333 3.01 22.03 24.25
C SER A 333 4.24 21.16 24.09
N PHE A 334 4.25 20.01 24.75
CA PHE A 334 5.38 19.11 24.66
C PHE A 334 4.92 17.68 24.92
N ASN A 335 5.89 16.77 24.97
CA ASN A 335 5.63 15.34 25.14
C ASN A 335 6.51 14.81 26.27
N CYS A 336 5.93 14.00 27.14
CA CYS A 336 6.64 13.44 28.28
C CYS A 336 6.15 12.02 28.51
N GLY A 337 7.07 11.05 28.46
CA GLY A 337 6.77 9.68 28.76
C GLY A 337 5.74 9.03 27.85
N GLY A 338 5.39 9.71 26.76
CA GLY A 338 4.37 9.24 25.84
C GLY A 338 3.06 9.99 25.90
N GLU A 339 2.91 10.93 26.82
CA GLU A 339 1.70 11.74 26.93
C GLU A 339 1.99 13.16 26.49
N PHE A 340 1.01 13.79 25.86
CA PHE A 340 1.17 15.12 25.28
C PHE A 340 0.56 16.15 26.22
N PHE A 341 1.42 17.03 26.76
CA PHE A 341 1.03 18.05 27.70
C PHE A 341 0.87 19.39 27.00
N TYR A 342 -0.10 20.18 27.46
CA TYR A 342 -0.29 21.56 27.04
C TYR A 342 -0.40 22.41 28.31
N CYS A 343 0.69 23.08 28.69
CA CYS A 343 0.73 23.83 29.94
C CYS A 343 0.53 25.32 29.67
N ASP A 344 -0.15 25.98 30.59
CA ASP A 344 -0.41 27.41 30.48
C ASP A 344 0.72 28.19 31.14
N THR A 345 1.45 28.97 30.34
CA THR A 345 2.62 29.71 30.82
C THR A 345 2.29 31.18 31.05
N SER A 346 1.08 31.49 31.51
CA SER A 346 0.71 32.87 31.80
C SER A 346 1.28 33.37 33.12
N GLY A 347 1.96 32.52 33.89
CA GLY A 347 2.56 32.89 35.14
C GLY A 347 4.05 33.14 35.09
N LEU A 348 4.68 32.98 33.93
CA LEU A 348 6.11 33.23 33.77
C LEU A 348 6.39 34.59 33.16
N PHE A 349 5.64 34.97 32.13
CA PHE A 349 5.81 36.26 31.47
C PHE A 349 4.78 37.25 32.02
N ASN A 350 4.98 37.62 33.28
CA ASN A 350 4.06 38.49 34.00
C ASN A 350 4.84 39.51 34.83
N SER A 351 5.84 40.13 34.23
CA SER A 351 6.69 41.08 34.94
C SER A 351 6.94 42.31 34.09
N THR A 352 7.51 43.33 34.73
CA THR A 352 7.92 44.55 34.05
C THR A 352 9.22 45.04 34.69
N TRP A 353 10.10 45.59 33.87
CA TRP A 353 11.42 46.01 34.32
C TRP A 353 11.69 47.44 33.88
N ILE A 354 12.30 48.22 34.76
CA ILE A 354 12.61 49.62 34.50
C ILE A 354 13.87 49.99 35.26
N SER A 355 14.62 50.94 34.71
CA SER A 355 15.89 51.40 35.29
C SER A 355 16.88 50.26 35.50
N ASN A 356 11.80 26.30 47.66
CA ASN A 356 10.87 27.22 48.32
C ASN A 356 10.23 28.17 47.32
N ASP A 357 8.94 28.45 47.53
CA ASP A 357 8.17 29.36 46.68
C ASP A 357 8.24 28.94 45.21
N SER A 358 7.69 27.76 44.94
CA SER A 358 7.66 27.24 43.58
C SER A 358 6.52 27.85 42.79
N ILE A 359 6.73 28.03 41.49
CA ILE A 359 5.71 28.50 40.57
C ILE A 359 5.06 27.27 39.93
N THR A 360 3.75 27.17 40.05
CA THR A 360 2.98 26.03 39.56
C THR A 360 2.21 26.44 38.32
N LEU A 361 2.30 25.63 37.27
CA LEU A 361 1.60 25.85 36.03
C LEU A 361 0.66 24.68 35.76
N PRO A 362 -0.63 24.92 35.56
CA PRO A 362 -1.55 23.83 35.27
C PRO A 362 -1.54 23.44 33.80
N CYS A 363 -1.63 22.14 33.54
CA CYS A 363 -1.55 21.62 32.20
C CYS A 363 -2.77 20.77 31.87
N ARG A 364 -3.07 20.68 30.58
CA ARG A 364 -4.13 19.82 30.07
C ARG A 364 -3.51 18.75 29.17
N ILE A 365 -4.31 17.73 28.89
CA ILE A 365 -3.84 16.56 28.14
C ILE A 365 -4.82 16.27 27.02
N LYS A 366 -4.30 15.92 25.85
CA LYS A 366 -5.09 15.51 24.70
C LYS A 366 -4.67 14.11 24.28
N GLN A 367 -5.47 13.52 23.39
CA GLN A 367 -5.18 12.21 22.82
C GLN A 367 -5.30 12.14 21.31
N ILE A 368 -5.96 13.09 20.67
CA ILE A 368 -6.06 13.16 19.22
C ILE A 368 -5.32 14.41 18.78
N ILE A 369 -4.13 14.24 18.22
CA ILE A 369 -3.23 15.35 17.96
C ILE A 369 -3.01 15.49 16.45
N ASN A 370 -2.56 16.69 16.07
CA ASN A 370 -2.20 17.00 14.69
C ASN A 370 -0.78 17.56 14.68
N MET A 371 0.15 16.80 14.11
CA MET A 371 1.55 17.18 14.12
C MET A 371 1.96 17.84 12.81
N TRP A 372 3.02 18.63 12.88
CA TRP A 372 3.67 19.24 11.73
C TRP A 372 2.73 20.18 10.97
N GLN A 373 1.75 20.76 11.67
CA GLN A 373 0.84 21.75 11.11
C GLN A 373 0.13 21.24 9.85
N ARG A 374 -0.14 19.94 9.79
CA ARG A 374 -0.80 19.34 8.64
C ARG A 374 -2.29 19.16 8.91
N ILE A 375 -3.05 19.08 7.82
CA ILE A 375 -4.49 18.91 7.88
C ILE A 375 -4.87 17.73 6.99
N GLY A 376 -5.69 16.82 7.53
CA GLY A 376 -6.13 15.66 6.78
C GLY A 376 -5.66 14.33 7.34
N GLN A 377 -4.91 14.31 8.44
CA GLN A 377 -4.42 13.06 9.02
C GLN A 377 -4.11 13.29 10.49
N ALA A 378 -4.80 12.57 11.36
CA ALA A 378 -4.63 12.70 12.80
C ALA A 378 -3.97 11.44 13.36
N MET A 379 -3.75 11.45 14.67
CA MET A 379 -3.12 10.33 15.36
C MET A 379 -3.72 10.19 16.75
N TYR A 380 -3.91 8.94 17.18
CA TYR A 380 -4.45 8.63 18.50
C TYR A 380 -3.34 7.99 19.33
N ALA A 381 -3.04 8.58 20.47
CA ALA A 381 -2.00 8.06 21.35
C ALA A 381 -2.64 7.27 22.48
N PRO A 382 -2.38 5.97 22.58
CA PRO A 382 -3.01 5.16 23.63
C PRO A 382 -2.55 5.61 25.00
N PRO A 383 -3.32 5.30 26.05
CA PRO A 383 -2.96 5.80 27.38
C PRO A 383 -1.79 5.04 27.99
N ILE A 384 -0.91 5.79 28.65
CA ILE A 384 0.22 5.20 29.37
C ILE A 384 -0.28 4.72 30.72
N GLN A 385 0.06 3.48 31.07
CA GLN A 385 -0.41 2.90 32.33
C GLN A 385 0.49 3.32 33.48
N GLY A 386 -0.13 3.79 34.56
CA GLY A 386 0.62 4.21 35.73
C GLY A 386 0.62 5.71 35.93
N VAL A 387 1.67 6.23 36.54
CA VAL A 387 1.83 7.66 36.72
C VAL A 387 2.98 8.14 35.83
N ILE A 388 3.10 9.45 35.71
CA ILE A 388 4.09 10.08 34.83
C ILE A 388 4.75 11.23 35.57
N ARG A 389 6.08 11.24 35.58
CA ARG A 389 6.85 12.28 36.26
C ARG A 389 8.17 12.44 35.53
N CYS A 390 8.42 13.63 34.99
CA CYS A 390 9.64 13.89 34.23
C CYS A 390 10.26 15.20 34.67
N VAL A 391 11.58 15.30 34.46
CA VAL A 391 12.37 16.47 34.82
C VAL A 391 13.12 16.93 33.59
N SER A 392 13.06 18.23 33.30
CA SER A 392 13.67 18.78 32.10
C SER A 392 14.40 20.07 32.43
N ASN A 393 15.18 20.54 31.47
CA ASN A 393 15.93 21.79 31.58
C ASN A 393 15.56 22.70 30.41
N ILE A 394 15.10 23.91 30.72
CA ILE A 394 14.76 24.89 29.69
C ILE A 394 16.01 25.72 29.40
N THR A 395 16.39 25.80 28.13
CA THR A 395 17.63 26.46 27.71
C THR A 395 17.37 27.36 26.52
N GLY A 396 16.34 28.18 26.59
CA GLY A 396 16.08 29.14 25.53
C GLY A 396 14.62 29.57 25.50
N LEU A 397 14.38 30.66 24.78
CA LEU A 397 13.04 31.21 24.59
C LEU A 397 12.87 31.65 23.15
N ILE A 398 11.63 31.66 22.70
CA ILE A 398 11.27 32.14 21.36
C ILE A 398 10.32 33.31 21.56
N LEU A 399 10.85 34.52 21.58
CA LEU A 399 10.06 35.71 21.88
C LEU A 399 9.65 36.43 20.59
N THR A 400 8.70 37.34 20.74
CA THR A 400 8.22 38.16 19.64
C THR A 400 7.90 39.55 20.15
N ARG A 401 8.40 40.56 19.46
CA ARG A 401 8.11 41.94 19.84
C ARG A 401 6.71 42.33 19.38
N ASP A 402 6.11 43.26 20.12
CA ASP A 402 4.73 43.66 19.83
C ASP A 402 4.63 44.43 18.53
N GLY A 403 5.32 45.57 18.45
CA GLY A 403 5.28 46.40 17.27
C GLY A 403 4.13 47.38 17.29
N GLY A 404 3.98 48.09 16.17
CA GLY A 404 2.95 49.11 16.06
C GLY A 404 3.40 50.44 16.61
N SER A 405 2.44 51.35 16.71
CA SER A 405 2.71 52.67 17.27
C SER A 405 3.13 52.55 18.72
N THR A 406 4.24 53.20 19.07
CA THR A 406 4.81 53.07 20.40
C THR A 406 5.38 54.43 20.82
N ASP A 407 5.41 54.66 22.13
CA ASP A 407 6.01 55.88 22.66
C ASP A 407 7.54 55.83 22.64
N SER A 408 8.13 54.76 22.10
CA SER A 408 9.56 54.56 21.92
C SER A 408 10.30 54.44 23.25
N THR A 409 9.59 54.28 24.37
CA THR A 409 10.23 54.11 25.66
C THR A 409 9.97 52.75 26.30
N THR A 410 8.89 52.07 25.93
CA THR A 410 8.56 50.77 26.48
C THR A 410 8.43 49.75 25.35
N GLU A 411 8.72 48.50 25.69
CA GLU A 411 8.66 47.41 24.72
C GLU A 411 8.11 46.17 25.41
N THR A 412 7.16 45.49 24.77
CA THR A 412 6.57 44.28 25.32
C THR A 412 6.93 43.11 24.44
N PHE A 413 7.50 42.06 25.05
CA PHE A 413 7.88 40.85 24.36
C PHE A 413 7.00 39.70 24.84
N ARG A 414 6.32 39.05 23.90
CA ARG A 414 5.45 37.94 24.25
C ARG A 414 5.94 36.65 23.60
N PRO A 415 5.71 35.50 24.24
CA PRO A 415 6.18 34.24 23.66
C PRO A 415 5.38 33.86 22.43
N SER A 416 5.98 32.99 21.62
CA SER A 416 5.33 32.51 20.40
C SER A 416 6.05 31.24 19.94
N GLY A 417 5.56 30.68 18.84
CA GLY A 417 6.16 29.48 18.29
C GLY A 417 5.24 28.83 17.27
N GLY A 418 5.47 27.53 17.06
CA GLY A 418 4.63 26.75 16.17
C GLY A 418 5.19 26.53 14.78
N ASP A 419 6.39 27.03 14.49
CA ASP A 419 6.99 26.80 13.18
C ASP A 419 7.73 25.47 13.09
N MET A 420 8.22 24.96 14.22
CA MET A 420 8.85 23.65 14.38
C MET A 420 10.21 23.55 13.71
N ARG A 421 10.66 24.58 12.99
CA ARG A 421 12.01 24.59 12.45
C ARG A 421 12.95 25.51 13.21
N ASP A 422 12.42 26.45 13.99
CA ASP A 422 13.27 27.26 14.86
C ASP A 422 13.76 26.46 16.06
N ASN A 423 13.16 25.30 16.34
CA ASN A 423 13.61 24.47 17.44
C ASN A 423 14.94 23.80 17.12
N TRP A 424 15.13 23.38 15.88
CA TRP A 424 16.38 22.79 15.44
C TRP A 424 17.38 23.82 14.92
N ARG A 425 16.91 25.00 14.53
CA ARG A 425 17.81 26.06 14.08
C ARG A 425 18.74 26.53 15.19
N SER A 426 18.33 26.40 16.45
CA SER A 426 19.20 26.76 17.56
C SER A 426 20.32 25.76 17.79
N GLU A 427 20.30 24.63 17.10
CA GLU A 427 21.36 23.62 17.22
C GLU A 427 22.24 23.53 15.99
N LEU A 428 21.79 24.03 14.84
CA LEU A 428 22.54 23.96 13.59
C LEU A 428 22.96 25.35 13.12
N TYR A 429 23.39 26.19 14.06
CA TYR A 429 23.89 27.52 13.73
C TYR A 429 25.41 27.58 13.63
N LYS A 430 26.11 26.55 14.09
CA LYS A 430 27.57 26.51 14.10
C LYS A 430 28.11 25.43 13.18
N TYR A 431 27.44 25.21 12.05
CA TYR A 431 27.87 24.21 11.09
C TYR A 431 27.66 24.74 9.68
N LYS A 432 28.43 24.19 8.74
CA LYS A 432 28.37 24.63 7.35
C LYS A 432 28.89 23.52 6.45
N VAL A 433 28.10 23.13 5.46
CA VAL A 433 28.52 22.10 4.50
C VAL A 433 29.25 22.79 3.35
N VAL A 434 30.30 22.13 2.83
CA VAL A 434 31.13 22.74 1.80
C VAL A 434 31.68 21.62 0.92
N LYS A 435 31.94 21.94 -0.35
CA LYS A 435 32.48 20.97 -1.29
C LYS A 435 33.94 21.29 -1.60
N ILE A 436 34.69 20.26 -1.99
CA ILE A 436 36.12 20.35 -2.18
C ILE A 436 36.42 20.34 -3.68
N GLU A 437 37.26 21.29 -4.12
CA GLU A 437 37.72 21.37 -5.51
C GLU A 437 39.24 21.23 -5.50
N PRO A 438 39.76 20.02 -5.73
CA PRO A 438 41.20 19.77 -5.56
C PRO A 438 42.05 20.10 -6.79
N LEU A 439 41.53 20.81 -7.77
CA LEU A 439 42.30 21.14 -8.98
C LEU A 439 42.66 22.60 -9.00
N GLY A 440 43.85 22.91 -9.50
CA GLY A 440 44.32 24.28 -9.57
C GLY A 440 45.55 24.39 -10.45
N VAL A 441 45.77 25.61 -10.95
CA VAL A 441 46.88 25.89 -11.84
C VAL A 441 47.70 27.05 -11.28
N ALA A 442 48.98 27.07 -11.63
CA ALA A 442 49.89 28.11 -11.15
C ALA A 442 51.13 28.16 -12.06
N PRO A 443 51.64 29.35 -12.37
CA PRO A 443 52.80 29.45 -13.25
C PRO A 443 54.12 29.29 -12.50
N THR A 444 55.04 28.54 -13.11
CA THR A 444 56.40 28.44 -12.59
C THR A 444 57.32 28.09 -13.76
N ARG A 445 58.61 27.97 -13.46
CA ARG A 445 59.64 27.75 -14.47
C ARG A 445 59.91 26.26 -14.59
N CYS A 446 59.20 25.59 -15.49
CA CYS A 446 59.49 24.18 -15.79
C CYS A 446 59.55 23.99 -17.30
N LYS A 447 60.39 23.06 -17.73
CA LYS A 447 60.60 22.74 -19.15
C LYS A 447 60.42 21.23 -19.29
N ARG A 448 59.21 20.80 -19.63
CA ARG A 448 58.93 19.39 -19.79
C ARG A 448 59.79 18.79 -20.89
N ARG A 449 60.57 17.77 -20.55
CA ARG A 449 61.50 17.16 -21.49
C ARG A 449 60.71 16.35 -22.53
N VAL A 450 60.62 16.89 -23.75
CA VAL A 450 59.91 16.19 -24.82
C VAL A 450 60.70 15.03 -25.40
N VAL A 451 61.95 14.85 -24.97
CA VAL A 451 62.79 13.75 -25.47
C VAL A 451 62.23 12.41 -25.03
N GLU B 1 73.88 -7.41 1.73
CA GLU B 1 72.60 -7.53 1.04
C GLU B 1 71.69 -6.36 1.35
N ASN B 2 71.10 -5.78 0.31
CA ASN B 2 70.22 -4.62 0.43
C ASN B 2 68.91 -4.90 -0.33
N LEU B 3 67.96 -5.53 0.36
CA LEU B 3 66.68 -5.88 -0.23
C LEU B 3 65.71 -4.72 -0.07
N TRP B 4 64.97 -4.41 -1.13
CA TRP B 4 63.95 -3.37 -1.11
C TRP B 4 62.60 -3.98 -1.46
N VAL B 5 61.53 -3.31 -1.02
CA VAL B 5 60.20 -3.90 -1.09
C VAL B 5 59.66 -3.79 -2.52
N THR B 6 58.60 -4.55 -2.79
CA THR B 6 57.91 -4.56 -4.07
C THR B 6 56.41 -4.51 -3.83
N VAL B 7 55.65 -4.40 -4.92
CA VAL B 7 54.19 -4.47 -4.87
C VAL B 7 53.72 -5.32 -6.05
N TYR B 8 52.73 -6.18 -5.78
CA TYR B 8 52.15 -7.04 -6.79
C TYR B 8 50.64 -6.83 -6.82
N TYR B 9 50.06 -6.90 -8.02
CA TYR B 9 48.62 -6.75 -8.21
C TYR B 9 48.10 -7.97 -8.94
N GLY B 10 47.34 -8.81 -8.22
CA GLY B 10 46.85 -10.05 -8.80
C GLY B 10 47.24 -11.25 -7.96
N VAL B 11 47.57 -11.00 -6.70
CA VAL B 11 48.03 -12.07 -5.80
C VAL B 11 46.86 -13.00 -5.49
N PRO B 12 47.01 -14.31 -5.66
CA PRO B 12 45.94 -15.24 -5.27
C PRO B 12 45.86 -15.41 -3.75
N VAL B 13 45.23 -14.45 -3.07
CA VAL B 13 45.06 -14.51 -1.62
C VAL B 13 43.62 -14.11 -1.31
N TRP B 14 42.97 -14.91 -0.46
CA TRP B 14 41.57 -14.69 -0.12
C TRP B 14 41.38 -14.70 1.39
N LYS B 15 40.26 -14.12 1.82
CA LYS B 15 39.93 -14.02 3.23
C LYS B 15 38.43 -14.21 3.43
N ASP B 16 38.06 -14.74 4.60
CA ASP B 16 36.67 -15.00 4.91
C ASP B 16 35.90 -13.69 5.02
N ALA B 17 34.72 -13.64 4.41
CA ALA B 17 33.88 -12.45 4.45
C ALA B 17 32.46 -12.84 4.09
N GLU B 18 31.52 -11.97 4.46
CA GLU B 18 30.10 -12.15 4.20
C GLU B 18 29.60 -11.02 3.33
N THR B 19 28.70 -11.36 2.41
CA THR B 19 28.14 -10.39 1.48
C THR B 19 26.81 -10.93 0.97
N THR B 20 26.23 -10.22 0.00
CA THR B 20 24.97 -10.61 -0.62
C THR B 20 25.23 -11.37 -1.92
N LEU B 21 24.27 -12.21 -2.28
CA LEU B 21 24.33 -12.99 -3.51
C LEU B 21 23.01 -12.82 -4.25
N PHE B 22 23.06 -13.04 -5.56
CA PHE B 22 21.87 -12.88 -6.39
C PHE B 22 21.47 -14.21 -7.00
N CYS B 23 20.26 -14.22 -7.57
CA CYS B 23 19.67 -15.42 -8.12
C CYS B 23 19.98 -15.57 -9.60
N ALA B 24 20.03 -16.83 -10.05
CA ALA B 24 20.26 -17.14 -11.45
C ALA B 24 19.57 -18.45 -11.76
N SER B 25 18.66 -18.44 -12.72
CA SER B 25 17.90 -19.62 -13.11
C SER B 25 18.07 -19.89 -14.59
N ASP B 26 17.76 -21.12 -14.99
CA ASP B 26 17.90 -21.51 -16.39
C ASP B 26 16.79 -20.88 -17.24
N ALA B 27 17.14 -20.57 -18.49
CA ALA B 27 16.20 -19.95 -19.42
C ALA B 27 15.50 -21.02 -20.26
N LYS B 28 14.70 -21.83 -19.57
CA LYS B 28 13.93 -22.89 -20.24
C LYS B 28 12.51 -22.98 -19.70
N ALA B 29 11.99 -21.92 -19.07
CA ALA B 29 10.65 -21.97 -18.51
C ALA B 29 9.59 -21.96 -19.61
N TYR B 30 9.62 -20.96 -20.47
CA TYR B 30 8.63 -20.85 -21.54
C TYR B 30 9.27 -20.26 -22.80
N LYS B 31 4.48 -19.88 -19.50
CA LYS B 31 4.32 -20.29 -18.11
C LYS B 31 3.96 -19.10 -17.23
N LYS B 32 2.93 -19.28 -16.40
CA LYS B 32 2.53 -18.24 -15.46
C LYS B 32 3.61 -18.02 -14.41
N HIS B 33 3.54 -16.87 -13.74
CA HIS B 33 4.55 -16.49 -12.76
C HIS B 33 4.66 -17.55 -11.66
N ASN B 34 5.80 -17.53 -10.97
CA ASN B 34 6.09 -18.47 -9.92
C ASN B 34 6.07 -17.77 -8.57
N VAL B 35 5.88 -18.54 -7.51
CA VAL B 35 5.87 -17.96 -6.17
C VAL B 35 7.24 -17.45 -5.79
N TRP B 36 8.30 -18.04 -6.31
CA TRP B 36 9.67 -17.60 -6.02
C TRP B 36 10.13 -16.47 -6.93
N ALA B 37 9.29 -16.05 -7.88
CA ALA B 37 9.61 -14.94 -8.79
C ALA B 37 10.92 -15.18 -9.51
N THR B 38 11.08 -16.39 -10.04
CA THR B 38 12.31 -16.76 -10.74
C THR B 38 12.41 -16.11 -12.12
N HIS B 39 11.36 -15.45 -12.59
CA HIS B 39 11.42 -14.75 -13.87
C HIS B 39 12.21 -13.44 -13.77
N ALA B 40 12.63 -13.05 -12.57
CA ALA B 40 13.42 -11.85 -12.36
C ALA B 40 14.89 -12.15 -12.07
N CYS B 41 15.32 -13.39 -12.30
CA CYS B 41 16.70 -13.78 -12.12
C CYS B 41 17.45 -13.70 -13.46
N VAL B 42 18.76 -13.57 -13.37
CA VAL B 42 19.61 -13.45 -14.55
C VAL B 42 19.76 -14.84 -15.19
N PRO B 43 19.88 -14.93 -16.52
CA PRO B 43 20.06 -16.24 -17.15
C PRO B 43 21.41 -16.83 -16.77
N THR B 44 21.42 -18.13 -16.48
CA THR B 44 22.64 -18.79 -16.03
C THR B 44 23.57 -19.06 -17.20
N ASP B 45 24.84 -19.31 -16.87
CA ASP B 45 25.83 -19.62 -17.88
C ASP B 45 25.71 -21.08 -18.31
N PRO B 46 25.84 -21.35 -19.61
CA PRO B 46 25.59 -22.72 -20.08
C PRO B 46 26.60 -23.74 -19.57
N ASN B 47 27.85 -23.36 -19.40
CA ASN B 47 28.89 -24.30 -18.97
C ASN B 47 29.66 -23.70 -17.80
N PRO B 48 29.49 -24.23 -16.59
CA PRO B 48 30.26 -23.73 -15.45
C PRO B 48 31.74 -24.03 -15.60
N GLN B 49 32.55 -23.32 -14.82
CA GLN B 49 34.00 -23.44 -14.94
C GLN B 49 34.52 -24.66 -14.18
N GLU B 50 34.29 -24.69 -12.86
CA GLU B 50 34.75 -25.78 -12.00
C GLU B 50 36.27 -25.94 -12.10
N ILE B 51 36.97 -24.89 -11.67
CA ILE B 51 38.42 -24.89 -11.67
C ILE B 51 38.92 -25.66 -10.44
N HIS B 52 39.84 -26.59 -10.66
CA HIS B 52 40.39 -27.41 -9.60
C HIS B 52 41.66 -26.78 -9.03
N LEU B 53 41.89 -27.00 -7.74
CA LEU B 53 43.06 -26.49 -7.06
C LEU B 53 43.87 -27.65 -6.48
N GLU B 54 45.14 -27.38 -6.19
CA GLU B 54 46.05 -28.40 -5.68
C GLU B 54 46.81 -27.88 -4.47
N ASN B 55 47.25 -28.82 -3.64
CA ASN B 55 48.08 -28.56 -2.46
C ASN B 55 47.43 -27.59 -1.48
N VAL B 56 46.13 -27.33 -1.61
CA VAL B 56 45.46 -26.32 -0.81
C VAL B 56 44.40 -26.99 0.06
N THR B 57 44.30 -26.53 1.31
CA THR B 57 43.28 -26.98 2.25
C THR B 57 42.48 -25.78 2.74
N GLU B 58 41.28 -26.06 3.24
CA GLU B 58 40.41 -25.01 3.75
C GLU B 58 39.58 -25.56 4.90
N GLU B 59 39.44 -24.76 5.95
CA GLU B 59 38.66 -25.15 7.12
C GLU B 59 37.22 -24.71 6.91
N PHE B 60 36.34 -25.68 6.64
CA PHE B 60 34.94 -25.39 6.36
C PHE B 60 34.12 -25.41 7.65
N ASN B 61 32.85 -25.07 7.52
CA ASN B 61 31.91 -25.10 8.63
C ASN B 61 30.50 -25.03 8.07
N MET B 62 29.57 -25.77 8.69
CA MET B 62 28.20 -25.80 8.25
C MET B 62 27.20 -25.32 9.29
N TRP B 63 27.60 -25.23 10.56
CA TRP B 63 26.70 -24.79 11.62
C TRP B 63 26.83 -23.31 11.93
N LYS B 64 27.73 -22.60 11.25
CA LYS B 64 27.83 -21.15 11.36
C LYS B 64 27.88 -20.48 10.00
N ASN B 65 27.38 -21.16 8.97
CA ASN B 65 27.34 -20.60 7.63
C ASN B 65 26.39 -19.41 7.58
N ASN B 66 26.61 -18.54 6.60
CA ASN B 66 25.79 -17.35 6.43
C ASN B 66 24.89 -17.40 5.21
N MET B 67 25.10 -18.36 4.31
CA MET B 67 24.27 -18.43 3.11
C MET B 67 22.85 -18.89 3.44
N VAL B 68 22.71 -19.77 4.43
CA VAL B 68 21.39 -20.28 4.79
C VAL B 68 20.55 -19.20 5.46
N GLU B 69 21.19 -18.37 6.30
CA GLU B 69 20.46 -17.30 6.96
C GLU B 69 19.95 -16.27 5.97
N GLN B 70 20.64 -16.11 4.84
CA GLN B 70 20.19 -15.19 3.81
C GLN B 70 19.12 -15.84 2.92
N MET B 71 19.29 -17.13 2.63
CA MET B 71 18.29 -17.84 1.82
C MET B 71 16.95 -17.89 2.53
N HIS B 72 16.96 -18.03 3.86
CA HIS B 72 15.72 -18.05 4.62
C HIS B 72 14.97 -16.74 4.46
N THR B 73 15.65 -15.61 4.64
CA THR B 73 15.00 -14.31 4.52
C THR B 73 14.54 -14.06 3.09
N ASP B 74 15.32 -14.52 2.10
CA ASP B 74 14.91 -14.35 0.71
C ASP B 74 13.62 -15.11 0.42
N ILE B 75 13.55 -16.37 0.88
CA ILE B 75 12.33 -17.16 0.66
C ILE B 75 11.14 -16.52 1.36
N ILE B 76 11.34 -16.05 2.59
CA ILE B 76 10.25 -15.43 3.34
C ILE B 76 9.75 -14.18 2.62
N SER B 77 10.68 -13.35 2.14
CA SER B 77 10.28 -12.12 1.47
C SER B 77 9.57 -12.39 0.16
N LEU B 78 10.03 -13.38 -0.60
CA LEU B 78 9.34 -13.72 -1.84
C LEU B 78 7.93 -14.24 -1.57
N TRP B 79 7.79 -15.16 -0.61
CA TRP B 79 6.48 -15.67 -0.25
C TRP B 79 5.56 -14.56 0.25
N ASP B 80 6.11 -13.57 0.94
CA ASP B 80 5.30 -12.49 1.48
C ASP B 80 4.84 -11.55 0.37
N GLN B 81 5.75 -11.18 -0.54
CA GLN B 81 5.37 -10.25 -1.61
C GLN B 81 4.53 -10.91 -2.69
N SER B 82 4.52 -12.25 -2.77
CA SER B 82 3.70 -12.93 -3.76
C SER B 82 2.22 -12.94 -3.41
N LEU B 83 1.85 -12.56 -2.18
CA LEU B 83 0.46 -12.58 -1.73
C LEU B 83 -0.10 -11.18 -1.53
N LYS B 84 0.46 -10.18 -2.18
CA LYS B 84 0.06 -8.80 -1.95
C LYS B 84 -1.24 -8.41 -2.66
N PRO B 85 -1.35 -8.55 -4.00
CA PRO B 85 -2.45 -7.89 -4.71
C PRO B 85 -3.72 -8.71 -4.86
N CYS B 86 -3.73 -9.96 -4.37
CA CYS B 86 -4.88 -10.81 -4.56
C CYS B 86 -5.79 -10.76 -3.32
N VAL B 87 -6.86 -11.55 -3.35
CA VAL B 87 -8.07 -11.23 -2.61
C VAL B 87 -7.85 -11.32 -1.10
N LYS B 88 -8.56 -10.47 -0.36
CA LYS B 88 -8.60 -10.50 1.09
C LYS B 88 -9.97 -11.05 1.52
N LEU B 89 -9.97 -12.13 2.30
CA LEU B 89 -11.21 -12.77 2.73
C LEU B 89 -11.60 -12.33 4.14
N THR B 90 -11.81 -11.03 4.30
CA THR B 90 -12.25 -10.52 5.59
C THR B 90 -13.73 -10.75 5.89
N PRO B 91 -14.68 -10.72 4.91
CA PRO B 91 -16.08 -10.85 5.29
C PRO B 91 -16.55 -12.29 5.39
N LEU B 92 -15.61 -13.23 5.51
CA LEU B 92 -15.93 -14.64 5.35
C LEU B 92 -16.27 -15.35 6.65
N CYS B 93 -15.72 -14.94 7.78
CA CYS B 93 -15.77 -15.75 9.00
C CYS B 93 -16.99 -15.41 9.86
N VAL B 94 -18.10 -15.07 9.22
CA VAL B 94 -19.35 -14.93 9.96
C VAL B 94 -19.78 -16.28 10.53
N THR B 95 -20.74 -16.23 11.45
CA THR B 95 -21.24 -17.44 12.09
C THR B 95 -21.76 -18.43 11.05
N LEU B 96 -21.22 -19.65 11.07
CA LEU B 96 -21.61 -20.69 10.13
C LEU B 96 -22.70 -21.56 10.75
N GLN B 97 -23.23 -22.47 9.93
CA GLN B 97 -24.29 -23.40 10.32
C GLN B 97 -23.94 -24.81 9.86
N CYS B 98 -22.71 -25.23 10.16
CA CYS B 98 -22.19 -26.49 9.62
C CYS B 98 -22.97 -27.69 10.15
N THR B 99 -23.20 -28.65 9.27
CA THR B 99 -23.76 -29.95 9.62
C THR B 99 -22.89 -31.05 9.03
N ASN B 100 -23.09 -32.27 9.51
CA ASN B 100 -22.28 -33.39 9.03
C ASN B 100 -22.58 -33.67 7.56
N VAL B 101 -21.62 -34.33 6.91
CA VAL B 101 -21.77 -34.65 5.49
C VAL B 101 -22.94 -35.62 5.31
N THR B 102 -23.43 -35.69 4.06
CA THR B 102 -24.61 -36.50 3.75
C THR B 102 -24.22 -37.98 3.81
N ASN B 103 -24.70 -38.66 4.85
CA ASN B 103 -24.53 -40.09 5.01
C ASN B 103 -25.52 -40.59 6.06
N ASN B 104 -26.09 -41.77 5.82
CA ASN B 104 -27.05 -42.34 6.76
C ASN B 104 -26.34 -42.90 7.99
N ILE B 105 -25.35 -43.77 7.77
CA ILE B 105 -24.61 -44.34 8.88
C ILE B 105 -23.56 -43.34 9.37
N ASP B 106 -23.39 -43.29 10.69
CA ASP B 106 -22.41 -42.38 11.27
C ASP B 106 -21.00 -42.84 10.93
N ASP B 107 -20.11 -41.87 10.76
CA ASP B 107 -18.72 -42.11 10.39
C ASP B 107 -17.82 -41.74 11.56
N MET B 108 -16.74 -42.50 11.75
CA MET B 108 -15.81 -42.22 12.83
C MET B 108 -14.83 -41.12 12.47
N ARG B 109 -14.36 -41.11 11.22
CA ARG B 109 -13.40 -40.12 10.77
C ARG B 109 -13.49 -39.93 9.26
N GLY B 110 -17.33 -37.94 6.75
CA GLY B 110 -16.06 -38.45 7.25
C GLY B 110 -15.30 -37.44 8.09
N GLU B 111 -14.38 -36.72 7.44
CA GLU B 111 -13.57 -35.72 8.10
C GLU B 111 -13.86 -34.31 7.60
N LEU B 112 -14.95 -34.12 6.85
CA LEU B 112 -15.32 -32.82 6.33
C LEU B 112 -16.81 -32.58 6.57
N LYS B 113 -17.16 -31.30 6.71
CA LYS B 113 -18.51 -30.88 7.07
C LYS B 113 -19.11 -30.01 5.97
N ASN B 114 -20.42 -29.88 6.01
CA ASN B 114 -21.20 -29.13 5.03
C ASN B 114 -21.78 -27.90 5.72
N CYS B 115 -21.24 -26.73 5.40
CA CYS B 115 -21.62 -25.49 6.06
C CYS B 115 -22.45 -24.61 5.12
N SER B 116 -23.20 -23.69 5.71
CA SER B 116 -24.01 -22.74 4.96
C SER B 116 -24.07 -21.44 5.74
N PHE B 117 -24.02 -20.32 5.03
CA PHE B 117 -23.90 -19.01 5.68
C PHE B 117 -24.44 -17.93 4.74
N ASN B 118 -24.35 -16.69 5.19
CA ASN B 118 -24.75 -15.50 4.43
C ASN B 118 -23.51 -14.71 4.05
N MET B 119 -23.52 -14.15 2.84
CA MET B 119 -22.43 -13.28 2.40
C MET B 119 -23.00 -12.10 1.62
N THR B 120 -22.11 -11.17 1.26
CA THR B 120 -22.49 -9.97 0.54
C THR B 120 -22.50 -10.26 -0.96
N THR B 121 -22.63 -9.21 -1.76
CA THR B 121 -22.64 -9.32 -3.21
C THR B 121 -22.03 -8.05 -3.80
N GLU B 122 -22.17 -7.88 -5.11
CA GLU B 122 -21.62 -6.69 -5.75
C GLU B 122 -22.37 -5.43 -5.32
N LEU B 123 -23.65 -5.57 -4.98
CA LEU B 123 -24.43 -4.45 -4.49
C LEU B 123 -24.32 -4.38 -2.97
N ARG B 124 -24.03 -3.20 -2.45
CA ARG B 124 -23.76 -3.01 -1.03
C ARG B 124 -25.02 -3.00 -0.18
N ASP B 125 -26.17 -3.40 -0.72
CA ASP B 125 -27.42 -3.41 0.04
C ASP B 125 -28.20 -4.70 -0.19
N LYS B 126 -27.50 -5.81 -0.44
CA LYS B 126 -28.12 -7.10 -0.67
C LYS B 126 -27.31 -8.18 0.02
N ARG B 127 -27.93 -9.35 0.16
CA ARG B 127 -27.30 -10.51 0.79
C ARG B 127 -27.59 -11.75 -0.04
N GLN B 128 -26.72 -12.74 0.09
CA GLN B 128 -26.92 -14.03 -0.56
C GLN B 128 -26.67 -15.15 0.45
N LYS B 129 -27.43 -16.23 0.28
CA LYS B 129 -27.35 -17.40 1.15
C LYS B 129 -26.62 -18.50 0.38
N VAL B 130 -25.41 -18.82 0.80
CA VAL B 130 -24.57 -19.77 0.08
C VAL B 130 -24.21 -20.92 1.03
N HIS B 131 -23.61 -21.96 0.45
CA HIS B 131 -23.18 -23.12 1.21
C HIS B 131 -21.99 -23.76 0.52
N ALA B 132 -21.13 -24.39 1.32
CA ALA B 132 -19.92 -25.02 0.80
C ALA B 132 -19.54 -26.17 1.73
N LEU B 133 -18.39 -26.78 1.45
CA LEU B 133 -17.87 -27.90 2.24
C LEU B 133 -16.52 -27.52 2.80
N PHE B 134 -16.38 -27.62 4.12
CA PHE B 134 -15.14 -27.27 4.80
C PHE B 134 -14.56 -28.51 5.46
N TYR B 135 -13.32 -28.38 5.93
CA TYR B 135 -12.63 -29.46 6.62
C TYR B 135 -12.76 -29.31 8.12
N LYS B 136 -12.71 -30.44 8.83
CA LYS B 136 -12.92 -30.42 10.27
C LYS B 136 -11.78 -29.76 11.03
N LEU B 137 -10.61 -29.63 10.41
CA LEU B 137 -9.47 -29.02 11.07
C LEU B 137 -9.47 -27.50 10.98
N ASP B 138 -10.33 -26.91 10.16
CA ASP B 138 -10.38 -25.47 9.96
C ASP B 138 -11.64 -24.86 10.58
N ILE B 139 -12.20 -25.51 11.59
CA ILE B 139 -13.49 -25.13 12.16
C ILE B 139 -13.46 -25.39 13.66
N VAL B 140 -13.84 -24.40 14.45
CA VAL B 140 -13.94 -24.55 15.89
C VAL B 140 -15.34 -24.12 16.35
N PRO B 141 -15.95 -24.82 17.30
CA PRO B 141 -17.27 -24.42 17.76
C PRO B 141 -17.21 -23.15 18.60
N ILE B 142 -18.29 -22.37 18.53
CA ILE B 142 -18.35 -21.10 19.23
C ILE B 142 -19.17 -21.19 20.52
N ASN B 143 -20.16 -22.06 20.59
CA ASN B 143 -20.99 -22.23 21.77
C ASN B 143 -20.92 -23.62 22.37
N GLU B 144 -20.92 -24.66 21.53
CA GLU B 144 -20.78 -26.07 21.93
C GLU B 144 -21.67 -26.46 23.10
N ASN B 145 -22.76 -25.71 23.30
CA ASN B 145 -23.71 -25.97 24.38
C ASN B 145 -25.16 -25.97 23.89
N GLN B 146 -25.48 -26.76 22.85
CA GLN B 146 -24.60 -27.69 22.15
C GLN B 146 -24.92 -27.65 20.66
N ASN B 147 -25.56 -26.57 20.23
CA ASN B 147 -26.09 -26.47 18.88
C ASN B 147 -24.97 -26.45 17.84
N THR B 148 -25.37 -26.51 16.57
CA THR B 148 -24.44 -26.52 15.45
C THR B 148 -24.19 -25.08 15.02
N SER B 149 -23.21 -24.45 15.66
CA SER B 149 -22.80 -23.09 15.32
C SER B 149 -21.29 -23.04 15.37
N TYR B 150 -20.66 -22.90 14.21
CA TYR B 150 -19.21 -22.96 14.10
C TYR B 150 -18.68 -21.67 13.50
N ARG B 151 -17.35 -21.55 13.49
CA ARG B 151 -16.67 -20.41 12.91
C ARG B 151 -15.27 -20.84 12.49
N LEU B 152 -14.62 -19.99 11.70
CA LEU B 152 -13.26 -20.29 11.26
C LEU B 152 -12.28 -20.17 12.43
N ILE B 153 -11.09 -20.74 12.24
CA ILE B 153 -10.10 -20.80 13.30
C ILE B 153 -9.13 -19.64 13.27
N ASN B 154 -9.14 -18.82 12.22
CA ASN B 154 -8.12 -17.80 12.06
C ASN B 154 -8.56 -16.43 12.56
N CYS B 155 -9.79 -16.00 12.28
CA CYS B 155 -10.16 -14.61 12.49
C CYS B 155 -10.47 -14.29 13.95
N ASN B 156 -10.09 -15.17 14.87
CA ASN B 156 -10.06 -14.81 16.28
C ASN B 156 -8.73 -14.15 16.66
N THR B 157 -7.65 -14.48 15.96
CA THR B 157 -6.34 -13.94 16.27
C THR B 157 -5.61 -13.31 15.09
N ALA B 158 -6.04 -13.52 13.86
CA ALA B 158 -5.30 -13.02 12.71
C ALA B 158 -6.28 -12.77 11.56
N ALA B 159 -5.74 -12.36 10.43
CA ALA B 159 -6.52 -12.11 9.22
C ALA B 159 -6.06 -13.06 8.12
N ILE B 160 -7.00 -13.42 7.25
CA ILE B 160 -6.76 -14.43 6.23
C ILE B 160 -6.68 -13.76 4.86
N THR B 161 -5.98 -14.41 3.94
CA THR B 161 -5.81 -13.92 2.58
C THR B 161 -5.80 -15.11 1.65
N GLN B 162 -6.68 -15.11 0.65
CA GLN B 162 -6.76 -16.21 -0.28
C GLN B 162 -5.46 -16.38 -1.05
N ALA B 163 -5.13 -17.63 -1.35
CA ALA B 163 -3.95 -17.91 -2.15
C ALA B 163 -4.29 -17.72 -3.62
N CYS B 164 -3.57 -16.81 -4.25
CA CYS B 164 -3.99 -16.28 -5.53
C CYS B 164 -3.95 -17.40 -6.58
N PRO B 165 -5.02 -17.62 -7.33
CA PRO B 165 -5.20 -18.89 -8.04
C PRO B 165 -4.37 -19.08 -9.30
N LYS B 166 -3.55 -18.11 -9.71
CA LYS B 166 -2.78 -18.25 -10.94
C LYS B 166 -1.35 -18.71 -10.71
N VAL B 167 -0.74 -18.31 -9.59
CA VAL B 167 0.64 -18.71 -9.33
C VAL B 167 0.70 -20.19 -8.96
N SER B 168 1.91 -20.75 -9.05
CA SER B 168 2.15 -22.15 -8.73
C SER B 168 3.14 -22.26 -7.59
N PHE B 169 3.06 -23.35 -6.85
CA PHE B 169 3.93 -23.59 -5.70
C PHE B 169 5.05 -24.58 -5.99
N GLU B 170 5.11 -25.14 -7.19
CA GLU B 170 6.13 -26.13 -7.52
C GLU B 170 7.51 -25.49 -7.52
N PRO B 171 8.47 -26.03 -6.77
CA PRO B 171 9.80 -25.41 -6.72
C PRO B 171 10.64 -25.77 -7.93
N ILE B 172 11.45 -24.82 -8.36
CA ILE B 172 12.36 -25.02 -9.49
C ILE B 172 13.77 -24.65 -9.04
N PRO B 173 14.79 -25.25 -9.66
CA PRO B 173 16.17 -25.02 -9.20
C PRO B 173 16.56 -23.56 -9.29
N ILE B 174 17.32 -23.10 -8.30
CA ILE B 174 17.74 -21.71 -8.19
C ILE B 174 19.22 -21.69 -7.83
N HIS B 175 20.03 -21.00 -8.64
CA HIS B 175 21.46 -20.89 -8.40
C HIS B 175 21.75 -19.57 -7.69
N TYR B 176 22.64 -19.61 -6.69
CA TYR B 176 23.04 -18.43 -5.94
C TYR B 176 24.45 -18.04 -6.36
N CYS B 177 24.57 -16.89 -7.03
CA CYS B 177 25.85 -16.44 -7.56
C CYS B 177 26.31 -15.17 -6.85
N ALA B 178 27.63 -15.08 -6.58
CA ALA B 178 28.41 -14.07 -5.89
C ALA B 178 28.80 -12.95 -6.85
N PRO B 179 28.92 -11.71 -6.36
CA PRO B 179 29.26 -10.59 -7.24
C PRO B 179 30.71 -10.63 -7.70
N ALA B 180 31.11 -9.63 -8.49
CA ALA B 180 32.48 -9.55 -8.95
C ALA B 180 33.39 -9.13 -7.81
N GLY B 181 34.49 -9.87 -7.62
CA GLY B 181 35.41 -9.63 -6.53
C GLY B 181 35.40 -10.71 -5.47
N PHE B 182 34.35 -11.52 -5.41
CA PHE B 182 34.22 -12.62 -4.47
C PHE B 182 34.35 -13.95 -5.20
N ALA B 183 34.37 -15.04 -4.43
CA ALA B 183 34.53 -16.37 -5.00
C ALA B 183 33.80 -17.38 -4.13
N ILE B 184 33.43 -18.50 -4.72
CA ILE B 184 32.73 -19.59 -4.05
C ILE B 184 33.60 -20.83 -4.11
N LEU B 185 33.93 -21.37 -2.94
CA LEU B 185 34.72 -22.58 -2.81
C LEU B 185 33.82 -23.77 -2.48
N LYS B 186 34.20 -24.93 -3.00
CA LYS B 186 33.41 -26.14 -2.91
C LYS B 186 34.31 -27.30 -2.52
N CYS B 187 33.93 -28.00 -1.46
CA CYS B 187 34.72 -29.13 -0.95
C CYS B 187 34.25 -30.41 -1.65
N LYS B 188 35.11 -30.96 -2.50
CA LYS B 188 34.80 -32.15 -3.26
C LYS B 188 35.22 -33.43 -2.56
N ASP B 189 35.38 -33.40 -1.24
CA ASP B 189 35.73 -34.61 -0.50
C ASP B 189 34.54 -35.57 -0.46
N LYS B 190 34.83 -36.82 -0.13
CA LYS B 190 33.79 -37.85 -0.06
C LYS B 190 33.47 -38.29 1.36
N LYS B 191 34.36 -38.08 2.32
CA LYS B 191 34.12 -38.43 3.71
C LYS B 191 33.98 -37.19 4.59
N PHE B 192 33.65 -36.04 4.00
CA PHE B 192 33.53 -34.80 4.75
C PHE B 192 32.32 -34.87 5.67
N ASN B 193 32.55 -34.76 6.97
CA ASN B 193 31.49 -34.85 7.96
C ASN B 193 30.95 -33.48 8.38
N GLY B 194 31.21 -32.44 7.58
CA GLY B 194 30.60 -31.15 7.84
C GLY B 194 31.54 -30.10 8.38
N THR B 195 32.42 -30.48 9.30
CA THR B 195 33.32 -29.54 9.96
C THR B 195 34.74 -30.07 9.91
N GLY B 196 35.68 -29.17 9.62
CA GLY B 196 37.09 -29.52 9.59
C GLY B 196 37.77 -29.06 8.32
N PRO B 197 39.02 -29.49 8.13
CA PRO B 197 39.74 -29.16 6.90
C PRO B 197 39.40 -30.12 5.77
N CYS B 198 39.19 -29.56 4.59
CA CYS B 198 38.86 -30.35 3.41
C CYS B 198 40.06 -30.40 2.48
N PRO B 199 40.60 -31.58 2.19
CA PRO B 199 41.80 -31.66 1.34
C PRO B 199 41.54 -31.22 -0.10
N SER B 200 40.51 -31.76 -0.73
CA SER B 200 40.22 -31.48 -2.14
C SER B 200 39.22 -30.32 -2.20
N VAL B 201 39.70 -29.14 -2.57
CA VAL B 201 38.89 -27.95 -2.70
C VAL B 201 38.91 -27.48 -4.15
N SER B 202 37.80 -26.89 -4.58
CA SER B 202 37.70 -26.31 -5.92
C SER B 202 37.00 -24.97 -5.81
N THR B 203 37.05 -24.21 -6.90
CA THR B 203 36.33 -22.94 -7.01
C THR B 203 35.30 -23.03 -8.12
N VAL B 204 34.19 -22.33 -7.94
CA VAL B 204 33.08 -22.40 -8.90
C VAL B 204 32.45 -21.02 -9.00
N GLN B 205 31.93 -20.71 -10.20
CA GLN B 205 31.21 -19.46 -10.40
C GLN B 205 30.06 -19.34 -9.40
N CYS B 206 29.17 -20.32 -9.38
CA CYS B 206 28.13 -20.38 -8.36
C CYS B 206 27.55 -21.79 -8.31
N THR B 207 26.70 -22.02 -7.32
CA THR B 207 26.24 -23.35 -6.95
C THR B 207 25.36 -23.95 -8.03
N HIS B 208 24.98 -25.21 -7.80
CA HIS B 208 24.09 -25.94 -8.71
C HIS B 208 22.65 -25.52 -8.45
N GLY B 209 21.70 -26.25 -9.04
CA GLY B 209 20.30 -25.95 -8.84
C GLY B 209 19.81 -26.47 -7.50
N ILE B 210 19.06 -25.64 -6.78
CA ILE B 210 18.52 -25.98 -5.47
C ILE B 210 17.02 -25.79 -5.51
N LYS B 211 16.27 -26.83 -5.13
CA LYS B 211 14.82 -26.77 -5.12
C LYS B 211 14.36 -26.48 -3.69
N PRO B 212 13.76 -25.32 -3.42
CA PRO B 212 13.32 -24.99 -2.05
C PRO B 212 12.04 -25.70 -1.64
N VAL B 213 12.18 -26.96 -1.23
CA VAL B 213 11.06 -27.76 -0.76
C VAL B 213 10.89 -27.53 0.73
N VAL B 214 9.64 -27.64 1.19
CA VAL B 214 9.29 -27.47 2.60
C VAL B 214 8.77 -28.80 3.12
N SER B 215 9.42 -29.32 4.15
CA SER B 215 9.04 -30.62 4.70
C SER B 215 9.52 -30.71 6.14
N THR B 216 8.91 -31.62 6.89
CA THR B 216 9.30 -31.91 8.26
C THR B 216 9.42 -33.41 8.44
N GLN B 217 10.42 -33.83 9.22
CA GLN B 217 10.74 -35.22 9.54
C GLN B 217 11.25 -36.01 8.34
N LEU B 218 11.28 -35.42 7.15
CA LEU B 218 11.74 -36.10 5.95
C LEU B 218 12.26 -35.04 4.98
N LEU B 219 13.23 -35.43 4.16
CA LEU B 219 13.82 -34.54 3.16
C LEU B 219 13.49 -35.10 1.78
N LEU B 220 12.64 -34.40 1.05
CA LEU B 220 12.15 -34.85 -0.24
C LEU B 220 12.95 -34.24 -1.37
N ASN B 221 13.24 -35.05 -2.40
CA ASN B 221 13.87 -34.58 -3.63
C ASN B 221 15.21 -33.90 -3.35
N GLY B 222 15.99 -34.50 -2.46
CA GLY B 222 17.28 -33.95 -2.07
C GLY B 222 18.41 -34.42 -2.97
N SER B 223 19.62 -34.37 -2.42
CA SER B 223 20.83 -34.79 -3.12
C SER B 223 21.43 -35.99 -2.40
N LEU B 224 21.60 -37.08 -3.14
CA LEU B 224 22.12 -38.31 -2.56
C LEU B 224 23.58 -38.16 -2.17
N ALA B 225 24.03 -39.01 -1.25
CA ALA B 225 25.42 -39.05 -0.84
C ALA B 225 26.17 -40.02 -1.75
N GLU B 226 27.41 -40.35 -1.38
CA GLU B 226 28.26 -41.22 -2.20
C GLU B 226 28.88 -42.29 -1.32
N GLU B 227 28.58 -43.55 -1.64
CA GLU B 227 29.26 -44.72 -1.08
C GLU B 227 29.01 -44.92 0.41
N GLU B 228 28.24 -44.04 1.05
CA GLU B 228 28.00 -44.15 2.48
C GLU B 228 26.88 -43.21 2.88
N VAL B 229 26.02 -43.67 3.79
CA VAL B 229 25.03 -42.80 4.43
C VAL B 229 25.73 -41.98 5.50
N MET B 230 25.50 -40.67 5.47
CA MET B 230 26.24 -39.75 6.32
C MET B 230 25.40 -39.31 7.51
N ILE B 231 26.06 -39.15 8.66
CA ILE B 231 25.43 -38.70 9.90
C ILE B 231 26.15 -37.44 10.34
N ARG B 232 25.42 -36.33 10.43
CA ARG B 232 26.01 -35.05 10.78
C ARG B 232 25.25 -34.43 11.97
N SER B 233 25.99 -33.68 12.78
CA SER B 233 25.44 -33.00 13.94
C SER B 233 26.48 -32.02 14.47
N GLU B 234 26.01 -31.02 15.20
CA GLU B 234 26.94 -30.05 15.79
C GLU B 234 27.80 -30.70 16.87
N ASP B 235 27.17 -31.49 17.75
CA ASP B 235 27.90 -32.29 18.73
C ASP B 235 27.00 -33.47 19.09
N ILE B 236 27.38 -34.67 18.63
CA ILE B 236 26.50 -35.82 18.75
C ILE B 236 26.29 -36.25 20.19
N ARG B 237 27.11 -35.76 21.12
CA ARG B 237 26.93 -36.11 22.52
C ARG B 237 25.82 -35.29 23.17
N ASN B 238 25.50 -34.14 22.56
CA ASN B 238 24.45 -33.26 23.06
C ASN B 238 23.10 -33.71 22.52
N ASN B 239 22.06 -33.58 23.35
CA ASN B 239 20.73 -34.00 22.94
C ASN B 239 19.93 -32.84 22.36
N ALA B 240 20.28 -31.61 22.73
CA ALA B 240 19.51 -30.46 22.28
C ALA B 240 19.61 -30.28 20.77
N LYS B 241 20.76 -30.59 20.19
CA LYS B 241 20.96 -30.42 18.75
C LYS B 241 20.35 -31.60 17.98
N ASN B 242 19.91 -31.33 16.76
CA ASN B 242 19.29 -32.34 15.93
C ASN B 242 20.37 -33.21 15.28
N ILE B 243 19.95 -34.18 14.47
CA ILE B 243 20.87 -35.08 13.78
C ILE B 243 20.40 -35.22 12.35
N LEU B 244 21.24 -34.82 11.39
CA LEU B 244 20.92 -34.94 9.98
C LEU B 244 21.45 -36.26 9.45
N VAL B 245 20.59 -37.00 8.75
CA VAL B 245 20.97 -38.28 8.14
C VAL B 245 20.77 -38.15 6.64
N GLN B 246 21.82 -38.45 5.88
CA GLN B 246 21.78 -38.36 4.42
C GLN B 246 21.94 -39.75 3.83
N PHE B 247 20.95 -40.17 3.05
CA PHE B 247 20.97 -41.47 2.42
C PHE B 247 21.87 -41.47 1.18
N ASN B 248 22.22 -42.66 0.72
CA ASN B 248 22.97 -42.84 -0.51
C ASN B 248 22.13 -43.42 -1.64
N THR B 249 21.01 -44.06 -1.34
CA THR B 249 20.09 -44.58 -2.32
C THR B 249 18.69 -44.03 -2.06
N PRO B 250 17.97 -43.61 -3.10
CA PRO B 250 16.66 -43.00 -2.89
C PRO B 250 15.60 -44.03 -2.56
N VAL B 251 14.70 -43.65 -1.66
CA VAL B 251 13.54 -44.47 -1.29
C VAL B 251 12.30 -43.78 -1.81
N GLN B 252 11.52 -44.49 -2.62
CA GLN B 252 10.37 -43.91 -3.28
C GLN B 252 9.17 -43.84 -2.33
N ILE B 253 8.27 -42.90 -2.61
CA ILE B 253 7.04 -42.73 -1.83
C ILE B 253 5.96 -42.21 -2.76
N ASN B 254 4.77 -42.80 -2.69
CA ASN B 254 3.67 -42.46 -3.58
C ASN B 254 2.51 -41.91 -2.76
N CYS B 255 2.20 -40.63 -2.94
CA CYS B 255 1.12 -40.00 -2.19
C CYS B 255 -0.05 -39.69 -3.12
N THR B 256 -1.26 -39.85 -2.60
CA THR B 256 -2.44 -39.65 -3.43
C THR B 256 -3.62 -39.17 -2.60
N ARG B 257 -4.51 -38.44 -3.26
CA ARG B 257 -5.78 -37.99 -2.69
C ARG B 257 -6.89 -38.46 -3.60
N PRO B 258 -7.62 -39.52 -3.23
CA PRO B 258 -8.51 -40.18 -4.19
C PRO B 258 -9.81 -39.44 -4.46
N ASN B 259 -10.15 -38.38 -3.72
CA ASN B 259 -11.41 -37.71 -3.93
C ASN B 259 -11.41 -36.95 -5.25
N ASN B 260 -12.60 -36.53 -5.68
CA ASN B 260 -12.80 -35.77 -6.91
C ASN B 260 -13.52 -34.48 -6.52
N ASN B 261 -12.75 -33.46 -6.18
CA ASN B 261 -13.32 -32.20 -5.72
C ASN B 261 -13.91 -31.41 -6.89
N THR B 262 -14.71 -30.41 -6.54
CA THR B 262 -15.33 -29.52 -7.52
C THR B 262 -15.24 -28.09 -6.98
N ARG B 263 -14.65 -27.20 -7.78
CA ARG B 263 -14.45 -25.82 -7.37
C ARG B 263 -15.63 -24.97 -7.84
N LYS B 264 -16.18 -24.17 -6.93
CA LYS B 264 -17.25 -23.25 -7.25
C LYS B 264 -16.82 -21.82 -6.92
N SER B 265 -17.28 -20.87 -7.75
CA SER B 265 -16.90 -19.47 -7.62
C SER B 265 -18.12 -18.66 -7.21
N ILE B 266 -17.97 -17.88 -6.14
CA ILE B 266 -19.02 -16.99 -5.67
C ILE B 266 -18.44 -15.61 -5.42
N ARG B 267 -19.17 -14.57 -5.81
CA ARG B 267 -18.69 -13.21 -5.69
C ARG B 267 -18.89 -12.68 -4.28
N ILE B 268 -17.91 -11.92 -3.80
CA ILE B 268 -17.96 -11.29 -2.49
C ILE B 268 -17.88 -9.78 -2.56
N GLY B 269 -17.79 -9.22 -3.76
CA GLY B 269 -17.68 -7.78 -3.93
C GLY B 269 -17.48 -7.43 -5.38
N PRO B 270 -17.29 -6.14 -5.68
CA PRO B 270 -17.08 -5.72 -7.07
C PRO B 270 -15.72 -6.15 -7.60
N GLY B 271 -15.71 -7.15 -8.47
CA GLY B 271 -14.49 -7.66 -9.06
C GLY B 271 -13.84 -8.79 -8.28
N GLN B 272 -14.20 -8.99 -7.02
CA GLN B 272 -13.60 -10.05 -6.22
C GLN B 272 -14.28 -11.38 -6.51
N TRP B 273 -13.61 -12.46 -6.09
CA TRP B 273 -14.12 -13.80 -6.28
C TRP B 273 -13.68 -14.67 -5.10
N PHE B 274 -14.44 -15.73 -4.86
CA PHE B 274 -14.14 -16.67 -3.78
C PHE B 274 -14.36 -18.08 -4.29
N TYR B 275 -13.33 -18.92 -4.20
CA TYR B 275 -13.37 -20.28 -4.72
C TYR B 275 -13.50 -21.25 -3.55
N ALA B 276 -14.64 -21.91 -3.47
CA ALA B 276 -14.92 -22.88 -2.42
C ALA B 276 -15.07 -24.27 -3.03
N THR B 277 -15.18 -25.27 -2.16
CA THR B 277 -15.24 -26.66 -2.56
C THR B 277 -16.69 -27.10 -2.66
N GLY B 278 -17.11 -27.52 -3.85
CA GLY B 278 -18.43 -28.07 -4.05
C GLY B 278 -18.51 -29.52 -3.60
N ASP B 279 -19.62 -30.16 -3.96
CA ASP B 279 -19.83 -31.55 -3.60
C ASP B 279 -18.85 -32.45 -4.32
N ILE B 280 -18.62 -33.62 -3.74
CA ILE B 280 -17.70 -34.60 -4.30
C ILE B 280 -18.45 -35.49 -5.29
N ILE B 281 -17.94 -35.57 -6.51
CA ILE B 281 -18.54 -36.39 -7.57
C ILE B 281 -17.92 -37.77 -7.48
N GLY B 282 -18.61 -38.70 -6.82
CA GLY B 282 -18.10 -40.04 -6.66
C GLY B 282 -18.30 -40.57 -5.25
N ASP B 283 -17.35 -41.36 -4.76
CA ASP B 283 -17.40 -41.89 -3.41
C ASP B 283 -16.31 -41.25 -2.55
N ILE B 284 -16.55 -41.24 -1.24
CA ILE B 284 -15.67 -40.56 -0.29
C ILE B 284 -14.57 -41.53 0.12
N ARG B 285 -13.32 -41.12 -0.10
CA ARG B 285 -12.17 -41.92 0.33
C ARG B 285 -11.21 -41.05 1.13
N GLN B 286 -10.02 -41.58 1.44
CA GLN B 286 -9.06 -40.91 2.29
C GLN B 286 -7.71 -40.85 1.60
N ALA B 287 -7.06 -39.68 1.67
CA ALA B 287 -5.72 -39.54 1.10
C ALA B 287 -4.72 -40.34 1.92
N HIS B 288 -3.67 -40.80 1.25
CA HIS B 288 -2.68 -41.65 1.92
C HIS B 288 -1.37 -41.62 1.15
N CYS B 289 -0.38 -42.32 1.70
CA CYS B 289 0.94 -42.43 1.08
C CYS B 289 1.49 -43.83 1.29
N ASN B 290 2.03 -44.41 0.23
CA ASN B 290 2.61 -45.75 0.26
C ASN B 290 4.13 -45.68 0.20
N VAL B 291 4.78 -46.48 1.03
CA VAL B 291 6.22 -46.64 1.04
C VAL B 291 6.54 -48.13 1.10
N SER B 292 7.51 -48.56 0.29
CA SER B 292 7.90 -49.96 0.28
C SER B 292 8.45 -50.37 1.65
N LYS B 293 8.51 -51.69 1.86
CA LYS B 293 8.89 -52.23 3.16
C LYS B 293 10.31 -52.78 3.20
N ALA B 294 10.70 -53.57 2.20
CA ALA B 294 12.05 -54.12 2.17
C ALA B 294 13.09 -53.01 2.05
N THR B 295 12.84 -52.05 1.16
CA THR B 295 13.78 -50.93 1.00
C THR B 295 13.91 -50.13 2.29
N TRP B 296 12.79 -49.90 2.98
CA TRP B 296 12.84 -49.15 4.23
C TRP B 296 13.64 -49.90 5.30
N ASN B 297 13.45 -51.22 5.39
CA ASN B 297 14.20 -52.00 6.36
C ASN B 297 15.69 -51.99 6.05
N GLU B 298 16.05 -52.13 4.77
CA GLU B 298 17.45 -52.08 4.38
C GLU B 298 18.07 -50.73 4.70
N THR B 299 17.33 -49.65 4.43
CA THR B 299 17.85 -48.31 4.72
C THR B 299 18.01 -48.09 6.22
N LEU B 300 17.06 -48.60 7.03
CA LEU B 300 17.20 -48.48 8.48
C LEU B 300 18.40 -49.26 8.99
N GLY B 301 18.67 -50.43 8.39
CA GLY B 301 19.86 -51.17 8.76
C GLY B 301 21.13 -50.42 8.42
N LYS B 302 21.19 -49.85 7.21
CA LYS B 302 22.33 -49.04 6.82
C LYS B 302 22.52 -47.86 7.76
N VAL B 303 21.42 -47.27 8.23
CA VAL B 303 21.51 -46.13 9.12
C VAL B 303 22.05 -46.55 10.49
N VAL B 304 21.51 -47.64 11.04
CA VAL B 304 21.94 -48.07 12.36
C VAL B 304 23.38 -48.56 12.34
N LYS B 305 23.85 -49.06 11.19
CA LYS B 305 25.25 -49.47 11.08
C LYS B 305 26.19 -48.32 11.39
N GLN B 306 25.94 -47.15 10.79
CA GLN B 306 26.77 -45.99 11.06
C GLN B 306 26.42 -45.32 12.38
N LEU B 307 25.18 -45.48 12.86
CA LEU B 307 24.83 -44.93 14.16
C LEU B 307 25.56 -45.63 15.29
N ARG B 308 25.86 -46.91 15.12
CA ARG B 308 26.58 -47.64 16.16
C ARG B 308 28.04 -47.20 16.28
N LYS B 309 28.57 -46.47 15.30
CA LYS B 309 29.97 -46.06 15.35
C LYS B 309 30.21 -44.96 16.37
N HIS B 310 29.19 -44.14 16.65
CA HIS B 310 29.36 -43.01 17.56
C HIS B 310 29.00 -43.34 18.99
N PHE B 311 28.19 -44.37 19.22
CA PHE B 311 27.69 -44.68 20.56
C PHE B 311 28.22 -46.00 21.11
N GLY B 312 28.98 -46.75 20.33
CA GLY B 312 29.51 -48.02 20.81
C GLY B 312 29.07 -49.20 19.99
N ASN B 313 29.91 -50.24 19.93
CA ASN B 313 29.63 -51.40 19.09
C ASN B 313 28.57 -52.32 19.66
N ASN B 314 28.24 -52.21 20.95
CA ASN B 314 27.21 -53.04 21.58
C ASN B 314 26.22 -52.12 22.28
N THR B 315 25.27 -51.59 21.52
CA THR B 315 24.23 -50.71 22.05
C THR B 315 22.92 -51.03 21.35
N ILE B 316 21.82 -50.89 22.08
CA ILE B 316 20.49 -51.12 21.54
C ILE B 316 19.98 -49.80 20.97
N ILE B 317 19.46 -49.86 19.75
CA ILE B 317 18.97 -48.67 19.04
C ILE B 317 17.49 -48.84 18.79
N ARG B 318 16.68 -47.97 19.38
CA ARG B 318 15.23 -47.99 19.24
C ARG B 318 14.75 -46.82 18.40
N PHE B 319 13.56 -46.99 17.82
CA PHE B 319 12.92 -45.96 17.02
C PHE B 319 11.48 -45.80 17.49
N ALA B 320 11.12 -44.59 17.90
CA ALA B 320 9.78 -44.30 18.38
C ALA B 320 9.22 -43.10 17.62
N ASN B 321 7.91 -42.91 17.73
CA ASN B 321 7.26 -41.80 17.04
C ASN B 321 7.50 -40.49 17.80
N SER B 322 6.85 -39.42 17.33
CA SER B 322 7.03 -38.12 17.93
C SER B 322 6.49 -38.08 19.36
N SER B 323 6.92 -37.07 20.11
CA SER B 323 6.50 -36.91 21.50
C SER B 323 5.23 -36.07 21.61
N GLY B 324 5.29 -34.84 21.12
CA GLY B 324 4.13 -33.97 21.20
C GLY B 324 4.39 -32.67 20.46
N GLY B 325 3.35 -31.84 20.40
CA GLY B 325 3.40 -30.55 19.76
C GLY B 325 2.21 -30.36 18.85
N ASP B 326 2.19 -29.22 18.16
CA ASP B 326 1.12 -28.91 17.23
C ASP B 326 1.23 -29.79 15.98
N LEU B 327 0.30 -29.60 15.05
CA LEU B 327 0.24 -30.44 13.85
C LEU B 327 1.18 -29.93 12.77
N GLU B 328 2.42 -29.65 13.14
CA GLU B 328 3.49 -29.39 12.17
C GLU B 328 4.80 -30.06 12.51
N VAL B 329 4.98 -30.55 13.74
CA VAL B 329 6.20 -31.25 14.13
C VAL B 329 5.94 -32.68 14.55
N THR B 330 4.69 -33.05 14.83
CA THR B 330 4.35 -34.42 15.18
C THR B 330 4.01 -35.27 13.96
N THR B 331 3.87 -34.66 12.78
CA THR B 331 3.53 -35.37 11.56
C THR B 331 4.51 -34.95 10.47
N HIS B 332 4.40 -35.61 9.33
CA HIS B 332 5.16 -35.27 8.13
C HIS B 332 4.29 -34.37 7.27
N SER B 333 4.60 -33.08 7.26
CA SER B 333 3.80 -32.08 6.55
C SER B 333 4.53 -31.66 5.29
N PHE B 334 3.82 -31.67 4.16
CA PHE B 334 4.42 -31.28 2.90
C PHE B 334 3.35 -30.77 1.96
N ASN B 335 3.75 -30.46 0.74
CA ASN B 335 2.87 -29.90 -0.28
C ASN B 335 3.01 -30.69 -1.57
N CYS B 336 1.88 -31.02 -2.19
CA CYS B 336 1.87 -31.82 -3.41
C CYS B 336 0.76 -31.30 -4.32
N GLY B 337 1.13 -30.90 -5.54
CA GLY B 337 0.18 -30.46 -6.53
C GLY B 337 -0.64 -29.25 -6.15
N GLY B 338 -0.27 -28.60 -5.05
CA GLY B 338 -1.01 -27.46 -4.55
C GLY B 338 -1.82 -27.71 -3.29
N GLU B 339 -1.86 -28.96 -2.82
CA GLU B 339 -2.56 -29.30 -1.59
C GLU B 339 -1.57 -29.65 -0.50
N PHE B 340 -1.91 -29.32 0.74
CA PHE B 340 -1.02 -29.48 1.88
C PHE B 340 -1.40 -30.73 2.65
N PHE B 341 -0.50 -31.71 2.67
CA PHE B 341 -0.70 -32.98 3.33
C PHE B 341 -0.03 -33.00 4.70
N TYR B 342 -0.66 -33.68 5.65
CA TYR B 342 -0.09 -33.95 6.96
C TYR B 342 -0.24 -35.45 7.21
N CYS B 343 0.83 -36.21 7.02
CA CYS B 343 0.77 -37.67 7.12
C CYS B 343 1.32 -38.13 8.47
N ASP B 344 0.73 -39.17 9.02
CA ASP B 344 1.14 -39.73 10.29
C ASP B 344 2.22 -40.79 10.04
N THR B 345 3.42 -40.55 10.54
CA THR B 345 4.57 -41.44 10.34
C THR B 345 4.83 -42.33 11.54
N SER B 346 3.79 -42.77 12.24
CA SER B 346 3.96 -43.66 13.37
C SER B 346 4.21 -45.10 12.97
N GLY B 347 4.16 -45.41 11.67
CA GLY B 347 4.42 -46.74 11.17
C GLY B 347 5.79 -46.96 10.60
N LEU B 348 6.65 -45.94 10.58
CA LEU B 348 8.01 -46.05 10.08
C LEU B 348 9.03 -46.21 11.20
N PHE B 349 8.91 -45.39 12.25
CA PHE B 349 9.83 -45.47 13.39
C PHE B 349 9.18 -46.30 14.51
N ASN B 350 9.08 -47.60 14.23
CA ASN B 350 8.43 -48.55 15.13
C ASN B 350 9.23 -49.84 15.21
N SER B 351 10.55 -49.72 15.36
CA SER B 351 11.42 -50.89 15.36
C SER B 351 12.44 -50.78 16.49
N THR B 352 13.16 -51.88 16.71
CA THR B 352 14.26 -51.91 17.66
C THR B 352 15.34 -52.83 17.10
N TRP B 353 16.59 -52.49 17.37
CA TRP B 353 17.73 -53.22 16.83
C TRP B 353 18.72 -53.54 17.94
N ILE B 354 19.25 -54.77 17.91
CA ILE B 354 20.19 -55.23 18.93
C ILE B 354 21.16 -56.19 18.26
N SER B 355 22.39 -56.23 18.77
CA SER B 355 23.45 -57.09 18.25
C SER B 355 23.73 -56.81 16.77
N ASN B 356 5.17 -55.40 -3.26
CA ASN B 356 4.59 -56.34 -2.30
C ASN B 356 4.79 -55.84 -0.86
N ASP B 357 3.76 -56.04 -0.04
CA ASP B 357 3.79 -55.66 1.38
C ASP B 357 4.13 -54.17 1.53
N SER B 358 3.25 -53.33 1.02
CA SER B 358 3.45 -51.89 1.12
C SER B 358 3.01 -51.38 2.48
N ILE B 359 3.71 -50.36 2.96
CA ILE B 359 3.37 -49.66 4.19
C ILE B 359 2.51 -48.45 3.82
N THR B 360 1.33 -48.37 4.41
CA THR B 360 0.37 -47.31 4.12
C THR B 360 0.30 -46.34 5.30
N LEU B 361 0.40 -45.05 5.00
CA LEU B 361 0.32 -44.00 6.00
C LEU B 361 -0.87 -43.10 5.69
N PRO B 362 -1.80 -42.93 6.63
CA PRO B 362 -2.95 -42.06 6.38
C PRO B 362 -2.60 -40.60 6.62
N CYS B 363 -3.13 -39.73 5.76
CA CYS B 363 -2.83 -38.31 5.82
C CYS B 363 -4.12 -37.50 5.93
N ARG B 364 -3.98 -36.30 6.47
CA ARG B 364 -5.07 -35.34 6.56
C ARG B 364 -4.72 -34.11 5.74
N ILE B 365 -5.72 -33.28 5.48
CA ILE B 365 -5.57 -32.12 4.60
C ILE B 365 -6.15 -30.90 5.30
N LYS B 366 -5.48 -29.76 5.15
CA LYS B 366 -5.95 -28.49 5.66
C LYS B 366 -6.06 -27.48 4.53
N GLN B 367 -6.65 -26.33 4.83
CA GLN B 367 -6.77 -25.24 3.87
C GLN B 367 -6.41 -23.88 4.43
N ILE B 368 -6.31 -23.73 5.75
CA ILE B 368 -5.89 -22.49 6.38
C ILE B 368 -4.58 -22.78 7.11
N ILE B 369 -3.47 -22.32 6.54
CA ILE B 369 -2.15 -22.71 7.01
C ILE B 369 -1.41 -21.49 7.55
N ASN B 370 -0.38 -21.76 8.36
CA ASN B 370 0.50 -20.74 8.92
C ASN B 370 1.93 -21.14 8.59
N MET B 371 2.57 -20.41 7.69
CA MET B 371 3.90 -20.76 7.24
C MET B 371 4.96 -19.98 8.00
N TRP B 372 6.17 -20.54 8.02
CA TRP B 372 7.36 -19.89 8.58
C TRP B 372 7.21 -19.58 10.07
N GLN B 373 6.40 -20.37 10.78
CA GLN B 373 6.24 -20.26 12.23
C GLN B 373 5.86 -18.85 12.66
N ARG B 374 5.10 -18.14 11.84
CA ARG B 374 4.69 -16.78 12.14
C ARG B 374 3.26 -16.77 12.68
N ILE B 375 2.95 -15.70 13.42
CA ILE B 375 1.64 -15.52 14.03
C ILE B 375 1.13 -14.13 13.66
N GLY B 376 -0.12 -14.07 13.18
CA GLY B 376 -0.72 -12.82 12.78
C GLY B 376 -1.09 -12.72 11.31
N GLN B 377 -0.86 -13.75 10.52
CA GLN B 377 -1.18 -13.71 9.09
C GLN B 377 -1.31 -15.13 8.59
N ALA B 378 -2.49 -15.47 8.06
CA ALA B 378 -2.78 -16.81 7.56
C ALA B 378 -2.95 -16.77 6.05
N MET B 379 -3.21 -17.95 5.46
CA MET B 379 -3.39 -18.08 4.03
C MET B 379 -4.43 -19.17 3.76
N TYR B 380 -5.30 -18.91 2.80
CA TYR B 380 -6.32 -19.86 2.38
C TYR B 380 -5.99 -20.35 0.97
N ALA B 381 -5.78 -21.65 0.83
CA ALA B 381 -5.43 -22.24 -0.45
C ALA B 381 -6.66 -22.80 -1.12
N PRO B 382 -7.06 -22.32 -2.29
CA PRO B 382 -8.28 -22.80 -2.94
C PRO B 382 -8.16 -24.26 -3.33
N PRO B 383 -9.26 -24.96 -3.55
CA PRO B 383 -9.19 -26.39 -3.84
C PRO B 383 -8.72 -26.66 -5.26
N ILE B 384 -7.87 -27.67 -5.40
CA ILE B 384 -7.43 -28.13 -6.71
C ILE B 384 -8.49 -29.03 -7.31
N GLN B 385 -8.85 -28.79 -8.57
CA GLN B 385 -9.91 -29.54 -9.22
C GLN B 385 -9.36 -30.85 -9.79
N GLY B 386 -10.04 -31.95 -9.49
CA GLY B 386 -9.63 -33.26 -9.98
C GLY B 386 -9.05 -34.14 -8.91
N VAL B 387 -8.16 -35.05 -9.29
CA VAL B 387 -7.47 -35.92 -8.36
C VAL B 387 -6.00 -35.50 -8.30
N ILE B 388 -5.29 -36.00 -7.29
CA ILE B 388 -3.89 -35.65 -7.06
C ILE B 388 -3.11 -36.91 -6.76
N ARG B 389 -1.98 -37.08 -7.46
CA ARG B 389 -1.13 -38.25 -7.32
C ARG B 389 0.30 -37.84 -7.61
N CYS B 390 1.18 -37.95 -6.63
CA CYS B 390 2.58 -37.54 -6.81
C CYS B 390 3.51 -38.60 -6.28
N VAL B 391 4.74 -38.60 -6.82
CA VAL B 391 5.78 -39.56 -6.49
C VAL B 391 7.02 -38.77 -6.08
N SER B 392 7.62 -39.15 -4.94
CA SER B 392 8.76 -38.42 -4.41
C SER B 392 9.82 -39.41 -3.94
N ASN B 393 11.00 -38.88 -3.64
CA ASN B 393 12.13 -39.65 -3.12
C ASN B 393 12.58 -39.04 -1.81
N ILE B 394 12.62 -39.85 -0.76
CA ILE B 394 13.10 -39.39 0.55
C ILE B 394 14.60 -39.66 0.62
N THR B 395 15.37 -38.63 0.95
CA THR B 395 16.83 -38.69 0.94
C THR B 395 17.40 -38.07 2.20
N GLY B 396 16.86 -38.42 3.35
CA GLY B 396 17.40 -37.94 4.61
C GLY B 396 16.37 -37.96 5.72
N LEU B 397 16.87 -37.84 6.95
CA LEU B 397 16.04 -37.80 8.14
C LEU B 397 16.56 -36.73 9.09
N ILE B 398 15.67 -36.22 9.92
CA ILE B 398 16.02 -35.24 10.95
C ILE B 398 15.65 -35.87 12.28
N LEU B 399 16.61 -36.53 12.93
CA LEU B 399 16.35 -37.28 14.15
C LEU B 399 16.74 -36.47 15.38
N THR B 400 16.29 -36.93 16.54
CA THR B 400 16.58 -36.31 17.82
C THR B 400 16.74 -37.40 18.86
N ARG B 401 17.82 -37.33 19.63
CA ARG B 401 18.05 -38.29 20.70
C ARG B 401 17.19 -37.95 21.91
N ASP B 402 16.83 -38.98 22.67
CA ASP B 402 15.94 -38.79 23.81
C ASP B 402 16.62 -38.02 24.94
N GLY B 403 17.71 -38.57 25.47
CA GLY B 403 18.42 -37.94 26.56
C GLY B 403 17.87 -38.33 27.91
N GLY B 404 18.39 -37.66 28.94
CA GLY B 404 18.01 -37.94 30.31
C GLY B 404 18.77 -39.11 30.89
N SER B 405 18.31 -39.53 32.07
CA SER B 405 18.92 -40.68 32.74
C SER B 405 18.74 -41.93 31.90
N THR B 406 19.85 -42.62 31.64
CA THR B 406 19.82 -43.79 30.78
C THR B 406 20.74 -44.87 31.36
N ASP B 407 20.42 -46.13 31.05
CA ASP B 407 21.26 -47.23 31.48
C ASP B 407 22.53 -47.36 30.64
N SER B 408 22.76 -46.43 29.71
CA SER B 408 23.95 -46.34 28.87
C SER B 408 24.07 -47.51 27.89
N THR B 409 23.04 -48.33 27.76
CA THR B 409 23.07 -49.45 26.82
C THR B 409 22.06 -49.34 25.69
N THR B 410 21.00 -48.55 25.86
CA THR B 410 19.99 -48.38 24.84
C THR B 410 19.82 -46.90 24.53
N GLU B 411 19.41 -46.62 23.29
CA GLU B 411 19.21 -45.25 22.83
C GLU B 411 18.00 -45.21 21.93
N THR B 412 17.13 -44.22 22.14
CA THR B 412 15.92 -44.06 21.34
C THR B 412 16.02 -42.75 20.55
N PHE B 413 15.84 -42.85 19.24
CA PHE B 413 15.89 -41.70 18.34
C PHE B 413 14.50 -41.47 17.77
N ARG B 414 13.97 -40.28 17.96
CA ARG B 414 12.64 -39.96 17.45
C ARG B 414 12.72 -38.83 16.43
N PRO B 415 11.82 -38.81 15.45
CA PRO B 415 11.87 -37.75 14.44
C PRO B 415 11.45 -36.41 15.02
N SER B 416 11.85 -35.34 14.32
CA SER B 416 11.52 -33.98 14.73
C SER B 416 11.72 -33.05 13.56
N GLY B 417 11.46 -31.77 13.79
CA GLY B 417 11.63 -30.77 12.73
C GLY B 417 10.91 -29.49 13.08
N GLY B 418 10.61 -28.70 12.05
CA GLY B 418 9.88 -27.47 12.21
C GLY B 418 10.71 -26.21 12.25
N ASP B 419 12.04 -26.31 12.10
CA ASP B 419 12.89 -25.13 12.09
C ASP B 419 12.97 -24.49 10.71
N MET B 420 12.77 -25.27 9.65
CA MET B 420 12.71 -24.84 8.25
C MET B 420 14.03 -24.35 7.70
N ARG B 421 15.09 -24.28 8.51
CA ARG B 421 16.41 -23.95 8.00
C ARG B 421 17.33 -25.15 7.91
N ASP B 422 17.03 -26.23 8.64
CA ASP B 422 17.79 -27.46 8.48
C ASP B 422 17.47 -28.18 7.17
N ASN B 423 16.38 -27.79 6.51
CA ASN B 423 16.04 -28.40 5.23
C ASN B 423 16.97 -27.93 4.13
N TRP B 424 17.37 -26.66 4.16
CA TRP B 424 18.31 -26.12 3.19
C TRP B 424 19.76 -26.26 3.64
N ARG B 425 20.00 -26.46 4.93
CA ARG B 425 21.36 -26.66 5.42
C ARG B 425 21.97 -27.95 4.89
N SER B 426 21.14 -28.94 4.54
CA SER B 426 21.65 -30.17 3.97
C SER B 426 22.11 -30.01 2.52
N GLU B 427 21.84 -28.86 1.91
CA GLU B 427 22.27 -28.59 0.54
C GLU B 427 23.38 -27.56 0.44
N LEU B 428 23.61 -26.77 1.49
CA LEU B 428 24.62 -25.72 1.50
C LEU B 428 25.72 -26.02 2.51
N TYR B 429 26.14 -27.28 2.58
CA TYR B 429 27.23 -27.69 3.46
C TYR B 429 28.56 -27.80 2.73
N LYS B 430 28.57 -27.77 1.41
CA LYS B 430 29.77 -27.91 0.60
C LYS B 430 30.07 -26.64 -0.19
N TYR B 431 29.78 -25.48 0.40
CA TYR B 431 30.03 -24.20 -0.25
C TYR B 431 30.55 -23.21 0.77
N LYS B 432 31.29 -22.21 0.28
CA LYS B 432 31.87 -21.20 1.15
C LYS B 432 32.16 -19.94 0.35
N VAL B 433 31.65 -18.81 0.82
CA VAL B 433 31.90 -17.52 0.16
C VAL B 433 33.18 -16.93 0.72
N VAL B 434 33.95 -16.27 -0.15
CA VAL B 434 35.25 -15.74 0.24
C VAL B 434 35.54 -14.50 -0.60
N LYS B 435 36.32 -13.57 -0.03
CA LYS B 435 36.67 -12.33 -0.72
C LYS B 435 38.14 -12.37 -1.14
N ILE B 436 38.44 -11.63 -2.20
CA ILE B 436 39.77 -11.64 -2.83
C ILE B 436 40.51 -10.36 -2.44
N GLU B 437 41.76 -10.52 -2.01
CA GLU B 437 42.65 -9.40 -1.68
C GLU B 437 43.86 -9.48 -2.61
N PRO B 438 43.85 -8.75 -3.73
CA PRO B 438 44.89 -8.91 -4.74
C PRO B 438 46.16 -8.10 -4.52
N LEU B 439 46.35 -7.52 -3.33
CA LEU B 439 47.54 -6.71 -3.06
C LEU B 439 48.47 -7.43 -2.10
N GLY B 440 49.77 -7.28 -2.32
CA GLY B 440 50.76 -7.91 -1.48
C GLY B 440 52.14 -7.35 -1.73
N VAL B 441 53.00 -7.50 -0.74
CA VAL B 441 54.37 -7.00 -0.79
C VAL B 441 55.33 -8.14 -0.53
N ALA B 442 56.53 -8.02 -1.08
CA ALA B 442 57.57 -9.03 -0.92
C ALA B 442 58.94 -8.42 -1.20
N PRO B 443 59.96 -8.78 -0.42
CA PRO B 443 61.29 -8.20 -0.63
C PRO B 443 62.07 -8.92 -1.72
N THR B 444 62.70 -8.12 -2.58
CA THR B 444 63.61 -8.65 -3.59
C THR B 444 64.63 -7.57 -3.91
N ARG B 445 65.54 -7.87 -4.83
CA ARG B 445 66.64 -6.96 -5.16
C ARG B 445 66.17 -6.00 -6.26
N CYS B 446 65.57 -4.90 -5.84
CA CYS B 446 65.14 -3.84 -6.74
C CYS B 446 65.75 -2.51 -6.32
N LYS B 447 66.28 -1.77 -7.29
CA LYS B 447 66.76 -0.41 -7.12
C LYS B 447 66.12 0.41 -8.24
N ARG B 448 64.97 1.02 -7.94
CA ARG B 448 64.27 1.81 -8.95
C ARG B 448 65.13 2.97 -9.41
N ARG B 449 65.34 3.04 -10.72
CA ARG B 449 66.19 4.08 -11.31
C ARG B 449 65.55 5.43 -11.13
N VAL B 450 66.12 6.26 -10.24
CA VAL B 450 65.56 7.59 -9.98
C VAL B 450 65.82 8.58 -11.09
N VAL B 451 66.61 8.20 -12.11
CA VAL B 451 66.90 9.09 -13.23
C VAL B 451 65.66 9.26 -14.10
N GLU C 1 58.71 -5.53 -45.32
CA GLU C 1 57.69 -4.78 -44.60
C GLU C 1 57.28 -5.50 -43.33
N ASN C 2 57.30 -4.77 -42.21
CA ASN C 2 56.97 -5.31 -40.89
C ASN C 2 55.95 -4.40 -40.21
N LEU C 3 54.67 -4.64 -40.49
CA LEU C 3 53.60 -3.86 -39.91
C LEU C 3 53.21 -4.44 -38.55
N TRP C 4 53.04 -3.56 -37.56
CA TRP C 4 52.65 -3.95 -36.23
C TRP C 4 51.34 -3.26 -35.86
N VAL C 5 50.57 -3.89 -34.96
CA VAL C 5 49.23 -3.40 -34.67
C VAL C 5 49.32 -2.19 -33.74
N THR C 6 48.21 -1.45 -33.66
CA THR C 6 48.08 -0.28 -32.81
C THR C 6 46.76 -0.35 -32.05
N VAL C 7 46.55 0.63 -31.17
CA VAL C 7 45.29 0.77 -30.46
C VAL C 7 44.92 2.24 -30.44
N TYR C 8 43.64 2.53 -30.68
CA TYR C 8 43.12 3.89 -30.66
C TYR C 8 41.96 3.97 -29.68
N TYR C 9 41.83 5.10 -29.01
CA TYR C 9 40.76 5.34 -28.05
C TYR C 9 40.04 6.63 -28.45
N GLY C 10 38.81 6.49 -28.94
CA GLY C 10 38.06 7.63 -29.42
C GLY C 10 37.60 7.43 -30.85
N VAL C 11 37.55 6.19 -31.29
CA VAL C 11 37.19 5.88 -32.68
C VAL C 11 35.71 6.18 -32.89
N PRO C 12 35.34 6.95 -33.91
CA PRO C 12 33.92 7.16 -34.20
C PRO C 12 33.26 5.95 -34.83
N VAL C 13 32.91 4.97 -34.02
CA VAL C 13 32.26 3.74 -34.48
C VAL C 13 31.10 3.43 -33.54
N TRP C 14 29.94 3.14 -34.11
CA TRP C 14 28.74 2.89 -33.32
C TRP C 14 28.08 1.59 -33.76
N LYS C 15 27.24 1.05 -32.88
CA LYS C 15 26.54 -0.20 -33.14
C LYS C 15 25.13 -0.13 -32.55
N ASP C 16 24.22 -0.86 -33.17
CA ASP C 16 22.82 -0.87 -32.75
C ASP C 16 22.69 -1.52 -31.36
N ALA C 17 21.92 -0.87 -30.49
CA ALA C 17 21.71 -1.39 -29.15
C ALA C 17 20.46 -0.76 -28.57
N GLU C 18 19.94 -1.39 -27.53
CA GLU C 18 18.75 -0.92 -26.82
C GLU C 18 19.09 -0.66 -25.36
N THR C 19 18.49 0.40 -24.82
CA THR C 19 18.74 0.79 -23.43
C THR C 19 17.57 1.64 -22.96
N THR C 20 17.70 2.18 -21.75
CA THR C 20 16.69 3.04 -21.16
C THR C 20 17.02 4.51 -21.41
N LEU C 21 15.97 5.33 -21.42
CA LEU C 21 16.09 6.76 -21.62
C LEU C 21 15.30 7.48 -20.53
N PHE C 22 15.71 8.71 -20.22
CA PHE C 22 15.07 9.47 -19.18
C PHE C 22 14.36 10.69 -19.76
N CYS C 23 13.52 11.31 -18.93
CA CYS C 23 12.69 12.42 -19.35
C CYS C 23 13.37 13.75 -19.09
N ALA C 24 13.02 14.73 -19.90
CA ALA C 24 13.55 16.09 -19.76
C ALA C 24 12.52 17.06 -20.31
N SER C 25 12.08 18.00 -19.47
CA SER C 25 11.07 18.97 -19.84
C SER C 25 11.60 20.37 -19.59
N ASP C 26 10.96 21.35 -20.23
CA ASP C 26 11.37 22.74 -20.10
C ASP C 26 11.00 23.29 -18.72
N ALA C 27 11.84 24.17 -18.21
CA ALA C 27 11.63 24.79 -16.90
C ALA C 27 10.87 26.10 -17.04
N LYS C 28 9.62 25.98 -17.49
CA LYS C 28 8.74 27.14 -17.65
C LYS C 28 7.33 26.87 -17.15
N ALA C 29 7.14 25.87 -16.29
CA ALA C 29 5.80 25.54 -15.81
C ALA C 29 5.28 26.61 -14.85
N TYR C 30 6.03 26.88 -13.78
CA TYR C 30 5.61 27.87 -12.80
C TYR C 30 6.82 28.61 -12.23
N LYS C 31 1.81 26.07 -10.67
CA LYS C 31 1.06 25.05 -11.40
C LYS C 31 0.96 23.76 -10.60
N LYS C 32 -0.26 23.22 -10.50
CA LYS C 32 -0.46 21.97 -9.81
C LYS C 32 0.19 20.82 -10.59
N HIS C 33 0.39 19.70 -9.90
CA HIS C 33 1.07 18.55 -10.49
C HIS C 33 0.35 18.08 -11.75
N ASN C 34 1.08 17.35 -12.58
CA ASN C 34 0.59 16.84 -13.84
C ASN C 34 0.42 15.33 -13.77
N VAL C 35 -0.44 14.79 -14.63
CA VAL C 35 -0.63 13.35 -14.66
C VAL C 35 0.62 12.63 -15.12
N TRP C 36 1.43 13.24 -15.98
CA TRP C 36 2.66 12.64 -16.47
C TRP C 36 3.83 12.85 -15.53
N ALA C 37 3.62 13.55 -14.41
CA ALA C 37 4.65 13.77 -13.39
C ALA C 37 5.91 14.39 -14.01
N THR C 38 5.70 15.41 -14.85
CA THR C 38 6.80 16.07 -15.51
C THR C 38 7.62 16.95 -14.58
N HIS C 39 7.17 17.17 -13.33
CA HIS C 39 7.96 17.92 -12.38
C HIS C 39 9.14 17.13 -11.84
N ALA C 40 9.27 15.86 -12.19
CA ALA C 40 10.37 15.02 -11.76
C ALA C 40 11.38 14.78 -12.88
N CYS C 41 11.28 15.53 -13.97
CA CYS C 41 12.22 15.43 -15.08
C CYS C 41 13.32 16.48 -14.93
N VAL C 42 14.46 16.18 -15.53
CA VAL C 42 15.62 17.08 -15.47
C VAL C 42 15.37 18.28 -16.37
N PRO C 43 15.89 19.46 -16.02
CA PRO C 43 15.70 20.63 -16.90
C PRO C 43 16.46 20.44 -18.21
N THR C 44 15.82 20.81 -19.31
CA THR C 44 16.41 20.61 -20.63
C THR C 44 17.48 21.66 -20.91
N ASP C 45 18.29 21.37 -21.92
CA ASP C 45 19.33 22.30 -22.34
C ASP C 45 18.72 23.42 -23.19
N PRO C 46 19.17 24.66 -23.00
CA PRO C 46 18.55 25.77 -23.74
C PRO C 46 18.78 25.70 -25.24
N ASN C 47 19.95 25.23 -25.68
CA ASN C 47 20.28 25.20 -27.10
C ASN C 47 20.78 23.80 -27.47
N PRO C 48 20.00 23.02 -28.21
CA PRO C 48 20.50 21.71 -28.65
C PRO C 48 21.66 21.85 -29.62
N GLN C 49 22.40 20.75 -29.77
CA GLN C 49 23.60 20.77 -30.59
C GLN C 49 23.27 20.63 -32.07
N GLU C 50 22.62 19.52 -32.45
CA GLU C 50 22.26 19.24 -33.84
C GLU C 50 23.51 19.25 -34.73
N ILE C 51 24.40 18.31 -34.45
CA ILE C 51 25.62 18.16 -35.24
C ILE C 51 25.29 17.43 -36.53
N HIS C 52 25.72 17.98 -37.65
CA HIS C 52 25.46 17.41 -38.96
C HIS C 52 26.60 16.47 -39.36
N LEU C 53 26.24 15.41 -40.08
CA LEU C 53 27.20 14.44 -40.58
C LEU C 53 27.15 14.42 -42.11
N GLU C 54 28.27 13.99 -42.72
CA GLU C 54 28.39 13.96 -44.16
C GLU C 54 28.91 12.60 -44.61
N ASN C 55 28.56 12.25 -45.85
CA ASN C 55 29.06 11.05 -46.53
C ASN C 55 28.71 9.77 -45.80
N VAL C 56 27.77 9.82 -44.85
CA VAL C 56 27.40 8.67 -44.04
C VAL C 56 25.93 8.34 -44.29
N THR C 57 25.62 7.05 -44.34
CA THR C 57 24.26 6.57 -44.49
C THR C 57 23.92 5.63 -43.33
N GLU C 58 22.62 5.46 -43.10
CA GLU C 58 22.15 4.60 -42.01
C GLU C 58 20.84 3.96 -42.41
N GLU C 59 20.70 2.67 -42.10
CA GLU C 59 19.49 1.92 -42.40
C GLU C 59 18.53 2.04 -41.22
N PHE C 60 17.45 2.80 -41.41
CA PHE C 60 16.49 3.03 -40.34
C PHE C 60 15.37 2.00 -40.37
N ASN C 61 14.47 2.09 -39.39
CA ASN C 61 13.30 1.23 -39.31
C ASN C 61 12.33 1.84 -38.31
N MET C 62 11.04 1.72 -38.60
CA MET C 62 10.00 2.27 -37.74
C MET C 62 9.02 1.24 -37.22
N TRP C 63 8.95 0.05 -37.82
CA TRP C 63 8.03 -0.98 -37.40
C TRP C 63 8.65 -1.97 -36.44
N LYS C 64 9.94 -1.83 -36.12
CA LYS C 64 10.59 -2.64 -35.10
C LYS C 64 11.37 -1.78 -34.12
N ASN C 65 11.01 -0.50 -33.99
CA ASN C 65 11.67 0.38 -33.06
C ASN C 65 11.39 -0.05 -31.61
N ASN C 66 12.28 0.36 -30.71
CA ASN C 66 12.16 0.02 -29.31
C ASN C 66 11.79 1.21 -28.43
N MET C 67 11.86 2.43 -28.94
CA MET C 67 11.54 3.60 -28.13
C MET C 67 10.04 3.68 -27.86
N VAL C 68 9.21 3.26 -28.81
CA VAL C 68 7.77 3.34 -28.63
C VAL C 68 7.29 2.32 -27.62
N GLU C 69 7.89 1.13 -27.62
CA GLU C 69 7.51 0.10 -26.65
C GLU C 69 7.85 0.52 -25.23
N GLN C 70 8.89 1.35 -25.06
CA GLN C 70 9.24 1.86 -23.75
C GLN C 70 8.36 3.04 -23.36
N MET C 71 8.05 3.91 -24.33
CA MET C 71 7.18 5.05 -24.05
C MET C 71 5.79 4.59 -23.64
N HIS C 72 5.31 3.50 -24.24
CA HIS C 72 3.99 2.98 -23.86
C HIS C 72 3.96 2.57 -22.40
N THR C 73 4.95 1.78 -21.98
CA THR C 73 5.00 1.34 -20.59
C THR C 73 5.20 2.51 -19.63
N ASP C 74 5.99 3.51 -20.05
CA ASP C 74 6.19 4.69 -19.20
C ASP C 74 4.88 5.44 -18.99
N ILE C 75 4.12 5.65 -20.07
CA ILE C 75 2.84 6.36 -19.96
C ILE C 75 1.88 5.56 -19.09
N ILE C 76 1.84 4.24 -19.29
CA ILE C 76 0.93 3.41 -18.50
C ILE C 76 1.28 3.49 -17.02
N SER C 77 2.58 3.42 -16.69
CA SER C 77 3.00 3.44 -15.30
C SER C 77 2.71 4.79 -14.66
N LEU C 78 2.94 5.88 -15.39
CA LEU C 78 2.63 7.20 -14.84
C LEU C 78 1.13 7.35 -14.59
N TRP C 79 0.30 6.96 -15.56
CA TRP C 79 -1.14 7.03 -15.37
C TRP C 79 -1.60 6.17 -14.22
N ASP C 80 -0.95 5.02 -14.01
CA ASP C 80 -1.37 4.12 -12.93
C ASP C 80 -0.97 4.69 -11.57
N GLN C 81 0.25 5.21 -11.44
CA GLN C 81 0.68 5.73 -10.15
C GLN C 81 0.07 7.08 -9.82
N SER C 82 -0.49 7.78 -10.81
CA SER C 82 -1.13 9.06 -10.54
C SER C 82 -2.49 8.91 -9.86
N LEU C 83 -3.08 7.71 -9.85
CA LEU C 83 -4.39 7.47 -9.27
C LEU C 83 -4.34 6.69 -7.97
N LYS C 84 -3.21 6.72 -7.27
CA LYS C 84 -3.04 5.89 -6.08
C LYS C 84 -3.72 6.45 -4.84
N PRO C 85 -3.42 7.70 -4.40
CA PRO C 85 -3.84 8.10 -3.05
C PRO C 85 -5.20 8.76 -2.97
N CYS C 86 -5.91 8.87 -4.09
CA CYS C 86 -7.18 9.58 -4.08
C CYS C 86 -8.34 8.59 -3.95
N VAL C 87 -9.56 9.11 -4.00
CA VAL C 87 -10.70 8.44 -3.37
C VAL C 87 -11.06 7.14 -4.09
N LYS C 88 -11.57 6.19 -3.31
CA LYS C 88 -12.10 4.93 -3.82
C LYS C 88 -13.61 4.96 -3.71
N LEU C 89 -14.30 4.78 -4.83
CA LEU C 89 -15.77 4.84 -4.86
C LEU C 89 -16.38 3.45 -4.81
N THR C 90 -16.08 2.71 -3.74
CA THR C 90 -16.66 1.39 -3.56
C THR C 90 -18.11 1.40 -3.06
N PRO C 91 -18.56 2.35 -2.18
CA PRO C 91 -19.92 2.23 -1.67
C PRO C 91 -20.96 2.87 -2.57
N LEU C 92 -20.60 3.11 -3.83
CA LEU C 92 -21.41 3.97 -4.68
C LEU C 92 -22.44 3.21 -5.52
N CYS C 93 -22.18 1.97 -5.90
CA CYS C 93 -22.97 1.31 -6.94
C CYS C 93 -24.14 0.52 -6.35
N VAL C 94 -24.73 1.02 -5.27
CA VAL C 94 -25.97 0.45 -4.77
C VAL C 94 -27.08 0.65 -5.79
N THR C 95 -28.20 -0.06 -5.57
CA THR C 95 -29.33 0.02 -6.47
C THR C 95 -29.85 1.45 -6.57
N LEU C 96 -29.93 1.96 -7.80
CA LEU C 96 -30.39 3.32 -8.05
C LEU C 96 -31.88 3.32 -8.39
N GLN C 97 -32.44 4.53 -8.51
CA GLN C 97 -33.85 4.74 -8.81
C GLN C 97 -34.00 5.78 -9.91
N CYS C 98 -33.25 5.60 -10.99
CA CYS C 98 -33.18 6.62 -12.03
C CYS C 98 -34.51 6.78 -12.76
N THR C 99 -34.89 8.03 -13.00
CA THR C 99 -36.04 8.37 -13.83
C THR C 99 -35.58 9.31 -14.94
N ASN C 100 -36.43 9.49 -15.94
CA ASN C 100 -36.09 10.36 -17.05
C ASN C 100 -35.92 11.80 -16.57
N VAL C 101 -35.18 12.59 -17.38
CA VAL C 101 -34.91 13.97 -17.02
C VAL C 101 -36.23 14.76 -17.03
N THR C 102 -36.21 15.90 -16.35
CA THR C 102 -37.41 16.73 -16.17
C THR C 102 -37.74 17.42 -17.48
N ASN C 103 -38.62 16.77 -18.27
CA ASN C 103 -39.12 17.36 -19.51
C ASN C 103 -40.47 16.74 -19.83
N ASN C 104 -41.39 17.59 -20.31
CA ASN C 104 -42.75 17.12 -20.61
C ASN C 104 -42.77 16.28 -21.88
N ILE C 105 -42.26 16.82 -22.98
CA ILE C 105 -42.24 16.08 -24.24
C ILE C 105 -41.09 15.08 -24.23
N ASP C 106 -41.37 13.88 -24.73
CA ASP C 106 -40.36 12.85 -24.78
C ASP C 106 -39.23 13.23 -25.73
N ASP C 107 -38.03 12.79 -25.39
CA ASP C 107 -36.82 13.11 -26.14
C ASP C 107 -36.30 11.85 -26.83
N MET C 108 -35.87 11.99 -28.08
CA MET C 108 -35.34 10.84 -28.81
C MET C 108 -33.92 10.49 -28.37
N ARG C 109 -33.16 11.48 -27.91
CA ARG C 109 -31.78 11.27 -27.48
C ARG C 109 -31.29 12.45 -26.65
N GLY C 110 -32.78 14.27 -22.25
CA GLY C 110 -32.22 13.83 -23.51
C GLY C 110 -31.47 12.51 -23.42
N GLU C 111 -30.17 12.61 -23.19
CA GLU C 111 -29.29 11.45 -23.08
C GLU C 111 -28.78 11.23 -21.66
N LEU C 112 -29.37 11.92 -20.67
CA LEU C 112 -28.96 11.79 -19.29
C LEU C 112 -30.19 11.61 -18.40
N LYS C 113 -30.00 10.90 -17.29
CA LYS C 113 -31.07 10.54 -16.38
C LYS C 113 -30.83 11.13 -15.00
N ASN C 114 -31.90 11.17 -14.21
CA ASN C 114 -31.90 11.75 -12.87
C ASN C 114 -32.09 10.62 -11.86
N CYS C 115 -31.03 10.27 -11.14
CA CYS C 115 -31.04 9.14 -10.22
C CYS C 115 -31.04 9.62 -8.78
N SER C 116 -31.50 8.75 -7.89
CA SER C 116 -31.52 9.02 -6.46
C SER C 116 -31.25 7.71 -5.71
N PHE C 117 -30.52 7.80 -4.61
CA PHE C 117 -30.08 6.60 -3.91
C PHE C 117 -29.77 6.95 -2.46
N ASN C 118 -29.33 5.94 -1.70
CA ASN C 118 -28.91 6.08 -0.32
C ASN C 118 -27.40 5.89 -0.23
N MET C 119 -26.75 6.68 0.63
CA MET C 119 -25.32 6.53 0.87
C MET C 119 -25.04 6.71 2.35
N THR C 120 -23.78 6.49 2.71
CA THR C 120 -23.34 6.59 4.09
C THR C 120 -22.95 8.04 4.41
N THR C 121 -22.38 8.25 5.59
CA THR C 121 -21.95 9.58 6.01
C THR C 121 -20.70 9.40 6.87
N GLU C 122 -20.29 10.48 7.54
CA GLU C 122 -19.10 10.41 8.39
C GLU C 122 -19.34 9.52 9.60
N LEU C 123 -20.59 9.42 10.05
CA LEU C 123 -20.93 8.52 11.14
C LEU C 123 -21.31 7.15 10.60
N ARG C 124 -20.74 6.10 11.19
CA ARG C 124 -20.90 4.74 10.69
C ARG C 124 -22.24 4.12 11.06
N ASP C 125 -23.21 4.91 11.54
CA ASP C 125 -24.51 4.38 11.92
C ASP C 125 -25.65 5.28 11.42
N LYS C 126 -25.45 5.95 10.30
CA LYS C 126 -26.45 6.83 9.73
C LYS C 126 -26.46 6.68 8.22
N ARG C 127 -27.52 7.18 7.59
CA ARG C 127 -27.69 7.13 6.15
C ARG C 127 -28.18 8.48 5.65
N GLN C 128 -27.95 8.74 4.37
CA GLN C 128 -28.42 9.95 3.72
C GLN C 128 -29.03 9.61 2.37
N LYS C 129 -30.10 10.31 2.02
CA LYS C 129 -30.81 10.12 0.77
C LYS C 129 -30.42 11.25 -0.18
N VAL C 130 -29.65 10.91 -1.21
CA VAL C 130 -29.11 11.90 -2.13
C VAL C 130 -29.60 11.60 -3.54
N HIS C 131 -29.34 12.54 -4.45
CA HIS C 131 -29.74 12.39 -5.84
C HIS C 131 -28.78 13.19 -6.71
N ALA C 132 -28.58 12.71 -7.93
CA ALA C 132 -27.67 13.33 -8.88
C ALA C 132 -28.15 13.04 -10.30
N LEU C 133 -27.34 13.44 -11.28
CA LEU C 133 -27.64 13.23 -12.68
C LEU C 133 -26.53 12.41 -13.32
N PHE C 134 -26.90 11.30 -13.95
CA PHE C 134 -25.93 10.42 -14.59
C PHE C 134 -26.20 10.38 -16.09
N TYR C 135 -25.27 9.77 -16.82
CA TYR C 135 -25.39 9.63 -18.26
C TYR C 135 -25.95 8.27 -18.61
N LYS C 136 -26.60 8.19 -19.77
CA LYS C 136 -27.26 6.95 -20.17
C LYS C 136 -26.28 5.86 -20.55
N LEU C 137 -25.02 6.20 -20.82
CA LEU C 137 -24.02 5.21 -21.20
C LEU C 137 -23.35 4.56 -19.99
N ASP C 138 -23.54 5.11 -18.79
CA ASP C 138 -22.89 4.59 -17.59
C ASP C 138 -23.89 3.89 -16.68
N ILE C 139 -24.98 3.37 -17.25
CA ILE C 139 -26.09 2.82 -16.48
C ILE C 139 -26.68 1.64 -17.24
N VAL C 140 -26.84 0.51 -16.56
CA VAL C 140 -27.47 -0.66 -17.15
C VAL C 140 -28.60 -1.12 -16.24
N PRO C 141 -29.74 -1.55 -16.78
CA PRO C 141 -30.84 -2.01 -15.93
C PRO C 141 -30.54 -3.37 -15.32
N ILE C 142 -31.06 -3.58 -14.12
CA ILE C 142 -30.82 -4.82 -13.39
C ILE C 142 -31.99 -5.80 -13.50
N ASN C 143 -33.22 -5.31 -13.63
CA ASN C 143 -34.39 -6.17 -13.73
C ASN C 143 -35.12 -6.02 -15.06
N GLU C 144 -35.27 -4.79 -15.55
CA GLU C 144 -35.88 -4.47 -16.85
C GLU C 144 -37.19 -5.22 -17.10
N ASN C 145 -37.86 -5.63 -16.03
CA ASN C 145 -39.12 -6.37 -16.12
C ASN C 145 -40.19 -5.79 -15.18
N GLN C 146 -40.47 -4.48 -15.24
CA GLN C 146 -39.89 -3.50 -16.17
C GLN C 146 -39.66 -2.19 -15.43
N ASN C 147 -39.58 -2.28 -14.10
CA ASN C 147 -39.54 -1.10 -13.25
C ASN C 147 -38.25 -0.31 -13.47
N THR C 148 -38.18 0.86 -12.84
CA THR C 148 -37.04 1.76 -12.95
C THR C 148 -36.08 1.46 -11.80
N SER C 149 -35.18 0.52 -12.04
CA SER C 149 -34.14 0.16 -11.06
C SER C 149 -32.86 -0.11 -11.84
N TYR C 150 -31.89 0.78 -11.71
CA TYR C 150 -30.66 0.72 -12.48
C TYR C 150 -29.46 0.56 -11.55
N ARG C 151 -28.29 0.39 -12.17
CA ARG C 151 -27.03 0.28 -11.44
C ARG C 151 -25.90 0.71 -12.37
N LEU C 152 -24.72 0.89 -11.78
CA LEU C 152 -23.56 1.28 -12.58
C LEU C 152 -23.08 0.10 -13.43
N ILE C 153 -22.26 0.41 -14.43
CA ILE C 153 -21.79 -0.59 -15.38
C ILE C 153 -20.47 -1.23 -14.98
N ASN C 154 -19.78 -0.68 -13.97
CA ASN C 154 -18.43 -1.14 -13.67
C ASN C 154 -18.39 -2.20 -12.58
N CYS C 155 -19.15 -2.02 -11.49
CA CYS C 155 -18.94 -2.84 -10.29
C CYS C 155 -19.54 -4.23 -10.41
N ASN C 156 -19.89 -4.66 -11.62
CA ASN C 156 -20.18 -6.06 -11.87
C ASN C 156 -18.91 -6.85 -12.19
N THR C 157 -17.90 -6.19 -12.76
CA THR C 157 -16.66 -6.85 -13.15
C THR C 157 -15.39 -6.18 -12.62
N ALA C 158 -15.45 -4.95 -12.14
CA ALA C 158 -14.24 -4.24 -11.76
C ALA C 158 -14.57 -3.27 -10.63
N ALA C 159 -13.56 -2.54 -10.18
CA ALA C 159 -13.70 -1.53 -9.13
C ALA C 159 -13.32 -0.17 -9.66
N ILE C 160 -13.98 0.86 -9.15
CA ILE C 160 -13.83 2.21 -9.68
C ILE C 160 -13.14 3.10 -8.65
N THR C 161 -12.37 4.06 -9.15
CA THR C 161 -11.72 5.05 -8.30
C THR C 161 -11.93 6.41 -8.96
N GLN C 162 -12.30 7.39 -8.14
CA GLN C 162 -12.53 8.73 -8.65
C GLN C 162 -11.25 9.32 -9.23
N ALA C 163 -11.39 10.14 -10.25
CA ALA C 163 -10.24 10.84 -10.83
C ALA C 163 -9.95 12.06 -9.98
N CYS C 164 -8.74 12.12 -9.46
CA CYS C 164 -8.41 13.05 -8.40
C CYS C 164 -8.54 14.49 -8.92
N PRO C 165 -9.28 15.36 -8.22
CA PRO C 165 -9.74 16.61 -8.84
C PRO C 165 -8.71 17.72 -8.96
N LYS C 166 -7.46 17.51 -8.51
CA LYS C 166 -6.46 18.58 -8.59
C LYS C 166 -5.53 18.44 -9.79
N VAL C 167 -5.21 17.21 -10.20
CA VAL C 167 -4.31 17.02 -11.32
C VAL C 167 -5.01 17.40 -12.63
N SER C 168 -4.21 17.61 -13.66
CA SER C 168 -4.70 17.98 -14.98
C SER C 168 -4.29 16.93 -15.99
N PHE C 169 -5.07 16.83 -17.08
CA PHE C 169 -4.82 15.85 -18.13
C PHE C 169 -4.21 16.47 -19.38
N GLU C 170 -3.99 17.78 -19.40
CA GLU C 170 -3.45 18.43 -20.60
C GLU C 170 -2.01 17.98 -20.84
N PRO C 171 -1.69 17.49 -22.03
CA PRO C 171 -0.33 17.01 -22.29
C PRO C 171 0.64 18.16 -22.56
N ILE C 172 1.87 17.98 -22.11
CA ILE C 172 2.93 18.96 -22.34
C ILE C 172 4.12 18.24 -22.96
N PRO C 173 4.93 18.96 -23.73
CA PRO C 173 6.04 18.31 -24.45
C PRO C 173 7.02 17.65 -23.50
N ILE C 174 7.52 16.48 -23.91
CA ILE C 174 8.43 15.67 -23.12
C ILE C 174 9.57 15.19 -24.02
N HIS C 175 10.80 15.49 -23.62
CA HIS C 175 11.98 15.09 -24.38
C HIS C 175 12.55 13.81 -23.78
N TYR C 176 12.93 12.88 -24.64
CA TYR C 176 13.52 11.60 -24.21
C TYR C 176 15.02 11.63 -24.52
N CYS C 177 15.84 11.66 -23.47
CA CYS C 177 17.28 11.77 -23.61
C CYS C 177 17.97 10.50 -23.12
N ALA C 178 19.03 10.08 -23.87
CA ALA C 178 19.88 8.91 -23.73
C ALA C 178 21.01 9.16 -22.74
N PRO C 179 21.47 8.13 -22.03
CA PRO C 179 22.53 8.33 -21.03
C PRO C 179 23.88 8.62 -21.65
N ALA C 180 24.90 8.78 -20.82
CA ALA C 180 26.24 9.02 -21.32
C ALA C 180 26.82 7.73 -21.89
N GLY C 181 27.32 7.81 -23.12
CA GLY C 181 27.84 6.66 -23.83
C GLY C 181 27.02 6.25 -25.03
N PHE C 182 25.78 6.71 -25.13
CA PHE C 182 24.90 6.42 -26.25
C PHE C 182 24.68 7.68 -27.07
N ALA C 183 23.99 7.53 -28.19
CA ALA C 183 23.73 8.65 -29.10
C ALA C 183 22.40 8.44 -29.79
N ILE C 184 21.82 9.54 -30.25
CA ILE C 184 20.54 9.55 -30.96
C ILE C 184 20.77 10.10 -32.35
N LEU C 185 20.43 9.30 -33.36
CA LEU C 185 20.53 9.70 -34.75
C LEU C 185 19.16 10.06 -35.30
N LYS C 186 19.16 11.03 -36.22
CA LYS C 186 17.94 11.62 -36.75
C LYS C 186 18.08 11.75 -38.26
N CYS C 187 17.10 11.19 -38.99
CA CYS C 187 17.11 11.21 -40.44
C CYS C 187 16.41 12.48 -40.92
N LYS C 188 17.19 13.40 -41.50
CA LYS C 188 16.66 14.68 -41.97
C LYS C 188 16.24 14.63 -43.43
N ASP C 189 15.94 13.46 -43.97
CA ASP C 189 15.48 13.35 -45.34
C ASP C 189 14.05 13.90 -45.46
N LYS C 190 13.65 14.19 -46.69
CA LYS C 190 12.32 14.72 -46.96
C LYS C 190 11.39 13.75 -47.64
N LYS C 191 11.92 12.71 -48.29
CA LYS C 191 11.11 11.68 -48.94
C LYS C 191 11.21 10.33 -48.22
N PHE C 192 11.64 10.34 -46.96
CA PHE C 192 11.81 9.10 -46.21
C PHE C 192 10.45 8.47 -45.94
N ASN C 193 10.24 7.25 -46.43
CA ASN C 193 8.98 6.55 -46.29
C ASN C 193 8.96 5.59 -45.11
N GLY C 194 9.91 5.72 -44.18
CA GLY C 194 9.87 4.93 -42.96
C GLY C 194 10.93 3.86 -42.86
N THR C 195 11.20 3.17 -43.96
CA THR C 195 12.13 2.05 -43.96
C THR C 195 13.13 2.22 -45.09
N GLY C 196 14.40 1.95 -44.80
CA GLY C 196 15.44 2.00 -45.81
C GLY C 196 16.63 2.82 -45.36
N PRO C 197 17.57 3.06 -46.28
CA PRO C 197 18.72 3.90 -45.97
C PRO C 197 18.39 5.38 -46.12
N CYS C 198 18.85 6.17 -45.15
CA CYS C 198 18.64 7.61 -45.14
C CYS C 198 19.94 8.32 -45.50
N PRO C 199 19.98 9.09 -46.58
CA PRO C 199 21.24 9.74 -46.97
C PRO C 199 21.70 10.81 -45.97
N SER C 200 20.81 11.73 -45.62
CA SER C 200 21.15 12.84 -44.73
C SER C 200 20.82 12.46 -43.30
N VAL C 201 21.85 12.15 -42.52
CA VAL C 201 21.70 11.76 -41.12
C VAL C 201 22.40 12.79 -40.25
N SER C 202 21.86 13.03 -39.06
CA SER C 202 22.47 13.91 -38.08
C SER C 202 22.42 13.24 -36.72
N THR C 203 23.14 13.82 -35.75
CA THR C 203 23.10 13.36 -34.37
C THR C 203 22.57 14.48 -33.49
N VAL C 204 21.89 14.10 -32.42
CA VAL C 204 21.25 15.07 -31.54
C VAL C 204 21.35 14.57 -30.10
N GLN C 205 21.45 15.50 -29.16
CA GLN C 205 21.43 15.15 -27.74
C GLN C 205 20.19 14.33 -27.40
N CYS C 206 19.01 14.87 -27.68
CA CYS C 206 17.77 14.12 -27.56
C CYS C 206 16.67 14.81 -28.36
N THR C 207 15.52 14.15 -28.42
CA THR C 207 14.46 14.51 -29.34
C THR C 207 13.81 15.83 -28.95
N HIS C 208 12.88 16.28 -29.79
CA HIS C 208 12.14 17.50 -29.55
C HIS C 208 11.02 17.24 -28.56
N GLY C 209 10.10 18.20 -28.41
CA GLY C 209 8.98 18.03 -27.51
C GLY C 209 7.90 17.17 -28.13
N ILE C 210 7.38 16.23 -27.36
CA ILE C 210 6.34 15.31 -27.80
C ILE C 210 5.17 15.41 -26.84
N LYS C 211 3.98 15.65 -27.40
CA LYS C 211 2.76 15.77 -26.59
C LYS C 211 2.03 14.44 -26.62
N PRO C 212 1.96 13.71 -25.50
CA PRO C 212 1.28 12.41 -25.49
C PRO C 212 -0.24 12.51 -25.50
N VAL C 213 -0.80 12.73 -26.68
CA VAL C 213 -2.24 12.81 -26.86
C VAL C 213 -2.79 11.42 -27.13
N VAL C 214 -4.05 11.20 -26.75
CA VAL C 214 -4.73 9.92 -26.95
C VAL C 214 -5.91 10.17 -27.88
N SER C 215 -5.94 9.45 -29.00
CA SER C 215 -6.99 9.63 -29.98
C SER C 215 -7.12 8.37 -30.82
N THR C 216 -8.27 8.24 -31.47
CA THR C 216 -8.54 7.14 -32.39
C THR C 216 -9.13 7.69 -33.67
N GLN C 217 -8.72 7.12 -34.80
CA GLN C 217 -9.15 7.48 -36.15
C GLN C 217 -8.65 8.85 -36.59
N LEU C 218 -7.99 9.61 -35.72
CA LEU C 218 -7.48 10.92 -36.06
C LEU C 218 -6.26 11.20 -35.19
N LEU C 219 -5.34 12.00 -35.71
CA LEU C 219 -4.13 12.40 -35.00
C LEU C 219 -4.18 13.89 -34.75
N LEU C 220 -4.38 14.29 -33.50
CA LEU C 220 -4.55 15.69 -33.14
C LEU C 220 -3.23 16.28 -32.66
N ASN C 221 -2.98 17.53 -33.06
CA ASN C 221 -1.83 18.30 -32.59
C ASN C 221 -0.51 17.58 -32.88
N GLY C 222 -0.42 16.99 -34.07
CA GLY C 222 0.76 16.25 -34.47
C GLY C 222 1.82 17.15 -35.09
N SER C 223 2.67 16.53 -35.90
CA SER C 223 3.74 17.22 -36.61
C SER C 223 3.51 17.12 -38.10
N LEU C 224 3.44 18.28 -38.77
CA LEU C 224 3.16 18.31 -40.19
C LEU C 224 4.31 17.75 -41.00
N ALA C 225 4.01 17.31 -42.21
CA ALA C 225 5.01 16.83 -43.15
C ALA C 225 5.56 18.00 -43.95
N GLU C 226 6.32 17.72 -45.00
CA GLU C 226 6.94 18.76 -45.82
C GLU C 226 6.73 18.46 -47.29
N GLU C 227 6.04 19.37 -47.99
CA GLU C 227 5.92 19.38 -49.44
C GLU C 227 5.13 18.20 -50.00
N GLU C 228 4.65 17.30 -49.14
CA GLU C 228 3.93 16.13 -49.61
C GLU C 228 3.25 15.44 -48.44
N VAL C 229 2.03 14.96 -48.67
CA VAL C 229 1.35 14.09 -47.71
C VAL C 229 1.94 12.70 -47.83
N MET C 230 2.30 12.11 -46.69
CA MET C 230 3.04 10.85 -46.68
C MET C 230 2.12 9.69 -46.32
N ILE C 231 2.35 8.56 -46.98
CA ILE C 231 1.59 7.32 -46.74
C ILE C 231 2.59 6.25 -46.32
N ARG C 232 2.42 5.72 -45.12
CA ARG C 232 3.34 4.73 -44.58
C ARG C 232 2.58 3.49 -44.14
N SER C 233 3.24 2.33 -44.24
CA SER C 233 2.68 1.06 -43.84
C SER C 233 3.79 0.02 -43.83
N GLU C 234 3.57 -1.05 -43.07
CA GLU C 234 4.56 -2.13 -43.03
C GLU C 234 4.64 -2.84 -44.38
N ASP C 235 3.50 -3.16 -44.97
CA ASP C 235 3.45 -3.71 -46.33
C ASP C 235 2.07 -3.36 -46.88
N ILE C 236 2.04 -2.43 -47.84
CA ILE C 236 0.77 -1.88 -48.31
C ILE C 236 -0.07 -2.92 -49.04
N ARG C 237 0.52 -4.06 -49.43
CA ARG C 237 -0.26 -5.09 -50.11
C ARG C 237 -1.05 -5.93 -49.12
N ASN C 238 -0.62 -5.96 -47.86
CA ASN C 238 -1.29 -6.72 -46.81
C ASN C 238 -2.41 -5.87 -46.20
N ASN C 239 -3.52 -6.54 -45.87
CA ASN C 239 -4.67 -5.81 -45.33
C ASN C 239 -4.65 -5.80 -43.81
N ALA C 240 -3.94 -6.75 -43.18
CA ALA C 240 -3.95 -6.85 -41.73
C ALA C 240 -3.29 -5.63 -41.09
N LYS C 241 -2.29 -5.07 -41.75
CA LYS C 241 -1.59 -3.91 -41.19
C LYS C 241 -2.34 -2.62 -41.51
N ASN C 242 -2.20 -1.64 -40.62
CA ASN C 242 -2.86 -0.36 -40.77
C ASN C 242 -2.11 0.50 -41.78
N ILE C 243 -2.62 1.71 -42.01
CA ILE C 243 -1.99 2.65 -42.94
C ILE C 243 -1.97 4.02 -42.28
N LEU C 244 -0.77 4.57 -42.08
CA LEU C 244 -0.62 5.90 -41.50
C LEU C 244 -0.56 6.94 -42.60
N VAL C 245 -1.36 7.99 -42.46
CA VAL C 245 -1.38 9.10 -43.41
C VAL C 245 -0.99 10.36 -42.66
N GLN C 246 0.00 11.08 -43.18
CA GLN C 246 0.50 12.30 -42.56
C GLN C 246 0.23 13.47 -43.51
N PHE C 247 -0.51 14.46 -43.02
CA PHE C 247 -0.84 15.64 -43.80
C PHE C 247 0.33 16.61 -43.83
N ASN C 248 0.27 17.55 -44.78
CA ASN C 248 1.25 18.63 -44.86
C ASN C 248 0.67 19.98 -44.47
N THR C 249 -0.65 20.12 -44.43
CA THR C 249 -1.32 21.32 -43.98
C THR C 249 -2.35 20.98 -42.90
N PRO C 250 -2.43 21.77 -41.84
CA PRO C 250 -3.34 21.44 -40.74
C PRO C 250 -4.79 21.72 -41.11
N VAL C 251 -5.68 20.85 -40.66
CA VAL C 251 -7.12 21.02 -40.82
C VAL C 251 -7.72 21.28 -39.45
N GLN C 252 -8.38 22.41 -39.29
CA GLN C 252 -8.88 22.83 -37.99
C GLN C 252 -10.16 22.09 -37.63
N ILE C 253 -10.43 22.02 -36.33
CA ILE C 253 -11.63 21.38 -35.81
C ILE C 253 -12.02 22.07 -34.51
N ASN C 254 -13.30 22.41 -34.38
CA ASN C 254 -13.80 23.13 -33.21
C ASN C 254 -14.81 22.27 -32.48
N CYS C 255 -14.46 21.82 -31.26
CA CYS C 255 -15.35 20.97 -30.48
C CYS C 255 -15.89 21.76 -29.29
N THR C 256 -17.15 21.49 -28.94
CA THR C 256 -17.78 22.24 -27.86
C THR C 256 -18.85 21.40 -27.18
N ARG C 257 -19.08 21.73 -25.90
CA ARG C 257 -20.14 21.15 -25.09
C ARG C 257 -20.98 22.30 -24.53
N PRO C 258 -22.16 22.55 -25.10
CA PRO C 258 -22.88 23.80 -24.78
C PRO C 258 -23.55 23.82 -23.42
N ASN C 259 -23.65 22.69 -22.72
CA ASN C 259 -24.35 22.67 -21.45
C ASN C 259 -23.57 23.46 -20.39
N ASN C 260 -24.24 23.73 -19.28
CA ASN C 260 -23.68 24.47 -18.15
C ASN C 260 -23.87 23.60 -16.92
N ASN C 261 -22.89 22.73 -16.65
CA ASN C 261 -22.99 21.79 -15.55
C ASN C 261 -22.75 22.50 -14.21
N THR C 262 -23.13 21.80 -13.14
CA THR C 262 -22.93 22.28 -11.77
C THR C 262 -22.45 21.13 -10.92
N ARG C 263 -21.31 21.32 -10.26
CA ARG C 263 -20.69 20.28 -9.44
C ARG C 263 -21.16 20.40 -8.00
N LYS C 264 -21.56 19.28 -7.42
CA LYS C 264 -21.97 19.22 -6.02
C LYS C 264 -21.11 18.21 -5.28
N SER C 265 -20.81 18.52 -4.02
CA SER C 265 -19.95 17.68 -3.19
C SER C 265 -20.77 17.05 -2.07
N ILE C 266 -20.65 15.73 -1.93
CA ILE C 266 -21.33 15.00 -0.86
C ILE C 266 -20.33 14.06 -0.21
N ARG C 267 -20.37 13.97 1.12
CA ARG C 267 -19.43 13.16 1.87
C ARG C 267 -19.85 11.69 1.87
N ILE C 268 -18.85 10.82 1.75
CA ILE C 268 -19.07 9.37 1.77
C ILE C 268 -18.33 8.70 2.91
N GLY C 269 -17.62 9.46 3.74
CA GLY C 269 -16.88 8.91 4.84
C GLY C 269 -16.06 9.98 5.53
N PRO C 270 -15.26 9.59 6.52
CA PRO C 270 -14.44 10.59 7.24
C PRO C 270 -13.31 11.12 6.38
N GLY C 271 -13.44 12.36 5.92
CA GLY C 271 -12.43 13.00 5.11
C GLY C 271 -12.62 12.82 3.62
N GLN C 272 -13.43 11.86 3.20
CA GLN C 272 -13.64 11.61 1.77
C GLN C 272 -14.67 12.59 1.20
N TRP C 273 -14.69 12.67 -0.12
CA TRP C 273 -15.65 13.53 -0.81
C TRP C 273 -16.03 12.86 -2.13
N PHE C 274 -17.21 13.24 -2.64
CA PHE C 274 -17.71 12.72 -3.90
C PHE C 274 -18.34 13.87 -4.68
N TYR C 275 -17.85 14.08 -5.90
CA TYR C 275 -18.29 15.19 -6.74
C TYR C 275 -19.21 14.65 -7.83
N ALA C 276 -20.48 15.02 -7.76
CA ALA C 276 -21.48 14.61 -8.73
C ALA C 276 -21.98 15.81 -9.50
N THR C 277 -22.78 15.54 -10.53
CA THR C 277 -23.30 16.57 -11.42
C THR C 277 -24.68 17.01 -10.95
N GLY C 278 -24.80 18.30 -10.62
CA GLY C 278 -26.08 18.87 -10.27
C GLY C 278 -26.92 19.18 -11.50
N ASP C 279 -28.00 19.92 -11.28
CA ASP C 279 -28.90 20.28 -12.37
C ASP C 279 -28.22 21.26 -13.32
N ILE C 280 -28.71 21.28 -14.55
CA ILE C 280 -28.17 22.16 -15.59
C ILE C 280 -28.85 23.51 -15.49
N ILE C 281 -28.06 24.58 -15.38
CA ILE C 281 -28.56 25.94 -15.30
C ILE C 281 -28.65 26.48 -16.73
N GLY C 282 -29.83 26.39 -17.32
CA GLY C 282 -30.03 26.83 -18.68
C GLY C 282 -30.89 25.89 -19.49
N ASP C 283 -30.59 25.74 -20.77
CA ASP C 283 -31.31 24.83 -21.64
C ASP C 283 -30.41 23.67 -22.06
N ILE C 284 -31.04 22.54 -22.36
CA ILE C 284 -30.32 21.31 -22.65
C ILE C 284 -29.96 21.28 -24.13
N ARG C 285 -28.66 21.15 -24.41
CA ARG C 285 -28.18 21.05 -25.78
C ARG C 285 -27.28 19.84 -25.93
N GLN C 286 -26.60 19.70 -27.07
CA GLN C 286 -25.79 18.53 -27.36
C GLN C 286 -24.40 18.96 -27.81
N ALA C 287 -23.39 18.29 -27.27
CA ALA C 287 -22.00 18.57 -27.66
C ALA C 287 -21.76 18.14 -29.10
N HIS C 288 -20.86 18.85 -29.77
CA HIS C 288 -20.62 18.56 -31.18
C HIS C 288 -19.25 19.08 -31.59
N CYS C 289 -18.90 18.85 -32.86
CA CYS C 289 -17.62 19.29 -33.42
C CYS C 289 -17.83 19.73 -34.86
N ASN C 290 -17.28 20.90 -35.20
CA ASN C 290 -17.39 21.45 -36.55
C ASN C 290 -16.06 21.34 -37.27
N VAL C 291 -16.13 20.92 -38.54
CA VAL C 291 -14.98 20.84 -39.44
C VAL C 291 -15.36 21.50 -40.75
N SER C 292 -14.46 22.32 -41.28
CA SER C 292 -14.71 22.95 -42.57
C SER C 292 -14.85 21.89 -43.67
N LYS C 293 -15.45 22.30 -44.79
CA LYS C 293 -15.80 21.37 -45.86
C LYS C 293 -14.86 21.46 -47.05
N ALA C 294 -14.54 22.68 -47.50
CA ALA C 294 -13.64 22.83 -48.64
C ALA C 294 -12.25 22.29 -48.32
N THR C 295 -11.74 22.62 -47.12
CA THR C 295 -10.43 22.12 -46.71
C THR C 295 -10.41 20.60 -46.64
N TRP C 296 -11.49 20.01 -46.12
CA TRP C 296 -11.55 18.55 -46.03
C TRP C 296 -11.55 17.90 -47.40
N ASN C 297 -12.30 18.47 -48.34
CA ASN C 297 -12.33 17.92 -49.70
C ASN C 297 -10.96 18.05 -50.37
N GLU C 298 -10.31 19.19 -50.20
CA GLU C 298 -8.97 19.37 -50.79
C GLU C 298 -7.98 18.37 -50.19
N THR C 299 -8.05 18.16 -48.87
CA THR C 299 -7.14 17.22 -48.24
C THR C 299 -7.41 15.79 -48.69
N LEU C 300 -8.69 15.43 -48.87
CA LEU C 300 -9.00 14.09 -49.37
C LEU C 300 -8.50 13.92 -50.80
N GLY C 301 -8.58 14.96 -51.61
CA GLY C 301 -8.01 14.88 -52.95
C GLY C 301 -6.51 14.69 -52.92
N LYS C 302 -5.82 15.46 -52.08
CA LYS C 302 -4.38 15.30 -51.93
C LYS C 302 -4.03 13.89 -51.47
N VAL C 303 -4.85 13.32 -50.60
CA VAL C 303 -4.58 11.97 -50.09
C VAL C 303 -4.78 10.94 -51.19
N VAL C 304 -5.88 11.03 -51.94
CA VAL C 304 -6.15 10.04 -52.98
C VAL C 304 -5.13 10.15 -54.11
N LYS C 305 -4.56 11.34 -54.33
CA LYS C 305 -3.53 11.49 -55.34
C LYS C 305 -2.34 10.57 -55.06
N GLN C 306 -1.85 10.57 -53.82
CA GLN C 306 -0.75 9.69 -53.46
C GLN C 306 -1.21 8.25 -53.25
N LEU C 307 -2.47 8.04 -52.89
CA LEU C 307 -2.97 6.68 -52.75
C LEU C 307 -3.03 5.95 -54.08
N ARG C 308 -3.27 6.68 -55.18
CA ARG C 308 -3.31 6.05 -56.48
C ARG C 308 -1.95 5.58 -56.97
N LYS C 309 -0.86 6.03 -56.33
CA LYS C 309 0.47 5.65 -56.79
C LYS C 309 0.80 4.21 -56.43
N HIS C 310 0.21 3.68 -55.36
CA HIS C 310 0.52 2.33 -54.92
C HIS C 310 -0.40 1.27 -55.50
N PHE C 311 -1.60 1.65 -55.93
CA PHE C 311 -2.60 0.69 -56.39
C PHE C 311 -2.90 0.79 -57.88
N GLY C 312 -2.34 1.77 -58.57
CA GLY C 312 -2.59 1.90 -60.00
C GLY C 312 -3.19 3.25 -60.38
N ASN C 313 -2.89 3.71 -61.60
CA ASN C 313 -3.32 5.03 -62.03
C ASN C 313 -4.80 5.09 -62.39
N ASN C 314 -5.46 3.94 -62.59
CA ASN C 314 -6.89 3.90 -62.91
C ASN C 314 -7.57 2.95 -61.92
N THR C 315 -7.89 3.47 -60.74
CA THR C 315 -8.55 2.70 -59.70
C THR C 315 -9.58 3.59 -59.01
N ILE C 316 -10.68 2.98 -58.57
CA ILE C 316 -11.72 3.68 -57.85
C ILE C 316 -11.42 3.61 -56.36
N ILE C 317 -11.46 4.75 -55.69
CA ILE C 317 -11.13 4.86 -54.28
C ILE C 317 -12.38 5.31 -53.53
N ARG C 318 -12.87 4.44 -52.64
CA ARG C 318 -14.06 4.73 -51.84
C ARG C 318 -13.69 4.93 -50.38
N PHE C 319 -14.58 5.61 -49.66
CA PHE C 319 -14.43 5.86 -48.24
C PHE C 319 -15.73 5.51 -47.53
N ALA C 320 -15.65 4.63 -46.53
CA ALA C 320 -16.82 4.22 -45.77
C ALA C 320 -16.54 4.38 -44.29
N ASN C 321 -17.59 4.31 -43.49
CA ASN C 321 -17.45 4.44 -42.05
C ASN C 321 -16.93 3.14 -41.45
N SER C 322 -16.85 3.10 -40.12
CA SER C 322 -16.33 1.92 -39.44
C SER C 322 -17.24 0.71 -39.65
N SER C 323 -16.70 -0.46 -39.35
CA SER C 323 -17.43 -1.72 -39.52
C SER C 323 -18.18 -2.10 -38.24
N GLY C 324 -17.45 -2.24 -37.14
CA GLY C 324 -18.07 -2.63 -35.88
C GLY C 324 -17.06 -2.63 -34.77
N GLY C 325 -17.55 -2.88 -33.56
CA GLY C 325 -16.75 -2.94 -32.36
C GLY C 325 -17.36 -2.11 -31.26
N ASP C 326 -16.67 -2.05 -30.13
CA ASP C 326 -17.13 -1.28 -28.99
C ASP C 326 -16.99 0.22 -29.27
N LEU C 327 -17.38 1.04 -28.31
CA LEU C 327 -17.39 2.49 -28.49
C LEU C 327 -16.02 3.10 -28.20
N GLU C 328 -14.99 2.52 -28.79
CA GLU C 328 -13.65 3.13 -28.79
C GLU C 328 -12.95 3.01 -30.13
N VAL C 329 -13.42 2.16 -31.04
CA VAL C 329 -12.81 2.03 -32.36
C VAL C 329 -13.79 2.38 -33.48
N THR C 330 -15.09 2.44 -33.20
CA THR C 330 -16.07 2.84 -34.19
C THR C 330 -16.31 4.34 -34.22
N THR C 331 -15.76 5.08 -33.25
CA THR C 331 -15.94 6.52 -33.18
C THR C 331 -14.59 7.17 -32.96
N HIS C 332 -14.57 8.50 -33.00
CA HIS C 332 -13.39 9.29 -32.71
C HIS C 332 -13.44 9.69 -31.25
N SER C 333 -12.64 9.04 -30.42
CA SER C 333 -12.65 9.24 -28.99
C SER C 333 -11.44 10.06 -28.58
N PHE C 334 -11.67 11.12 -27.81
CA PHE C 334 -10.56 11.97 -27.38
C PHE C 334 -10.94 12.65 -26.08
N ASN C 335 -10.05 13.53 -25.61
CA ASN C 335 -10.22 14.26 -24.36
C ASN C 335 -10.00 15.74 -24.60
N CYS C 336 -10.89 16.55 -24.02
CA CYS C 336 -10.83 18.00 -24.18
C CYS C 336 -11.22 18.66 -22.87
N GLY C 337 -10.32 19.49 -22.33
CA GLY C 337 -10.60 20.25 -21.13
C GLY C 337 -10.90 19.43 -19.90
N GLY C 338 -10.71 18.12 -19.97
CA GLY C 338 -11.01 17.22 -18.88
C GLY C 338 -12.23 16.34 -19.11
N GLU C 339 -12.94 16.52 -20.22
CA GLU C 339 -14.10 15.71 -20.54
C GLU C 339 -13.77 14.80 -21.72
N PHE C 340 -14.34 13.60 -21.72
CA PHE C 340 -14.04 12.58 -22.72
C PHE C 340 -15.14 12.55 -23.76
N PHE C 341 -14.80 12.90 -25.00
CA PHE C 341 -15.75 12.95 -26.10
C PHE C 341 -15.64 11.71 -26.96
N TYR C 342 -16.78 11.27 -27.49
CA TYR C 342 -16.86 10.19 -28.49
C TYR C 342 -17.71 10.72 -29.63
N CYS C 343 -17.06 11.15 -30.72
CA CYS C 343 -17.76 11.76 -31.83
C CYS C 343 -17.94 10.77 -32.97
N ASP C 344 -19.08 10.86 -33.65
CA ASP C 344 -19.39 9.98 -34.76
C ASP C 344 -18.87 10.60 -36.06
N THR C 345 -17.89 9.94 -36.68
CA THR C 345 -17.24 10.44 -37.90
C THR C 345 -17.79 9.78 -39.15
N SER C 346 -19.08 9.45 -39.18
CA SER C 346 -19.68 8.86 -40.36
C SER C 346 -19.95 9.88 -41.46
N GLY C 347 -19.73 11.16 -41.20
CA GLY C 347 -19.93 12.20 -42.19
C GLY C 347 -18.68 12.67 -42.89
N LEU C 348 -17.51 12.12 -42.56
CA LEU C 348 -16.26 12.47 -43.20
C LEU C 348 -15.85 11.47 -44.27
N PHE C 349 -15.97 10.18 -43.99
CA PHE C 349 -15.62 9.13 -44.94
C PHE C 349 -16.88 8.65 -45.66
N ASN C 350 -17.44 9.54 -46.45
CA ASN C 350 -18.70 9.28 -47.17
C ASN C 350 -18.60 9.78 -48.61
N SER C 351 -17.52 9.42 -49.28
CA SER C 351 -17.31 9.87 -50.65
C SER C 351 -16.70 8.74 -51.48
N THR C 352 -16.66 8.96 -52.80
CA THR C 352 -16.04 8.04 -53.73
C THR C 352 -15.36 8.85 -54.82
N TRP C 353 -14.22 8.34 -55.30
CA TRP C 353 -13.39 9.05 -56.27
C TRP C 353 -13.09 8.13 -57.44
N ILE C 354 -13.10 8.69 -58.65
CA ILE C 354 -12.85 7.94 -59.87
C ILE C 354 -12.22 8.88 -60.89
N SER C 355 -11.34 8.32 -61.72
CA SER C 355 -10.62 9.06 -62.76
C SER C 355 -9.83 10.22 -62.18
N ASN C 356 -17.93 28.84 -44.04
CA ASN C 356 -19.20 28.62 -44.70
C ASN C 356 -19.41 27.14 -45.00
N ASP C 357 -20.66 26.69 -44.84
CA ASP C 357 -21.03 25.30 -45.11
C ASP C 357 -20.18 24.32 -44.33
N SER C 358 -20.30 24.39 -43.00
CA SER C 358 -19.51 23.55 -42.11
C SER C 358 -20.14 22.18 -41.96
N ILE C 359 -19.29 21.19 -41.69
CA ILE C 359 -19.73 19.83 -41.38
C ILE C 359 -19.80 19.67 -39.88
N THR C 360 -20.96 19.24 -39.38
CA THR C 360 -21.21 19.09 -37.96
C THR C 360 -21.25 17.61 -37.60
N LEU C 361 -20.53 17.24 -36.56
CA LEU C 361 -20.48 15.88 -36.06
C LEU C 361 -21.00 15.82 -34.64
N PRO C 362 -22.01 14.99 -34.36
CA PRO C 362 -22.52 14.90 -32.99
C PRO C 362 -21.69 13.97 -32.13
N CYS C 363 -21.48 14.35 -30.88
CA CYS C 363 -20.65 13.61 -29.96
C CYS C 363 -21.41 13.25 -28.70
N ARG C 364 -20.98 12.18 -28.05
CA ARG C 364 -21.51 11.74 -26.77
C ARG C 364 -20.41 11.83 -25.72
N ILE C 365 -20.81 11.77 -24.46
CA ILE C 365 -19.90 11.95 -23.33
C ILE C 365 -20.10 10.82 -22.34
N LYS C 366 -19.01 10.34 -21.78
CA LYS C 366 -19.01 9.32 -20.74
C LYS C 366 -18.29 9.84 -19.50
N GLN C 367 -18.42 9.10 -18.41
CA GLN C 367 -17.74 9.42 -17.16
C GLN C 367 -17.05 8.24 -16.50
N ILE C 368 -17.34 7.01 -16.91
CA ILE C 368 -16.66 5.82 -16.40
C ILE C 368 -15.94 5.19 -17.58
N ILE C 369 -14.62 5.35 -17.62
CA ILE C 369 -13.83 4.99 -18.79
C ILE C 369 -12.86 3.86 -18.43
N ASN C 370 -12.40 3.18 -19.48
CA ASN C 370 -11.40 2.11 -19.37
C ASN C 370 -10.27 2.45 -20.32
N MET C 371 -9.10 2.77 -19.78
CA MET C 371 -7.97 3.20 -20.58
C MET C 371 -7.01 2.04 -20.83
N TRP C 372 -6.24 2.17 -21.91
CA TRP C 372 -5.15 1.26 -22.25
C TRP C 372 -5.64 -0.16 -22.48
N GLN C 373 -6.89 -0.31 -22.91
CA GLN C 373 -7.46 -1.62 -23.27
C GLN C 373 -7.33 -2.64 -22.14
N ARG C 374 -7.40 -2.18 -20.90
CA ARG C 374 -7.28 -3.04 -19.74
C ARG C 374 -8.65 -3.38 -19.17
N ILE C 375 -8.71 -4.49 -18.45
CA ILE C 375 -9.94 -4.98 -17.83
C ILE C 375 -9.66 -5.25 -16.36
N GLY C 376 -10.52 -4.73 -15.49
CA GLY C 376 -10.38 -4.93 -14.06
C GLY C 376 -10.15 -3.66 -13.26
N GLN C 377 -10.11 -2.49 -13.88
CA GLN C 377 -9.87 -1.24 -13.17
C GLN C 377 -10.41 -0.10 -13.99
N ALA C 378 -11.37 0.64 -13.45
CA ALA C 378 -12.02 1.74 -14.14
C ALA C 378 -11.65 3.06 -13.47
N MET C 379 -12.16 4.16 -14.04
CA MET C 379 -11.90 5.49 -13.52
C MET C 379 -13.14 6.35 -13.70
N TYR C 380 -13.45 7.16 -12.69
CA TYR C 380 -14.57 8.09 -12.74
C TYR C 380 -14.02 9.51 -12.78
N ALA C 381 -14.35 10.24 -13.85
CA ALA C 381 -13.87 11.60 -14.03
C ALA C 381 -14.93 12.57 -13.56
N PRO C 382 -14.66 13.39 -12.55
CA PRO C 382 -15.67 14.32 -12.04
C PRO C 382 -16.06 15.35 -13.09
N PRO C 383 -17.23 15.99 -12.95
CA PRO C 383 -17.67 16.92 -13.97
C PRO C 383 -16.91 18.25 -13.91
N ILE C 384 -16.58 18.77 -15.09
CA ILE C 384 -15.96 20.09 -15.19
C ILE C 384 -17.05 21.14 -15.11
N GLN C 385 -16.82 22.16 -14.28
CA GLN C 385 -17.83 23.19 -14.05
C GLN C 385 -17.72 24.27 -15.14
N GLY C 386 -18.87 24.60 -15.73
CA GLY C 386 -18.91 25.62 -16.77
C GLY C 386 -19.17 25.05 -18.15
N VAL C 387 -18.67 25.71 -19.18
CA VAL C 387 -18.76 25.23 -20.55
C VAL C 387 -17.39 24.80 -21.03
N ILE C 388 -17.35 24.13 -22.18
CA ILE C 388 -16.11 23.58 -22.72
C ILE C 388 -16.07 23.88 -24.22
N ARG C 389 -14.96 24.44 -24.67
CA ARG C 389 -14.78 24.81 -26.08
C ARG C 389 -13.30 24.72 -26.40
N CYS C 390 -12.93 23.83 -27.32
CA CYS C 390 -11.53 23.66 -27.68
C CYS C 390 -11.38 23.62 -29.20
N VAL C 391 -10.17 23.96 -29.65
CA VAL C 391 -9.82 24.04 -31.05
C VAL C 391 -8.56 23.21 -31.27
N SER C 392 -8.58 22.34 -32.29
CA SER C 392 -7.47 21.44 -32.53
C SER C 392 -7.19 21.38 -34.03
N ASN C 393 -6.06 20.74 -34.36
CA ASN C 393 -5.66 20.54 -35.78
C ASN C 393 -5.41 19.05 -36.01
N ILE C 394 -6.13 18.46 -36.97
CA ILE C 394 -5.94 17.05 -37.33
C ILE C 394 -4.83 16.97 -38.38
N THR C 395 -3.85 16.11 -38.12
CA THR C 395 -2.65 16.00 -38.96
C THR C 395 -2.31 14.54 -39.23
N GLY C 396 -3.30 13.76 -39.62
CA GLY C 396 -3.05 12.38 -39.97
C GLY C 396 -4.29 11.53 -39.84
N LEU C 397 -4.24 10.35 -40.46
CA LEU C 397 -5.32 9.38 -40.42
C LEU C 397 -4.74 7.98 -40.23
N ILE C 398 -5.55 7.09 -39.67
CA ILE C 398 -5.19 5.69 -39.48
C ILE C 398 -6.22 4.87 -40.24
N LEU C 399 -5.91 4.53 -41.49
CA LEU C 399 -6.86 3.85 -42.36
C LEU C 399 -6.59 2.35 -42.40
N THR C 400 -7.56 1.61 -42.94
CA THR C 400 -7.47 0.18 -43.08
C THR C 400 -8.15 -0.23 -44.38
N ARG C 401 -7.46 -1.05 -45.17
CA ARG C 401 -8.03 -1.54 -46.42
C ARG C 401 -9.02 -2.66 -46.15
N ASP C 402 -10.00 -2.79 -47.03
CA ASP C 402 -11.06 -3.77 -46.83
C ASP C 402 -10.57 -5.19 -47.06
N GLY C 403 -10.10 -5.47 -48.28
CA GLY C 403 -9.62 -6.80 -48.61
C GLY C 403 -10.74 -7.70 -49.13
N GLY C 404 -10.37 -8.97 -49.34
CA GLY C 404 -11.31 -9.94 -49.88
C GLY C 404 -11.34 -9.95 -51.39
N SER C 405 -12.27 -10.74 -51.91
CA SER C 405 -12.43 -10.84 -53.36
C SER C 405 -12.90 -9.51 -53.93
N THR C 406 -12.17 -9.01 -54.92
CA THR C 406 -12.45 -7.70 -55.49
C THR C 406 -12.27 -7.76 -57.00
N ASP C 407 -12.95 -6.84 -57.69
CA ASP C 407 -12.81 -6.75 -59.14
C ASP C 407 -11.49 -6.11 -59.56
N SER C 408 -10.64 -5.77 -58.59
CA SER C 408 -9.30 -5.21 -58.79
C SER C 408 -9.33 -3.80 -59.38
N THR C 409 -10.50 -3.16 -59.43
CA THR C 409 -10.59 -1.79 -59.92
C THR C 409 -11.06 -0.80 -58.86
N THR C 410 -11.65 -1.27 -57.77
CA THR C 410 -12.12 -0.39 -56.71
C THR C 410 -11.51 -0.83 -55.38
N GLU C 411 -11.34 0.14 -54.49
CA GLU C 411 -10.76 -0.11 -53.17
C GLU C 411 -11.46 0.77 -52.16
N THR C 412 -11.83 0.20 -51.02
CA THR C 412 -12.50 0.94 -49.96
C THR C 412 -11.60 0.96 -48.73
N PHE C 413 -11.34 2.16 -48.22
CA PHE C 413 -10.52 2.37 -47.04
C PHE C 413 -11.40 2.90 -45.92
N ARG C 414 -11.41 2.22 -44.78
CA ARG C 414 -12.22 2.65 -43.67
C ARG C 414 -11.33 2.98 -42.46
N PRO C 415 -11.76 3.93 -41.61
CA PRO C 415 -10.92 4.29 -40.47
C PRO C 415 -10.90 3.19 -39.42
N SER C 416 -9.88 3.23 -38.57
CA SER C 416 -9.70 2.26 -37.51
C SER C 416 -8.73 2.82 -36.48
N GLY C 417 -8.51 2.04 -35.43
CA GLY C 417 -7.59 2.45 -34.39
C GLY C 417 -7.77 1.62 -33.13
N GLY C 418 -7.30 2.16 -32.01
CA GLY C 418 -7.45 1.52 -30.72
C GLY C 418 -6.24 0.78 -30.21
N ASP C 419 -5.11 0.83 -30.94
CA ASP C 419 -3.90 0.18 -30.47
C ASP C 419 -3.08 1.07 -29.53
N MET C 420 -3.23 2.38 -29.64
CA MET C 420 -2.64 3.40 -28.77
C MET C 420 -1.13 3.51 -28.91
N ARG C 421 -0.48 2.67 -29.71
CA ARG C 421 0.94 2.82 -29.98
C ARG C 421 1.23 3.38 -31.37
N ASP C 422 0.27 3.30 -32.29
CA ASP C 422 0.43 3.95 -33.58
C ASP C 422 0.29 5.47 -33.48
N ASN C 423 -0.24 5.97 -32.36
CA ASN C 423 -0.35 7.41 -32.19
C ASN C 423 1.01 8.04 -31.92
N TRP C 424 1.87 7.36 -31.17
CA TRP C 424 3.22 7.84 -30.92
C TRP C 424 4.23 7.36 -31.95
N ARG C 425 3.91 6.30 -32.70
CA ARG C 425 4.80 5.82 -33.75
C ARG C 425 4.95 6.85 -34.87
N SER C 426 3.95 7.69 -35.08
CA SER C 426 4.04 8.74 -36.09
C SER C 426 4.97 9.88 -35.68
N GLU C 427 5.44 9.88 -34.43
CA GLU C 427 6.36 10.90 -33.95
C GLU C 427 7.77 10.39 -33.72
N LEU C 428 7.95 9.08 -33.60
CA LEU C 428 9.25 8.46 -33.33
C LEU C 428 9.72 7.62 -34.51
N TYR C 429 9.50 8.11 -35.73
CA TYR C 429 9.96 7.44 -36.94
C TYR C 429 11.27 7.99 -37.48
N LYS C 430 11.71 9.13 -36.99
CA LYS C 430 12.94 9.77 -37.45
C LYS C 430 13.99 9.82 -36.35
N TYR C 431 14.06 8.79 -35.52
CA TYR C 431 15.04 8.72 -34.44
C TYR C 431 15.56 7.30 -34.32
N LYS C 432 16.76 7.17 -33.76
CA LYS C 432 17.39 5.87 -33.61
C LYS C 432 18.43 5.95 -32.50
N VAL C 433 18.34 5.05 -31.53
CA VAL C 433 19.31 4.98 -30.45
C VAL C 433 20.45 4.07 -30.87
N VAL C 434 21.67 4.43 -30.46
CA VAL C 434 22.86 3.70 -30.89
C VAL C 434 23.91 3.80 -29.79
N LYS C 435 24.78 2.79 -29.68
CA LYS C 435 25.83 2.76 -28.68
C LYS C 435 27.18 2.99 -29.33
N ILE C 436 28.13 3.49 -28.55
CA ILE C 436 29.43 3.92 -29.04
C ILE C 436 30.48 2.90 -28.59
N GLU C 437 31.32 2.46 -29.53
CA GLU C 437 32.44 1.57 -29.26
C GLU C 437 33.73 2.28 -29.63
N PRO C 438 34.42 2.90 -28.67
CA PRO C 438 35.57 3.75 -28.99
C PRO C 438 36.89 3.02 -29.12
N LEU C 439 36.91 1.70 -29.23
CA LEU C 439 38.15 0.94 -29.34
C LEU C 439 38.31 0.39 -30.74
N GLY C 440 39.55 0.37 -31.23
CA GLY C 440 39.83 -0.15 -32.54
C GLY C 440 41.32 -0.36 -32.74
N VAL C 441 41.64 -1.25 -33.67
CA VAL C 441 43.02 -1.59 -33.98
C VAL C 441 43.28 -1.36 -35.46
N ALA C 442 44.53 -1.07 -35.80
CA ALA C 442 44.92 -0.82 -37.18
C ALA C 442 46.43 -1.01 -37.33
N PRO C 443 46.88 -1.63 -38.42
CA PRO C 443 48.32 -1.87 -38.58
C PRO C 443 49.04 -0.68 -39.16
N THR C 444 50.22 -0.40 -38.61
CA THR C 444 51.11 0.63 -39.12
C THR C 444 52.53 0.26 -38.72
N ARG C 445 53.49 1.09 -39.12
CA ARG C 445 54.90 0.81 -38.87
C ARG C 445 55.33 1.43 -37.55
N CYS C 446 55.30 0.64 -36.49
CA CYS C 446 55.76 1.05 -35.17
C CYS C 446 56.88 0.14 -34.68
N LYS C 447 57.79 0.71 -33.91
CA LYS C 447 58.84 -0.01 -33.21
C LYS C 447 58.91 0.56 -31.80
N ARG C 448 58.13 -0.01 -30.87
CA ARG C 448 58.11 0.49 -29.51
C ARG C 448 59.48 0.32 -28.86
N ARG C 449 60.05 1.44 -28.41
CA ARG C 449 61.39 1.45 -27.82
C ARG C 449 61.38 0.71 -26.49
N VAL C 450 61.89 -0.52 -26.48
CA VAL C 450 61.94 -1.32 -25.25
C VAL C 450 63.05 -0.90 -24.33
N VAL C 451 63.90 0.05 -24.74
CA VAL C 451 65.00 0.52 -23.90
C VAL C 451 64.45 1.23 -22.66
N VAL D 1 55.86 16.41 12.22
CA VAL D 1 54.96 17.35 11.54
C VAL D 1 53.96 16.59 10.68
N PHE D 2 52.71 16.52 11.14
CA PHE D 2 51.66 15.84 10.40
C PHE D 2 50.31 16.38 10.86
N LEU D 3 49.62 17.08 9.98
CA LEU D 3 48.29 17.60 10.25
C LEU D 3 47.25 16.63 9.69
N GLY D 4 45.98 17.05 9.69
CA GLY D 4 44.90 16.25 9.21
C GLY D 4 44.33 16.76 7.90
N PHE D 5 43.08 16.37 7.63
CA PHE D 5 42.40 16.80 6.42
C PHE D 5 42.23 18.31 6.41
N LEU D 6 42.64 18.94 5.31
CA LEU D 6 42.58 20.39 5.13
C LEU D 6 43.37 21.14 6.19
N GLY D 7 44.38 20.50 6.77
CA GLY D 7 45.16 21.13 7.84
C GLY D 7 46.03 22.27 7.37
N ALA D 8 46.36 22.31 6.08
CA ALA D 8 47.22 23.35 5.52
C ALA D 8 46.45 24.39 4.72
N ALA D 9 45.17 24.60 5.05
CA ALA D 9 44.36 25.56 4.32
C ALA D 9 44.72 27.01 4.63
N GLY D 10 45.49 27.25 5.68
CA GLY D 10 45.87 28.60 6.04
C GLY D 10 47.30 28.95 5.70
N SER D 11 48.10 27.92 5.37
CA SER D 11 49.50 28.14 5.04
C SER D 11 49.62 28.77 3.65
N THR D 12 50.86 29.04 3.25
CA THR D 12 51.13 29.66 1.96
C THR D 12 51.14 28.60 0.86
N MET D 13 51.16 29.08 -0.39
CA MET D 13 51.14 28.17 -1.53
C MET D 13 52.39 27.32 -1.62
N GLY D 14 53.47 27.70 -0.95
CA GLY D 14 54.70 26.92 -0.97
C GLY D 14 54.68 25.76 0.00
N ALA D 15 54.24 26.02 1.23
CA ALA D 15 54.22 24.97 2.25
C ALA D 15 53.02 24.05 2.12
N ALA D 16 51.94 24.51 1.49
CA ALA D 16 50.75 23.67 1.34
C ALA D 16 50.93 22.62 0.25
N SER D 17 51.76 22.91 -0.75
CA SER D 17 51.96 22.00 -1.87
C SER D 17 52.81 20.79 -1.51
N MET D 18 53.30 20.70 -0.28
CA MET D 18 54.09 19.57 0.16
C MET D 18 53.26 18.52 0.89
N THR D 19 51.98 18.80 1.12
CA THR D 19 51.06 17.88 1.79
C THR D 19 49.84 17.62 0.91
N LEU D 20 50.07 17.45 -0.38
CA LEU D 20 48.95 17.20 -1.30
C LEU D 20 48.41 15.79 -1.21
N THR D 21 49.03 14.91 -0.43
CA THR D 21 48.57 13.53 -0.35
C THR D 21 47.42 13.37 0.64
N VAL D 22 47.42 14.15 1.72
CA VAL D 22 46.34 14.03 2.71
C VAL D 22 45.04 14.56 2.14
N GLN D 23 45.10 15.48 1.19
CA GLN D 23 43.92 15.98 0.51
C GLN D 23 43.52 15.13 -0.69
N ALA D 24 44.09 13.92 -0.81
CA ALA D 24 43.77 13.02 -1.92
C ALA D 24 43.32 11.65 -1.47
N ARG D 25 43.48 11.29 -0.20
CA ARG D 25 43.05 9.99 0.31
C ARG D 25 41.60 9.98 0.76
N ASN D 26 40.99 11.15 0.97
CA ASN D 26 39.66 11.26 1.54
C ASN D 26 38.63 11.75 0.52
N LEU D 27 38.88 11.51 -0.76
CA LEU D 27 37.92 11.86 -1.81
C LEU D 27 37.20 10.66 -2.38
N LEU D 28 37.44 9.46 -1.86
CA LEU D 28 36.78 8.25 -2.31
C LEU D 28 35.88 7.64 -1.25
N SER D 29 36.41 7.42 -0.04
CA SER D 29 35.62 6.88 1.05
C SER D 29 36.23 7.23 2.40
N LEU D 30 15.13 -7.70 5.35
CA LEU D 30 14.42 -6.53 5.83
C LEU D 30 14.15 -5.53 4.71
N LEU D 31 13.19 -4.65 4.93
CA LEU D 31 12.80 -3.66 3.92
C LEU D 31 13.89 -2.62 3.80
N LYS D 32 14.66 -2.67 2.71
CA LYS D 32 15.73 -1.72 2.46
C LYS D 32 15.23 -0.52 1.66
N LEU D 33 14.14 0.09 2.13
CA LEU D 33 13.55 1.26 1.49
C LEU D 33 13.29 2.38 2.48
N THR D 34 13.95 2.35 3.64
CA THR D 34 13.73 3.37 4.65
C THR D 34 14.31 4.71 4.18
N VAL D 35 14.06 5.74 4.99
CA VAL D 35 14.54 7.08 4.65
C VAL D 35 16.07 7.11 4.63
N TRP D 36 16.70 6.46 5.60
CA TRP D 36 18.16 6.38 5.62
C TRP D 36 18.72 5.39 4.62
N GLY D 37 17.89 4.52 4.06
CA GLY D 37 18.35 3.52 3.11
C GLY D 37 18.44 3.97 1.68
N ILE D 38 17.83 5.10 1.33
CA ILE D 38 17.88 5.61 -0.04
C ILE D 38 18.85 6.78 -0.09
N LYS D 39 18.95 7.53 1.01
CA LYS D 39 19.88 8.65 1.08
C LYS D 39 21.33 8.21 1.18
N GLN D 40 21.59 6.91 1.34
CA GLN D 40 22.94 6.37 1.36
C GLN D 40 23.39 5.83 0.02
N LEU D 41 22.44 5.40 -0.83
CA LEU D 41 22.79 4.86 -2.14
C LEU D 41 23.01 5.95 -3.17
N GLN D 42 22.60 7.19 -2.89
CA GLN D 42 22.76 8.29 -3.84
C GLN D 42 24.00 9.12 -3.56
N ALA D 43 24.71 8.87 -2.46
CA ALA D 43 25.94 9.59 -2.17
C ALA D 43 27.17 8.89 -2.73
N ARG D 44 27.21 7.56 -2.66
CA ARG D 44 28.36 6.83 -3.15
C ARG D 44 28.51 6.94 -4.66
N VAL D 45 27.40 6.79 -5.39
CA VAL D 45 27.44 6.94 -6.85
C VAL D 45 27.89 8.34 -7.21
N LEU D 46 27.40 9.35 -6.48
CA LEU D 46 27.79 10.73 -6.74
C LEU D 46 29.29 10.93 -6.53
N ALA D 47 29.81 10.41 -5.42
CA ALA D 47 31.24 10.52 -5.17
C ALA D 47 32.06 9.85 -6.27
N VAL D 48 31.59 8.69 -6.74
CA VAL D 48 32.32 7.96 -7.77
C VAL D 48 32.35 8.76 -9.08
N GLU D 49 31.19 9.25 -9.51
CA GLU D 49 31.15 9.99 -10.77
C GLU D 49 31.83 11.35 -10.66
N ARG D 50 31.99 11.87 -9.44
CA ARG D 50 32.71 13.12 -9.27
C ARG D 50 34.21 12.91 -9.24
N TYR D 51 34.66 11.75 -8.74
CA TYR D 51 36.09 11.45 -8.75
C TYR D 51 36.56 11.07 -10.16
N LEU D 52 35.75 10.31 -10.88
CA LEU D 52 36.16 9.87 -12.21
C LEU D 52 36.31 11.04 -13.18
N ARG D 53 35.53 12.10 -13.00
CA ARG D 53 35.63 13.25 -13.88
C ARG D 53 37.00 13.92 -13.77
N ASP D 54 37.44 14.19 -12.53
CA ASP D 54 38.77 14.77 -12.33
C ASP D 54 39.86 13.81 -12.78
N GLN D 55 39.66 12.51 -12.57
CA GLN D 55 40.65 11.55 -13.07
C GLN D 55 40.78 11.61 -14.59
N GLN D 56 39.66 11.71 -15.30
CA GLN D 56 39.70 11.81 -16.76
C GLN D 56 40.35 13.11 -17.20
N LEU D 57 40.04 14.22 -16.52
CA LEU D 57 40.67 15.49 -16.85
C LEU D 57 42.18 15.42 -16.70
N LEU D 58 42.66 14.80 -15.60
CA LEU D 58 44.09 14.62 -15.44
C LEU D 58 44.66 13.65 -16.47
N GLY D 59 43.85 12.70 -16.94
CA GLY D 59 44.36 11.71 -17.89
C GLY D 59 44.50 12.24 -19.30
N ILE D 60 43.67 13.21 -19.68
CA ILE D 60 43.73 13.77 -21.03
C ILE D 60 44.62 15.00 -21.11
N TRP D 61 45.46 15.22 -20.09
CA TRP D 61 46.43 16.31 -20.10
C TRP D 61 47.86 15.83 -20.12
N GLY D 62 48.08 14.51 -20.07
CA GLY D 62 49.42 13.97 -19.98
C GLY D 62 50.01 13.91 -18.59
N CYS D 63 49.20 14.15 -17.57
CA CYS D 63 49.62 14.14 -16.17
C CYS D 63 48.82 13.11 -15.38
N SER D 64 48.75 11.89 -15.93
CA SER D 64 47.87 10.87 -15.37
C SER D 64 48.26 10.52 -13.94
N GLY D 65 49.45 9.96 -13.74
CA GLY D 65 49.85 9.47 -12.44
C GLY D 65 50.77 10.40 -11.68
N LYS D 66 50.59 11.71 -11.85
CA LYS D 66 51.42 12.71 -11.21
C LYS D 66 50.57 13.69 -10.40
N LEU D 67 51.04 14.05 -9.21
CA LEU D 67 50.38 15.07 -8.43
C LEU D 67 50.86 16.46 -8.81
N ILE D 68 52.17 16.62 -9.02
CA ILE D 68 52.75 17.87 -9.45
C ILE D 68 53.24 17.65 -10.88
N CYS D 69 52.53 18.22 -11.85
CA CYS D 69 52.85 18.09 -13.26
C CYS D 69 52.80 19.45 -13.93
N CYS D 70 53.44 19.56 -15.09
CA CYS D 70 53.39 20.79 -15.86
C CYS D 70 53.64 20.49 -17.33
N THR D 71 53.10 21.34 -18.19
CA THR D 71 53.06 21.12 -19.63
C THR D 71 53.83 22.22 -20.35
N ASN D 72 53.66 22.28 -21.67
CA ASN D 72 54.45 23.14 -22.54
C ASN D 72 53.62 24.23 -23.21
N VAL D 73 52.77 24.91 -22.44
CA VAL D 73 52.04 26.09 -22.91
C VAL D 73 52.57 27.30 -22.15
N PRO D 74 52.76 28.44 -22.80
CA PRO D 74 53.24 29.62 -22.08
C PRO D 74 52.15 30.27 -21.25
N TRP D 75 52.57 30.95 -20.19
CA TRP D 75 51.65 31.66 -19.30
C TRP D 75 51.39 33.05 -19.87
N ASN D 76 50.18 33.27 -20.36
CA ASN D 76 49.83 34.55 -20.96
C ASN D 76 49.85 35.66 -19.93
N SER D 77 50.07 36.89 -20.40
CA SER D 77 50.10 38.04 -19.51
C SER D 77 48.72 38.58 -19.21
N SER D 78 47.73 38.30 -20.05
CA SER D 78 46.37 38.78 -19.81
C SER D 78 45.73 38.15 -18.59
N TRP D 79 46.21 36.98 -18.17
CA TRP D 79 45.62 36.30 -17.02
C TRP D 79 46.02 36.98 -15.71
N SER D 80 47.32 37.17 -15.49
CA SER D 80 47.82 37.86 -14.32
C SER D 80 49.25 38.28 -14.56
N ASN D 81 49.67 39.36 -13.88
CA ASN D 81 51.03 39.88 -13.96
C ASN D 81 51.49 40.18 -12.54
N ARG D 82 52.09 39.18 -11.89
CA ARG D 82 52.55 39.32 -10.52
C ARG D 82 53.88 38.62 -10.35
N ASN D 83 54.67 39.09 -9.39
CA ASN D 83 55.97 38.50 -9.12
C ASN D 83 55.82 37.17 -8.40
N LEU D 84 56.73 36.24 -8.71
CA LEU D 84 56.66 34.91 -8.11
C LEU D 84 57.09 34.91 -6.65
N SER D 85 57.81 35.93 -6.20
CA SER D 85 58.27 35.97 -4.82
C SER D 85 57.11 36.12 -3.85
N GLU D 86 56.07 36.85 -4.25
CA GLU D 86 54.93 37.11 -3.39
C GLU D 86 53.75 36.17 -3.64
N ILE D 87 53.84 35.30 -4.64
CA ILE D 87 52.77 34.34 -4.91
C ILE D 87 52.97 33.04 -4.15
N TRP D 88 54.17 32.47 -4.22
CA TRP D 88 54.44 31.21 -3.54
C TRP D 88 54.79 31.40 -2.07
N ASP D 89 54.91 32.63 -1.60
CA ASP D 89 55.26 32.90 -0.21
C ASP D 89 54.35 33.88 0.50
N ASN D 90 53.55 34.66 -0.21
CA ASN D 90 52.68 35.67 0.38
C ASN D 90 51.27 35.60 -0.22
N MET D 91 50.74 34.39 -0.34
CA MET D 91 49.40 34.19 -0.89
C MET D 91 48.95 32.77 -0.57
N THR D 92 47.64 32.60 -0.41
CA THR D 92 47.02 31.32 -0.14
C THR D 92 46.20 30.89 -1.35
N TRP D 93 45.96 29.58 -1.46
CA TRP D 93 45.28 29.03 -2.63
C TRP D 93 43.88 29.59 -2.79
N LEU D 94 43.22 29.98 -1.70
CA LEU D 94 41.84 30.43 -1.78
C LEU D 94 41.72 31.73 -2.58
N GLN D 95 42.51 32.75 -2.22
CA GLN D 95 42.46 34.01 -2.95
C GLN D 95 42.97 33.84 -4.38
N TRP D 96 43.94 32.95 -4.59
CA TRP D 96 44.42 32.70 -5.95
C TRP D 96 43.31 32.13 -6.81
N ASP D 97 42.55 31.17 -6.28
CA ASP D 97 41.43 30.63 -7.03
C ASP D 97 40.36 31.69 -7.27
N LYS D 98 40.06 32.49 -6.25
CA LYS D 98 39.09 33.57 -6.42
C LYS D 98 39.53 34.55 -7.50
N GLU D 99 40.84 34.73 -7.68
CA GLU D 99 41.34 35.70 -8.65
C GLU D 99 41.39 35.11 -10.06
N ILE D 100 41.73 33.84 -10.20
CA ILE D 100 41.95 33.25 -11.52
C ILE D 100 40.81 32.31 -11.92
N SER D 101 39.67 32.38 -11.23
CA SER D 101 38.54 31.53 -11.57
C SER D 101 38.03 31.79 -12.99
N ASN D 102 38.08 33.04 -13.45
CA ASN D 102 37.46 33.41 -14.71
C ASN D 102 38.32 33.12 -15.94
N TYR D 103 39.32 32.24 -15.83
CA TYR D 103 40.11 31.82 -16.98
C TYR D 103 40.30 30.31 -17.04
N THR D 104 39.79 29.56 -16.06
CA THR D 104 40.11 28.14 -15.95
C THR D 104 39.57 27.35 -17.14
N GLN D 105 38.38 27.71 -17.63
CA GLN D 105 37.79 26.94 -18.72
C GLN D 105 38.62 27.04 -19.99
N ILE D 106 38.98 28.26 -20.39
CA ILE D 106 39.78 28.44 -21.60
C ILE D 106 41.17 27.85 -21.41
N ILE D 107 41.75 28.00 -20.21
CA ILE D 107 43.06 27.41 -19.95
C ILE D 107 42.99 25.90 -20.14
N TYR D 108 42.02 25.25 -19.52
CA TYR D 108 41.87 23.81 -19.63
C TYR D 108 41.71 23.39 -21.08
N GLY D 109 40.80 24.04 -21.81
CA GLY D 109 40.55 23.63 -23.19
C GLY D 109 41.77 23.78 -24.07
N LEU D 110 42.36 24.98 -24.08
CA LEU D 110 43.55 25.22 -24.90
C LEU D 110 44.67 24.25 -24.54
N LEU D 111 44.98 24.15 -23.25
CA LEU D 111 46.03 23.24 -22.78
C LEU D 111 45.79 21.83 -23.28
N GLU D 112 44.61 21.27 -22.99
CA GLU D 112 44.36 19.87 -23.33
C GLU D 112 44.49 19.65 -24.83
N GLU D 113 43.78 20.45 -25.63
CA GLU D 113 43.80 20.20 -27.07
C GLU D 113 45.22 20.34 -27.63
N SER D 114 45.87 21.49 -27.35
CA SER D 114 47.18 21.75 -27.92
C SER D 114 48.18 20.68 -27.52
N GLN D 115 48.40 20.51 -26.20
CA GLN D 115 49.44 19.60 -25.76
C GLN D 115 49.13 18.16 -26.17
N ASN D 116 47.92 17.68 -25.91
CA ASN D 116 47.59 16.30 -26.24
C ASN D 116 47.83 16.03 -27.72
N GLN D 117 47.19 16.81 -28.60
CA GLN D 117 47.29 16.50 -30.03
C GLN D 117 48.72 16.67 -30.53
N GLN D 118 49.40 17.74 -30.14
CA GLN D 118 50.75 17.98 -30.64
C GLN D 118 51.71 16.89 -30.19
N GLU D 119 51.72 16.59 -28.89
CA GLU D 119 52.65 15.60 -28.38
C GLU D 119 52.38 14.22 -28.96
N LYS D 120 51.09 13.83 -29.05
CA LYS D 120 50.78 12.50 -29.57
C LYS D 120 51.16 12.38 -31.04
N ASN D 121 50.86 13.42 -31.84
CA ASN D 121 51.21 13.38 -33.25
C ASN D 121 52.71 13.33 -33.46
N GLU D 122 53.46 14.16 -32.73
CA GLU D 122 54.91 14.18 -32.92
C GLU D 122 55.54 12.88 -32.46
N GLN D 123 55.08 12.32 -31.33
CA GLN D 123 55.62 11.04 -30.88
C GLN D 123 55.31 9.94 -31.89
N ASP D 124 54.09 9.92 -32.44
CA ASP D 124 53.76 8.91 -33.44
C ASP D 124 54.62 9.05 -34.68
N LEU D 125 54.80 10.28 -35.17
CA LEU D 125 55.60 10.49 -36.37
C LEU D 125 57.08 10.17 -36.12
N LEU D 126 57.54 10.33 -34.89
CA LEU D 126 58.94 10.04 -34.59
C LEU D 126 59.19 8.55 -34.37
N ALA D 127 58.22 7.81 -33.83
CA ALA D 127 58.40 6.40 -33.55
C ALA D 127 58.36 5.52 -34.80
N LEU D 128 58.24 6.11 -35.99
CA LEU D 128 58.26 5.35 -37.24
C LEU D 128 59.67 5.08 -37.74
N ASP D 129 60.58 6.03 -37.58
CA ASP D 129 61.95 5.88 -38.06
C ASP D 129 62.92 5.65 -36.91
N VAL E 1 50.13 -24.38 -21.44
CA VAL E 1 50.02 -24.10 -20.01
C VAL E 1 49.12 -22.88 -19.78
N PHE E 2 47.89 -23.14 -19.37
CA PHE E 2 46.94 -22.06 -19.09
C PHE E 2 45.88 -22.58 -18.14
N LEU E 3 45.87 -22.05 -16.91
CA LEU E 3 44.89 -22.41 -15.91
C LEU E 3 43.76 -21.38 -15.91
N GLY E 4 42.88 -21.47 -14.91
CA GLY E 4 41.76 -20.57 -14.78
C GLY E 4 41.90 -19.61 -13.63
N PHE E 5 40.77 -19.08 -13.18
CA PHE E 5 40.75 -18.14 -12.07
C PHE E 5 41.23 -18.83 -10.79
N LEU E 6 42.19 -18.20 -10.12
CA LEU E 6 42.80 -18.71 -8.89
C LEU E 6 43.44 -20.09 -9.09
N GLY E 7 43.84 -20.41 -10.32
CA GLY E 7 44.42 -21.71 -10.59
C GLY E 7 45.80 -21.92 -10.00
N ALA E 8 46.52 -20.84 -9.70
CA ALA E 8 47.86 -20.91 -9.15
C ALA E 8 47.90 -20.64 -7.66
N ALA E 9 46.80 -20.93 -6.94
CA ALA E 9 46.76 -20.68 -5.51
C ALA E 9 47.57 -21.69 -4.71
N GLY E 10 47.99 -22.79 -5.32
CA GLY E 10 48.76 -23.80 -4.62
C GLY E 10 50.23 -23.80 -4.98
N SER E 11 50.57 -23.13 -6.08
CA SER E 11 51.95 -23.09 -6.54
C SER E 11 52.78 -22.18 -5.63
N THR E 12 54.07 -22.08 -5.92
CA THR E 12 54.99 -21.27 -5.14
C THR E 12 54.90 -19.81 -5.57
N MET E 13 55.54 -18.94 -4.77
CA MET E 13 55.51 -17.51 -5.04
C MET E 13 56.22 -17.14 -6.35
N GLY E 14 57.09 -18.01 -6.84
CA GLY E 14 57.80 -17.75 -8.07
C GLY E 14 56.97 -18.03 -9.30
N ALA E 15 56.29 -19.18 -9.33
CA ALA E 15 55.49 -19.56 -10.48
C ALA E 15 54.13 -18.89 -10.50
N ALA E 16 53.62 -18.46 -9.35
CA ALA E 16 52.32 -17.80 -9.32
C ALA E 16 52.39 -16.36 -9.80
N SER E 17 53.54 -15.71 -9.67
CA SER E 17 53.70 -14.32 -10.08
C SER E 17 53.78 -14.14 -11.59
N MET E 18 53.74 -15.23 -12.36
CA MET E 18 53.77 -15.15 -13.81
C MET E 18 52.38 -15.20 -14.43
N THR E 19 51.34 -15.41 -13.62
CA THR E 19 49.95 -15.45 -14.08
C THR E 19 49.11 -14.44 -13.30
N LEU E 20 49.66 -13.25 -13.07
CA LEU E 20 48.93 -12.23 -12.33
C LEU E 20 47.85 -11.55 -13.15
N THR E 21 47.71 -11.89 -14.44
CA THR E 21 46.71 -11.24 -15.27
C THR E 21 45.34 -11.89 -15.13
N VAL E 22 45.31 -13.21 -14.94
CA VAL E 22 44.04 -13.90 -14.82
C VAL E 22 43.35 -13.55 -13.51
N GLN E 23 44.12 -13.18 -12.49
CA GLN E 23 43.56 -12.70 -11.24
C GLN E 23 43.27 -11.19 -11.26
N ALA E 24 43.26 -10.58 -12.44
CA ALA E 24 42.99 -9.15 -12.57
C ALA E 24 41.88 -8.82 -13.56
N ARG E 25 41.44 -9.77 -14.38
CA ARG E 25 40.36 -9.54 -15.33
C ARG E 25 38.98 -9.77 -14.73
N ASN E 26 38.89 -10.48 -13.60
CA ASN E 26 37.62 -10.88 -13.02
C ASN E 26 37.30 -10.12 -11.73
N LEU E 27 37.84 -8.91 -11.59
CA LEU E 27 37.54 -8.08 -10.43
C LEU E 27 36.61 -6.91 -10.75
N LEU E 28 36.13 -6.83 -11.99
CA LEU E 28 35.21 -5.77 -12.40
C LEU E 28 33.84 -6.31 -12.77
N SER E 29 33.78 -7.31 -13.66
CA SER E 29 32.52 -7.92 -14.05
C SER E 29 32.74 -9.31 -14.62
N LEU E 30 7.64 -2.53 -15.90
CA LEU E 30 7.37 -3.45 -14.79
C LEU E 30 7.96 -2.92 -13.49
N LEU E 31 7.44 -3.41 -12.38
CA LEU E 31 7.88 -2.97 -11.05
C LEU E 31 9.28 -3.49 -10.79
N LYS E 32 10.27 -2.59 -10.86
CA LYS E 32 11.67 -2.96 -10.61
C LYS E 32 12.02 -2.78 -9.13
N LEU E 33 11.21 -3.37 -8.26
CA LEU E 33 11.43 -3.32 -6.82
C LEU E 33 11.34 -4.70 -6.18
N THR E 34 11.51 -5.76 -6.96
CA THR E 34 11.42 -7.11 -6.44
C THR E 34 12.62 -7.41 -5.52
N VAL E 35 12.59 -8.59 -4.91
CA VAL E 35 13.67 -8.98 -4.00
C VAL E 35 14.98 -9.13 -4.77
N TRP E 36 14.92 -9.73 -5.96
CA TRP E 36 16.10 -9.86 -6.79
C TRP E 36 16.49 -8.57 -7.50
N GLY E 37 15.61 -7.57 -7.51
CA GLY E 37 15.89 -6.31 -8.18
C GLY E 37 16.65 -5.29 -7.37
N ILE E 38 16.72 -5.47 -6.05
CA ILE E 38 17.44 -4.54 -5.20
C ILE E 38 18.76 -5.16 -4.79
N LYS E 39 18.80 -6.49 -4.67
CA LYS E 39 20.03 -7.18 -4.32
C LYS E 39 21.02 -7.21 -5.48
N GLN E 40 20.64 -6.74 -6.66
CA GLN E 40 21.55 -6.64 -7.79
C GLN E 40 22.14 -5.26 -7.96
N LEU E 41 21.45 -4.22 -7.50
CA LEU E 41 21.95 -2.86 -7.61
C LEU E 41 22.93 -2.49 -6.51
N GLN E 42 23.03 -3.31 -5.46
CA GLN E 42 23.96 -3.04 -4.37
C GLN E 42 25.26 -3.80 -4.48
N ALA E 43 25.38 -4.71 -5.45
CA ALA E 43 26.62 -5.44 -5.66
C ALA E 43 27.55 -4.74 -6.64
N ARG E 44 26.99 -4.16 -7.70
CA ARG E 44 27.81 -3.49 -8.70
C ARG E 44 28.49 -2.25 -8.14
N VAL E 45 27.74 -1.43 -7.41
CA VAL E 45 28.32 -0.25 -6.78
C VAL E 45 29.42 -0.64 -5.81
N LEU E 46 29.19 -1.72 -5.05
CA LEU E 46 30.20 -2.19 -4.10
C LEU E 46 31.47 -2.62 -4.83
N ALA E 47 31.32 -3.39 -5.91
CA ALA E 47 32.48 -3.82 -6.68
C ALA E 47 33.24 -2.63 -7.23
N VAL E 48 32.52 -1.61 -7.71
CA VAL E 48 33.17 -0.44 -8.27
C VAL E 48 33.98 0.31 -7.20
N GLU E 49 33.35 0.57 -6.05
CA GLU E 49 34.05 1.33 -5.01
C GLU E 49 35.16 0.49 -4.36
N ARG E 50 35.11 -0.83 -4.48
CA ARG E 50 36.19 -1.66 -3.97
C ARG E 50 37.35 -1.73 -4.94
N TYR E 51 37.08 -1.64 -6.25
CA TYR E 51 38.15 -1.64 -7.23
C TYR E 51 38.86 -0.28 -7.27
N LEU E 52 38.09 0.81 -7.14
CA LEU E 52 38.70 2.13 -7.22
C LEU E 52 39.63 2.41 -6.06
N ARG E 53 39.38 1.81 -4.89
CA ARG E 53 40.26 2.02 -3.74
C ARG E 53 41.65 1.46 -4.01
N ASP E 54 41.72 0.21 -4.49
CA ASP E 54 43.01 -0.39 -4.82
C ASP E 54 43.68 0.35 -5.97
N GLN E 55 42.88 0.82 -6.94
CA GLN E 55 43.47 1.61 -8.02
C GLN E 55 44.12 2.88 -7.50
N GLN E 56 43.45 3.57 -6.57
CA GLN E 56 44.02 4.79 -6.01
C GLN E 56 45.27 4.48 -5.19
N LEU E 57 45.25 3.38 -4.43
CA LEU E 57 46.43 2.99 -3.66
C LEU E 57 47.61 2.73 -4.58
N LEU E 58 47.39 2.03 -5.69
CA LEU E 58 48.45 1.84 -6.67
C LEU E 58 48.87 3.14 -7.34
N GLY E 59 47.95 4.10 -7.46
CA GLY E 59 48.28 5.34 -8.13
C GLY E 59 49.09 6.29 -7.29
N ILE E 60 48.92 6.26 -5.97
CA ILE E 60 49.66 7.17 -5.08
C ILE E 60 50.96 6.55 -4.59
N TRP E 61 51.43 5.47 -5.21
CA TRP E 61 52.70 4.86 -4.88
C TRP E 61 53.72 4.96 -6.01
N GLY E 62 53.33 5.51 -7.16
CA GLY E 62 54.21 5.56 -8.30
C GLY E 62 54.22 4.30 -9.16
N CYS E 63 53.30 3.38 -8.91
CA CYS E 63 53.20 2.12 -9.64
C CYS E 63 51.84 2.01 -10.30
N SER E 64 51.44 3.07 -11.00
CA SER E 64 50.07 3.17 -11.51
C SER E 64 49.77 2.06 -12.51
N GLY E 65 50.46 2.06 -13.65
CA GLY E 65 50.15 1.11 -14.70
C GLY E 65 51.06 -0.09 -14.77
N LYS E 66 51.50 -0.58 -13.63
CA LYS E 66 52.42 -1.70 -13.55
C LYS E 66 51.86 -2.78 -12.64
N LEU E 67 51.98 -4.03 -13.07
CA LEU E 67 51.59 -5.15 -12.22
C LEU E 67 52.71 -5.53 -11.25
N ILE E 68 53.95 -5.54 -11.74
CA ILE E 68 55.12 -5.83 -10.92
C ILE E 68 55.92 -4.53 -10.83
N CYS E 69 55.98 -3.95 -9.64
CA CYS E 69 56.65 -2.68 -9.42
C CYS E 69 57.50 -2.77 -8.15
N CYS E 70 58.51 -1.90 -8.09
CA CYS E 70 59.37 -1.85 -6.91
C CYS E 70 59.88 -0.43 -6.71
N THR E 71 60.07 -0.07 -5.45
CA THR E 71 60.35 1.30 -5.02
C THR E 71 61.72 1.37 -4.33
N ASN E 72 62.00 2.52 -3.71
CA ASN E 72 63.30 2.81 -3.13
C ASN E 72 63.23 2.98 -1.62
N VAL E 73 62.52 2.09 -0.93
CA VAL E 73 62.50 2.06 0.53
C VAL E 73 63.15 0.75 0.97
N PRO E 74 64.01 0.76 1.98
CA PRO E 74 64.69 -0.48 2.38
C PRO E 74 63.77 -1.42 3.15
N TRP E 75 64.08 -2.71 3.06
CA TRP E 75 63.32 -3.74 3.77
C TRP E 75 63.90 -3.87 5.18
N ASN E 76 63.15 -3.42 6.17
CA ASN E 76 63.62 -3.47 7.55
C ASN E 76 63.76 -4.92 8.02
N SER E 77 64.62 -5.11 9.02
CA SER E 77 64.84 -6.44 9.58
C SER E 77 63.80 -6.84 10.60
N SER E 78 63.13 -5.87 11.23
CA SER E 78 62.12 -6.17 12.23
C SER E 78 60.90 -6.86 11.64
N TRP E 79 60.67 -6.72 10.34
CA TRP E 79 59.50 -7.34 9.71
C TRP E 79 59.70 -8.84 9.55
N SER E 80 60.79 -9.25 8.94
CA SER E 80 61.12 -10.67 8.78
C SER E 80 62.58 -10.80 8.43
N ASN E 81 63.15 -11.95 8.79
CA ASN E 81 64.56 -12.27 8.51
C ASN E 81 64.60 -13.70 7.97
N ARG E 82 64.47 -13.86 6.66
CA ARG E 82 64.45 -15.16 6.03
C ARG E 82 65.22 -15.11 4.72
N ASN E 83 65.76 -16.26 4.32
CA ASN E 83 66.51 -16.35 3.07
C ASN E 83 65.57 -16.31 1.87
N LEU E 84 66.05 -15.68 0.79
CA LEU E 84 65.22 -15.55 -0.40
C LEU E 84 65.08 -16.86 -1.16
N SER E 85 65.98 -17.81 -0.94
CA SER E 85 65.90 -19.08 -1.67
C SER E 85 64.67 -19.88 -1.28
N GLU E 86 64.26 -19.80 -0.01
CA GLU E 86 63.13 -20.56 0.50
C GLU E 86 61.83 -19.77 0.49
N ILE E 87 61.86 -18.49 0.14
CA ILE E 87 60.64 -17.70 0.08
C ILE E 87 60.00 -17.76 -1.31
N TRP E 88 60.79 -17.55 -2.36
CA TRP E 88 60.26 -17.56 -3.71
C TRP E 88 60.13 -18.97 -4.28
N ASP E 89 60.61 -19.99 -3.57
CA ASP E 89 60.55 -21.36 -4.06
C ASP E 89 59.98 -22.36 -3.06
N ASN E 90 59.86 -22.01 -1.79
CA ASN E 90 59.37 -22.93 -0.76
C ASN E 90 58.36 -22.23 0.14
N MET E 91 57.44 -21.49 -0.45
CA MET E 91 56.41 -20.78 0.29
C MET E 91 55.33 -20.34 -0.67
N THR E 92 54.09 -20.27 -0.16
CA THR E 92 52.94 -19.81 -0.92
C THR E 92 52.46 -18.47 -0.38
N TRP E 93 51.75 -17.73 -1.23
CA TRP E 93 51.32 -16.37 -0.88
C TRP E 93 50.45 -16.35 0.37
N LEU E 94 49.69 -17.42 0.62
CA LEU E 94 48.74 -17.41 1.73
C LEU E 94 49.46 -17.32 3.07
N GLN E 95 50.43 -18.21 3.31
CA GLN E 95 51.17 -18.17 4.56
C GLN E 95 52.01 -16.90 4.68
N TRP E 96 52.52 -16.39 3.56
CA TRP E 96 53.27 -15.14 3.60
C TRP E 96 52.39 -14.00 4.06
N ASP E 97 51.16 -13.92 3.53
CA ASP E 97 50.23 -12.89 3.98
C ASP E 97 49.87 -13.09 5.45
N LYS E 98 49.61 -14.33 5.86
CA LYS E 98 49.32 -14.59 7.27
C LYS E 98 50.46 -14.17 8.17
N GLU E 99 51.69 -14.24 7.68
CA GLU E 99 52.85 -13.91 8.50
C GLU E 99 53.11 -12.41 8.54
N ILE E 100 52.92 -11.71 7.43
CA ILE E 100 53.29 -10.30 7.33
C ILE E 100 52.07 -9.38 7.37
N SER E 101 50.91 -9.90 7.77
CA SER E 101 49.71 -9.07 7.84
C SER E 101 49.87 -7.91 8.83
N ASN E 102 50.61 -8.12 9.91
CA ASN E 102 50.65 -7.14 11.00
C ASN E 102 51.66 -6.01 10.78
N TYR E 103 52.09 -5.78 9.53
CA TYR E 103 52.95 -4.65 9.20
C TYR E 103 52.51 -3.91 7.96
N THR E 104 51.43 -4.34 7.31
CA THR E 104 51.06 -3.80 6.01
C THR E 104 50.67 -2.34 6.10
N GLN E 105 49.99 -1.95 7.18
CA GLN E 105 49.52 -0.57 7.30
C GLN E 105 50.69 0.40 7.37
N ILE E 106 51.64 0.13 8.27
CA ILE E 106 52.80 1.01 8.40
C ILE E 106 53.66 0.97 7.15
N ILE E 107 53.80 -0.20 6.52
CA ILE E 107 54.57 -0.29 5.28
C ILE E 107 53.94 0.60 4.22
N TYR E 108 52.62 0.47 4.02
CA TYR E 108 51.92 1.27 3.03
C TYR E 108 52.10 2.76 3.31
N GLY E 109 51.86 3.18 4.55
CA GLY E 109 51.95 4.60 4.87
C GLY E 109 53.34 5.16 4.63
N LEU E 110 54.36 4.51 5.20
CA LEU E 110 55.73 4.98 5.04
C LEU E 110 56.12 5.02 3.57
N LEU E 111 55.89 3.92 2.85
CA LEU E 111 56.20 3.86 1.43
C LEU E 111 55.57 5.01 0.68
N GLU E 112 54.24 5.16 0.80
CA GLU E 112 53.54 6.17 0.02
C GLU E 112 54.08 7.56 0.33
N GLU E 113 54.12 7.94 1.61
CA GLU E 113 54.50 9.31 1.94
C GLU E 113 55.93 9.59 1.48
N SER E 114 56.87 8.73 1.89
CA SER E 114 58.27 8.96 1.59
C SER E 114 58.50 9.03 0.08
N GLN E 115 58.15 7.97 -0.64
CA GLN E 115 58.47 7.92 -2.05
C GLN E 115 57.75 9.01 -2.83
N ASN E 116 56.45 9.16 -2.61
CA ASN E 116 55.70 10.18 -3.34
C ASN E 116 56.31 11.56 -3.13
N GLN E 117 56.41 12.01 -1.87
CA GLN E 117 56.86 13.37 -1.63
C GLN E 117 58.29 13.57 -2.12
N GLN E 118 59.20 12.63 -1.81
CA GLN E 118 60.59 12.80 -2.18
C GLN E 118 60.76 12.84 -3.69
N GLU E 119 60.20 11.85 -4.40
CA GLU E 119 60.38 11.79 -5.85
C GLU E 119 59.75 12.99 -6.53
N LYS E 120 58.55 13.39 -6.13
CA LYS E 120 57.89 14.51 -6.78
C LYS E 120 58.64 15.81 -6.53
N ASN E 121 59.10 16.02 -5.29
CA ASN E 121 59.83 17.25 -4.99
C ASN E 121 61.16 17.30 -5.75
N GLU E 122 61.90 16.18 -5.78
CA GLU E 122 63.18 16.19 -6.48
C GLU E 122 63.01 16.36 -7.98
N GLN E 123 61.97 15.74 -8.56
CA GLN E 123 61.71 15.92 -9.97
C GLN E 123 61.35 17.37 -10.28
N ASP E 124 60.50 17.98 -9.46
CA ASP E 124 60.13 19.38 -9.69
C ASP E 124 61.34 20.30 -9.54
N LEU E 125 62.21 20.02 -8.58
CA LEU E 125 63.40 20.85 -8.40
C LEU E 125 64.41 20.65 -9.51
N LEU E 126 64.46 19.45 -10.10
CA LEU E 126 65.41 19.19 -11.17
C LEU E 126 64.94 19.72 -12.51
N ALA E 127 63.63 19.68 -12.77
CA ALA E 127 63.10 20.15 -14.04
C ALA E 127 63.07 21.67 -14.16
N LEU E 128 63.64 22.40 -13.21
CA LEU E 128 63.70 23.86 -13.27
C LEU E 128 64.83 24.36 -14.15
N ASP E 129 65.97 23.67 -14.15
CA ASP E 129 67.14 24.11 -14.89
C ASP E 129 67.45 23.16 -16.04
N VAL F 1 38.88 25.09 -36.96
CA VAL F 1 38.32 23.77 -37.19
C VAL F 1 37.94 23.11 -35.86
N PHE F 2 36.64 23.02 -35.60
CA PHE F 2 36.16 22.39 -34.37
C PHE F 2 34.73 21.90 -34.62
N LEU F 3 34.57 20.59 -34.74
CA LEU F 3 33.26 19.98 -34.90
C LEU F 3 32.75 19.50 -33.54
N GLY F 4 31.66 18.76 -33.55
CA GLY F 4 31.05 18.25 -32.34
C GLY F 4 31.24 16.76 -32.16
N PHE F 5 30.37 16.17 -31.35
CA PHE F 5 30.42 14.75 -31.09
C PHE F 5 30.17 13.97 -32.37
N LEU F 6 31.04 13.02 -32.67
CA LEU F 6 30.97 12.18 -33.87
C LEU F 6 30.99 13.00 -35.15
N GLY F 7 31.59 14.19 -35.12
CA GLY F 7 31.61 15.04 -36.29
C GLY F 7 32.47 14.53 -37.43
N ALA F 8 33.43 13.65 -37.14
CA ALA F 8 34.33 13.12 -38.15
C ALA F 8 34.01 11.67 -38.51
N ALA F 9 32.74 11.28 -38.39
CA ALA F 9 32.35 9.91 -38.69
C ALA F 9 32.35 9.60 -40.18
N GLY F 10 32.43 10.61 -41.04
CA GLY F 10 32.41 10.40 -42.47
C GLY F 10 33.77 10.58 -43.11
N SER F 11 34.71 11.16 -42.38
CA SER F 11 36.05 11.39 -42.91
C SER F 11 36.82 10.08 -43.00
N THR F 12 38.05 10.17 -43.51
CA THR F 12 38.89 9.00 -43.66
C THR F 12 39.60 8.67 -42.35
N MET F 13 40.23 7.49 -42.32
CA MET F 13 40.90 7.03 -41.12
C MET F 13 42.09 7.91 -40.73
N GLY F 14 42.62 8.68 -41.68
CA GLY F 14 43.74 9.56 -41.39
C GLY F 14 43.32 10.85 -40.72
N ALA F 15 42.28 11.49 -41.25
CA ALA F 15 41.83 12.77 -40.70
C ALA F 15 40.97 12.60 -39.45
N ALA F 16 40.35 11.44 -39.26
CA ALA F 16 39.53 11.22 -38.08
C ALA F 16 40.36 10.96 -36.84
N SER F 17 41.57 10.43 -37.00
CA SER F 17 42.43 10.10 -35.87
C SER F 17 43.07 11.34 -35.25
N MET F 18 42.83 12.52 -35.79
CA MET F 18 43.36 13.76 -35.22
C MET F 18 42.38 14.46 -34.31
N THR F 19 41.15 13.96 -34.20
CA THR F 19 40.11 14.51 -33.34
C THR F 19 39.59 13.45 -32.40
N LEU F 20 40.48 12.64 -31.83
CA LEU F 20 40.07 11.57 -30.92
C LEU F 20 39.72 12.09 -29.53
N THR F 21 39.91 13.37 -29.26
CA THR F 21 39.63 13.90 -27.93
C THR F 21 38.15 14.24 -27.76
N VAL F 22 37.49 14.70 -28.82
CA VAL F 22 36.09 15.06 -28.70
C VAL F 22 35.23 13.82 -28.53
N GLN F 23 35.69 12.67 -29.04
CA GLN F 23 34.99 11.40 -28.84
C GLN F 23 35.38 10.73 -27.53
N ALA F 24 36.04 11.44 -26.62
CA ALA F 24 36.44 10.87 -25.34
C ALA F 24 35.99 11.69 -24.13
N ARG F 25 35.49 12.91 -24.33
CA ARG F 25 35.00 13.74 -23.24
C ARG F 25 33.54 13.46 -22.91
N ASN F 26 32.79 12.81 -23.80
CA ASN F 26 31.36 12.62 -23.65
C ASN F 26 30.99 11.17 -23.37
N LEU F 27 31.90 10.41 -22.77
CA LEU F 27 31.62 9.03 -22.38
C LEU F 27 31.44 8.86 -20.89
N LEU F 28 31.49 9.94 -20.12
CA LEU F 28 31.30 9.89 -18.67
C LEU F 28 30.04 10.62 -18.23
N SER F 29 29.87 11.87 -18.65
CA SER F 29 28.68 12.63 -18.30
C SER F 29 28.45 13.78 -19.28
N LEU F 30 10.67 14.22 -0.26
CA LEU F 30 9.70 13.72 -1.22
C LEU F 30 9.99 12.26 -1.60
N LEU F 31 8.96 11.57 -2.09
CA LEU F 31 9.08 10.16 -2.46
C LEU F 31 9.96 10.04 -3.70
N LYS F 32 11.18 9.57 -3.52
CA LYS F 32 12.11 9.39 -4.63
C LYS F 32 12.00 7.99 -5.23
N LEU F 33 10.77 7.59 -5.55
CA LEU F 33 10.49 6.29 -6.15
C LEU F 33 9.62 6.41 -7.39
N THR F 34 9.57 7.59 -8.00
CA THR F 34 8.74 7.79 -9.18
C THR F 34 9.32 7.02 -10.37
N VAL F 35 8.59 7.05 -11.48
CA VAL F 35 9.03 6.34 -12.68
C VAL F 35 10.31 6.95 -13.22
N TRP F 36 10.41 8.27 -13.21
CA TRP F 36 11.63 8.95 -13.64
C TRP F 36 12.73 8.89 -12.60
N GLY F 37 12.43 8.51 -11.37
CA GLY F 37 13.42 8.46 -10.31
C GLY F 37 14.22 7.19 -10.23
N ILE F 38 13.77 6.12 -10.89
CA ILE F 38 14.48 4.85 -10.88
C ILE F 38 15.21 4.67 -12.21
N LYS F 39 14.62 5.21 -13.28
CA LYS F 39 15.25 5.13 -14.60
C LYS F 39 16.45 6.05 -14.72
N GLN F 40 16.71 6.89 -13.73
CA GLN F 40 17.90 7.74 -13.73
C GLN F 40 19.04 7.16 -12.90
N LEU F 41 18.75 6.30 -11.92
CA LEU F 41 19.80 5.71 -11.10
C LEU F 41 20.41 4.47 -11.74
N GLN F 42 19.79 3.94 -12.79
CA GLN F 42 20.32 2.76 -13.48
C GLN F 42 21.11 3.10 -14.72
N ALA F 43 21.18 4.37 -15.11
CA ALA F 43 21.97 4.78 -16.26
C ALA F 43 23.38 5.21 -15.86
N ARG F 44 23.52 5.92 -14.74
CA ARG F 44 24.82 6.39 -14.31
C ARG F 44 25.73 5.23 -13.92
N VAL F 45 25.21 4.27 -13.16
CA VAL F 45 26.00 3.10 -12.79
C VAL F 45 26.42 2.33 -14.04
N LEU F 46 25.51 2.21 -15.02
CA LEU F 46 25.83 1.51 -16.24
C LEU F 46 26.97 2.22 -16.99
N ALA F 47 26.87 3.54 -17.12
CA ALA F 47 27.93 4.29 -17.79
C ALA F 47 29.26 4.11 -17.07
N VAL F 48 29.24 4.11 -15.73
CA VAL F 48 30.49 3.97 -14.97
C VAL F 48 31.11 2.61 -15.22
N GLU F 49 30.31 1.54 -15.10
CA GLU F 49 30.88 0.20 -15.28
C GLU F 49 31.24 -0.08 -16.73
N ARG F 50 30.68 0.67 -17.68
CA ARG F 50 31.06 0.50 -19.07
C ARG F 50 32.33 1.27 -19.41
N TYR F 51 32.57 2.39 -18.72
CA TYR F 51 33.81 3.14 -18.92
C TYR F 51 34.99 2.44 -18.25
N LEU F 52 34.77 1.89 -17.05
CA LEU F 52 35.87 1.26 -16.33
C LEU F 52 36.39 0.02 -17.04
N ARG F 53 35.52 -0.68 -17.78
CA ARG F 53 35.97 -1.87 -18.51
C ARG F 53 36.99 -1.50 -19.59
N ASP F 54 36.67 -0.49 -20.40
CA ASP F 54 37.62 -0.06 -21.42
C ASP F 54 38.88 0.53 -20.79
N GLN F 55 38.74 1.22 -19.67
CA GLN F 55 39.93 1.72 -18.98
C GLN F 55 40.84 0.58 -18.53
N GLN F 56 40.26 -0.49 -17.99
CA GLN F 56 41.06 -1.63 -17.57
C GLN F 56 41.72 -2.32 -18.77
N LEU F 57 40.98 -2.46 -19.86
CA LEU F 57 41.55 -3.05 -21.07
C LEU F 57 42.74 -2.25 -21.56
N LEU F 58 42.63 -0.92 -21.58
CA LEU F 58 43.78 -0.09 -21.94
C LEU F 58 44.89 -0.17 -20.92
N GLY F 59 44.57 -0.43 -19.65
CA GLY F 59 45.59 -0.47 -18.62
C GLY F 59 46.40 -1.75 -18.63
N ILE F 60 45.81 -2.87 -19.04
CA ILE F 60 46.51 -4.15 -19.05
C ILE F 60 47.19 -4.42 -20.39
N TRP F 61 47.33 -3.40 -21.23
CA TRP F 61 48.04 -3.53 -22.50
C TRP F 61 49.32 -2.69 -22.55
N GLY F 62 49.60 -1.91 -21.52
CA GLY F 62 50.74 -1.02 -21.53
C GLY F 62 50.48 0.33 -22.18
N CYS F 63 49.23 0.65 -22.50
CA CYS F 63 48.85 1.89 -23.14
C CYS F 63 47.87 2.66 -22.25
N SER F 64 48.23 2.79 -20.97
CA SER F 64 47.31 3.32 -19.98
C SER F 64 46.90 4.76 -20.31
N GLY F 65 47.87 5.68 -20.30
CA GLY F 65 47.55 7.08 -20.47
C GLY F 65 47.82 7.61 -21.87
N LYS F 66 47.61 6.78 -22.89
CA LYS F 66 47.87 7.16 -24.27
C LYS F 66 46.61 6.96 -25.11
N LEU F 67 46.32 7.92 -25.98
CA LEU F 67 45.23 7.77 -26.92
C LEU F 67 45.69 7.02 -28.17
N ILE F 68 46.87 7.37 -28.69
CA ILE F 68 47.47 6.69 -29.83
C ILE F 68 48.67 5.92 -29.30
N CYS F 69 48.55 4.61 -29.23
CA CYS F 69 49.59 3.74 -28.71
C CYS F 69 49.84 2.60 -29.69
N CYS F 70 51.03 2.02 -29.60
CA CYS F 70 51.39 0.92 -30.49
C CYS F 70 52.40 0.01 -29.79
N THR F 71 52.35 -1.26 -30.15
CA THR F 71 52.93 -2.35 -29.38
C THR F 71 53.94 -3.14 -30.22
N ASN F 72 54.40 -4.27 -29.67
CA ASN F 72 55.46 -5.08 -30.28
C ASN F 72 54.97 -6.47 -30.69
N VAL F 73 53.80 -6.56 -31.30
CA VAL F 73 53.29 -7.81 -31.86
C VAL F 73 53.17 -7.63 -33.37
N PRO F 74 53.53 -8.63 -34.16
CA PRO F 74 53.43 -8.49 -35.62
C PRO F 74 52.00 -8.61 -36.10
N TRP F 75 51.72 -7.95 -37.22
CA TRP F 75 50.41 -8.01 -37.86
C TRP F 75 50.38 -9.21 -38.77
N ASN F 76 49.61 -10.24 -38.38
CA ASN F 76 49.51 -11.45 -39.17
C ASN F 76 48.86 -11.17 -40.52
N SER F 77 49.21 -12.00 -41.50
CA SER F 77 48.65 -11.84 -42.84
C SER F 77 47.29 -12.50 -43.00
N SER F 78 46.95 -13.44 -42.12
CA SER F 78 45.65 -14.10 -42.20
C SER F 78 44.50 -13.17 -41.88
N TRP F 79 44.76 -12.07 -41.16
CA TRP F 79 43.70 -11.14 -40.80
C TRP F 79 43.26 -10.30 -41.99
N SER F 80 44.21 -9.66 -42.67
CA SER F 80 43.91 -8.87 -43.85
C SER F 80 45.20 -8.63 -44.62
N ASN F 81 45.07 -8.43 -45.93
CA ASN F 81 46.19 -8.16 -46.82
C ASN F 81 45.80 -7.01 -47.75
N ARG F 82 46.07 -5.78 -47.30
CA ARG F 82 45.70 -4.60 -48.06
C ARG F 82 46.82 -3.57 -47.95
N ASN F 83 46.92 -2.72 -48.97
CA ASN F 83 47.94 -1.67 -48.98
C ASN F 83 47.56 -0.55 -48.02
N LEU F 84 48.58 0.03 -47.39
CA LEU F 84 48.35 1.10 -46.43
C LEU F 84 47.92 2.40 -47.09
N SER F 85 48.21 2.57 -48.37
CA SER F 85 47.85 3.83 -49.05
C SER F 85 46.34 3.98 -49.16
N GLU F 86 45.62 2.88 -49.34
CA GLU F 86 44.18 2.93 -49.51
C GLU F 86 43.41 2.69 -48.22
N ILE F 87 44.10 2.38 -47.12
CA ILE F 87 43.44 2.18 -45.83
C ILE F 87 43.33 3.49 -45.06
N TRP F 88 44.43 4.20 -44.90
CA TRP F 88 44.43 5.45 -44.14
C TRP F 88 43.92 6.64 -44.95
N ASP F 89 43.64 6.46 -46.25
CA ASP F 89 43.19 7.54 -47.10
C ASP F 89 41.94 7.23 -47.90
N ASN F 90 41.57 5.95 -48.05
CA ASN F 90 40.41 5.55 -48.86
C ASN F 90 39.57 4.53 -48.12
N MET F 91 39.30 4.80 -46.84
CA MET F 91 38.48 3.90 -46.02
C MET F 91 38.08 4.64 -44.75
N THR F 92 36.91 4.28 -44.23
CA THR F 92 36.38 4.84 -43.00
C THR F 92 36.38 3.77 -41.92
N TRP F 93 36.37 4.23 -40.65
CA TRP F 93 36.47 3.31 -39.52
C TRP F 93 35.33 2.31 -39.48
N LEU F 94 34.16 2.68 -39.99
CA LEU F 94 32.99 1.80 -39.89
C LEU F 94 33.19 0.52 -40.68
N GLN F 95 33.55 0.63 -41.96
CA GLN F 95 33.77 -0.56 -42.76
C GLN F 95 34.97 -1.35 -42.28
N TRP F 96 36.00 -0.67 -41.77
CA TRP F 96 37.15 -1.37 -41.22
C TRP F 96 36.74 -2.24 -40.02
N ASP F 97 35.91 -1.69 -39.13
CA ASP F 97 35.42 -2.48 -38.00
C ASP F 97 34.55 -3.63 -38.49
N LYS F 98 33.67 -3.37 -39.46
CA LYS F 98 32.84 -4.43 -40.01
C LYS F 98 33.68 -5.55 -40.61
N GLU F 99 34.85 -5.21 -41.15
CA GLU F 99 35.69 -6.21 -41.79
C GLU F 99 36.54 -6.99 -40.79
N ILE F 100 37.05 -6.31 -39.76
CA ILE F 100 37.99 -6.95 -38.84
C ILE F 100 37.34 -7.29 -37.50
N SER F 101 36.01 -7.28 -37.43
CA SER F 101 35.34 -7.62 -36.18
C SER F 101 35.63 -9.05 -35.74
N ASN F 102 35.80 -9.98 -36.68
CA ASN F 102 35.89 -11.40 -36.34
C ASN F 102 37.30 -11.84 -35.93
N TYR F 103 38.17 -10.92 -35.53
CA TYR F 103 39.48 -11.27 -35.02
C TYR F 103 39.84 -10.50 -33.75
N THR F 104 38.97 -9.60 -33.30
CA THR F 104 39.33 -8.69 -32.21
C THR F 104 39.57 -9.44 -30.91
N GLN F 105 38.79 -10.49 -30.64
CA GLN F 105 38.94 -11.22 -29.38
C GLN F 105 40.31 -11.87 -29.28
N ILE F 106 40.70 -12.62 -30.30
CA ILE F 106 42.00 -13.28 -30.27
C ILE F 106 43.13 -12.26 -30.30
N ILE F 107 42.96 -11.17 -31.05
CA ILE F 107 43.99 -10.13 -31.06
C ILE F 107 44.19 -9.56 -29.66
N TYR F 108 43.09 -9.18 -29.00
CA TYR F 108 43.16 -8.63 -27.65
C TYR F 108 43.84 -9.61 -26.70
N GLY F 109 43.40 -10.87 -26.71
CA GLY F 109 43.95 -11.84 -25.78
C GLY F 109 45.44 -12.06 -25.98
N LEU F 110 45.83 -12.36 -27.22
CA LEU F 110 47.25 -12.60 -27.51
C LEU F 110 48.09 -11.39 -27.15
N LEU F 111 47.67 -10.22 -27.63
CA LEU F 111 48.38 -8.97 -27.32
C LEU F 111 48.59 -8.83 -25.82
N GLU F 112 47.51 -8.85 -25.05
CA GLU F 112 47.62 -8.58 -23.61
C GLU F 112 48.56 -9.59 -22.96
N GLU F 113 48.31 -10.89 -23.14
CA GLU F 113 49.11 -11.87 -22.42
C GLU F 113 50.58 -11.75 -22.81
N SER F 114 50.86 -11.85 -24.13
CA SER F 114 52.24 -11.85 -24.59
C SER F 114 52.97 -10.61 -24.15
N GLN F 115 52.48 -9.43 -24.55
CA GLN F 115 53.23 -8.20 -24.29
C GLN F 115 53.35 -7.93 -22.80
N ASN F 116 52.25 -8.02 -22.06
CA ASN F 116 52.31 -7.71 -20.63
C ASN F 116 53.30 -8.62 -19.92
N GLN F 117 53.12 -9.94 -20.04
CA GLN F 117 53.98 -10.85 -19.28
C GLN F 117 55.44 -10.72 -19.72
N GLN F 118 55.68 -10.63 -21.03
CA GLN F 118 57.06 -10.57 -21.51
C GLN F 118 57.75 -9.29 -21.06
N GLU F 119 57.12 -8.14 -21.28
CA GLU F 119 57.75 -6.88 -20.92
C GLU F 119 57.95 -6.77 -19.42
N LYS F 120 56.97 -7.20 -18.63
CA LYS F 120 57.10 -7.10 -17.18
C LYS F 120 58.23 -8.00 -16.68
N ASN F 121 58.28 -9.25 -17.16
CA ASN F 121 59.33 -10.16 -16.73
C ASN F 121 60.71 -9.65 -17.13
N GLU F 122 60.85 -9.15 -18.36
CA GLU F 122 62.15 -8.69 -18.82
C GLU F 122 62.59 -7.45 -18.07
N GLN F 123 61.67 -6.51 -17.81
CA GLN F 123 62.02 -5.33 -17.03
C GLN F 123 62.43 -5.71 -15.61
N ASP F 124 61.70 -6.64 -14.98
CA ASP F 124 62.06 -7.06 -13.63
C ASP F 124 63.43 -7.74 -13.61
N LEU F 125 63.72 -8.57 -14.61
CA LEU F 125 65.01 -9.25 -14.67
C LEU F 125 66.15 -8.28 -14.96
N LEU F 126 65.87 -7.21 -15.72
CA LEU F 126 66.92 -6.26 -16.06
C LEU F 126 67.19 -5.27 -14.93
N ALA F 127 66.18 -4.89 -14.17
CA ALA F 127 66.36 -3.93 -13.09
C ALA F 127 67.02 -4.54 -11.86
N LEU F 128 67.49 -5.78 -11.95
CA LEU F 128 68.17 -6.44 -10.83
C LEU F 128 69.65 -6.08 -10.75
N ASP F 129 70.30 -5.90 -11.89
CA ASP F 129 71.73 -5.59 -11.92
C ASP F 129 71.97 -4.17 -12.43
N GLN G 1 -4.14 34.52 -11.17
CA GLN G 1 -5.31 35.33 -10.83
C GLN G 1 -5.50 35.41 -9.33
N VAL G 2 -5.22 36.58 -8.75
CA VAL G 2 -5.36 36.81 -7.33
C VAL G 2 -6.39 37.92 -7.11
N GLN G 3 -7.17 37.81 -6.04
CA GLN G 3 -8.20 38.79 -5.71
C GLN G 3 -8.67 38.53 -4.30
N LEU G 4 -9.08 39.60 -3.62
CA LEU G 4 -9.60 39.53 -2.25
C LEU G 4 -10.98 40.16 -2.23
N VAL G 5 -12.00 39.35 -1.93
CA VAL G 5 -13.38 39.81 -1.90
C VAL G 5 -13.69 40.26 -0.47
N GLN G 6 -13.54 41.55 -0.22
CA GLN G 6 -13.81 42.15 1.09
C GLN G 6 -15.10 42.98 0.96
N SER G 7 -16.23 42.33 1.17
CA SER G 7 -17.54 42.93 0.99
C SER G 7 -18.12 43.38 2.31
N GLY G 8 -19.12 44.25 2.23
CA GLY G 8 -19.86 44.72 3.39
C GLY G 8 -19.86 46.23 3.50
N ALA G 9 -20.78 46.72 4.32
CA ALA G 9 -20.90 48.14 4.64
C ALA G 9 -21.74 48.26 5.89
N GLU G 10 -21.19 48.90 6.93
CA GLU G 10 -21.80 48.95 8.24
C GLU G 10 -22.15 50.37 8.62
N VAL G 11 -23.32 50.53 9.25
CA VAL G 11 -23.80 51.82 9.73
C VAL G 11 -24.08 51.68 11.22
N LYS G 12 -23.32 50.82 11.89
CA LYS G 12 -23.57 50.51 13.29
C LYS G 12 -23.46 51.75 14.17
N LYS G 13 -24.11 51.69 15.33
CA LYS G 13 -24.21 52.69 16.38
C LYS G 13 -23.03 52.54 17.35
N PRO G 14 -22.62 53.63 18.00
CA PRO G 14 -21.48 53.54 18.93
C PRO G 14 -21.82 52.71 20.15
N GLY G 15 -20.94 51.77 20.46
CA GLY G 15 -21.14 50.86 21.58
C GLY G 15 -21.36 49.42 21.19
N ALA G 16 -21.37 49.11 19.89
CA ALA G 16 -21.57 47.75 19.41
C ALA G 16 -20.32 47.27 18.67
N SER G 17 -20.24 45.97 18.46
CA SER G 17 -19.11 45.37 17.78
C SER G 17 -19.41 45.21 16.28
N VAL G 18 -18.34 45.26 15.49
CA VAL G 18 -18.42 45.16 14.04
C VAL G 18 -17.39 44.17 13.55
N LYS G 19 -17.81 43.27 12.67
CA LYS G 19 -16.93 42.25 12.09
C LYS G 19 -16.77 42.49 10.60
N VAL G 20 -15.56 42.25 10.11
CA VAL G 20 -15.22 42.44 8.70
C VAL G 20 -14.53 41.16 8.21
N SER G 21 -14.92 40.70 7.03
CA SER G 21 -14.36 39.49 6.44
C SER G 21 -13.47 39.85 5.26
N CYS G 22 -12.63 38.88 4.87
CA CYS G 22 -11.74 39.04 3.73
C CYS G 22 -11.47 37.66 3.14
N LYS G 23 -11.85 37.48 1.89
CA LYS G 23 -11.68 36.20 1.21
C LYS G 23 -10.39 36.20 0.40
N ALA G 24 -10.05 35.04 -0.15
CA ALA G 24 -8.86 34.90 -0.98
C ALA G 24 -9.02 33.68 -1.87
N SER G 25 -8.44 33.75 -3.06
CA SER G 25 -8.54 32.66 -4.03
C SER G 25 -7.43 32.83 -5.07
N GLY G 26 -6.87 31.71 -5.52
CA GLY G 26 -5.83 31.71 -6.52
C GLY G 26 -4.46 31.32 -6.03
N TYR G 27 -4.30 31.05 -4.74
CA TYR G 27 -2.99 30.70 -4.19
C TYR G 27 -3.18 29.99 -2.87
N THR G 28 -2.08 29.45 -2.35
CA THR G 28 -2.08 28.77 -1.05
C THR G 28 -2.34 29.77 0.07
N PHE G 29 -3.52 29.71 0.67
CA PHE G 29 -3.89 30.66 1.71
C PHE G 29 -3.02 30.54 2.95
N THR G 30 -2.39 29.38 3.17
CA THR G 30 -1.60 29.13 4.36
C THR G 30 -0.10 29.29 4.10
N GLY G 31 0.28 30.24 3.25
CA GLY G 31 1.69 30.42 2.92
C GLY G 31 2.24 31.80 3.23
N TYR G 32 1.36 32.78 3.42
CA TYR G 32 1.77 34.15 3.64
C TYR G 32 0.88 34.79 4.71
N TYR G 33 1.44 35.76 5.42
CA TYR G 33 0.70 36.47 6.46
C TYR G 33 -0.40 37.32 5.85
N MET G 34 -1.23 37.92 6.70
CA MET G 34 -2.26 38.83 6.23
C MET G 34 -2.36 40.01 7.19
N HIS G 35 -2.25 41.22 6.65
CA HIS G 35 -2.26 42.44 7.45
C HIS G 35 -3.58 43.17 7.27
N TRP G 36 -3.95 43.96 8.27
CA TRP G 36 -5.16 44.77 8.24
C TRP G 36 -4.77 46.24 8.31
N VAL G 37 -5.34 47.06 7.42
CA VAL G 37 -5.01 48.48 7.36
C VAL G 37 -6.30 49.28 7.31
N ARG G 38 -6.23 50.51 7.83
CA ARG G 38 -7.39 51.38 7.90
C ARG G 38 -7.04 52.75 7.31
N GLN G 39 -8.07 53.45 6.85
CA GLN G 39 -7.90 54.79 6.30
C GLN G 39 -9.15 55.61 6.59
N ALA G 40 -9.00 56.70 7.31
CA ALA G 40 -10.11 57.59 7.57
C ALA G 40 -10.31 58.55 6.39
N PRO G 41 -11.55 59.00 6.17
CA PRO G 41 -11.78 59.96 5.08
C PRO G 41 -11.10 61.29 5.34
N GLY G 42 -10.08 61.60 4.56
CA GLY G 42 -9.29 62.80 4.78
C GLY G 42 -8.02 62.62 5.56
N GLN G 43 -7.68 61.39 5.93
CA GLN G 43 -6.48 61.09 6.70
C GLN G 43 -5.66 60.02 5.96
N GLY G 44 -4.50 59.72 6.51
CA GLY G 44 -3.59 58.76 5.91
C GLY G 44 -3.94 57.32 6.26
N LEU G 45 -2.93 56.47 6.24
CA LEU G 45 -3.07 55.06 6.52
C LEU G 45 -2.61 54.74 7.94
N GLU G 46 -3.05 53.58 8.43
CA GLU G 46 -2.69 53.13 9.78
C GLU G 46 -2.71 51.62 9.82
N TRP G 47 -1.61 51.03 10.31
CA TRP G 47 -1.47 49.58 10.39
C TRP G 47 -2.14 49.08 11.66
N MET G 48 -3.03 48.09 11.51
CA MET G 48 -3.77 47.55 12.64
C MET G 48 -3.06 46.34 13.24
N GLY G 49 -2.81 45.32 12.43
CA GLY G 49 -2.14 44.12 12.92
C GLY G 49 -2.13 43.05 11.85
N TRP G 50 -1.32 42.02 12.11
CA TRP G 50 -1.18 40.93 11.15
C TRP G 50 -1.56 39.60 11.80
N ILE G 51 -1.87 38.64 10.94
CA ILE G 51 -2.30 37.31 11.35
C ILE G 51 -1.59 36.28 10.48
N ASN G 52 -1.21 35.16 11.10
CA ASN G 52 -0.59 34.05 10.40
C ASN G 52 -1.62 32.97 10.16
N PRO G 53 -2.08 32.75 8.93
CA PRO G 53 -3.14 31.76 8.69
C PRO G 53 -2.66 30.32 8.81
N ASN G 54 -1.35 30.08 8.91
CA ASN G 54 -0.86 28.71 9.02
C ASN G 54 -1.18 28.13 10.40
N SER G 55 -0.74 28.81 11.47
CA SER G 55 -0.98 28.37 12.83
C SER G 55 -2.15 29.11 13.47
N GLY G 56 -2.10 30.43 13.49
CA GLY G 56 -3.18 31.22 14.05
C GLY G 56 -2.70 32.32 14.97
N GLY G 57 -1.38 32.42 15.16
CA GLY G 57 -0.84 33.47 16.01
C GLY G 57 -0.99 34.83 15.36
N THR G 58 -1.45 35.80 16.14
CA THR G 58 -1.71 37.15 15.65
C THR G 58 -0.80 38.14 16.37
N ASN G 59 -0.75 39.35 15.81
CA ASN G 59 0.01 40.45 16.43
C ASN G 59 -0.74 41.74 16.17
N TYR G 60 -1.13 42.42 17.24
CA TYR G 60 -1.88 43.66 17.17
C TYR G 60 -0.99 44.85 17.51
N ALA G 61 -1.51 46.05 17.26
CA ALA G 61 -0.80 47.28 17.55
C ALA G 61 -1.02 47.65 19.01
N GLN G 62 -0.62 48.87 19.38
CA GLN G 62 -0.81 49.35 20.74
C GLN G 62 -2.16 50.03 20.94
N LYS G 63 -2.65 50.74 19.92
CA LYS G 63 -3.93 51.42 19.99
C LYS G 63 -5.12 50.49 19.83
N PHE G 64 -4.90 49.17 19.87
CA PHE G 64 -5.99 48.22 19.73
C PHE G 64 -5.87 47.04 20.71
N GLN G 65 -5.03 47.16 21.73
CA GLN G 65 -4.84 46.06 22.68
C GLN G 65 -6.14 45.82 23.45
N GLY G 66 -6.76 44.67 23.22
CA GLY G 66 -7.99 44.32 23.89
C GLY G 66 -9.24 44.85 23.25
N ARG G 67 -9.18 45.27 21.99
CA ARG G 67 -10.34 45.79 21.28
C ARG G 67 -10.63 45.12 19.95
N VAL G 68 -9.67 44.44 19.35
CA VAL G 68 -9.86 43.76 18.07
C VAL G 68 -9.38 42.32 18.20
N THR G 69 -10.14 41.39 17.62
CA THR G 69 -9.75 39.99 17.57
C THR G 69 -9.81 39.52 16.13
N MET G 70 -8.75 38.87 15.68
CA MET G 70 -8.64 38.35 14.32
C MET G 70 -8.67 36.83 14.34
N THR G 71 -9.47 36.24 13.46
CA THR G 71 -9.59 34.79 13.35
C THR G 71 -9.49 34.39 11.89
N ARG G 72 -9.32 33.09 11.67
CA ARG G 72 -9.14 32.53 10.33
C ARG G 72 -10.09 31.35 10.14
N ASP G 73 -10.16 30.87 8.90
CA ASP G 73 -10.94 29.69 8.57
C ASP G 73 -10.24 29.03 7.39
N THR G 74 -9.43 28.00 7.68
CA THR G 74 -8.62 27.37 6.65
C THR G 74 -9.46 26.58 5.66
N SER G 75 -10.65 26.12 6.06
CA SER G 75 -11.46 25.28 5.18
C SER G 75 -11.94 26.06 3.95
N ILE G 76 -12.40 27.30 4.16
CA ILE G 76 -12.92 28.12 3.08
C ILE G 76 -12.02 29.30 2.74
N SER G 77 -10.87 29.42 3.41
CA SER G 77 -9.86 30.42 3.10
C SER G 77 -10.42 31.85 3.21
N THR G 78 -11.02 32.14 4.36
CA THR G 78 -11.54 33.47 4.66
C THR G 78 -11.08 33.86 6.05
N ALA G 79 -10.59 35.10 6.18
CA ALA G 79 -10.19 35.65 7.46
C ALA G 79 -11.25 36.64 7.95
N TYR G 80 -11.32 36.79 9.27
CA TYR G 80 -12.25 37.73 9.88
C TYR G 80 -11.52 38.55 10.94
N MET G 81 -12.03 39.75 11.18
CA MET G 81 -11.55 40.57 12.28
C MET G 81 -12.73 41.36 12.84
N GLU G 82 -12.91 41.31 14.16
CA GLU G 82 -14.02 42.00 14.80
C GLU G 82 -13.47 42.97 15.84
N LEU G 83 -14.03 44.17 15.86
CA LEU G 83 -13.68 45.19 16.83
C LEU G 83 -14.88 45.50 17.70
N SER G 84 -14.63 45.68 19.00
CA SER G 84 -15.69 45.91 19.97
C SER G 84 -15.53 47.29 20.60
N ARG G 85 -16.63 47.78 21.15
CA ARG G 85 -16.69 49.09 21.80
C ARG G 85 -16.25 50.20 20.84
N LEU G 86 -17.06 50.38 19.79
CA LEU G 86 -16.76 51.37 18.76
C LEU G 86 -16.77 52.79 19.35
N ARG G 87 -16.14 53.71 18.62
CA ARG G 87 -16.09 55.10 19.03
C ARG G 87 -16.52 56.01 17.88
N SER G 88 -16.34 57.31 18.05
CA SER G 88 -16.76 58.26 17.02
C SER G 88 -15.76 58.36 15.88
N ASP G 89 -14.47 58.21 16.16
CA ASP G 89 -13.44 58.31 15.15
C ASP G 89 -13.19 56.99 14.40
N ASP G 90 -14.07 56.01 14.55
CA ASP G 90 -13.92 54.72 13.90
C ASP G 90 -14.55 54.68 12.52
N THR G 91 -15.09 55.79 12.03
CA THR G 91 -15.64 55.84 10.68
C THR G 91 -14.50 55.90 9.69
N ALA G 92 -14.27 54.80 8.98
CA ALA G 92 -13.14 54.69 8.07
C ALA G 92 -13.36 53.51 7.15
N VAL G 93 -12.44 53.34 6.20
CA VAL G 93 -12.45 52.21 5.29
C VAL G 93 -11.33 51.25 5.69
N TYR G 94 -11.60 49.96 5.60
CA TYR G 94 -10.68 48.91 6.01
C TYR G 94 -10.29 48.06 4.81
N TYR G 95 -9.02 47.62 4.80
CA TYR G 95 -8.49 46.78 3.75
C TYR G 95 -7.68 45.65 4.36
N CYS G 96 -7.66 44.52 3.66
CA CYS G 96 -6.80 43.38 4.00
C CYS G 96 -5.73 43.27 2.92
N ALA G 97 -4.48 43.11 3.36
CA ALA G 97 -3.33 43.16 2.47
C ALA G 97 -2.48 41.91 2.62
N THR G 98 -1.96 41.44 1.49
CA THR G 98 -1.09 40.27 1.44
C THR G 98 0.03 40.52 0.43
N GLN G 99 1.04 39.68 0.48
CA GLN G 99 2.21 39.79 -0.40
C GLN G 99 2.67 38.38 -0.76
N LEU G 100 2.61 38.04 -2.06
CA LEU G 100 3.01 36.71 -2.49
C LEU G 100 3.84 36.70 -3.76
N GLU G 101 4.05 37.84 -4.42
CA GLU G 101 4.73 37.88 -5.70
C GLU G 101 6.10 38.55 -5.62
N LEU G 102 6.18 39.74 -5.02
CA LEU G 102 7.43 40.47 -4.97
C LEU G 102 8.42 39.78 -4.05
N ASP G 103 9.68 39.73 -4.48
CA ASP G 103 10.73 39.01 -3.76
C ASP G 103 11.45 39.98 -2.83
N SER G 104 10.94 40.06 -1.60
CA SER G 104 11.53 40.89 -0.56
C SER G 104 11.87 40.03 0.65
N SER G 105 12.74 40.55 1.50
CA SER G 105 13.11 39.87 2.74
C SER G 105 12.08 40.14 3.83
N ALA G 106 11.84 41.40 4.15
CA ALA G 106 10.82 41.76 5.12
C ALA G 106 9.46 41.83 4.43
N GLY G 107 8.45 41.20 5.03
CA GLY G 107 7.14 41.16 4.44
C GLY G 107 6.33 42.43 4.68
N TYR G 108 6.95 43.59 4.46
CA TYR G 108 6.32 44.88 4.66
C TYR G 108 6.31 45.69 3.37
N ALA G 109 6.09 45.02 2.25
CA ALA G 109 5.91 45.69 0.96
C ALA G 109 4.93 44.84 0.16
N PHE G 110 3.65 45.20 0.23
CA PHE G 110 2.58 44.39 -0.33
C PHE G 110 1.84 45.16 -1.41
N ASP G 111 1.37 44.42 -2.42
CA ASP G 111 0.76 45.02 -3.61
C ASP G 111 -0.57 44.37 -3.97
N ILE G 112 -1.18 43.64 -3.04
CA ILE G 112 -2.44 42.95 -3.30
C ILE G 112 -3.43 43.45 -2.25
N TRP G 113 -4.45 44.17 -2.71
CA TRP G 113 -5.42 44.81 -1.83
C TRP G 113 -6.84 44.40 -2.25
N GLY G 114 -7.74 44.42 -1.28
CA GLY G 114 -9.14 44.19 -1.56
C GLY G 114 -9.88 45.47 -1.87
N GLN G 115 -11.16 45.31 -2.22
CA GLN G 115 -11.98 46.48 -2.52
C GLN G 115 -12.23 47.33 -1.28
N GLY G 116 -12.18 46.73 -0.10
CA GLY G 116 -12.30 47.46 1.13
C GLY G 116 -13.74 47.50 1.64
N THR G 117 -13.88 47.86 2.92
CA THR G 117 -15.19 47.99 3.55
C THR G 117 -15.24 49.31 4.28
N MET G 118 -16.21 50.16 3.93
CA MET G 118 -16.35 51.48 4.54
C MET G 118 -17.36 51.39 5.67
N VAL G 119 -16.87 51.41 6.90
CA VAL G 119 -17.72 51.36 8.08
C VAL G 119 -17.85 52.77 8.64
N THR G 120 -19.09 53.15 9.00
CA THR G 120 -19.38 54.46 9.53
C THR G 120 -20.13 54.33 10.84
N VAL G 121 -19.79 55.18 11.81
CA VAL G 121 -20.48 55.23 13.10
C VAL G 121 -21.42 56.42 13.09
N SER G 122 -22.55 56.27 13.79
CA SER G 122 -23.57 57.32 13.83
C SER G 122 -24.11 57.39 15.26
N SER G 123 -23.70 58.42 15.99
CA SER G 123 -24.17 58.58 17.37
C SER G 123 -25.67 58.83 17.42
N ALA G 124 -26.15 59.79 16.64
CA ALA G 124 -27.56 60.12 16.56
C ALA G 124 -28.16 59.61 15.25
N SER G 125 -29.45 59.85 15.08
CA SER G 125 -30.15 59.44 13.87
C SER G 125 -29.73 60.29 12.67
N GLN H 1 14.96 -6.54 32.65
CA GLN H 1 14.24 -7.12 33.77
C GLN H 1 13.62 -8.45 33.39
N VAL H 2 14.17 -9.53 33.94
CA VAL H 2 13.68 -10.88 33.70
C VAL H 2 13.21 -11.48 35.01
N GLN H 3 12.12 -12.25 34.95
CA GLN H 3 11.55 -12.90 36.12
C GLN H 3 10.54 -13.94 35.67
N LEU H 4 10.41 -15.01 36.45
CA LEU H 4 9.48 -16.09 36.16
C LEU H 4 8.58 -16.29 37.37
N VAL H 5 7.27 -16.05 37.19
CA VAL H 5 6.30 -16.14 38.27
C VAL H 5 5.76 -17.57 38.29
N GLN H 6 6.42 -18.43 39.07
CA GLN H 6 6.02 -19.81 39.25
C GLN H 6 5.37 -19.93 40.62
N SER H 7 4.05 -19.71 40.66
CA SER H 7 3.30 -19.67 41.90
C SER H 7 2.51 -20.95 42.10
N GLY H 8 2.07 -21.17 43.33
CA GLY H 8 1.23 -22.29 43.68
C GLY H 8 1.82 -23.12 44.80
N ALA H 9 0.98 -23.98 45.36
CA ALA H 9 1.35 -24.92 46.40
C ALA H 9 0.30 -26.01 46.44
N GLU H 10 0.74 -27.27 46.31
CA GLU H 10 -0.16 -28.38 46.10
C GLU H 10 -0.06 -29.38 47.25
N VAL H 11 -1.20 -29.89 47.68
CA VAL H 11 -1.28 -30.87 48.76
C VAL H 11 -2.11 -32.06 48.32
N LYS H 12 -2.08 -32.38 47.03
CA LYS H 12 -2.88 -33.46 46.49
C LYS H 12 -2.50 -34.79 47.10
N LYS H 13 -3.43 -35.75 46.99
CA LYS H 13 -3.42 -37.15 47.42
C LYS H 13 -2.81 -38.04 46.34
N PRO H 14 -2.22 -39.18 46.72
CA PRO H 14 -1.61 -40.05 45.71
C PRO H 14 -2.66 -40.67 44.79
N GLY H 15 -2.39 -40.60 43.49
CA GLY H 15 -3.30 -41.10 42.48
C GLY H 15 -3.95 -40.04 41.62
N ALA H 16 -3.66 -38.76 41.87
CA ALA H 16 -4.24 -37.66 41.11
C ALA H 16 -3.15 -36.93 40.34
N SER H 17 -3.58 -36.11 39.39
CA SER H 17 -2.65 -35.34 38.57
C SER H 17 -2.46 -33.94 39.14
N VAL H 18 -1.29 -33.36 38.87
CA VAL H 18 -0.94 -32.03 39.34
C VAL H 18 -0.38 -31.22 38.18
N LYS H 19 -0.83 -29.98 38.06
CA LYS H 19 -0.38 -29.07 37.02
C LYS H 19 0.40 -27.91 37.64
N VAL H 20 1.50 -27.54 37.00
CA VAL H 20 2.37 -26.46 37.45
C VAL H 20 2.55 -25.47 36.30
N SER H 21 2.46 -24.19 36.60
CA SER H 21 2.59 -23.14 35.61
C SER H 21 3.90 -22.38 35.81
N CYS H 22 4.31 -21.67 34.77
CA CYS H 22 5.53 -20.86 34.82
C CYS H 22 5.38 -19.71 33.84
N LYS H 23 5.41 -18.48 34.36
CA LYS H 23 5.24 -17.30 33.54
C LYS H 23 6.60 -16.73 33.13
N ALA H 24 6.57 -15.72 32.27
CA ALA H 24 7.79 -15.07 31.81
C ALA H 24 7.44 -13.69 31.28
N SER H 25 8.36 -12.75 31.46
CA SER H 25 8.15 -11.37 31.02
C SER H 25 9.49 -10.66 30.97
N GLY H 26 9.69 -9.83 29.95
CA GLY H 26 10.91 -9.08 29.80
C GLY H 26 11.76 -9.46 28.61
N TYR H 27 11.36 -10.48 27.84
CA TYR H 27 12.14 -10.92 26.68
C TYR H 27 11.22 -11.71 25.76
N THR H 28 11.73 -12.00 24.57
CA THR H 28 10.98 -12.78 23.58
C THR H 28 10.79 -14.21 24.06
N PHE H 29 9.55 -14.56 24.43
CA PHE H 29 9.28 -15.88 24.97
C PHE H 29 9.51 -16.99 23.95
N THR H 30 9.47 -16.67 22.66
CA THR H 30 9.60 -17.67 21.60
C THR H 30 11.01 -17.71 21.01
N GLY H 31 12.03 -17.47 21.82
CA GLY H 31 13.39 -17.43 21.31
C GLY H 31 14.34 -18.41 21.97
N TYR H 32 13.95 -18.95 23.13
CA TYR H 32 14.82 -19.85 23.88
C TYR H 32 14.00 -20.98 24.47
N TYR H 33 14.64 -22.13 24.66
CA TYR H 33 13.98 -23.29 25.23
C TYR H 33 13.63 -23.04 26.70
N MET H 34 12.89 -23.97 27.28
CA MET H 34 12.55 -23.89 28.71
C MET H 34 12.66 -25.27 29.33
N HIS H 35 13.46 -25.40 30.38
CA HIS H 35 13.69 -26.67 31.03
C HIS H 35 12.96 -26.75 32.36
N TRP H 36 12.65 -27.96 32.80
CA TRP H 36 12.00 -28.19 34.08
C TRP H 36 12.94 -29.01 34.97
N VAL H 37 13.09 -28.59 36.22
CA VAL H 37 14.00 -29.25 37.15
C VAL H 37 13.28 -29.45 38.47
N ARG H 38 13.68 -30.49 39.20
CA ARG H 38 13.07 -30.85 40.47
C ARG H 38 14.15 -31.02 41.53
N GLN H 39 13.73 -30.87 42.79
CA GLN H 39 14.62 -31.03 43.92
C GLN H 39 13.83 -31.56 45.11
N ALA H 40 14.20 -32.73 45.59
CA ALA H 40 13.56 -33.29 46.76
C ALA H 40 14.18 -32.71 48.03
N PRO H 41 13.41 -32.61 49.12
CA PRO H 41 13.97 -32.10 50.38
C PRO H 41 15.03 -33.05 50.94
N GLY H 42 16.28 -32.62 50.92
CA GLY H 42 17.39 -33.45 51.34
C GLY H 42 18.12 -34.17 50.24
N GLN H 43 17.76 -33.94 48.98
CA GLN H 43 18.39 -34.58 47.83
C GLN H 43 18.85 -33.52 46.84
N GLY H 44 19.54 -33.96 45.79
CA GLY H 44 20.08 -33.07 44.79
C GLY H 44 19.05 -32.64 43.76
N LEU H 45 19.54 -32.32 42.58
CA LEU H 45 18.71 -31.87 41.47
C LEU H 45 18.48 -33.00 40.48
N GLU H 46 17.46 -32.83 39.65
CA GLU H 46 17.11 -33.82 38.63
C GLU H 46 16.44 -33.12 37.47
N TRP H 47 16.93 -33.40 36.26
CA TRP H 47 16.40 -32.79 35.04
C TRP H 47 15.19 -33.58 34.55
N MET H 48 14.08 -32.87 34.33
CA MET H 48 12.84 -33.50 33.90
C MET H 48 12.72 -33.52 32.37
N GLY H 49 12.80 -32.36 31.75
CA GLY H 49 12.69 -32.28 30.31
C GLY H 49 12.60 -30.83 29.86
N TRP H 50 12.75 -30.65 28.56
CA TRP H 50 12.71 -29.32 27.98
C TRP H 50 11.60 -29.19 26.94
N ILE H 51 11.23 -27.95 26.66
CA ILE H 51 10.17 -27.62 25.73
C ILE H 51 10.62 -26.45 24.86
N ASN H 52 10.25 -26.49 23.59
CA ASN H 52 10.54 -25.42 22.66
C ASN H 52 9.29 -24.58 22.46
N PRO H 53 9.22 -23.36 23.00
CA PRO H 53 7.99 -22.56 22.88
C PRO H 53 7.74 -22.01 21.49
N ASN H 54 8.70 -22.12 20.57
CA ASN H 54 8.49 -21.62 19.22
C ASN H 54 7.51 -22.50 18.45
N SER H 55 7.81 -23.80 18.35
CA SER H 55 6.95 -24.74 17.65
C SER H 55 6.08 -25.53 18.61
N GLY H 56 6.69 -26.21 19.58
CA GLY H 56 5.93 -26.98 20.54
C GLY H 56 6.51 -28.36 20.80
N GLY H 57 7.58 -28.71 20.11
CA GLY H 57 8.22 -30.00 20.30
C GLY H 57 8.89 -30.06 21.67
N THR H 58 8.65 -31.15 22.39
CA THR H 58 9.17 -31.33 23.73
C THR H 58 10.10 -32.53 23.76
N ASN H 59 10.85 -32.65 24.86
CA ASN H 59 11.74 -33.79 25.08
C ASN H 59 11.75 -34.10 26.56
N TYR H 60 11.35 -35.33 26.91
CA TYR H 60 11.27 -35.78 28.28
C TYR H 60 12.41 -36.74 28.59
N ALA H 61 12.56 -37.05 29.88
CA ALA H 61 13.59 -37.96 30.34
C ALA H 61 13.08 -39.40 30.21
N GLN H 62 13.80 -40.35 30.80
CA GLN H 62 13.40 -41.75 30.77
C GLN H 62 12.49 -42.12 31.94
N LYS H 63 12.72 -41.50 33.10
CA LYS H 63 11.91 -41.77 34.29
C LYS H 63 10.56 -41.06 34.26
N PHE H 64 10.18 -40.49 33.12
CA PHE H 64 8.90 -39.79 33.02
C PHE H 64 8.17 -40.09 31.71
N GLN H 65 8.58 -41.12 30.98
CA GLN H 65 7.95 -41.46 29.70
C GLN H 65 6.51 -41.86 29.92
N GLY H 66 5.57 -41.05 29.45
CA GLY H 66 4.16 -41.34 29.60
C GLY H 66 3.55 -40.89 30.90
N ARG H 67 4.20 -40.00 31.63
CA ARG H 67 3.68 -39.52 32.92
C ARG H 67 3.59 -38.01 33.03
N VAL H 68 4.33 -37.25 32.21
CA VAL H 68 4.29 -35.79 32.27
C VAL H 68 4.05 -35.26 30.87
N THR H 69 3.21 -34.24 30.76
CA THR H 69 2.94 -33.56 29.50
C THR H 69 3.17 -32.07 29.68
N MET H 70 3.95 -31.48 28.78
CA MET H 70 4.27 -30.05 28.82
C MET H 70 3.58 -29.34 27.67
N THR H 71 3.01 -28.18 27.95
CA THR H 71 2.31 -27.38 26.94
C THR H 71 2.71 -25.91 27.11
N ARG H 72 2.36 -25.11 26.11
CA ARG H 72 2.69 -23.70 26.09
C ARG H 72 1.45 -22.88 25.75
N ASP H 73 1.59 -21.57 25.88
CA ASP H 73 0.52 -20.63 25.50
C ASP H 73 1.22 -19.34 25.07
N THR H 74 1.39 -19.18 23.76
CA THR H 74 2.15 -18.06 23.24
C THR H 74 1.43 -16.73 23.42
N SER H 75 0.10 -16.74 23.52
CA SER H 75 -0.66 -15.50 23.63
C SER H 75 -0.35 -14.77 24.92
N ILE H 76 -0.24 -15.49 26.03
CA ILE H 76 0.02 -14.90 27.35
C ILE H 76 1.39 -15.27 27.88
N SER H 77 2.19 -16.04 27.14
CA SER H 77 3.58 -16.35 27.48
C SER H 77 3.67 -17.05 28.83
N THR H 78 2.92 -18.14 28.95
CA THR H 78 2.96 -19.00 30.14
C THR H 78 3.08 -20.44 29.70
N ALA H 79 3.98 -21.18 30.33
CA ALA H 79 4.16 -22.60 30.09
C ALA H 79 3.51 -23.41 31.20
N TYR H 80 3.08 -24.62 30.86
CA TYR H 80 2.42 -25.51 31.81
C TYR H 80 3.05 -26.90 31.70
N MET H 81 3.01 -27.62 32.81
CA MET H 81 3.40 -29.03 32.80
C MET H 81 2.56 -29.77 33.83
N GLU H 82 1.95 -30.88 33.40
CA GLU H 82 1.10 -31.66 34.27
C GLU H 82 1.63 -33.09 34.36
N LEU H 83 1.67 -33.62 35.58
CA LEU H 83 2.09 -34.98 35.84
C LEU H 83 0.92 -35.79 36.40
N SER H 84 0.78 -37.02 35.94
CA SER H 84 -0.32 -37.88 36.33
C SER H 84 0.20 -39.10 37.08
N ARG H 85 -0.70 -39.71 37.86
CA ARG H 85 -0.39 -40.89 38.65
C ARG H 85 0.77 -40.63 39.62
N LEU H 86 0.52 -39.72 40.55
CA LEU H 86 1.52 -39.34 41.53
C LEU H 86 1.92 -40.52 42.41
N ARG H 87 3.06 -40.38 43.08
CA ARG H 87 3.57 -41.41 43.97
C ARG H 87 3.96 -40.82 45.32
N SER H 88 4.62 -41.61 46.17
CA SER H 88 5.01 -41.12 47.48
C SER H 88 6.27 -40.27 47.43
N ASP H 89 7.21 -40.59 46.54
CA ASP H 89 8.46 -39.85 46.43
C ASP H 89 8.35 -38.62 45.55
N ASP H 90 7.14 -38.18 45.19
CA ASP H 90 6.92 -37.03 44.34
C ASP H 90 6.88 -35.72 45.12
N THR H 91 7.03 -35.77 46.44
CA THR H 91 7.06 -34.56 47.24
C THR H 91 8.39 -33.85 47.04
N ALA H 92 8.36 -32.72 46.34
CA ALA H 92 9.58 -32.00 46.00
C ALA H 92 9.21 -30.60 45.53
N VAL H 93 10.23 -29.80 45.28
CA VAL H 93 10.05 -28.45 44.74
C VAL H 93 10.43 -28.47 43.26
N TYR H 94 9.68 -27.73 42.46
CA TYR H 94 9.88 -27.68 41.01
C TYR H 94 10.24 -26.27 40.58
N TYR H 95 11.13 -26.19 39.59
CA TYR H 95 11.57 -24.91 39.02
C TYR H 95 11.57 -25.00 37.50
N CYS H 96 11.35 -23.86 36.87
CA CYS H 96 11.47 -23.70 35.42
C CYS H 96 12.67 -22.80 35.14
N ALA H 97 13.51 -23.21 34.19
CA ALA H 97 14.78 -22.56 33.94
C ALA H 97 14.92 -22.20 32.48
N THR H 98 15.57 -21.05 32.23
CA THR H 98 15.83 -20.56 30.89
C THR H 98 17.21 -19.90 30.87
N GLN H 99 17.74 -19.74 29.65
CA GLN H 99 19.07 -19.14 29.45
C GLN H 99 19.01 -18.27 28.21
N LEU H 100 19.33 -16.98 28.38
CA LEU H 100 19.30 -16.06 27.25
C LEU H 100 20.44 -15.05 27.25
N GLU H 101 21.39 -15.14 28.18
CA GLU H 101 22.41 -14.13 28.36
C GLU H 101 23.80 -14.59 27.94
N LEU H 102 24.26 -15.73 28.43
CA LEU H 102 25.64 -16.14 28.24
C LEU H 102 25.91 -16.55 26.80
N ASP H 103 27.17 -16.40 26.38
CA ASP H 103 27.58 -16.74 25.02
C ASP H 103 28.21 -18.13 25.00
N SER H 104 27.33 -19.13 25.12
CA SER H 104 27.76 -20.53 25.13
C SER H 104 27.10 -21.25 23.95
N SER H 105 27.70 -22.36 23.55
CA SER H 105 27.20 -23.15 22.44
C SER H 105 26.03 -24.04 22.89
N ALA H 106 26.27 -24.90 23.87
CA ALA H 106 25.22 -25.76 24.39
C ALA H 106 24.37 -24.98 25.38
N GLY H 107 23.05 -25.00 25.19
CA GLY H 107 22.14 -24.29 26.06
C GLY H 107 21.89 -25.00 27.37
N TYR H 108 22.96 -25.42 28.04
CA TYR H 108 22.88 -26.15 29.30
C TYR H 108 23.64 -25.42 30.41
N ALA H 109 23.50 -24.09 30.44
CA ALA H 109 24.06 -23.28 31.52
C ALA H 109 23.12 -22.10 31.70
N PHE H 110 22.19 -22.22 32.64
CA PHE H 110 21.12 -21.27 32.82
C PHE H 110 21.19 -20.62 34.20
N ASP H 111 20.79 -19.35 34.27
CA ASP H 111 20.94 -18.55 35.48
C ASP H 111 19.64 -17.89 35.92
N ILE H 112 18.53 -18.17 35.23
CA ILE H 112 17.26 -17.51 35.49
C ILE H 112 16.32 -18.56 36.03
N TRP H 113 15.90 -18.40 37.28
CA TRP H 113 15.08 -19.38 37.97
C TRP H 113 13.86 -18.70 38.59
N GLY H 114 12.75 -19.43 38.65
CA GLY H 114 11.56 -18.92 39.31
C GLY H 114 11.55 -19.20 40.79
N GLN H 115 10.47 -18.79 41.45
CA GLN H 115 10.33 -19.03 42.87
C GLN H 115 10.23 -20.52 43.18
N GLY H 116 9.63 -21.29 42.29
CA GLY H 116 9.45 -22.71 42.51
C GLY H 116 8.11 -23.03 43.14
N THR H 117 7.71 -24.29 43.00
CA THR H 117 6.45 -24.79 43.57
C THR H 117 6.73 -26.04 44.38
N MET H 118 6.40 -26.02 45.66
CA MET H 118 6.63 -27.16 46.56
C MET H 118 5.37 -28.01 46.59
N VAL H 119 5.41 -29.14 45.89
CA VAL H 119 4.28 -30.06 45.87
C VAL H 119 4.55 -31.20 46.84
N THR H 120 3.56 -31.52 47.66
CA THR H 120 3.67 -32.58 48.66
C THR H 120 2.52 -33.56 48.48
N VAL H 121 2.84 -34.85 48.60
CA VAL H 121 1.84 -35.91 48.54
C VAL H 121 1.53 -36.36 49.96
N SER H 122 0.26 -36.69 50.19
CA SER H 122 -0.20 -37.10 51.52
C SER H 122 -1.15 -38.27 51.36
N SER H 123 -0.69 -39.47 51.71
CA SER H 123 -1.53 -40.66 51.60
C SER H 123 -2.68 -40.61 52.59
N ALA H 124 -2.39 -40.35 53.86
CA ALA H 124 -3.40 -40.27 54.90
C ALA H 124 -3.60 -38.81 55.32
N SER H 125 -4.50 -38.62 56.27
CA SER H 125 -4.81 -37.28 56.78
C SER H 125 -3.72 -36.82 57.74
N GLN I 1 -1.52 -27.06 -24.41
CA GLN I 1 -2.65 -27.64 -25.11
C GLN I 1 -3.52 -26.55 -25.75
N VAL I 2 -3.71 -26.63 -27.06
CA VAL I 2 -4.54 -25.70 -27.80
C VAL I 2 -5.64 -26.47 -28.50
N GLN I 3 -6.85 -25.92 -28.48
CA GLN I 3 -8.00 -26.55 -29.12
C GLN I 3 -9.12 -25.53 -29.21
N LEU I 4 -9.96 -25.68 -30.24
CA LEU I 4 -11.10 -24.81 -30.48
C LEU I 4 -12.36 -25.66 -30.57
N VAL I 5 -13.27 -25.48 -29.62
CA VAL I 5 -14.50 -26.26 -29.57
C VAL I 5 -15.56 -25.54 -30.40
N GLN I 6 -15.65 -25.93 -31.66
CA GLN I 6 -16.64 -25.38 -32.59
C GLN I 6 -17.69 -26.46 -32.84
N SER I 7 -18.72 -26.46 -32.00
CA SER I 7 -19.76 -27.49 -32.04
C SER I 7 -21.02 -26.95 -32.69
N GLY I 8 -21.92 -27.86 -33.05
CA GLY I 8 -23.21 -27.53 -33.60
C GLY I 8 -23.44 -28.15 -34.96
N ALA I 9 -24.71 -28.11 -35.37
CA ALA I 9 -25.14 -28.59 -36.68
C ALA I 9 -26.50 -27.97 -36.98
N GLU I 10 -26.58 -27.25 -38.09
CA GLU I 10 -27.77 -26.47 -38.42
C GLU I 10 -28.43 -27.01 -39.67
N VAL I 11 -29.76 -27.11 -39.62
CA VAL I 11 -30.57 -27.59 -40.74
C VAL I 11 -31.60 -26.50 -41.03
N LYS I 12 -31.22 -25.25 -40.80
CA LYS I 12 -32.15 -24.14 -40.94
C LYS I 12 -32.64 -24.01 -42.38
N LYS I 13 -33.79 -23.35 -42.53
CA LYS I 13 -34.53 -23.06 -43.75
C LYS I 13 -34.04 -21.75 -44.36
N PRO I 14 -34.14 -21.60 -45.68
CA PRO I 14 -33.65 -20.36 -46.32
C PRO I 14 -34.50 -19.16 -45.91
N GLY I 15 -33.83 -18.10 -45.50
CA GLY I 15 -34.49 -16.89 -45.03
C GLY I 15 -34.31 -16.60 -43.57
N ALA I 16 -33.60 -17.45 -42.82
CA ALA I 16 -33.37 -17.26 -41.40
C ALA I 16 -31.88 -17.07 -41.15
N SER I 17 -31.56 -16.59 -39.95
CA SER I 17 -30.18 -16.34 -39.57
C SER I 17 -29.61 -17.54 -38.83
N VAL I 18 -28.29 -17.69 -38.90
CA VAL I 18 -27.57 -18.79 -38.27
C VAL I 18 -26.36 -18.23 -37.52
N LYS I 19 -26.17 -18.69 -36.29
CA LYS I 19 -25.07 -18.27 -35.45
C LYS I 19 -24.13 -19.44 -35.19
N VAL I 20 -22.83 -19.18 -35.24
CA VAL I 20 -21.80 -20.18 -35.04
C VAL I 20 -20.84 -19.67 -33.97
N SER I 21 -20.47 -20.54 -33.04
CA SER I 21 -19.57 -20.21 -31.94
C SER I 21 -18.24 -20.91 -32.12
N CYS I 22 -17.22 -20.37 -31.44
CA CYS I 22 -15.88 -20.94 -31.46
C CYS I 22 -15.20 -20.63 -30.14
N LYS I 23 -14.85 -21.67 -29.39
CA LYS I 23 -14.22 -21.50 -28.08
C LYS I 23 -12.69 -21.56 -28.24
N ALA I 24 -11.99 -21.28 -27.15
CA ALA I 24 -10.54 -21.32 -27.13
C ALA I 24 -10.07 -21.47 -25.70
N SER I 25 -8.95 -22.19 -25.54
CA SER I 25 -8.39 -22.43 -24.22
C SER I 25 -6.95 -22.88 -24.37
N GLY I 26 -6.09 -22.43 -23.46
CA GLY I 26 -4.69 -22.79 -23.47
C GLY I 26 -3.74 -21.65 -23.79
N TYR I 27 -4.24 -20.45 -24.08
CA TYR I 27 -3.38 -19.32 -24.40
C TYR I 27 -4.17 -18.03 -24.20
N THR I 28 -3.46 -16.92 -24.27
CA THR I 28 -4.07 -15.60 -24.11
C THR I 28 -5.00 -15.31 -25.29
N PHE I 29 -6.32 -15.34 -25.03
CA PHE I 29 -7.29 -15.14 -26.09
C PHE I 29 -7.24 -13.75 -26.70
N THR I 30 -6.72 -12.77 -25.97
CA THR I 30 -6.67 -11.38 -26.43
C THR I 30 -5.30 -10.99 -26.97
N GLY I 31 -4.61 -11.93 -27.62
CA GLY I 31 -3.29 -11.65 -28.14
C GLY I 31 -3.12 -11.86 -29.62
N TYR I 32 -4.08 -12.52 -30.26
CA TYR I 32 -3.98 -12.85 -31.67
C TYR I 32 -5.35 -12.72 -32.32
N TYR I 33 -5.36 -12.41 -33.61
CA TYR I 33 -6.61 -12.27 -34.35
C TYR I 33 -7.29 -13.62 -34.50
N MET I 34 -8.50 -13.61 -35.05
CA MET I 34 -9.22 -14.86 -35.33
C MET I 34 -9.94 -14.74 -36.65
N HIS I 35 -9.67 -15.69 -37.56
CA HIS I 35 -10.24 -15.68 -38.89
C HIS I 35 -11.34 -16.73 -39.02
N TRP I 36 -12.26 -16.50 -39.95
CA TRP I 36 -13.33 -17.44 -40.25
C TRP I 36 -13.17 -17.91 -41.69
N VAL I 37 -13.25 -19.23 -41.89
CA VAL I 37 -13.08 -19.82 -43.21
C VAL I 37 -14.23 -20.80 -43.46
N ARG I 38 -14.57 -20.96 -44.74
CA ARG I 38 -15.67 -21.82 -45.14
C ARG I 38 -15.20 -22.78 -46.25
N GLN I 39 -15.90 -23.90 -46.35
CA GLN I 39 -15.61 -24.89 -47.38
C GLN I 39 -16.90 -25.60 -47.77
N ALA I 40 -17.26 -25.50 -49.04
CA ALA I 40 -18.42 -26.20 -49.54
C ALA I 40 -18.06 -27.65 -49.89
N PRO I 41 -19.03 -28.57 -49.79
CA PRO I 41 -18.74 -29.96 -50.16
C PRO I 41 -18.46 -30.10 -51.64
N GLY I 42 -17.21 -30.41 -51.98
CA GLY I 42 -16.79 -30.49 -53.36
C GLY I 42 -16.13 -29.25 -53.91
N GLN I 43 -15.90 -28.23 -53.08
CA GLN I 43 -15.27 -26.98 -53.50
C GLN I 43 -14.10 -26.69 -52.57
N GLY I 44 -13.36 -25.62 -52.89
CA GLY I 44 -12.19 -25.24 -52.13
C GLY I 44 -12.53 -24.44 -50.89
N LEU I 45 -11.57 -23.61 -50.49
CA LEU I 45 -11.70 -22.77 -49.30
C LEU I 45 -12.04 -21.34 -49.69
N GLU I 46 -12.56 -20.59 -48.71
CA GLU I 46 -12.92 -19.20 -48.92
C GLU I 46 -12.79 -18.45 -47.61
N TRP I 47 -12.08 -17.33 -47.65
CA TRP I 47 -11.86 -16.49 -46.46
C TRP I 47 -13.05 -15.58 -46.25
N MET I 48 -13.61 -15.60 -45.04
CA MET I 48 -14.78 -14.79 -44.72
C MET I 48 -14.40 -13.45 -44.11
N GLY I 49 -13.62 -13.47 -43.03
CA GLY I 49 -13.20 -12.24 -42.38
C GLY I 49 -12.52 -12.54 -41.07
N TRP I 50 -11.87 -11.51 -40.54
CA TRP I 50 -11.14 -11.64 -39.29
C TRP I 50 -11.67 -10.67 -38.24
N ILE I 51 -11.38 -11.00 -36.98
CA ILE I 51 -11.82 -10.22 -35.83
C ILE I 51 -10.66 -10.08 -34.86
N ASN I 52 -10.55 -8.91 -34.25
CA ASN I 52 -9.54 -8.64 -33.24
C ASN I 52 -10.17 -8.76 -31.87
N PRO I 53 -9.87 -9.80 -31.09
CA PRO I 53 -10.52 -9.96 -29.78
C PRO I 53 -10.04 -8.98 -28.72
N ASN I 54 -8.98 -8.20 -29.00
CA ASN I 54 -8.49 -7.25 -28.01
C ASN I 54 -9.44 -6.06 -27.89
N SER I 55 -9.70 -5.39 -29.00
CA SER I 55 -10.60 -4.23 -29.02
C SER I 55 -11.99 -4.60 -29.51
N GLY I 56 -12.09 -5.18 -30.71
CA GLY I 56 -13.37 -5.59 -31.26
C GLY I 56 -13.55 -5.22 -32.71
N GLY I 57 -12.57 -4.54 -33.28
CA GLY I 57 -12.66 -4.15 -34.68
C GLY I 57 -12.57 -5.37 -35.58
N THR I 58 -13.48 -5.46 -36.56
CA THR I 58 -13.56 -6.60 -37.46
C THR I 58 -13.29 -6.14 -38.89
N ASN I 59 -13.06 -7.12 -39.76
CA ASN I 59 -12.87 -6.86 -41.19
C ASN I 59 -13.50 -8.00 -41.96
N TYR I 60 -14.47 -7.68 -42.81
CA TYR I 60 -15.20 -8.64 -43.60
C TYR I 60 -14.74 -8.61 -45.05
N ALA I 61 -15.20 -9.58 -45.82
CA ALA I 61 -14.89 -9.67 -47.24
C ALA I 61 -15.86 -8.79 -48.03
N GLN I 62 -15.86 -8.95 -49.35
CA GLN I 62 -16.76 -8.19 -50.20
C GLN I 62 -18.07 -8.93 -50.44
N LYS I 63 -18.03 -10.26 -50.52
CA LYS I 63 -19.23 -11.06 -50.74
C LYS I 63 -20.06 -11.24 -49.47
N PHE I 64 -19.76 -10.49 -48.40
CA PHE I 64 -20.50 -10.61 -47.16
C PHE I 64 -20.79 -9.25 -46.52
N GLN I 65 -20.64 -8.15 -47.25
CA GLN I 65 -20.86 -6.82 -46.70
C GLN I 65 -22.34 -6.67 -46.35
N GLY I 66 -22.64 -6.55 -45.06
CA GLY I 66 -24.00 -6.40 -44.59
C GLY I 66 -24.76 -7.68 -44.39
N ARG I 67 -24.07 -8.82 -44.32
CA ARG I 67 -24.73 -10.11 -44.12
C ARG I 67 -24.19 -10.93 -42.97
N VAL I 68 -22.98 -10.64 -42.48
CA VAL I 68 -22.39 -11.38 -41.37
C VAL I 68 -21.90 -10.39 -40.33
N THR I 69 -22.14 -10.70 -39.05
CA THR I 69 -21.64 -9.90 -37.94
C THR I 69 -20.88 -10.81 -36.98
N MET I 70 -19.68 -10.40 -36.61
CA MET I 70 -18.82 -11.16 -35.71
C MET I 70 -18.71 -10.41 -34.38
N THR I 71 -18.82 -11.15 -33.29
CA THR I 71 -18.72 -10.59 -31.94
C THR I 71 -17.82 -11.48 -31.09
N ARG I 72 -17.43 -10.95 -29.93
CA ARG I 72 -16.53 -11.64 -29.02
C ARG I 72 -17.10 -11.60 -27.62
N ASP I 73 -16.48 -12.38 -26.72
CA ASP I 73 -16.85 -12.39 -25.31
C ASP I 73 -15.57 -12.70 -24.54
N THR I 74 -14.90 -11.65 -24.07
CA THR I 74 -13.60 -11.82 -23.42
C THR I 74 -13.71 -12.53 -22.08
N SER I 75 -14.87 -12.45 -21.42
CA SER I 75 -15.01 -13.06 -20.09
C SER I 75 -14.88 -14.58 -20.16
N ILE I 76 -15.48 -15.21 -21.16
CA ILE I 76 -15.45 -16.66 -21.31
C ILE I 76 -14.63 -17.11 -22.52
N SER I 77 -14.05 -16.18 -23.27
CA SER I 77 -13.13 -16.48 -24.37
C SER I 77 -13.80 -17.34 -25.44
N THR I 78 -14.95 -16.85 -25.92
CA THR I 78 -15.68 -17.48 -27.01
C THR I 78 -16.05 -16.42 -28.04
N ALA I 79 -15.80 -16.72 -29.31
CA ALA I 79 -16.19 -15.83 -30.40
C ALA I 79 -17.45 -16.34 -31.06
N TYR I 80 -18.21 -15.41 -31.66
CA TYR I 80 -19.45 -15.73 -32.33
C TYR I 80 -19.48 -15.06 -33.69
N MET I 81 -20.20 -15.65 -34.63
CA MET I 81 -20.45 -15.01 -35.91
C MET I 81 -21.82 -15.46 -36.40
N GLU I 82 -22.66 -14.49 -36.78
CA GLU I 82 -24.00 -14.79 -37.24
C GLU I 82 -24.18 -14.24 -38.65
N LEU I 83 -24.79 -15.04 -39.51
CA LEU I 83 -25.08 -14.64 -40.87
C LEU I 83 -26.60 -14.64 -41.07
N SER I 84 -27.10 -13.63 -41.78
CA SER I 84 -28.53 -13.45 -41.98
C SER I 84 -28.86 -13.57 -43.46
N ARG I 85 -30.13 -13.86 -43.74
CA ARG I 85 -30.65 -14.02 -45.09
C ARG I 85 -29.89 -15.10 -45.86
N LEU I 86 -30.02 -16.33 -45.37
CA LEU I 86 -29.33 -17.46 -45.97
C LEU I 86 -29.81 -17.70 -47.40
N ARG I 87 -29.00 -18.46 -48.14
CA ARG I 87 -29.32 -18.81 -49.52
C ARG I 87 -29.16 -20.30 -49.74
N SER I 88 -29.23 -20.73 -51.01
CA SER I 88 -29.13 -22.15 -51.32
C SER I 88 -27.69 -22.64 -51.31
N ASP I 89 -26.74 -21.79 -51.69
CA ASP I 89 -25.34 -22.18 -51.75
C ASP I 89 -24.60 -22.00 -50.43
N ASP I 90 -25.32 -21.80 -49.32
CA ASP I 90 -24.70 -21.60 -48.02
C ASP I 90 -24.48 -22.91 -47.27
N THR I 91 -24.81 -24.05 -47.88
CA THR I 91 -24.56 -25.34 -47.25
C THR I 91 -23.06 -25.65 -47.32
N ALA I 92 -22.38 -25.55 -46.19
CA ALA I 92 -20.93 -25.73 -46.16
C ALA I 92 -20.49 -25.95 -44.72
N VAL I 93 -19.21 -26.22 -44.55
CA VAL I 93 -18.60 -26.37 -43.24
C VAL I 93 -17.79 -25.11 -42.92
N TYR I 94 -17.83 -24.70 -41.66
CA TYR I 94 -17.18 -23.48 -41.20
C TYR I 94 -16.12 -23.81 -40.15
N TYR I 95 -15.02 -23.06 -40.20
CA TYR I 95 -13.92 -23.22 -39.25
C TYR I 95 -13.45 -21.87 -38.76
N CYS I 96 -12.95 -21.84 -37.53
CA CYS I 96 -12.29 -20.68 -36.95
C CYS I 96 -10.81 -20.99 -36.84
N ALA I 97 -9.97 -20.05 -37.26
CA ALA I 97 -8.54 -20.27 -37.37
C ALA I 97 -7.76 -19.20 -36.62
N THR I 98 -6.69 -19.62 -35.97
CA THR I 98 -5.81 -18.73 -35.24
C THR I 98 -4.36 -19.16 -35.45
N GLN I 99 -3.43 -18.27 -35.11
CA GLN I 99 -2.01 -18.52 -35.28
C GLN I 99 -1.25 -17.85 -34.14
N LEU I 100 -0.50 -18.64 -33.38
CA LEU I 100 0.24 -18.10 -32.24
C LEU I 100 1.62 -18.69 -32.07
N GLU I 101 2.07 -19.58 -32.97
CA GLU I 101 3.32 -20.30 -32.80
C GLU I 101 4.41 -19.85 -33.77
N LEU I 102 4.12 -19.85 -35.07
CA LEU I 102 5.15 -19.63 -36.06
C LEU I 102 5.64 -18.19 -36.05
N ASP I 103 6.91 -18.01 -36.40
CA ASP I 103 7.53 -16.68 -36.40
C ASP I 103 7.46 -16.09 -37.80
N SER I 104 6.26 -15.61 -38.14
CA SER I 104 6.00 -15.00 -39.44
C SER I 104 5.59 -13.55 -39.24
N SER I 105 5.81 -12.75 -40.28
CA SER I 105 5.46 -11.33 -40.24
C SER I 105 3.96 -11.12 -40.47
N ALA I 106 3.46 -11.55 -41.62
CA ALA I 106 2.04 -11.47 -41.91
C ALA I 106 1.31 -12.63 -41.25
N GLY I 107 0.27 -12.33 -40.48
CA GLY I 107 -0.48 -13.36 -39.79
C GLY I 107 -1.41 -14.13 -40.68
N TYR I 108 -0.92 -14.58 -41.82
CA TYR I 108 -1.71 -15.31 -42.80
C TYR I 108 -1.13 -16.71 -43.04
N ALA I 109 -0.68 -17.35 -41.96
CA ALA I 109 -0.19 -18.72 -42.02
C ALA I 109 -0.56 -19.36 -40.69
N PHE I 110 -1.73 -19.99 -40.64
CA PHE I 110 -2.32 -20.51 -39.42
C PHE I 110 -2.45 -22.03 -39.47
N ASP I 111 -2.29 -22.66 -38.30
CA ASP I 111 -2.23 -24.11 -38.20
C ASP I 111 -3.16 -24.65 -37.10
N ILE I 112 -3.99 -23.80 -36.51
CA ILE I 112 -4.88 -24.20 -35.42
C ILE I 112 -6.30 -24.11 -35.96
N TRP I 113 -6.98 -25.25 -36.05
CA TRP I 113 -8.32 -25.34 -36.58
C TRP I 113 -9.23 -26.05 -35.59
N GLY I 114 -10.50 -25.63 -35.57
CA GLY I 114 -11.48 -26.32 -34.79
C GLY I 114 -12.12 -27.47 -35.56
N GLN I 115 -13.03 -28.16 -34.89
CA GLN I 115 -13.71 -29.29 -35.52
C GLN I 115 -14.56 -28.86 -36.70
N GLY I 116 -15.09 -27.63 -36.67
CA GLY I 116 -15.92 -27.12 -37.72
C GLY I 116 -17.40 -27.37 -37.47
N THR I 117 -18.23 -26.61 -38.17
CA THR I 117 -19.68 -26.76 -38.09
C THR I 117 -20.24 -26.88 -39.50
N MET I 118 -20.93 -27.99 -39.77
CA MET I 118 -21.51 -28.25 -41.09
C MET I 118 -22.94 -27.76 -41.09
N VAL I 119 -23.17 -26.60 -41.69
CA VAL I 119 -24.50 -26.01 -41.78
C VAL I 119 -25.07 -26.34 -43.17
N THR I 120 -26.33 -26.78 -43.19
CA THR I 120 -27.01 -27.15 -44.42
C THR I 120 -28.32 -26.38 -44.53
N VAL I 121 -28.63 -25.92 -45.73
CA VAL I 121 -29.89 -25.24 -46.01
C VAL I 121 -30.81 -26.22 -46.71
N SER I 122 -32.11 -26.11 -46.43
CA SER I 122 -33.12 -27.00 -47.00
C SER I 122 -34.33 -26.18 -47.38
N SER I 123 -34.51 -25.94 -48.68
CA SER I 123 -35.67 -25.17 -49.14
C SER I 123 -36.97 -25.91 -48.87
N ALA I 124 -37.03 -27.19 -49.23
CA ALA I 124 -38.20 -28.01 -49.01
C ALA I 124 -37.94 -29.01 -47.89
N SER I 125 -38.92 -29.88 -47.65
CA SER I 125 -38.82 -30.89 -46.62
C SER I 125 -37.91 -32.04 -47.07
N SER J 2 11.10 57.53 12.91
CA SER J 2 9.99 57.21 13.79
C SER J 2 8.71 57.90 13.34
N ALA J 3 8.82 59.20 13.09
CA ALA J 3 7.68 60.02 12.63
C ALA J 3 8.07 60.64 11.29
N LEU J 4 7.72 59.96 10.21
CA LEU J 4 8.02 60.46 8.88
C LEU J 4 7.17 61.68 8.55
N THR J 5 7.73 62.58 7.76
CA THR J 5 7.08 63.84 7.40
C THR J 5 7.18 64.03 5.89
N GLN J 6 6.06 63.87 5.19
CA GLN J 6 6.01 64.07 3.76
C GLN J 6 5.66 65.52 3.43
N PRO J 7 6.04 66.00 2.24
CA PRO J 7 5.58 67.32 1.82
C PRO J 7 4.07 67.38 1.72
N ARG J 8 3.51 68.50 2.18
CA ARG J 8 2.05 68.64 2.21
C ARG J 8 1.46 68.63 0.81
N SER J 9 1.84 69.61 -0.01
CA SER J 9 1.35 69.69 -1.38
C SER J 9 2.42 70.32 -2.26
N VAL J 10 2.92 69.55 -3.22
CA VAL J 10 3.92 70.03 -4.15
C VAL J 10 3.25 70.33 -5.48
N SER J 11 3.81 71.26 -6.23
CA SER J 11 3.27 71.66 -7.52
C SER J 11 4.28 71.38 -8.63
N GLY J 12 3.77 71.15 -9.83
CA GLY J 12 4.61 70.88 -10.97
C GLY J 12 3.89 71.01 -12.30
N SER J 13 4.50 71.73 -13.23
CA SER J 13 3.92 71.89 -14.55
C SER J 13 3.99 70.57 -15.33
N PRO J 14 3.10 70.36 -16.30
CA PRO J 14 3.19 69.15 -17.12
C PRO J 14 4.49 69.12 -17.91
N GLY J 15 5.14 67.95 -17.89
CA GLY J 15 6.44 67.79 -18.50
C GLY J 15 7.61 68.23 -17.65
N GLN J 16 7.37 68.67 -16.42
CA GLN J 16 8.42 69.11 -15.51
C GLN J 16 8.69 68.04 -14.46
N SER J 17 9.96 67.94 -14.08
CA SER J 17 10.40 66.96 -13.08
C SER J 17 10.37 67.59 -11.69
N VAL J 18 9.92 66.82 -10.71
CA VAL J 18 9.84 67.27 -9.32
C VAL J 18 10.53 66.25 -8.43
N THR J 19 10.62 66.59 -7.14
CA THR J 19 11.28 65.72 -6.17
C THR J 19 10.53 65.78 -4.85
N ILE J 20 10.29 64.60 -4.27
CA ILE J 20 9.65 64.46 -2.96
C ILE J 20 10.68 63.86 -2.01
N SER J 21 11.00 64.60 -0.94
CA SER J 21 12.00 64.20 0.02
C SER J 21 11.34 63.86 1.34
N CYS J 22 11.80 62.79 1.97
CA CYS J 22 11.26 62.33 3.25
C CYS J 22 12.41 61.98 4.18
N THR J 23 12.24 62.29 5.46
CA THR J 23 13.29 62.07 6.44
C THR J 23 12.66 61.83 7.81
N GLY J 24 13.48 61.30 8.72
CA GLY J 24 13.05 61.07 10.08
C GLY J 24 14.18 61.31 11.06
N THR J 25 14.03 60.73 12.25
CA THR J 25 15.08 60.83 13.25
C THR J 25 16.33 60.08 12.79
N SER J 26 17.48 60.55 13.25
CA SER J 26 18.74 59.91 12.88
C SER J 26 18.85 58.54 13.55
N SER J 27 19.24 57.54 12.77
CA SER J 27 19.36 56.18 13.28
C SER J 27 20.60 55.54 12.65
N ASP J 28 21.43 54.94 13.52
CA ASP J 28 22.67 54.35 13.05
C ASP J 28 22.41 53.11 12.21
N VAL J 29 21.44 52.29 12.60
CA VAL J 29 21.16 51.06 11.88
C VAL J 29 20.60 51.39 10.50
N GLY J 30 20.79 50.46 9.56
CA GLY J 30 20.27 50.64 8.22
C GLY J 30 18.77 50.39 8.14
N GLY J 31 17.99 51.25 8.79
CA GLY J 31 16.55 51.12 8.71
C GLY J 31 15.97 51.78 7.46
N TYR J 32 16.63 52.85 7.00
CA TYR J 32 16.11 53.58 5.85
C TYR J 32 16.46 52.90 4.54
N ASN J 33 17.01 51.69 4.59
CA ASN J 33 17.22 50.93 3.35
C ASN J 33 15.89 50.40 2.80
N TYR J 34 14.99 50.02 3.69
CA TYR J 34 13.67 49.53 3.30
C TYR J 34 12.67 50.68 3.40
N VAL J 35 12.47 51.39 2.29
CA VAL J 35 11.49 52.48 2.22
C VAL J 35 10.66 52.31 0.96
N SER J 36 9.35 52.20 1.15
CA SER J 36 8.41 51.93 0.06
C SER J 36 7.56 53.17 -0.20
N TRP J 37 7.35 53.46 -1.48
CA TRP J 37 6.50 54.56 -1.93
C TRP J 37 5.22 54.00 -2.51
N TYR J 38 4.11 54.69 -2.24
CA TYR J 38 2.80 54.27 -2.70
C TYR J 38 2.21 55.34 -3.61
N GLN J 39 1.15 54.95 -4.34
CA GLN J 39 0.49 55.83 -5.30
C GLN J 39 -1.01 55.52 -5.24
N GLN J 40 -1.76 56.34 -4.52
CA GLN J 40 -3.18 56.10 -4.29
C GLN J 40 -4.00 57.19 -4.97
N HIS J 41 -4.86 56.79 -5.90
CA HIS J 41 -5.83 57.72 -6.47
C HIS J 41 -6.97 57.95 -5.48
N PRO J 42 -7.60 59.12 -5.50
CA PRO J 42 -8.73 59.36 -4.61
C PRO J 42 -9.95 58.55 -5.02
N GLY J 43 -10.26 57.50 -4.25
CA GLY J 43 -11.40 56.66 -4.54
C GLY J 43 -11.10 55.17 -4.51
N LYS J 44 -9.89 54.78 -4.88
CA LYS J 44 -9.51 53.38 -4.96
C LYS J 44 -8.35 53.11 -4.02
N ALA J 45 -8.15 51.82 -3.73
CA ALA J 45 -7.07 51.41 -2.82
C ALA J 45 -5.71 51.75 -3.43
N PRO J 46 -4.71 52.00 -2.58
CA PRO J 46 -3.38 52.34 -3.08
C PRO J 46 -2.76 51.21 -3.89
N LYS J 47 -1.76 51.56 -4.68
CA LYS J 47 -0.97 50.62 -5.46
C LYS J 47 0.50 50.73 -5.06
N LEU J 48 1.27 49.70 -5.41
CA LEU J 48 2.66 49.64 -5.01
C LEU J 48 3.55 50.31 -6.05
N MET J 49 4.70 50.80 -5.57
CA MET J 49 5.70 51.44 -6.42
C MET J 49 7.06 50.97 -5.92
N ILE J 50 8.12 51.68 -6.35
CA ILE J 50 9.49 51.42 -5.93
C ILE J 50 9.54 51.17 -4.42
N TYR J 51 10.13 50.04 -4.03
CA TYR J 51 10.11 49.58 -2.64
C TYR J 51 11.48 49.55 -2.00
N ASP J 52 12.54 49.35 -2.78
CA ASP J 52 13.90 49.45 -2.28
C ASP J 52 14.49 50.78 -2.74
N VAL J 53 15.78 50.99 -2.48
CA VAL J 53 16.42 52.22 -2.87
C VAL J 53 16.49 52.35 -4.39
N SER J 54 16.53 51.22 -5.10
CA SER J 54 16.57 51.24 -6.56
C SER J 54 15.66 50.22 -7.23
N LYS J 55 15.08 49.28 -6.50
CA LYS J 55 14.30 48.22 -7.13
C LYS J 55 12.98 48.76 -7.66
N ARG J 56 12.37 47.98 -8.56
CA ARG J 56 11.11 48.36 -9.19
C ARG J 56 10.12 47.22 -9.10
N PRO J 57 8.82 47.52 -9.06
CA PRO J 57 7.81 46.47 -9.09
C PRO J 57 7.75 45.79 -10.45
N SER J 58 6.79 44.87 -10.58
CA SER J 58 6.71 44.04 -11.78
C SER J 58 6.45 44.89 -13.02
N GLY J 59 5.28 45.51 -13.09
CA GLY J 59 4.96 46.34 -14.24
C GLY J 59 4.49 47.74 -13.88
N VAL J 60 5.30 48.73 -14.24
CA VAL J 60 4.98 50.14 -14.01
C VAL J 60 5.59 50.96 -15.15
N PRO J 61 5.01 52.12 -15.49
CA PRO J 61 5.66 52.99 -16.48
C PRO J 61 6.96 53.56 -15.92
N ASP J 62 8.07 53.21 -16.57
CA ASP J 62 9.40 53.60 -16.10
C ASP J 62 9.62 55.08 -16.43
N ARG J 63 9.12 55.94 -15.55
CA ARG J 63 9.26 57.38 -15.70
C ARG J 63 9.89 58.06 -14.49
N PHE J 64 9.63 57.58 -13.27
CA PHE J 64 10.12 58.18 -12.05
C PHE J 64 10.78 57.13 -11.19
N SER J 65 11.72 57.57 -10.36
CA SER J 65 12.53 56.64 -9.57
C SER J 65 12.95 57.27 -8.25
N GLY J 66 13.24 56.41 -7.28
CA GLY J 66 13.66 56.84 -5.97
C GLY J 66 15.11 56.48 -5.65
N SER J 67 15.57 57.00 -4.52
CA SER J 67 16.91 56.73 -4.03
C SER J 67 16.98 57.18 -2.57
N LYS J 68 18.09 56.83 -1.92
CA LYS J 68 18.32 57.16 -0.52
C LYS J 68 19.54 58.08 -0.42
N SER J 69 19.39 59.17 0.34
CA SER J 69 20.51 60.04 0.67
C SER J 69 21.16 59.55 1.96
N GLY J 70 22.00 60.39 2.57
CA GLY J 70 22.67 59.99 3.80
C GLY J 70 21.70 59.65 4.92
N ASN J 71 20.67 60.48 5.11
CA ASN J 71 19.70 60.24 6.17
C ASN J 71 18.28 60.27 5.63
N THR J 72 18.05 61.07 4.58
CA THR J 72 16.74 61.21 3.98
C THR J 72 16.62 60.29 2.76
N ALA J 73 15.44 60.32 2.15
CA ALA J 73 15.16 59.50 0.97
C ALA J 73 14.37 60.34 -0.02
N SER J 74 14.80 60.32 -1.28
CA SER J 74 14.22 61.16 -2.31
C SER J 74 13.51 60.31 -3.36
N LEU J 75 12.51 60.91 -4.01
CA LEU J 75 11.82 60.31 -5.13
C LEU J 75 11.68 61.37 -6.21
N THR J 76 12.33 61.14 -7.35
CA THR J 76 12.32 62.08 -8.47
C THR J 76 11.27 61.63 -9.49
N ILE J 77 10.33 62.54 -9.78
CA ILE J 77 9.30 62.33 -10.79
C ILE J 77 9.75 63.02 -12.07
N SER J 78 10.08 62.22 -13.08
CA SER J 78 10.52 62.74 -14.38
C SER J 78 9.52 62.34 -15.44
N GLY J 79 9.34 63.19 -16.44
CA GLY J 79 8.35 62.96 -17.48
C GLY J 79 6.94 62.99 -16.93
N LEU J 80 6.62 64.05 -16.20
CA LEU J 80 5.31 64.16 -15.56
C LEU J 80 4.22 64.28 -16.61
N GLN J 81 3.24 63.38 -16.54
CA GLN J 81 2.15 63.33 -17.49
C GLN J 81 0.87 63.88 -16.86
N ALA J 82 -0.22 63.85 -17.64
CA ALA J 82 -1.49 64.40 -17.18
C ALA J 82 -2.31 63.42 -16.35
N GLU J 83 -1.78 62.26 -16.02
CA GLU J 83 -2.50 61.24 -15.26
C GLU J 83 -1.84 60.98 -13.90
N ASP J 84 -1.28 62.03 -13.30
CA ASP J 84 -0.58 61.92 -12.02
C ASP J 84 -1.29 62.71 -10.92
N GLU J 85 -2.62 62.65 -10.90
CA GLU J 85 -3.42 63.32 -9.88
C GLU J 85 -3.78 62.29 -8.81
N ALA J 86 -2.91 62.17 -7.80
CA ALA J 86 -3.09 61.19 -6.74
C ALA J 86 -2.23 61.61 -5.55
N ASP J 87 -2.13 60.71 -4.56
CA ASP J 87 -1.36 60.94 -3.36
C ASP J 87 -0.25 59.89 -3.24
N TYR J 88 0.82 60.27 -2.55
CA TYR J 88 1.99 59.42 -2.38
C TYR J 88 2.29 59.25 -0.89
N TYR J 89 2.47 58.00 -0.48
CA TYR J 89 2.78 57.67 0.91
C TYR J 89 4.16 57.02 0.99
N CYS J 90 4.79 57.15 2.16
CA CYS J 90 6.14 56.65 2.39
C CYS J 90 6.14 55.80 3.65
N SER J 91 6.47 54.51 3.51
CA SER J 91 6.39 53.57 4.62
C SER J 91 7.72 52.83 4.76
N SER J 92 8.35 52.94 5.93
CA SER J 92 9.61 52.25 6.15
C SER J 92 9.40 50.80 6.57
N TYR J 93 8.83 50.57 7.75
CA TYR J 93 8.47 49.23 8.20
C TYR J 93 6.96 49.08 8.35
N GLU J 94 6.33 49.89 9.20
CA GLU J 94 4.88 49.88 9.36
C GLU J 94 4.27 51.27 9.43
N TYR J 95 5.04 52.31 9.77
CA TYR J 95 4.52 53.66 9.86
C TYR J 95 4.31 54.24 8.46
N PHE J 96 3.80 55.47 8.42
CA PHE J 96 3.52 56.14 7.15
C PHE J 96 3.84 57.62 7.28
N GLY J 97 3.78 58.32 6.15
CA GLY J 97 4.08 59.74 6.11
C GLY J 97 2.84 60.60 6.17
N GLY J 98 3.05 61.91 6.02
CA GLY J 98 1.97 62.87 6.10
C GLY J 98 1.05 62.88 4.90
N GLY J 99 1.54 62.44 3.74
CA GLY J 99 0.71 62.42 2.54
C GLY J 99 0.95 63.58 1.61
N THR J 100 1.34 63.30 0.37
CA THR J 100 1.61 64.33 -0.61
C THR J 100 0.35 64.62 -1.44
N LYS J 101 0.22 65.88 -1.85
CA LYS J 101 -0.93 66.36 -2.62
C LYS J 101 -0.43 67.01 -3.91
N LEU J 102 0.40 66.29 -4.65
CA LEU J 102 0.94 66.79 -5.91
C LEU J 102 -0.18 67.13 -6.89
N THR J 103 -0.11 68.32 -7.47
CA THR J 103 -1.12 68.81 -8.40
C THR J 103 -0.50 69.05 -9.76
N VAL J 104 -1.36 69.26 -10.75
CA VAL J 104 -0.97 69.53 -12.13
C VAL J 104 -1.72 70.78 -12.60
N LEU J 105 -1.41 71.21 -13.82
CA LEU J 105 -2.05 72.37 -14.43
C LEU J 105 -2.98 71.89 -15.53
N SER J 106 -4.22 72.40 -15.51
CA SER J 106 -5.21 72.02 -16.50
C SER J 106 -5.19 72.96 -17.70
N SER K 2 28.32 -39.22 33.36
CA SER K 2 27.07 -39.94 33.61
C SER K 2 26.61 -39.73 35.04
N ALA K 3 27.34 -40.31 35.99
CA ALA K 3 27.03 -40.21 37.42
C ALA K 3 28.16 -39.46 38.09
N LEU K 4 28.06 -38.14 38.12
CA LEU K 4 29.05 -37.32 38.79
C LEU K 4 28.87 -37.36 40.30
N THR K 5 29.98 -37.33 41.02
CA THR K 5 29.97 -37.40 42.47
C THR K 5 30.76 -36.22 43.03
N GLN K 6 30.16 -35.48 43.96
CA GLN K 6 30.79 -34.36 44.60
C GLN K 6 31.23 -34.71 46.01
N PRO K 7 32.19 -33.97 46.58
CA PRO K 7 32.53 -34.18 47.99
C PRO K 7 31.32 -33.94 48.88
N ARG K 8 31.20 -34.78 49.90
CA ARG K 8 30.01 -34.75 50.76
C ARG K 8 29.95 -33.46 51.58
N SER K 9 30.95 -33.24 52.43
CA SER K 9 31.00 -32.03 53.25
C SER K 9 32.45 -31.61 53.41
N VAL K 10 32.81 -30.48 52.83
CA VAL K 10 34.16 -29.95 52.93
C VAL K 10 34.18 -28.85 53.99
N SER K 11 35.29 -28.74 54.70
CA SER K 11 35.45 -27.77 55.77
C SER K 11 36.59 -26.83 55.45
N GLY K 12 36.50 -25.61 55.98
CA GLY K 12 37.51 -24.60 55.75
C GLY K 12 37.43 -23.44 56.72
N SER K 13 38.57 -23.05 57.28
CA SER K 13 38.60 -21.92 58.19
C SER K 13 38.40 -20.61 57.42
N PRO K 14 37.92 -19.57 58.09
CA PRO K 14 37.78 -18.28 57.42
C PRO K 14 39.12 -17.74 56.96
N GLY K 15 39.15 -17.31 55.69
CA GLY K 15 40.38 -16.86 55.08
C GLY K 15 41.24 -17.95 54.47
N GLN K 16 40.76 -19.19 54.46
CA GLN K 16 41.50 -20.32 53.91
C GLN K 16 40.91 -20.74 52.57
N SER K 17 41.77 -21.24 51.69
CA SER K 17 41.38 -21.71 50.37
C SER K 17 41.16 -23.21 50.39
N VAL K 18 40.13 -23.66 49.69
CA VAL K 18 39.78 -25.07 49.60
C VAL K 18 39.63 -25.46 48.14
N THR K 19 39.44 -26.75 47.89
CA THR K 19 39.32 -27.28 46.55
C THR K 19 38.24 -28.37 46.52
N ILE K 20 37.36 -28.28 45.54
CA ILE K 20 36.29 -29.26 45.32
C ILE K 20 36.54 -29.94 43.98
N SER K 21 36.78 -31.25 44.01
CA SER K 21 37.12 -32.01 42.81
C SER K 21 35.94 -32.92 42.45
N CYS K 22 35.65 -33.00 41.15
CA CYS K 22 34.57 -33.84 40.66
C CYS K 22 35.06 -34.60 39.44
N THR K 23 34.61 -35.86 39.31
CA THR K 23 35.05 -36.73 38.25
C THR K 23 33.96 -37.74 37.92
N GLY K 24 34.11 -38.38 36.76
CA GLY K 24 33.20 -39.41 36.34
C GLY K 24 33.94 -40.53 35.63
N THR K 25 33.18 -41.30 34.85
CA THR K 25 33.79 -42.36 34.05
C THR K 25 34.71 -41.76 32.99
N SER K 26 35.67 -42.57 32.55
CA SER K 26 36.61 -42.11 31.52
C SER K 26 35.91 -42.05 30.17
N SER K 27 36.11 -40.93 29.47
CA SER K 27 35.51 -40.73 28.16
C SER K 27 36.49 -40.02 27.26
N ASP K 28 36.67 -40.56 26.06
CA ASP K 28 37.63 -39.99 25.12
C ASP K 28 37.16 -38.65 24.58
N VAL K 29 35.86 -38.51 24.29
CA VAL K 29 35.33 -37.28 23.74
C VAL K 29 35.45 -36.16 24.77
N GLY K 30 35.53 -34.93 24.28
CA GLY K 30 35.60 -33.78 25.16
C GLY K 30 34.26 -33.43 25.77
N GLY K 31 33.73 -34.33 26.59
CA GLY K 31 32.46 -34.05 27.26
C GLY K 31 32.65 -33.22 28.50
N TYR K 32 33.78 -33.38 29.17
CA TYR K 32 34.02 -32.67 30.43
C TYR K 32 34.48 -31.24 30.20
N ASN K 33 34.51 -30.78 28.95
CA ASN K 33 34.87 -29.39 28.69
C ASN K 33 33.76 -28.44 29.12
N TYR K 34 32.52 -28.87 28.99
CA TYR K 34 31.37 -28.08 29.43
C TYR K 34 30.94 -28.55 30.81
N VAL K 35 31.41 -27.86 31.85
CA VAL K 35 31.06 -28.18 33.23
C VAL K 35 30.69 -26.89 33.94
N SER K 36 29.47 -26.84 34.46
CA SER K 36 28.94 -25.65 35.12
C SER K 36 28.79 -25.90 36.60
N TRP K 37 29.15 -24.90 37.40
CA TRP K 37 29.04 -24.95 38.85
C TRP K 37 27.89 -24.04 39.31
N TYR K 38 27.22 -24.46 40.37
CA TYR K 38 26.09 -23.74 40.93
C TYR K 38 26.34 -23.42 42.40
N GLN K 39 25.50 -22.54 42.94
CA GLN K 39 25.64 -22.06 44.31
C GLN K 39 24.24 -21.82 44.86
N GLN K 40 23.70 -22.79 45.58
CA GLN K 40 22.33 -22.75 46.07
C GLN K 40 22.31 -22.52 47.58
N HIS K 41 21.71 -21.41 48.01
CA HIS K 41 21.47 -21.18 49.42
C HIS K 41 20.25 -21.97 49.88
N PRO K 42 20.22 -22.39 51.14
CA PRO K 42 19.04 -23.10 51.65
C PRO K 42 17.85 -22.17 51.80
N GLY K 43 16.88 -22.29 50.89
CA GLY K 43 15.70 -21.47 50.94
C GLY K 43 15.33 -20.82 49.62
N LYS K 44 16.34 -20.45 48.83
CA LYS K 44 16.12 -19.78 47.55
C LYS K 44 16.71 -20.60 46.41
N ALA K 45 16.30 -20.23 45.19
CA ALA K 45 16.72 -20.96 44.01
C ALA K 45 18.23 -20.84 43.78
N PRO K 46 18.85 -21.84 43.16
CA PRO K 46 20.29 -21.76 42.90
C PRO K 46 20.62 -20.61 41.95
N LYS K 47 21.90 -20.21 41.99
CA LYS K 47 22.43 -19.20 41.08
C LYS K 47 23.59 -19.79 40.29
N LEU K 48 23.95 -19.12 39.21
CA LEU K 48 24.94 -19.64 38.30
C LEU K 48 26.34 -19.18 38.69
N MET K 49 27.33 -19.95 38.27
CA MET K 49 28.74 -19.65 38.54
C MET K 49 29.51 -20.00 37.26
N ILE K 50 30.83 -20.16 37.39
CA ILE K 50 31.70 -20.54 36.29
C ILE K 50 31.09 -21.70 35.50
N TYR K 51 30.94 -21.50 34.19
CA TYR K 51 30.25 -22.45 33.33
C TYR K 51 31.14 -23.14 32.32
N ASP K 52 32.22 -22.49 31.89
CA ASP K 52 33.28 -23.11 31.11
C ASP K 52 34.46 -23.40 32.03
N VAL K 53 35.58 -23.83 31.43
CA VAL K 53 36.75 -24.16 32.24
C VAL K 53 37.34 -22.89 32.88
N SER K 54 37.16 -21.74 32.23
CA SER K 54 37.69 -20.50 32.78
C SER K 54 36.74 -19.31 32.69
N LYS K 55 35.61 -19.42 32.00
CA LYS K 55 34.73 -18.27 31.80
C LYS K 55 34.05 -17.88 33.11
N ARG K 56 33.54 -16.65 33.14
CA ARG K 56 32.89 -16.10 34.32
C ARG K 56 31.54 -15.51 33.95
N PRO K 57 30.59 -15.50 34.88
CA PRO K 57 29.28 -14.88 34.61
C PRO K 57 29.40 -13.36 34.55
N SER K 58 28.24 -12.73 34.35
CA SER K 58 28.20 -11.27 34.22
C SER K 58 28.66 -10.58 35.49
N GLY K 59 27.92 -10.78 36.58
CA GLY K 59 28.25 -10.12 37.83
C GLY K 59 28.55 -11.10 38.95
N VAL K 60 29.80 -11.13 39.40
CA VAL K 60 30.22 -12.04 40.47
C VAL K 60 31.52 -11.53 41.07
N PRO K 61 31.69 -11.62 42.39
CA PRO K 61 32.98 -11.26 42.99
C PRO K 61 34.05 -12.28 42.62
N ASP K 62 35.13 -11.80 42.00
CA ASP K 62 36.22 -12.65 41.53
C ASP K 62 37.04 -13.07 42.75
N ARG K 63 36.64 -14.18 43.34
CA ARG K 63 37.35 -14.77 44.48
C ARG K 63 37.72 -16.23 44.28
N PHE K 64 36.93 -16.99 43.53
CA PHE K 64 37.17 -18.41 43.33
C PHE K 64 36.99 -18.77 41.87
N SER K 65 37.70 -19.80 41.43
CA SER K 65 37.73 -20.13 40.01
C SER K 65 37.90 -21.63 39.81
N GLY K 66 37.49 -22.11 38.63
CA GLY K 66 37.58 -23.51 38.29
C GLY K 66 38.65 -23.79 37.24
N SER K 67 38.88 -25.09 37.04
CA SER K 67 39.85 -25.57 36.07
C SER K 67 39.57 -27.04 35.81
N LYS K 68 40.17 -27.55 34.73
CA LYS K 68 40.01 -28.94 34.33
C LYS K 68 41.36 -29.64 34.42
N SER K 69 41.38 -30.82 35.04
CA SER K 69 42.55 -31.67 35.07
C SER K 69 42.51 -32.63 33.89
N GLY K 70 43.34 -33.67 33.93
CA GLY K 70 43.36 -34.63 32.83
C GLY K 70 42.02 -35.31 32.61
N ASN K 71 41.38 -35.74 33.70
CA ASN K 71 40.07 -36.37 33.60
C ASN K 71 39.04 -35.75 34.55
N THR K 72 39.47 -35.21 35.68
CA THR K 72 38.58 -34.61 36.65
C THR K 72 38.51 -33.10 36.44
N ALA K 73 37.69 -32.43 37.25
CA ALA K 73 37.53 -30.98 37.18
C ALA K 73 37.53 -30.44 38.60
N SER K 74 38.33 -29.41 38.84
CA SER K 74 38.51 -28.86 40.17
C SER K 74 37.96 -27.43 40.23
N LEU K 75 37.55 -27.03 41.44
CA LEU K 75 37.12 -25.67 41.71
C LEU K 75 37.83 -25.21 42.98
N THR K 76 38.66 -24.18 42.85
CA THR K 76 39.42 -23.63 43.97
C THR K 76 38.69 -22.42 44.53
N ILE K 77 38.35 -22.48 45.81
CA ILE K 77 37.72 -21.39 46.53
C ILE K 77 38.81 -20.68 47.32
N SER K 78 39.11 -19.43 46.93
CA SER K 78 40.16 -18.64 47.56
C SER K 78 39.54 -17.41 48.20
N GLY K 79 40.10 -17.00 49.34
CA GLY K 79 39.58 -15.87 50.08
C GLY K 79 38.17 -16.13 50.57
N LEU K 80 38.02 -17.16 51.40
CA LEU K 80 36.69 -17.54 51.88
C LEU K 80 36.16 -16.49 52.86
N GLN K 81 34.92 -16.06 52.65
CA GLN K 81 34.27 -15.09 53.50
C GLN K 81 33.28 -15.80 54.43
N ALA K 82 32.57 -15.00 55.22
CA ALA K 82 31.59 -15.54 56.17
C ALA K 82 30.20 -15.72 55.56
N GLU K 83 30.06 -15.53 54.25
CA GLU K 83 28.77 -15.65 53.57
C GLU K 83 28.77 -16.81 52.57
N ASP K 84 29.53 -17.86 52.87
CA ASP K 84 29.65 -19.03 51.99
C ASP K 84 28.97 -20.25 52.59
N GLU K 85 27.81 -20.04 53.22
CA GLU K 85 27.04 -21.13 53.82
C GLU K 85 25.95 -21.53 52.84
N ALA K 86 26.30 -22.40 51.90
CA ALA K 86 25.38 -22.87 50.88
C ALA K 86 25.91 -24.16 50.29
N ASP K 87 25.26 -24.65 49.24
CA ASP K 87 25.62 -25.90 48.58
C ASP K 87 26.11 -25.64 47.16
N TYR K 88 26.95 -26.53 46.67
CA TYR K 88 27.55 -26.42 45.34
C TYR K 88 27.24 -27.67 44.53
N TYR K 89 26.78 -27.46 43.30
CA TYR K 89 26.49 -28.55 42.38
C TYR K 89 27.30 -28.38 41.10
N CYS K 90 27.49 -29.49 40.38
CA CYS K 90 28.22 -29.48 39.11
C CYS K 90 27.39 -30.23 38.08
N SER K 91 27.32 -29.70 36.87
CA SER K 91 26.52 -30.28 35.79
C SER K 91 27.31 -30.24 34.49
N SER K 92 27.45 -31.41 33.85
CA SER K 92 28.16 -31.46 32.58
C SER K 92 27.25 -31.11 31.41
N TYR K 93 26.26 -31.96 31.13
CA TYR K 93 25.24 -31.66 30.13
C TYR K 93 23.85 -31.55 30.75
N GLU K 94 23.37 -32.60 31.40
CA GLU K 94 22.08 -32.56 32.07
C GLU K 94 22.09 -33.21 33.45
N TYR K 95 23.05 -34.08 33.76
CA TYR K 95 23.13 -34.72 35.05
C TYR K 95 23.65 -33.73 36.10
N PHE K 96 23.69 -34.18 37.34
CA PHE K 96 24.14 -33.34 38.45
C PHE K 96 24.95 -34.20 39.42
N GLY K 97 25.66 -33.51 40.32
CA GLY K 97 26.49 -34.18 41.31
C GLY K 97 25.74 -34.51 42.59
N GLY K 98 26.48 -35.10 43.52
CA GLY K 98 25.89 -35.53 44.78
C GLY K 98 25.49 -34.40 45.71
N GLY K 99 26.03 -33.21 45.50
CA GLY K 99 25.70 -32.09 46.36
C GLY K 99 26.72 -31.87 47.46
N THR K 100 27.36 -30.69 47.48
CA THR K 100 28.38 -30.39 48.45
C THR K 100 27.79 -29.66 49.66
N LYS K 101 28.45 -29.81 50.80
CA LYS K 101 27.99 -29.25 52.09
C LYS K 101 29.14 -28.47 52.74
N LEU K 102 29.70 -27.53 51.98
CA LEU K 102 30.75 -26.67 52.51
C LEU K 102 30.28 -25.93 53.76
N THR K 103 31.07 -26.04 54.83
CA THR K 103 30.77 -25.40 56.11
C THR K 103 31.88 -24.42 56.47
N VAL K 104 31.57 -23.51 57.39
CA VAL K 104 32.52 -22.55 57.92
C VAL K 104 32.48 -22.64 59.44
N LEU K 105 33.41 -21.93 60.09
CA LEU K 105 33.54 -21.91 61.53
C LEU K 105 32.97 -20.61 62.08
N SER K 106 32.04 -20.72 63.02
CA SER K 106 31.42 -19.54 63.62
C SER K 106 32.12 -19.14 64.90
N SER L 2 -3.89 -12.70 -57.62
CA SER L 2 -5.23 -12.44 -57.11
C SER L 2 -6.12 -13.68 -57.24
N ALA L 3 -5.99 -14.37 -58.37
CA ALA L 3 -6.76 -15.57 -58.66
C ALA L 3 -5.78 -16.71 -58.93
N LEU L 4 -5.38 -17.40 -57.86
CA LEU L 4 -4.46 -18.52 -57.99
C LEU L 4 -5.19 -19.74 -58.53
N THR L 5 -4.46 -20.55 -59.30
CA THR L 5 -5.01 -21.77 -59.90
C THR L 5 -4.04 -22.92 -59.65
N GLN L 6 -4.56 -24.02 -59.12
CA GLN L 6 -3.78 -25.22 -58.84
C GLN L 6 -4.07 -26.28 -59.89
N PRO L 7 -3.16 -27.25 -60.05
CA PRO L 7 -3.46 -28.38 -60.94
C PRO L 7 -4.70 -29.13 -60.48
N ARG L 8 -5.45 -29.64 -61.46
CA ARG L 8 -6.71 -30.30 -61.16
C ARG L 8 -6.48 -31.62 -60.42
N SER L 9 -5.77 -32.54 -61.05
CA SER L 9 -5.48 -33.84 -60.43
C SER L 9 -4.15 -34.33 -60.97
N VAL L 10 -3.18 -34.47 -60.08
CA VAL L 10 -1.85 -34.96 -60.44
C VAL L 10 -1.74 -36.41 -60.03
N SER L 11 -0.98 -37.19 -60.81
CA SER L 11 -0.78 -38.60 -60.55
C SER L 11 0.69 -38.89 -60.33
N GLY L 12 0.95 -39.91 -59.52
CA GLY L 12 2.31 -40.29 -59.20
C GLY L 12 2.42 -41.70 -58.64
N SER L 13 3.37 -42.47 -59.15
CA SER L 13 3.59 -43.82 -58.66
C SER L 13 4.24 -43.78 -57.28
N PRO L 14 4.04 -44.82 -56.47
CA PRO L 14 4.70 -44.86 -55.16
C PRO L 14 6.21 -44.88 -55.31
N GLY L 15 6.88 -44.05 -54.50
CA GLY L 15 8.31 -43.89 -54.59
C GLY L 15 8.78 -42.94 -55.66
N GLN L 16 7.88 -42.28 -56.36
CA GLN L 16 8.22 -41.33 -57.42
C GLN L 16 8.00 -39.89 -56.93
N SER L 17 8.86 -39.00 -57.40
CA SER L 17 8.80 -37.59 -57.05
C SER L 17 7.98 -36.83 -58.10
N VAL L 18 7.14 -35.91 -57.63
CA VAL L 18 6.29 -35.11 -58.51
C VAL L 18 6.48 -33.64 -58.17
N THR L 19 5.84 -32.78 -58.96
CA THR L 19 5.94 -31.34 -58.79
C THR L 19 4.58 -30.70 -59.04
N ILE L 20 4.19 -29.79 -58.15
CA ILE L 20 2.96 -29.01 -58.29
C ILE L 20 3.35 -27.55 -58.42
N SER L 21 3.00 -26.95 -59.56
CA SER L 21 3.35 -25.57 -59.86
C SER L 21 2.11 -24.70 -59.80
N CYS L 22 2.26 -23.49 -59.26
CA CYS L 22 1.16 -22.56 -59.13
C CYS L 22 1.63 -21.16 -59.52
N THR L 23 0.77 -20.43 -60.21
CA THR L 23 1.13 -19.10 -60.71
C THR L 23 -0.12 -18.25 -60.82
N GLY L 24 0.09 -16.94 -60.99
CA GLY L 24 -0.99 -16.00 -61.17
C GLY L 24 -0.58 -14.88 -62.11
N THR L 25 -1.34 -13.80 -62.05
CA THR L 25 -1.02 -12.62 -62.85
C THR L 25 0.33 -12.04 -62.42
N SER L 26 1.12 -11.65 -63.41
CA SER L 26 2.44 -11.10 -63.13
C SER L 26 2.32 -9.78 -62.38
N SER L 27 3.12 -9.62 -61.32
CA SER L 27 3.11 -8.40 -60.54
C SER L 27 4.55 -8.05 -60.18
N ASP L 28 4.87 -6.75 -60.28
CA ASP L 28 6.23 -6.30 -60.00
C ASP L 28 6.55 -6.43 -58.52
N VAL L 29 5.59 -6.14 -57.65
CA VAL L 29 5.82 -6.22 -56.22
C VAL L 29 6.04 -7.67 -55.81
N GLY L 30 6.90 -7.88 -54.83
CA GLY L 30 7.19 -9.21 -54.36
C GLY L 30 6.08 -9.78 -53.50
N GLY L 31 4.92 -10.02 -54.11
CA GLY L 31 3.81 -10.60 -53.36
C GLY L 31 3.92 -12.11 -53.24
N TYR L 32 4.57 -12.74 -54.23
CA TYR L 32 4.67 -14.20 -54.23
C TYR L 32 5.76 -14.70 -53.28
N ASN L 33 6.34 -13.81 -52.48
CA ASN L 33 7.31 -14.26 -51.48
C ASN L 33 6.62 -14.98 -50.33
N TYR L 34 5.40 -14.55 -50.00
CA TYR L 34 4.61 -15.20 -48.96
C TYR L 34 3.61 -16.15 -49.61
N VAL L 35 3.99 -17.42 -49.72
CA VAL L 35 3.13 -18.44 -50.31
C VAL L 35 3.13 -19.67 -49.40
N SER L 36 1.94 -20.08 -48.99
CA SER L 36 1.79 -21.19 -48.04
C SER L 36 1.07 -22.35 -48.70
N TRP L 37 1.52 -23.56 -48.39
CA TRP L 37 0.90 -24.78 -48.87
C TRP L 37 0.19 -25.48 -47.71
N TYR L 38 -0.95 -26.10 -48.02
CA TYR L 38 -1.77 -26.78 -47.04
C TYR L 38 -1.92 -28.25 -47.43
N GLN L 39 -2.39 -29.05 -46.47
CA GLN L 39 -2.62 -30.48 -46.68
C GLN L 39 -3.87 -30.86 -45.89
N GLN L 40 -4.95 -31.18 -46.62
CA GLN L 40 -6.24 -31.50 -46.01
C GLN L 40 -6.61 -32.93 -46.37
N HIS L 41 -6.83 -33.75 -45.33
CA HIS L 41 -7.42 -35.06 -45.52
C HIS L 41 -8.93 -34.94 -45.70
N PRO L 42 -9.55 -35.86 -46.44
CA PRO L 42 -11.01 -35.79 -46.60
C PRO L 42 -11.73 -36.12 -45.30
N GLY L 43 -12.29 -35.10 -44.66
CA GLY L 43 -13.00 -35.29 -43.40
C GLY L 43 -12.53 -34.38 -42.29
N LYS L 44 -11.24 -34.03 -42.31
CA LYS L 44 -10.65 -33.19 -41.28
C LYS L 44 -10.17 -31.88 -41.88
N ALA L 45 -10.11 -30.85 -41.03
CA ALA L 45 -9.65 -29.54 -41.46
C ALA L 45 -8.19 -29.62 -41.93
N PRO L 46 -7.79 -28.74 -42.85
CA PRO L 46 -6.42 -28.79 -43.38
C PRO L 46 -5.39 -28.57 -42.29
N LYS L 47 -4.16 -28.99 -42.58
CA LYS L 47 -3.03 -28.79 -41.69
C LYS L 47 -1.95 -27.99 -42.41
N LEU L 48 -1.02 -27.45 -41.64
CA LEU L 48 -0.03 -26.52 -42.18
C LEU L 48 1.17 -27.25 -42.74
N MET L 49 1.82 -26.62 -43.72
CA MET L 49 3.03 -27.12 -44.35
C MET L 49 3.95 -25.93 -44.56
N ILE L 50 4.94 -26.08 -45.45
CA ILE L 50 5.85 -25.02 -45.82
C ILE L 50 5.10 -23.72 -46.07
N TYR L 51 5.48 -22.66 -45.35
CA TYR L 51 4.76 -21.40 -45.37
C TYR L 51 5.54 -20.26 -46.01
N ASP L 52 6.86 -20.30 -45.95
CA ASP L 52 7.71 -19.40 -46.72
C ASP L 52 8.26 -20.17 -47.92
N VAL L 53 9.20 -19.55 -48.64
CA VAL L 53 9.79 -20.21 -49.80
C VAL L 53 10.61 -21.43 -49.38
N SER L 54 11.17 -21.40 -48.17
CA SER L 54 11.97 -22.53 -47.69
C SER L 54 11.72 -22.93 -46.24
N LYS L 55 10.93 -22.17 -45.48
CA LYS L 55 10.77 -22.45 -44.06
C LYS L 55 9.94 -23.71 -43.86
N ARG L 56 10.01 -24.25 -42.64
CA ARG L 56 9.31 -25.47 -42.28
C ARG L 56 8.56 -25.28 -40.96
N PRO L 57 7.45 -25.99 -40.77
CA PRO L 57 6.73 -25.89 -39.50
C PRO L 57 7.50 -26.58 -38.37
N SER L 58 6.87 -26.59 -37.20
CA SER L 58 7.50 -27.17 -36.02
C SER L 58 7.74 -28.66 -36.19
N GLY L 59 6.68 -29.43 -36.36
CA GLY L 59 6.80 -30.87 -36.53
C GLY L 59 6.24 -31.38 -37.83
N VAL L 60 7.12 -31.89 -38.70
CA VAL L 60 6.71 -32.40 -40.00
C VAL L 60 7.79 -33.34 -40.52
N PRO L 61 7.43 -34.46 -41.16
CA PRO L 61 8.45 -35.31 -41.78
C PRO L 61 9.07 -34.64 -42.99
N ASP L 62 10.39 -34.46 -42.95
CA ASP L 62 11.13 -33.79 -44.03
C ASP L 62 11.25 -34.76 -45.19
N ARG L 63 10.26 -34.72 -46.07
CA ARG L 63 10.25 -35.52 -47.30
C ARG L 63 10.05 -34.69 -48.56
N PHE L 64 9.27 -33.61 -48.50
CA PHE L 64 8.98 -32.79 -49.65
C PHE L 64 9.14 -31.32 -49.28
N SER L 65 9.44 -30.50 -50.29
CA SER L 65 9.76 -29.09 -50.02
C SER L 65 9.36 -28.24 -51.22
N GLY L 66 9.20 -26.94 -50.97
CA GLY L 66 8.82 -25.99 -51.99
C GLY L 66 9.90 -24.96 -52.27
N SER L 67 9.63 -24.17 -53.31
CA SER L 67 10.51 -23.07 -53.70
C SER L 67 9.75 -22.15 -54.64
N LYS L 68 10.37 -21.02 -54.94
CA LYS L 68 9.78 -20.01 -55.82
C LYS L 68 10.61 -19.87 -57.08
N SER L 69 9.94 -19.87 -58.23
CA SER L 69 10.59 -19.61 -59.51
C SER L 69 10.53 -18.11 -59.80
N GLY L 70 10.82 -17.73 -61.06
CA GLY L 70 10.82 -16.33 -61.41
C GLY L 70 9.48 -15.66 -61.18
N ASN L 71 8.39 -16.32 -61.56
CA ASN L 71 7.06 -15.75 -61.36
C ASN L 71 6.14 -16.75 -60.67
N THR L 72 6.36 -18.04 -60.91
CA THR L 72 5.53 -19.09 -60.33
C THR L 72 6.19 -19.64 -59.06
N ALA L 73 5.52 -20.60 -58.45
CA ALA L 73 6.01 -21.24 -57.23
C ALA L 73 5.77 -22.74 -57.34
N SER L 74 6.81 -23.53 -57.07
CA SER L 74 6.76 -24.97 -57.22
C SER L 74 6.85 -25.66 -55.88
N LEU L 75 6.28 -26.86 -55.81
CA LEU L 75 6.39 -27.73 -54.64
C LEU L 75 6.77 -29.12 -55.13
N THR L 76 7.95 -29.59 -54.74
CA THR L 76 8.45 -30.90 -55.14
C THR L 76 8.16 -31.89 -54.02
N ILE L 77 7.41 -32.94 -54.37
CA ILE L 77 7.08 -34.04 -53.47
C ILE L 77 8.05 -35.18 -53.77
N SER L 78 8.93 -35.47 -52.81
CA SER L 78 9.92 -36.54 -52.95
C SER L 78 9.69 -37.58 -51.87
N GLY L 79 10.01 -38.83 -52.18
CA GLY L 79 9.76 -39.91 -51.26
C GLY L 79 8.28 -40.15 -51.05
N LEU L 80 7.59 -40.46 -52.14
CA LEU L 80 6.13 -40.63 -52.08
C LEU L 80 5.79 -41.89 -51.30
N GLN L 81 5.02 -41.73 -50.23
CA GLN L 81 4.62 -42.83 -49.37
C GLN L 81 3.16 -43.20 -49.63
N ALA L 82 2.70 -44.24 -48.94
CA ALA L 82 1.34 -44.74 -49.12
C ALA L 82 0.31 -43.97 -48.31
N GLU L 83 0.71 -42.91 -47.60
CA GLU L 83 -0.19 -42.12 -46.78
C GLU L 83 -0.33 -40.69 -47.31
N ASP L 84 -0.29 -40.53 -48.62
CA ASP L 84 -0.37 -39.23 -49.27
C ASP L 84 -1.66 -39.07 -50.07
N GLU L 85 -2.78 -39.56 -49.50
CA GLU L 85 -4.09 -39.44 -50.13
C GLU L 85 -4.81 -38.27 -49.47
N ALA L 86 -4.55 -37.07 -49.98
CA ALA L 86 -5.15 -35.85 -49.45
C ALA L 86 -5.11 -34.78 -50.54
N ASP L 87 -5.51 -33.56 -50.17
CA ASP L 87 -5.53 -32.44 -51.09
C ASP L 87 -4.56 -31.38 -50.61
N TYR L 88 -4.06 -30.58 -51.56
CA TYR L 88 -3.09 -29.52 -51.27
C TYR L 88 -3.61 -28.20 -51.81
N TYR L 89 -3.59 -27.18 -50.97
CA TYR L 89 -4.04 -25.84 -51.32
C TYR L 89 -2.87 -24.86 -51.27
N CYS L 90 -3.01 -23.77 -52.01
CA CYS L 90 -1.97 -22.74 -52.12
C CYS L 90 -2.58 -21.39 -51.80
N SER L 91 -2.08 -20.72 -50.77
CA SER L 91 -2.62 -19.45 -50.32
C SER L 91 -1.50 -18.42 -50.23
N SER L 92 -1.64 -17.32 -50.96
CA SER L 92 -0.63 -16.27 -50.91
C SER L 92 -0.86 -15.34 -49.72
N TYR L 93 -1.95 -14.59 -49.73
CA TYR L 93 -2.31 -13.74 -48.60
C TYR L 93 -3.64 -14.17 -47.98
N GLU L 94 -4.72 -14.18 -48.75
CA GLU L 94 -6.02 -14.65 -48.29
C GLU L 94 -6.74 -15.53 -49.30
N TYR L 95 -6.43 -15.44 -50.57
CA TYR L 95 -7.07 -16.25 -51.59
C TYR L 95 -6.56 -17.68 -51.52
N PHE L 96 -7.14 -18.55 -52.35
CA PHE L 96 -6.75 -19.95 -52.40
C PHE L 96 -6.76 -20.43 -53.85
N GLY L 97 -6.21 -21.64 -54.04
CA GLY L 97 -6.12 -22.22 -55.36
C GLY L 97 -7.33 -23.07 -55.70
N GLY L 98 -7.28 -23.66 -56.90
CA GLY L 98 -8.38 -24.48 -57.38
C GLY L 98 -8.53 -25.80 -56.66
N GLY L 99 -7.49 -26.26 -55.98
CA GLY L 99 -7.54 -27.52 -55.26
C GLY L 99 -6.95 -28.68 -56.03
N THR L 100 -5.94 -29.32 -55.46
CA THR L 100 -5.29 -30.45 -56.11
C THR L 100 -5.92 -31.76 -55.65
N LYS L 101 -5.86 -32.75 -56.54
CA LYS L 101 -6.46 -34.08 -56.33
C LYS L 101 -5.40 -35.16 -56.56
N LEU L 102 -4.27 -35.03 -55.87
CA LEU L 102 -3.20 -36.02 -55.99
C LEU L 102 -3.70 -37.41 -55.62
N THR L 103 -3.45 -38.37 -56.51
CA THR L 103 -3.84 -39.76 -56.31
C THR L 103 -2.60 -40.64 -56.29
N VAL L 104 -2.77 -41.85 -55.78
CA VAL L 104 -1.73 -42.87 -55.74
C VAL L 104 -2.26 -44.14 -56.39
N LEU L 105 -1.39 -45.14 -56.49
CA LEU L 105 -1.74 -46.43 -57.07
C LEU L 105 -1.90 -47.45 -55.96
N SER L 106 -3.06 -48.10 -55.91
CA SER L 106 -3.35 -49.10 -54.89
C SER L 106 -2.97 -50.49 -55.37
N GLN M 1 -14.44 23.71 79.61
CA GLN M 1 -15.59 22.82 79.74
C GLN M 1 -16.86 23.50 79.25
N VAL M 2 -17.75 22.71 78.63
CA VAL M 2 -19.02 23.20 78.11
C VAL M 2 -20.14 22.36 78.71
N GLN M 3 -21.26 23.01 79.02
CA GLN M 3 -22.45 22.33 79.54
C GLN M 3 -23.61 22.61 78.60
N LEU M 4 -24.38 21.57 78.29
CA LEU M 4 -25.50 21.68 77.37
C LEU M 4 -26.74 21.04 78.00
N GLN M 5 -27.87 21.73 77.88
CA GLN M 5 -29.14 21.25 78.40
C GLN M 5 -30.19 21.33 77.30
N GLU M 6 -31.24 20.53 77.45
CA GLU M 6 -32.29 20.40 76.44
C GLU M 6 -33.66 20.52 77.10
N SER M 7 -34.65 20.89 76.29
CA SER M 7 -36.01 21.03 76.78
C SER M 7 -36.98 20.83 75.63
N GLY M 8 -38.12 20.22 75.94
CA GLY M 8 -39.16 19.97 74.96
C GLY M 8 -40.49 19.67 75.63
N PRO M 9 -41.59 19.89 74.88
CA PRO M 9 -42.92 19.63 75.45
C PRO M 9 -43.17 18.16 75.71
N GLY M 10 -42.94 17.32 74.71
CA GLY M 10 -43.10 15.88 74.84
C GLY M 10 -44.38 15.33 74.28
N LEU M 11 -45.49 16.07 74.38
CA LEU M 11 -46.79 15.62 73.91
C LEU M 11 -47.34 16.67 72.95
N VAL M 12 -47.34 16.36 71.66
CA VAL M 12 -47.84 17.25 70.63
C VAL M 12 -48.85 16.51 69.76
N LYS M 13 -49.93 17.18 69.41
CA LYS M 13 -50.92 16.62 68.51
C LYS M 13 -50.36 16.59 67.08
N PRO M 14 -50.71 15.58 66.29
CA PRO M 14 -50.18 15.50 64.92
C PRO M 14 -50.57 16.69 64.07
N SER M 15 -49.80 16.90 63.01
CA SER M 15 -50.02 17.97 62.03
C SER M 15 -49.97 19.35 62.70
N GLU M 16 -48.98 19.54 63.57
CA GLU M 16 -48.73 20.82 64.20
C GLU M 16 -47.22 21.03 64.24
N THR M 17 -46.77 22.01 65.01
CA THR M 17 -45.36 22.35 65.10
C THR M 17 -44.74 21.71 66.34
N LEU M 18 -43.58 21.11 66.16
CA LEU M 18 -42.82 20.47 67.25
C LEU M 18 -41.55 21.27 67.45
N SER M 19 -41.43 21.95 68.59
CA SER M 19 -40.30 22.82 68.89
C SER M 19 -39.50 22.25 70.06
N VAL M 20 -38.19 22.16 69.89
CA VAL M 20 -37.29 21.69 70.94
C VAL M 20 -36.16 22.71 71.11
N THR M 21 -35.84 23.02 72.36
CA THR M 21 -34.87 24.05 72.71
C THR M 21 -33.63 23.40 73.30
N CYS M 22 -32.46 24.00 73.01
CA CYS M 22 -31.17 23.51 73.49
C CYS M 22 -30.36 24.72 73.95
N SER M 23 -30.02 24.75 75.24
CA SER M 23 -29.28 25.85 75.83
C SER M 23 -27.87 25.43 76.18
N VAL M 24 -26.96 26.40 76.22
CA VAL M 24 -25.56 26.17 76.52
C VAL M 24 -25.15 27.07 77.69
N SER M 25 -24.31 26.54 78.57
CA SER M 25 -23.78 27.27 79.70
C SER M 25 -22.31 26.93 79.87
N GLY M 26 -21.52 27.92 80.24
CA GLY M 26 -20.09 27.74 80.42
C GLY M 26 -19.27 28.45 79.36
N ASP M 27 -19.72 28.38 78.11
CA ASP M 27 -19.04 29.00 76.99
C ASP M 27 -20.04 29.77 76.15
N SER M 28 -19.53 30.69 75.34
CA SER M 28 -20.36 31.49 74.45
C SER M 28 -20.45 30.82 73.08
N MET M 29 -20.99 31.55 72.10
CA MET M 29 -21.11 31.08 70.72
C MET M 29 -19.97 31.56 69.84
N ASN M 30 -18.77 31.67 70.40
CA ASN M 30 -17.64 32.20 69.66
C ASN M 30 -17.26 31.31 68.48
N ASN M 31 -16.84 30.07 68.76
CA ASN M 31 -16.37 29.16 67.73
C ASN M 31 -16.94 27.76 67.94
N TYR M 32 -18.22 27.68 68.25
CA TYR M 32 -18.88 26.40 68.51
C TYR M 32 -20.04 26.22 67.53
N TYR M 33 -19.89 25.26 66.63
CA TYR M 33 -20.97 24.89 65.72
C TYR M 33 -22.07 24.18 66.48
N TRP M 34 -23.22 24.01 65.83
CA TRP M 34 -24.35 23.31 66.43
C TRP M 34 -24.97 22.39 65.40
N THR M 35 -25.59 21.32 65.89
CA THR M 35 -26.23 20.35 65.01
C THR M 35 -27.27 19.56 65.81
N TRP M 36 -28.24 19.03 65.08
CA TRP M 36 -29.30 18.21 65.67
C TRP M 36 -29.29 16.83 65.02
N ILE M 37 -29.69 15.82 65.79
CA ILE M 37 -29.74 14.46 65.27
C ILE M 37 -30.86 13.71 65.96
N ARG M 38 -31.71 13.05 65.17
CA ARG M 38 -32.82 12.27 65.70
C ARG M 38 -32.56 10.79 65.49
N GLN M 39 -33.16 9.98 66.38
CA GLN M 39 -33.03 8.53 66.32
C GLN M 39 -34.39 7.91 66.64
N SER M 40 -34.92 7.14 65.69
CA SER M 40 -36.20 6.50 65.85
C SER M 40 -36.03 5.03 66.20
N PRO M 41 -36.91 4.48 67.05
CA PRO M 41 -36.79 3.07 67.40
C PRO M 41 -37.02 2.17 66.19
N GLY M 42 -36.10 1.23 65.99
CA GLY M 42 -36.13 0.34 64.86
C GLY M 42 -35.23 0.74 63.70
N LYS M 43 -34.75 1.98 63.70
CA LYS M 43 -33.88 2.48 62.66
C LYS M 43 -32.61 3.06 63.29
N GLY M 44 -31.63 3.35 62.43
CA GLY M 44 -30.38 3.90 62.88
C GLY M 44 -30.45 5.40 63.09
N LEU M 45 -29.28 5.98 63.38
CA LEU M 45 -29.19 7.41 63.60
C LEU M 45 -29.43 8.16 62.29
N GLU M 46 -29.96 9.38 62.41
CA GLU M 46 -30.30 10.18 61.25
C GLU M 46 -29.88 11.62 61.50
N TRP M 47 -28.89 12.09 60.73
CA TRP M 47 -28.47 13.47 60.79
C TRP M 47 -29.46 14.34 60.01
N ILE M 48 -30.06 15.32 60.70
CA ILE M 48 -31.09 16.15 60.10
C ILE M 48 -30.55 17.51 59.65
N GLY M 49 -29.67 18.12 60.42
CA GLY M 49 -29.16 19.43 60.03
C GLY M 49 -28.19 19.97 61.05
N TYR M 50 -27.52 21.05 60.64
CA TYR M 50 -26.56 21.76 61.46
C TYR M 50 -26.61 23.24 61.13
N ILE M 51 -26.20 24.06 62.09
CA ILE M 51 -26.18 25.51 61.94
C ILE M 51 -24.95 26.05 62.66
N SER M 52 -24.54 27.25 62.25
CA SER M 52 -23.38 27.93 62.82
C SER M 52 -23.65 29.43 62.79
N ASP M 53 -22.58 30.22 62.96
CA ASP M 53 -22.68 31.67 62.95
C ASP M 53 -22.87 32.26 61.55
N ARG M 54 -23.12 31.46 60.52
CA ARG M 54 -23.28 31.94 59.16
C ARG M 54 -24.73 32.01 58.71
N GLU M 55 -25.67 31.58 59.55
CA GLU M 55 -27.09 31.58 59.23
C GLU M 55 -27.38 30.82 57.94
N SER M 56 -26.58 29.78 57.68
CA SER M 56 -26.74 28.94 56.48
C SER M 56 -27.39 27.64 56.93
N ALA M 57 -28.72 27.62 56.95
CA ALA M 57 -29.49 26.46 57.38
C ALA M 57 -29.52 25.43 56.26
N THR M 58 -28.53 24.55 56.26
CA THR M 58 -28.44 23.47 55.27
C THR M 58 -29.07 22.22 55.87
N TYR M 59 -30.04 21.65 55.14
CA TYR M 59 -30.84 20.54 55.63
C TYR M 59 -30.54 19.27 54.85
N ASN M 60 -31.04 18.17 55.36
CA ASN M 60 -30.91 16.88 54.68
C ASN M 60 -31.82 16.84 53.47
N PRO M 61 -31.33 16.45 52.30
CA PRO M 61 -32.21 16.39 51.11
C PRO M 61 -33.29 15.33 51.22
N SER M 62 -33.15 14.35 52.11
CA SER M 62 -34.16 13.33 52.33
C SER M 62 -35.15 13.71 53.42
N LEU M 63 -35.33 15.00 53.68
CA LEU M 63 -36.19 15.46 54.75
C LEU M 63 -37.25 16.45 54.28
N ASN M 64 -37.25 16.81 52.99
CA ASN M 64 -38.21 17.72 52.37
C ASN M 64 -38.08 19.15 52.89
N SER M 65 -37.13 19.41 53.79
CA SER M 65 -36.88 20.74 54.35
C SER M 65 -38.14 21.29 55.02
N ARG M 66 -38.64 20.54 56.00
CA ARG M 66 -39.83 20.91 56.77
C ARG M 66 -39.50 21.35 58.18
N VAL M 67 -38.22 21.60 58.47
CA VAL M 67 -37.77 21.98 59.80
C VAL M 67 -36.91 23.23 59.67
N VAL M 68 -37.02 24.12 60.66
CA VAL M 68 -36.23 25.35 60.71
C VAL M 68 -35.50 25.39 62.05
N ILE M 69 -34.21 25.76 62.00
CA ILE M 69 -33.40 25.87 63.20
C ILE M 69 -32.96 27.32 63.35
N SER M 70 -33.07 27.85 64.57
CA SER M 70 -32.68 29.21 64.87
C SER M 70 -31.82 29.20 66.14
N ARG M 71 -31.08 30.28 66.34
CA ARG M 71 -30.21 30.41 67.50
C ARG M 71 -30.13 31.87 67.89
N ASP M 72 -30.59 32.21 69.09
CA ASP M 72 -30.56 33.59 69.56
C ASP M 72 -29.49 33.73 70.64
N THR M 73 -28.53 34.63 70.41
CA THR M 73 -27.44 34.85 71.35
C THR M 73 -27.87 35.64 72.58
N SER M 74 -29.01 36.34 72.52
CA SER M 74 -29.49 37.09 73.68
C SER M 74 -29.83 36.15 74.84
N LYS M 75 -30.65 35.14 74.56
CA LYS M 75 -30.97 34.12 75.54
C LYS M 75 -29.90 33.03 75.60
N ASN M 76 -28.98 33.01 74.64
CA ASN M 76 -27.88 32.05 74.60
C ASN M 76 -28.39 30.61 74.47
N GLN M 77 -29.15 30.36 73.40
CA GLN M 77 -29.66 29.03 73.12
C GLN M 77 -30.11 28.97 71.67
N LEU M 78 -30.35 27.75 71.20
CA LEU M 78 -30.91 27.50 69.89
C LEU M 78 -32.18 26.67 70.04
N SER M 79 -32.90 26.50 68.94
CA SER M 79 -34.16 25.77 68.95
C SER M 79 -34.52 25.35 67.53
N LEU M 80 -35.08 24.16 67.39
CA LEU M 80 -35.53 23.66 66.11
C LEU M 80 -37.03 23.41 66.15
N LYS M 81 -37.70 23.77 65.06
CA LYS M 81 -39.15 23.63 64.93
C LYS M 81 -39.44 22.87 63.64
N LEU M 82 -40.08 21.71 63.77
CA LEU M 82 -40.51 20.91 62.63
C LEU M 82 -42.01 21.13 62.43
N ASN M 83 -42.40 21.52 61.22
CA ASN M 83 -43.79 21.76 60.89
C ASN M 83 -44.42 20.54 60.23
N SER M 84 -45.72 20.39 60.42
CA SER M 84 -46.50 19.28 59.87
C SER M 84 -45.91 17.93 60.29
N VAL M 85 -45.94 17.71 61.61
CA VAL M 85 -45.38 16.49 62.18
C VAL M 85 -46.26 15.30 61.80
N THR M 86 -45.65 14.12 61.76
CA THR M 86 -46.33 12.87 61.45
C THR M 86 -46.31 11.97 62.67
N PRO M 87 -47.42 11.28 62.99
CA PRO M 87 -47.41 10.38 64.15
C PRO M 87 -46.34 9.30 64.09
N ALA M 88 -45.81 8.99 62.91
CA ALA M 88 -44.75 7.99 62.77
C ALA M 88 -43.36 8.59 62.93
N ASP M 89 -43.26 9.81 63.46
CA ASP M 89 -41.98 10.48 63.64
C ASP M 89 -41.51 10.48 65.09
N THR M 90 -42.04 9.58 65.92
CA THR M 90 -41.62 9.49 67.31
C THR M 90 -40.15 9.08 67.37
N ALA M 91 -39.31 9.95 67.91
CA ALA M 91 -37.88 9.70 67.95
C ALA M 91 -37.25 10.55 69.04
N VAL M 92 -36.09 10.09 69.52
CA VAL M 92 -35.33 10.83 70.51
C VAL M 92 -34.38 11.80 69.80
N TYR M 93 -34.34 13.03 70.27
CA TYR M 93 -33.57 14.10 69.64
C TYR M 93 -32.36 14.46 70.49
N TYR M 94 -31.25 14.78 69.83
CA TYR M 94 -30.01 15.16 70.48
C TYR M 94 -29.48 16.44 69.87
N CYS M 95 -29.08 17.37 70.73
CA CYS M 95 -28.42 18.61 70.36
C CYS M 95 -26.94 18.45 70.64
N ALA M 96 -26.11 18.63 69.62
CA ALA M 96 -24.67 18.43 69.76
C ALA M 96 -23.92 19.58 69.10
N THR M 97 -22.62 19.62 69.33
CA THR M 97 -21.73 20.58 68.70
C THR M 97 -20.82 19.87 67.70
N ALA M 98 -20.38 20.62 66.69
CA ALA M 98 -19.59 20.07 65.61
C ALA M 98 -18.27 20.82 65.49
N ARG M 99 -17.24 20.08 65.09
CA ARG M 99 -15.92 20.63 64.83
C ARG M 99 -15.54 20.32 63.39
N ARG M 100 -15.14 21.36 62.65
CA ARG M 100 -14.86 21.25 61.23
C ARG M 100 -13.37 21.12 60.98
N GLY M 101 -13.00 20.18 60.11
CA GLY M 101 -11.62 20.04 59.67
C GLY M 101 -11.57 19.92 58.16
N GLN M 102 -10.36 20.06 57.63
CA GLN M 102 -10.12 19.96 56.19
C GLN M 102 -9.09 18.88 55.92
N ARG M 103 -9.36 18.05 54.92
CA ARG M 103 -8.45 17.01 54.48
C ARG M 103 -7.90 17.43 53.12
N ILE M 104 -6.57 17.51 53.02
CA ILE M 104 -5.88 17.95 51.82
C ILE M 104 -5.15 16.74 51.23
N TYR M 105 -5.24 16.59 49.91
CA TYR M 105 -4.62 15.47 49.23
C TYR M 105 -3.88 15.86 47.97
N GLY M 106 -3.85 17.13 47.60
CA GLY M 106 -3.16 17.58 46.40
C GLY M 106 -2.74 19.02 46.55
N VAL M 107 -2.75 19.75 45.44
CA VAL M 107 -2.36 21.16 45.44
C VAL M 107 -3.51 21.99 45.97
N VAL M 108 -3.22 22.86 46.93
CA VAL M 108 -4.28 23.65 47.57
C VAL M 108 -4.79 24.78 46.68
N SER M 109 -3.92 25.38 45.86
CA SER M 109 -4.34 26.49 45.02
C SER M 109 -5.33 26.04 43.95
N PHE M 110 -5.32 24.76 43.60
CA PHE M 110 -6.29 24.22 42.65
C PHE M 110 -7.59 23.80 43.31
N GLY M 111 -7.63 23.71 44.63
CA GLY M 111 -8.84 23.30 45.33
C GLY M 111 -8.99 21.81 45.49
N GLU M 112 -7.89 21.10 45.73
CA GLU M 112 -7.93 19.64 45.89
C GLU M 112 -7.93 19.29 47.38
N PHE M 113 -9.05 19.57 48.02
CA PHE M 113 -9.25 19.27 49.43
C PHE M 113 -10.74 19.19 49.69
N PHE M 114 -11.11 18.71 50.87
CA PHE M 114 -12.52 18.62 51.22
C PHE M 114 -12.70 18.72 52.73
N TYR M 115 -13.82 19.31 53.14
CA TYR M 115 -14.12 19.52 54.55
C TYR M 115 -14.91 18.35 55.12
N TYR M 116 -14.77 18.16 56.42
CA TYR M 116 -15.52 17.14 57.15
C TYR M 116 -15.83 17.66 58.55
N TYR M 117 -16.84 17.06 59.17
CA TYR M 117 -17.31 17.47 60.49
C TYR M 117 -17.25 16.30 61.45
N SER M 118 -16.96 16.60 62.71
CA SER M 118 -16.87 15.59 63.76
C SER M 118 -17.52 16.12 65.02
N MET M 119 -18.47 15.37 65.57
CA MET M 119 -19.16 15.75 66.80
C MET M 119 -18.39 15.20 67.99
N ASP M 120 -17.91 16.10 68.85
CA ASP M 120 -17.13 15.72 70.02
C ASP M 120 -17.95 15.67 71.31
N VAL M 121 -18.82 16.65 71.53
CA VAL M 121 -19.65 16.72 72.72
C VAL M 121 -21.09 16.43 72.32
N TRP M 122 -21.77 15.61 73.11
CA TRP M 122 -23.15 15.23 72.86
C TRP M 122 -24.02 15.61 74.06
N GLY M 123 -25.30 15.26 73.98
CA GLY M 123 -26.25 15.54 75.03
C GLY M 123 -27.13 14.34 75.32
N LYS M 124 -28.00 14.51 76.31
CA LYS M 124 -28.92 13.45 76.68
C LYS M 124 -30.10 13.35 75.72
N GLY M 125 -30.54 14.47 75.16
CA GLY M 125 -31.63 14.47 74.21
C GLY M 125 -33.00 14.28 74.84
N THR M 126 -34.05 14.71 74.16
CA THR M 126 -35.41 14.58 74.64
C THR M 126 -36.15 13.50 73.85
N THR M 127 -37.03 12.78 74.54
CA THR M 127 -37.88 11.77 73.92
C THR M 127 -39.30 12.33 73.86
N VAL M 128 -39.76 12.63 72.64
CA VAL M 128 -41.08 13.21 72.44
C VAL M 128 -41.97 12.20 71.72
N THR M 129 -43.27 12.27 72.01
CA THR M 129 -44.26 11.40 71.41
C THR M 129 -45.38 12.25 70.81
N VAL M 130 -45.94 11.76 69.71
CA VAL M 130 -47.03 12.43 69.02
C VAL M 130 -48.14 11.41 68.79
N SER M 131 -49.36 11.77 69.21
CA SER M 131 -50.50 10.87 69.08
C SER M 131 -51.77 11.70 69.10
N SER M 132 -52.85 11.09 68.57
CA SER M 132 -54.13 11.78 68.49
C SER M 132 -54.88 11.77 69.82
N ALA M 133 -54.54 10.87 70.73
CA ALA M 133 -55.23 10.79 72.01
C ALA M 133 -54.51 11.61 73.08
N GLN N 1 -28.97 -79.03 -2.86
CA GLN N 1 -30.35 -78.55 -2.98
C GLN N 1 -30.97 -78.33 -1.60
N VAL N 2 -31.79 -77.29 -1.49
CA VAL N 2 -32.47 -76.94 -0.25
C VAL N 2 -33.96 -76.89 -0.51
N GLN N 3 -34.75 -77.42 0.44
CA GLN N 3 -36.20 -77.40 0.35
C GLN N 3 -36.75 -76.57 1.50
N LEU N 4 -37.72 -75.71 1.19
CA LEU N 4 -38.30 -74.80 2.16
C LEU N 4 -39.82 -74.90 2.12
N GLN N 5 -40.42 -75.04 3.29
CA GLN N 5 -41.88 -75.11 3.42
C GLN N 5 -42.34 -74.10 4.46
N GLU N 6 -43.62 -73.73 4.37
CA GLU N 6 -44.19 -72.71 5.23
C GLU N 6 -45.53 -73.19 5.77
N SER N 7 -45.95 -72.58 6.89
CA SER N 7 -47.20 -72.93 7.53
C SER N 7 -47.72 -71.74 8.32
N GLY N 8 -49.05 -71.61 8.36
CA GLY N 8 -49.70 -70.54 9.08
C GLY N 8 -51.17 -70.83 9.30
N PRO N 9 -51.77 -70.17 10.30
CA PRO N 9 -53.18 -70.39 10.59
C PRO N 9 -54.10 -69.90 9.47
N GLY N 10 -53.94 -68.63 9.07
CA GLY N 10 -54.70 -68.04 8.00
C GLY N 10 -55.87 -67.18 8.45
N LEU N 11 -56.50 -67.51 9.58
CA LEU N 11 -57.64 -66.77 10.09
C LEU N 11 -57.36 -66.39 11.53
N VAL N 12 -57.03 -65.12 11.76
CA VAL N 12 -56.71 -64.61 13.09
C VAL N 12 -57.54 -63.37 13.36
N LYS N 13 -58.05 -63.24 14.58
CA LYS N 13 -58.82 -62.07 14.96
C LYS N 13 -57.89 -60.87 15.11
N PRO N 14 -58.36 -59.66 14.76
CA PRO N 14 -57.51 -58.48 14.89
C PRO N 14 -57.08 -58.22 16.32
N SER N 15 -56.01 -57.42 16.45
CA SER N 15 -55.43 -57.07 17.75
C SER N 15 -55.02 -58.32 18.53
N GLU N 16 -54.36 -59.24 17.83
CA GLU N 16 -53.92 -60.50 18.41
C GLU N 16 -52.52 -60.80 17.89
N THR N 17 -52.07 -62.02 18.08
CA THR N 17 -50.75 -62.47 17.63
C THR N 17 -50.89 -63.28 16.35
N LEU N 18 -50.06 -62.97 15.36
CA LEU N 18 -50.04 -63.68 14.08
C LEU N 18 -48.69 -64.38 13.97
N SER N 19 -48.69 -65.70 14.05
CA SER N 19 -47.47 -66.49 14.04
C SER N 19 -47.41 -67.34 12.78
N VAL N 20 -46.28 -67.25 12.06
CA VAL N 20 -46.05 -68.03 10.85
C VAL N 20 -44.74 -68.78 10.99
N THR N 21 -44.75 -70.06 10.61
CA THR N 21 -43.62 -70.96 10.76
C THR N 21 -43.04 -71.31 9.39
N CYS N 22 -41.72 -71.47 9.35
CA CYS N 22 -40.99 -71.78 8.13
C CYS N 22 -39.99 -72.87 8.44
N SER N 23 -40.14 -74.02 7.79
CA SER N 23 -39.27 -75.17 8.01
C SER N 23 -38.37 -75.40 6.79
N VAL N 24 -37.21 -76.01 7.04
CA VAL N 24 -36.22 -76.28 6.01
C VAL N 24 -35.85 -77.75 6.08
N SER N 25 -35.68 -78.37 4.91
CA SER N 25 -35.28 -79.76 4.81
C SER N 25 -34.26 -79.91 3.69
N GLY N 26 -33.29 -80.80 3.91
CA GLY N 26 -32.24 -81.02 2.94
C GLY N 26 -30.88 -80.56 3.44
N ASP N 27 -30.85 -79.42 4.10
CA ASP N 27 -29.60 -78.86 4.63
C ASP N 27 -29.83 -78.39 6.06
N SER N 28 -28.73 -78.18 6.77
CA SER N 28 -28.77 -77.72 8.15
C SER N 28 -28.67 -76.19 8.18
N MET N 29 -28.45 -75.64 9.38
CA MET N 29 -28.30 -74.20 9.58
C MET N 29 -26.84 -73.78 9.67
N ASN N 30 -25.97 -74.44 8.89
CA ASN N 30 -24.54 -74.17 8.98
C ASN N 30 -24.20 -72.76 8.49
N ASN N 31 -24.50 -72.47 7.22
CA ASN N 31 -24.14 -71.19 6.62
C ASN N 31 -25.28 -70.63 5.78
N TYR N 32 -26.50 -70.68 6.32
CA TYR N 32 -27.68 -70.19 5.62
C TYR N 32 -28.36 -69.12 6.48
N TYR N 33 -28.37 -67.89 5.97
CA TYR N 33 -29.12 -66.82 6.61
C TYR N 33 -30.61 -67.01 6.37
N TRP N 34 -31.43 -66.24 7.08
CA TRP N 34 -32.88 -66.32 6.92
C TRP N 34 -33.45 -64.91 6.87
N THR N 35 -34.60 -64.77 6.22
CA THR N 35 -35.25 -63.46 6.12
C THR N 35 -36.72 -63.68 5.78
N TRP N 36 -37.52 -62.67 6.11
CA TRP N 36 -38.95 -62.68 5.82
C TRP N 36 -39.31 -61.46 5.00
N ILE N 37 -40.33 -61.60 4.15
CA ILE N 37 -40.76 -60.50 3.30
C ILE N 37 -42.26 -60.60 3.06
N ARG N 38 -42.98 -59.52 3.29
CA ARG N 38 -44.41 -59.48 3.09
C ARG N 38 -44.76 -58.61 1.90
N GLN N 39 -45.89 -58.92 1.26
CA GLN N 39 -46.37 -58.18 0.10
C GLN N 39 -47.87 -57.99 0.25
N SER N 40 -48.31 -56.74 0.29
CA SER N 40 -49.72 -56.41 0.42
C SER N 40 -50.31 -56.02 -0.93
N PRO N 41 -51.56 -56.41 -1.20
CA PRO N 41 -52.18 -56.05 -2.48
C PRO N 41 -52.34 -54.54 -2.61
N GLY N 42 -51.87 -54.00 -3.73
CA GLY N 42 -51.89 -52.58 -3.99
C GLY N 42 -50.57 -51.88 -3.75
N LYS N 43 -49.63 -52.53 -3.08
CA LYS N 43 -48.32 -51.96 -2.79
C LYS N 43 -47.24 -52.93 -3.22
N GLY N 44 -46.00 -52.46 -3.24
CA GLY N 44 -44.87 -53.27 -3.64
C GLY N 44 -44.39 -54.18 -2.52
N LEU N 45 -43.28 -54.84 -2.79
CA LEU N 45 -42.68 -55.73 -1.81
C LEU N 45 -42.12 -54.94 -0.63
N GLU N 46 -42.12 -55.58 0.54
CA GLU N 46 -41.68 -54.93 1.76
C GLU N 46 -40.79 -55.87 2.54
N TRP N 47 -39.52 -55.50 2.68
CA TRP N 47 -38.59 -56.25 3.51
C TRP N 47 -38.80 -55.90 4.97
N ILE N 48 -39.13 -56.89 5.78
CA ILE N 48 -39.49 -56.67 7.18
C ILE N 48 -38.33 -57.00 8.12
N GLY N 49 -37.55 -58.03 7.82
CA GLY N 49 -36.44 -58.37 8.69
C GLY N 49 -35.72 -59.62 8.24
N TYR N 50 -34.55 -59.82 8.84
CA TYR N 50 -33.72 -60.99 8.59
C TYR N 50 -33.07 -61.41 9.90
N ILE N 51 -32.70 -62.69 9.98
CA ILE N 51 -32.08 -63.27 11.15
C ILE N 51 -31.01 -64.26 10.72
N SER N 52 -30.07 -64.51 11.61
CA SER N 52 -28.98 -65.45 11.38
C SER N 52 -28.61 -66.09 12.72
N ASP N 53 -27.44 -66.73 12.76
CA ASP N 53 -26.96 -67.40 13.97
C ASP N 53 -26.48 -66.43 15.05
N ARG N 54 -26.62 -65.12 14.88
CA ARG N 54 -26.14 -64.14 15.84
C ARG N 54 -27.25 -63.65 16.78
N GLU N 55 -28.49 -64.10 16.59
CA GLU N 55 -29.62 -63.68 17.42
C GLU N 55 -29.79 -62.16 17.42
N SER N 56 -29.44 -61.52 16.30
CA SER N 56 -29.55 -60.07 16.16
C SER N 56 -30.80 -59.79 15.33
N ALA N 57 -31.93 -59.64 16.03
CA ALA N 57 -33.22 -59.41 15.37
C ALA N 57 -33.29 -57.96 14.93
N THR N 58 -32.72 -57.68 13.76
CA THR N 58 -32.73 -56.35 13.17
C THR N 58 -33.92 -56.23 12.24
N TYR N 59 -34.81 -55.28 12.53
CA TYR N 59 -36.04 -55.10 11.78
C TYR N 59 -36.03 -53.78 11.03
N ASN N 60 -37.05 -53.61 10.20
CA ASN N 60 -37.21 -52.37 9.44
C ASN N 60 -37.58 -51.24 10.41
N PRO N 61 -36.90 -50.09 10.34
CA PRO N 61 -37.27 -48.96 11.21
C PRO N 61 -38.67 -48.42 10.93
N SER N 62 -39.27 -48.77 9.78
CA SER N 62 -40.62 -48.35 9.46
C SER N 62 -41.68 -49.37 9.87
N LEU N 63 -41.40 -50.17 10.90
CA LEU N 63 -42.32 -51.19 11.37
C LEU N 63 -42.62 -51.09 12.85
N ASN N 64 -42.03 -50.14 13.57
CA ASN N 64 -42.23 -49.89 14.99
C ASN N 64 -41.72 -51.05 15.86
N SER N 65 -41.07 -52.04 15.25
CA SER N 65 -40.53 -53.20 15.96
C SER N 65 -41.63 -53.91 16.75
N ARG N 66 -42.67 -54.32 16.04
CA ARG N 66 -43.81 -55.04 16.62
C ARG N 66 -43.80 -56.51 16.29
N VAL N 67 -42.68 -57.04 15.80
CA VAL N 67 -42.58 -58.43 15.36
C VAL N 67 -41.35 -59.05 16.00
N VAL N 68 -41.45 -60.32 16.37
CA VAL N 68 -40.35 -61.07 16.95
C VAL N 68 -40.06 -62.27 16.07
N ILE N 69 -38.78 -62.51 15.80
CA ILE N 69 -38.34 -63.63 14.96
C ILE N 69 -37.51 -64.57 15.82
N SER N 70 -37.69 -65.87 15.60
CA SER N 70 -36.96 -66.88 16.35
C SER N 70 -36.66 -68.06 15.43
N ARG N 71 -35.66 -68.85 15.80
CA ARG N 71 -35.27 -70.01 15.01
C ARG N 71 -34.72 -71.07 15.96
N ASP N 72 -35.37 -72.23 16.01
CA ASP N 72 -34.97 -73.32 16.89
C ASP N 72 -34.38 -74.45 16.06
N THR N 73 -33.13 -74.81 16.37
CA THR N 73 -32.45 -75.88 15.64
C THR N 73 -32.92 -77.27 16.06
N SER N 74 -33.62 -77.39 17.19
CA SER N 74 -34.12 -78.70 17.62
C SER N 74 -35.18 -79.22 16.64
N LYS N 75 -36.20 -78.41 16.38
CA LYS N 75 -37.22 -78.76 15.40
C LYS N 75 -36.80 -78.42 13.98
N ASN N 76 -35.69 -77.67 13.82
CA ASN N 76 -35.16 -77.30 12.50
C ASN N 76 -36.13 -76.41 11.74
N GLN N 77 -36.53 -75.31 12.36
CA GLN N 77 -37.42 -74.35 11.72
C GLN N 77 -37.33 -73.02 12.45
N LEU N 78 -37.81 -71.97 11.78
CA LEU N 78 -37.92 -70.65 12.36
C LEU N 78 -39.38 -70.20 12.32
N SER N 79 -39.65 -69.06 12.95
CA SER N 79 -41.02 -68.57 13.06
C SER N 79 -41.01 -67.10 13.44
N LEU N 80 -41.95 -66.36 12.87
CA LEU N 80 -42.12 -64.95 13.19
C LEU N 80 -43.52 -64.71 13.74
N LYS N 81 -43.59 -63.86 14.77
CA LYS N 81 -44.83 -63.55 15.46
C LYS N 81 -45.00 -62.04 15.49
N LEU N 82 -46.08 -61.56 14.89
CA LEU N 82 -46.41 -60.14 14.86
C LEU N 82 -47.51 -59.89 15.90
N ASN N 83 -47.25 -58.95 16.81
CA ASN N 83 -48.21 -58.58 17.84
C ASN N 83 -48.96 -57.31 17.45
N SER N 84 -50.14 -57.14 18.04
CA SER N 84 -51.02 -56.02 17.75
C SER N 84 -51.34 -55.94 16.25
N VAL N 85 -51.93 -57.01 15.76
CA VAL N 85 -52.24 -57.14 14.35
C VAL N 85 -53.37 -56.18 13.98
N THR N 86 -53.18 -55.45 12.87
CA THR N 86 -54.16 -54.53 12.34
C THR N 86 -54.89 -55.17 11.17
N PRO N 87 -56.22 -55.03 11.08
CA PRO N 87 -56.95 -55.64 9.95
C PRO N 87 -56.47 -55.18 8.59
N ALA N 88 -55.78 -54.04 8.50
CA ALA N 88 -55.26 -53.54 7.24
C ALA N 88 -53.89 -54.10 6.90
N ASP N 89 -53.49 -55.21 7.53
CA ASP N 89 -52.19 -55.82 7.31
C ASP N 89 -52.29 -57.14 6.55
N THR N 90 -53.39 -57.37 5.83
CA THR N 90 -53.53 -58.58 5.05
C THR N 90 -52.50 -58.60 3.92
N ALA N 91 -51.61 -59.57 3.95
CA ALA N 91 -50.52 -59.63 2.98
C ALA N 91 -50.01 -61.06 2.89
N VAL N 92 -49.37 -61.37 1.77
CA VAL N 92 -48.75 -62.68 1.56
C VAL N 92 -47.32 -62.62 2.09
N TYR N 93 -46.93 -63.66 2.81
CA TYR N 93 -45.63 -63.72 3.47
C TYR N 93 -44.75 -64.76 2.81
N TYR N 94 -43.45 -64.45 2.72
CA TYR N 94 -42.46 -65.32 2.11
C TYR N 94 -41.27 -65.46 3.06
N CYS N 95 -40.83 -66.71 3.24
CA CYS N 95 -39.63 -67.04 3.99
C CYS N 95 -38.53 -67.38 2.99
N ALA N 96 -37.41 -66.68 3.08
CA ALA N 96 -36.32 -66.87 2.12
C ALA N 96 -34.99 -66.93 2.86
N THR N 97 -33.95 -67.29 2.12
CA THR N 97 -32.59 -67.31 2.64
C THR N 97 -31.78 -66.21 1.98
N ALA N 98 -30.77 -65.73 2.71
CA ALA N 98 -29.96 -64.60 2.26
C ALA N 98 -28.50 -65.01 2.16
N ARG N 99 -27.81 -64.45 1.17
CA ARG N 99 -26.38 -64.64 0.98
C ARG N 99 -25.69 -63.29 1.05
N ARG N 100 -24.69 -63.18 1.90
CA ARG N 100 -24.02 -61.93 2.17
C ARG N 100 -22.71 -61.83 1.39
N GLY N 101 -22.48 -60.67 0.77
CA GLY N 101 -21.24 -60.38 0.10
C GLY N 101 -20.73 -59.02 0.50
N GLN N 102 -19.46 -58.76 0.17
CA GLN N 102 -18.83 -57.49 0.46
C GLN N 102 -18.30 -56.86 -0.83
N ARG N 103 -18.54 -55.55 -0.96
CA ARG N 103 -18.05 -54.77 -2.09
C ARG N 103 -16.96 -53.84 -1.58
N ILE N 104 -15.78 -53.94 -2.18
CA ILE N 104 -14.60 -53.17 -1.77
C ILE N 104 -14.30 -52.16 -2.87
N TYR N 105 -13.99 -50.93 -2.46
CA TYR N 105 -13.71 -49.86 -3.41
C TYR N 105 -12.49 -49.03 -3.03
N GLY N 106 -11.82 -49.33 -1.93
CA GLY N 106 -10.65 -48.59 -1.50
C GLY N 106 -9.73 -49.46 -0.68
N VAL N 107 -9.06 -48.84 0.29
CA VAL N 107 -8.14 -49.56 1.17
C VAL N 107 -8.95 -50.29 2.23
N VAL N 108 -8.68 -51.58 2.40
CA VAL N 108 -9.45 -52.39 3.33
C VAL N 108 -9.11 -52.09 4.78
N SER N 109 -7.85 -51.77 5.10
CA SER N 109 -7.48 -51.50 6.48
C SER N 109 -8.14 -50.24 7.02
N PHE N 110 -8.55 -49.33 6.13
CA PHE N 110 -9.26 -48.13 6.55
C PHE N 110 -10.77 -48.35 6.66
N GLY N 111 -11.28 -49.48 6.19
CA GLY N 111 -12.69 -49.75 6.26
C GLY N 111 -13.51 -49.17 5.11
N GLU N 112 -12.94 -49.15 3.91
CA GLU N 112 -13.62 -48.59 2.75
C GLU N 112 -14.27 -49.71 1.93
N PHE N 113 -15.33 -50.27 2.49
CA PHE N 113 -16.09 -51.33 1.86
C PHE N 113 -17.47 -51.36 2.49
N PHE N 114 -18.38 -52.13 1.89
CA PHE N 114 -19.72 -52.25 2.45
C PHE N 114 -20.34 -53.58 2.08
N TYR N 115 -21.18 -54.09 2.98
CA TYR N 115 -21.82 -55.38 2.79
C TYR N 115 -23.17 -55.23 2.10
N TYR N 116 -23.58 -56.29 1.42
CA TYR N 116 -24.88 -56.35 0.77
C TYR N 116 -25.40 -57.78 0.83
N TYR N 117 -26.71 -57.91 0.68
CA TYR N 117 -27.39 -59.20 0.78
C TYR N 117 -28.15 -59.50 -0.50
N SER N 118 -28.20 -60.78 -0.87
CA SER N 118 -28.91 -61.21 -2.07
C SER N 118 -29.67 -62.49 -1.74
N MET N 119 -30.97 -62.49 -2.03
CA MET N 119 -31.82 -63.65 -1.81
C MET N 119 -31.84 -64.51 -3.06
N ASP N 120 -31.37 -65.75 -2.94
CA ASP N 120 -31.29 -66.67 -4.06
C ASP N 120 -32.42 -67.69 -4.10
N VAL N 121 -32.80 -68.25 -2.95
CA VAL N 121 -33.85 -69.24 -2.85
C VAL N 121 -35.05 -68.60 -2.16
N TRP N 122 -36.24 -68.81 -2.71
CA TRP N 122 -37.48 -68.27 -2.18
C TRP N 122 -38.44 -69.41 -1.85
N GLY N 123 -39.65 -69.03 -1.45
CA GLY N 123 -40.69 -70.00 -1.14
C GLY N 123 -42.03 -69.57 -1.71
N LYS N 124 -43.03 -70.41 -1.47
CA LYS N 124 -44.38 -70.13 -1.97
C LYS N 124 -45.09 -69.07 -1.13
N GLY N 125 -44.82 -69.04 0.17
CA GLY N 125 -45.42 -68.05 1.05
C GLY N 125 -46.87 -68.35 1.40
N THR N 126 -47.32 -67.85 2.54
CA THR N 126 -48.69 -68.06 2.99
C THR N 126 -49.50 -66.79 2.84
N THR N 127 -50.78 -66.94 2.54
CA THR N 127 -51.72 -65.82 2.44
C THR N 127 -52.66 -65.88 3.65
N VAL N 128 -52.50 -64.92 4.56
CA VAL N 128 -53.28 -64.89 5.78
C VAL N 128 -54.27 -63.74 5.70
N THR N 129 -55.43 -63.94 6.33
CA THR N 129 -56.49 -62.94 6.40
C THR N 129 -56.86 -62.67 7.84
N VAL N 130 -57.19 -61.42 8.13
CA VAL N 130 -57.57 -60.99 9.47
C VAL N 130 -58.89 -60.23 9.37
N SER N 131 -59.87 -60.62 10.20
CA SER N 131 -61.18 -60.00 10.19
C SER N 131 -61.88 -60.32 11.50
N SER N 132 -62.88 -59.51 11.82
CA SER N 132 -63.63 -59.67 13.07
C SER N 132 -64.71 -60.74 12.98
N ALA N 133 -65.13 -61.11 11.77
CA ALA N 133 -66.16 -62.12 11.60
C ALA N 133 -65.56 -63.51 11.49
N GLN O 1 -57.39 42.84 -44.47
CA GLN O 1 -58.39 42.97 -43.42
C GLN O 1 -59.24 41.70 -43.36
N VAL O 2 -59.48 41.20 -42.15
CA VAL O 2 -60.28 40.01 -41.93
C VAL O 2 -61.45 40.39 -41.03
N GLN O 3 -62.63 39.86 -41.36
CA GLN O 3 -63.83 40.07 -40.57
C GLN O 3 -64.30 38.75 -39.99
N LEU O 4 -64.63 38.75 -38.71
CA LEU O 4 -65.03 37.54 -38.01
C LEU O 4 -66.35 37.77 -37.30
N GLN O 5 -67.27 36.83 -37.43
CA GLN O 5 -68.58 36.90 -36.80
C GLN O 5 -68.86 35.58 -36.08
N GLU O 6 -69.68 35.66 -35.04
CA GLU O 6 -69.97 34.51 -34.19
C GLU O 6 -71.47 34.41 -33.95
N SER O 7 -71.92 33.20 -33.63
CA SER O 7 -73.34 32.95 -33.40
C SER O 7 -73.51 31.76 -32.49
N GLY O 8 -74.56 31.81 -31.67
CA GLY O 8 -74.89 30.73 -30.76
C GLY O 8 -76.32 30.82 -30.27
N PRO O 9 -76.86 29.70 -29.77
CA PRO O 9 -78.25 29.71 -29.30
C PRO O 9 -78.45 30.55 -28.04
N GLY O 10 -77.64 30.31 -27.02
CA GLY O 10 -77.69 31.08 -25.79
C GLY O 10 -78.41 30.38 -24.64
N LEU O 11 -79.49 29.64 -24.93
CA LEU O 11 -80.27 28.96 -23.90
C LEU O 11 -80.33 27.48 -24.23
N VAL O 12 -79.58 26.67 -23.49
CA VAL O 12 -79.52 25.23 -23.69
C VAL O 12 -79.73 24.54 -22.35
N LYS O 13 -80.46 23.42 -22.38
CA LYS O 13 -80.71 22.65 -21.18
C LYS O 13 -79.46 21.88 -20.77
N PRO O 14 -79.25 21.65 -19.47
CA PRO O 14 -78.06 20.92 -19.02
C PRO O 14 -78.01 19.51 -19.58
N SER O 15 -76.80 18.95 -19.59
CA SER O 15 -76.54 17.59 -20.07
C SER O 15 -77.02 17.43 -21.52
N GLU O 16 -76.66 18.39 -22.35
CA GLU O 16 -77.07 18.40 -23.75
C GLU O 16 -75.88 18.86 -24.60
N THR O 17 -76.15 19.21 -25.85
CA THR O 17 -75.11 19.67 -26.77
C THR O 17 -75.17 21.18 -26.88
N LEU O 18 -74.00 21.82 -26.79
CA LEU O 18 -73.87 23.27 -26.92
C LEU O 18 -72.98 23.54 -28.13
N SER O 19 -73.57 24.09 -29.18
CA SER O 19 -72.87 24.31 -30.44
C SER O 19 -72.78 25.81 -30.72
N VAL O 20 -71.57 26.27 -31.06
CA VAL O 20 -71.33 27.67 -31.39
C VAL O 20 -70.62 27.73 -32.73
N THR O 21 -71.03 28.67 -33.58
CA THR O 21 -70.55 28.81 -34.94
C THR O 21 -69.76 30.11 -35.10
N CYS O 22 -68.73 30.06 -35.94
CA CYS O 22 -67.88 31.21 -36.22
C CYS O 22 -67.64 31.28 -37.71
N SER O 23 -68.04 32.39 -38.32
CA SER O 23 -67.87 32.60 -39.75
C SER O 23 -66.84 33.69 -40.01
N VAL O 24 -66.19 33.62 -41.17
CA VAL O 24 -65.15 34.55 -41.56
C VAL O 24 -65.50 35.11 -42.93
N SER O 25 -65.26 36.42 -43.11
CA SER O 25 -65.52 37.10 -44.36
C SER O 25 -64.38 38.05 -44.66
N GLY O 26 -64.05 38.19 -45.94
CA GLY O 26 -62.95 39.03 -46.36
C GLY O 26 -61.81 38.27 -47.00
N ASP O 27 -61.49 37.10 -46.45
CA ASP O 27 -60.41 36.28 -46.97
C ASP O 27 -60.80 34.81 -46.84
N SER O 28 -60.05 33.95 -47.51
CA SER O 28 -60.31 32.52 -47.52
C SER O 28 -59.55 31.84 -46.37
N MET O 29 -59.52 30.50 -46.40
CA MET O 29 -58.83 29.70 -45.40
C MET O 29 -57.43 29.30 -45.84
N ASN O 30 -56.74 30.18 -46.56
CA ASN O 30 -55.43 29.83 -47.13
C ASN O 30 -54.40 29.59 -46.05
N ASN O 31 -54.11 30.61 -45.24
CA ASN O 31 -53.03 30.55 -44.25
C ASN O 31 -53.48 31.14 -42.92
N TYR O 32 -54.69 30.80 -42.48
CA TYR O 32 -55.25 31.32 -41.24
C TYR O 32 -55.64 30.16 -40.34
N TYR O 33 -54.96 30.03 -39.21
CA TYR O 33 -55.33 29.06 -38.19
C TYR O 33 -56.59 29.53 -37.47
N TRP O 34 -57.15 28.64 -36.64
CA TRP O 34 -58.34 28.97 -35.88
C TRP O 34 -58.19 28.43 -34.47
N THR O 35 -58.87 29.08 -33.52
CA THR O 35 -58.81 28.67 -32.13
C THR O 35 -60.03 29.21 -31.39
N TRP O 36 -60.38 28.54 -30.30
CA TRP O 36 -61.48 28.95 -29.45
C TRP O 36 -60.99 29.16 -28.03
N ILE O 37 -61.64 30.07 -27.31
CA ILE O 37 -61.24 30.37 -25.94
C ILE O 37 -62.47 30.81 -25.15
N ARG O 38 -62.67 30.21 -23.99
CA ARG O 38 -63.81 30.54 -23.14
C ARG O 38 -63.33 31.26 -21.88
N GLN O 39 -64.20 32.11 -21.35
CA GLN O 39 -63.90 32.89 -20.15
C GLN O 39 -65.13 32.85 -19.24
N SER O 40 -64.96 32.30 -18.04
CA SER O 40 -66.06 32.20 -17.09
C SER O 40 -65.95 33.28 -16.03
N PRO O 41 -67.08 33.81 -15.56
CA PRO O 41 -67.03 34.85 -14.53
C PRO O 41 -66.45 34.31 -13.23
N GLY O 42 -65.48 35.03 -12.70
CA GLY O 42 -64.78 34.64 -11.50
C GLY O 42 -63.44 33.96 -11.74
N LYS O 43 -63.17 33.54 -12.97
CA LYS O 43 -61.92 32.88 -13.31
C LYS O 43 -61.29 33.58 -14.50
N GLY O 44 -60.05 33.20 -14.81
CA GLY O 44 -59.32 33.78 -15.91
C GLY O 44 -59.66 33.13 -17.24
N LEU O 45 -58.93 33.54 -18.26
CA LEU O 45 -59.14 33.00 -19.60
C LEU O 45 -58.69 31.54 -19.65
N GLU O 46 -59.34 30.78 -20.54
CA GLU O 46 -59.08 29.35 -20.66
C GLU O 46 -59.01 28.98 -22.13
N TRP O 47 -57.81 28.59 -22.57
CA TRP O 47 -57.63 28.09 -23.92
C TRP O 47 -58.11 26.64 -24.00
N ILE O 48 -59.10 26.39 -24.85
CA ILE O 48 -59.73 25.09 -24.94
C ILE O 48 -59.21 24.28 -26.13
N GLY O 49 -58.92 24.94 -27.25
CA GLY O 49 -58.41 24.19 -28.40
C GLY O 49 -58.22 25.08 -29.60
N TYR O 50 -57.54 24.51 -30.59
CA TYR O 50 -57.28 25.16 -31.87
C TYR O 50 -57.31 24.13 -32.97
N ILE O 51 -57.58 24.59 -34.19
CA ILE O 51 -57.68 23.74 -35.36
C ILE O 51 -57.10 24.47 -36.57
N SER O 52 -56.68 23.70 -37.56
CA SER O 52 -56.12 24.22 -38.80
C SER O 52 -56.47 23.25 -39.92
N ASP O 53 -55.77 23.38 -41.04
CA ASP O 53 -56.00 22.53 -42.21
C ASP O 53 -55.46 21.11 -42.05
N ARG O 54 -54.97 20.72 -40.87
CA ARG O 54 -54.40 19.41 -40.65
C ARG O 54 -55.37 18.44 -39.98
N GLU O 55 -56.59 18.90 -39.65
CA GLU O 55 -57.59 18.08 -38.96
C GLU O 55 -57.03 17.46 -37.69
N SER O 56 -56.16 18.19 -37.01
CA SER O 56 -55.56 17.73 -35.75
C SER O 56 -56.28 18.43 -34.61
N ALA O 57 -57.41 17.87 -34.20
CA ALA O 57 -58.23 18.45 -33.14
C ALA O 57 -57.56 18.16 -31.80
N THR O 58 -56.58 19.00 -31.45
CA THR O 58 -55.86 18.88 -30.20
C THR O 58 -56.51 19.78 -29.17
N TYR O 59 -56.94 19.19 -28.04
CA TYR O 59 -57.67 19.91 -27.01
C TYR O 59 -56.86 19.99 -25.74
N ASN O 60 -57.37 20.78 -24.80
CA ASN O 60 -56.73 20.90 -23.49
C ASN O 60 -56.86 19.60 -22.72
N PRO O 61 -55.77 19.05 -22.19
CA PRO O 61 -55.89 17.82 -21.40
C PRO O 61 -56.69 17.97 -20.13
N SER O 62 -56.92 19.20 -19.67
CA SER O 62 -57.76 19.45 -18.50
C SER O 62 -59.23 19.66 -18.87
N LEU O 63 -59.65 19.12 -20.01
CA LEU O 63 -61.01 19.29 -20.49
C LEU O 63 -61.70 17.96 -20.76
N ASN O 64 -61.00 16.85 -20.60
CA ASN O 64 -61.51 15.49 -20.78
C ASN O 64 -61.90 15.18 -22.22
N SER O 65 -61.63 16.09 -23.15
CA SER O 65 -61.91 15.90 -24.57
C SER O 65 -63.39 15.61 -24.81
N ARG O 66 -64.23 16.53 -24.32
CA ARG O 66 -65.68 16.42 -24.47
C ARG O 66 -66.22 17.38 -25.52
N VAL O 67 -65.34 17.96 -26.34
CA VAL O 67 -65.72 18.95 -27.34
C VAL O 67 -65.17 18.53 -28.69
N VAL O 68 -65.94 18.76 -29.74
CA VAL O 68 -65.53 18.47 -31.11
C VAL O 68 -65.53 19.77 -31.90
N ILE O 69 -64.48 19.96 -32.70
CA ILE O 69 -64.32 21.15 -33.52
C ILE O 69 -64.35 20.72 -34.98
N SER O 70 -65.00 21.52 -35.83
CA SER O 70 -65.08 21.24 -37.25
C SER O 70 -65.01 22.55 -38.02
N ARG O 71 -64.63 22.45 -39.29
CA ARG O 71 -64.54 23.63 -40.15
C ARG O 71 -64.87 23.21 -41.58
N ASP O 72 -65.92 23.81 -42.15
CA ASP O 72 -66.37 23.48 -43.49
C ASP O 72 -66.09 24.66 -44.42
N THR O 73 -65.25 24.44 -45.43
CA THR O 73 -64.90 25.49 -46.37
C THR O 73 -66.03 25.84 -47.33
N SER O 74 -67.01 24.95 -47.50
CA SER O 74 -68.13 25.24 -48.39
C SER O 74 -68.94 26.43 -47.88
N LYS O 75 -69.37 26.37 -46.63
CA LYS O 75 -70.08 27.48 -46.00
C LYS O 75 -69.11 28.54 -45.49
N ASN O 76 -67.81 28.23 -45.45
CA ASN O 76 -66.78 29.16 -44.98
C ASN O 76 -66.99 29.54 -43.52
N GLN O 77 -67.02 28.52 -42.65
CA GLN O 77 -67.17 28.74 -41.22
C GLN O 77 -66.75 27.49 -40.48
N LEU O 78 -66.47 27.66 -39.19
CA LEU O 78 -66.17 26.57 -38.28
C LEU O 78 -67.20 26.56 -37.15
N SER O 79 -67.16 25.50 -36.35
CA SER O 79 -68.13 25.31 -35.29
C SER O 79 -67.58 24.34 -34.25
N LEU O 80 -67.87 24.62 -32.99
CA LEU O 80 -67.48 23.74 -31.89
C LEU O 80 -68.73 23.30 -31.13
N LYS O 81 -68.75 22.01 -30.77
CA LYS O 81 -69.88 21.39 -30.09
C LYS O 81 -69.37 20.70 -28.83
N LEU O 82 -69.88 21.12 -27.67
CA LEU O 82 -69.53 20.53 -26.39
C LEU O 82 -70.68 19.66 -25.92
N ASN O 83 -70.39 18.41 -25.58
CA ASN O 83 -71.40 17.46 -25.12
C ASN O 83 -71.33 17.32 -23.61
N SER O 84 -72.48 16.93 -23.03
CA SER O 84 -72.63 16.77 -21.58
C SER O 84 -72.26 18.07 -20.85
N VAL O 85 -72.98 19.13 -21.21
CA VAL O 85 -72.70 20.44 -20.65
C VAL O 85 -73.14 20.49 -19.20
N THR O 86 -72.48 21.36 -18.42
CA THR O 86 -72.77 21.55 -17.01
C THR O 86 -73.26 22.97 -16.79
N PRO O 87 -74.30 23.17 -15.96
CA PRO O 87 -74.75 24.54 -15.68
C PRO O 87 -73.66 25.44 -15.11
N ALA O 88 -72.61 24.88 -14.53
CA ALA O 88 -71.48 25.66 -14.02
C ALA O 88 -70.49 26.03 -15.11
N ASP O 89 -70.82 25.79 -16.38
CA ASP O 89 -69.96 26.13 -17.50
C ASP O 89 -70.40 27.39 -18.24
N THR O 90 -71.22 28.22 -17.59
CA THR O 90 -71.65 29.47 -18.20
C THR O 90 -70.45 30.37 -18.40
N ALA O 91 -70.13 30.67 -19.66
CA ALA O 91 -68.94 31.44 -19.97
C ALA O 91 -69.11 32.08 -21.34
N VAL O 92 -68.37 33.16 -21.55
CA VAL O 92 -68.36 33.84 -22.84
C VAL O 92 -67.30 33.20 -23.73
N TYR O 93 -67.67 32.93 -24.98
CA TYR O 93 -66.82 32.23 -25.92
C TYR O 93 -66.31 33.19 -26.98
N TYR O 94 -65.03 33.02 -27.36
CA TYR O 94 -64.37 33.84 -28.35
C TYR O 94 -63.73 32.95 -29.40
N CYS O 95 -63.93 33.32 -30.66
CA CYS O 95 -63.33 32.66 -31.81
C CYS O 95 -62.24 33.57 -32.35
N ALA O 96 -61.02 33.04 -32.50
CA ALA O 96 -59.90 33.85 -32.93
C ALA O 96 -59.05 33.07 -33.92
N THR O 97 -58.10 33.77 -34.54
CA THR O 97 -57.14 33.18 -35.46
C THR O 97 -55.76 33.19 -34.80
N ALA O 98 -54.94 32.23 -35.20
CA ALA O 98 -53.63 32.04 -34.59
C ALA O 98 -52.54 32.12 -35.65
N ARG O 99 -51.39 32.65 -35.23
CA ARG O 99 -50.20 32.75 -36.07
C ARG O 99 -49.07 31.99 -35.40
N ARG O 100 -48.45 31.08 -36.15
CA ARG O 100 -47.42 30.21 -35.62
C ARG O 100 -46.03 30.72 -35.97
N GLY O 101 -45.14 30.71 -34.97
CA GLY O 101 -43.75 31.04 -35.20
C GLY O 101 -42.85 29.99 -34.54
N GLN O 102 -41.57 30.04 -34.89
CA GLN O 102 -40.59 29.12 -34.34
C GLN O 102 -39.45 29.90 -33.70
N ARG O 103 -39.02 29.43 -32.53
CA ARG O 103 -37.90 30.00 -31.79
C ARG O 103 -36.76 29.00 -31.82
N ILE O 104 -35.61 29.43 -32.35
CA ILE O 104 -34.43 28.59 -32.50
C ILE O 104 -33.39 29.05 -31.49
N TYR O 105 -32.74 28.10 -30.82
CA TYR O 105 -31.73 28.41 -29.82
C TYR O 105 -30.47 27.58 -29.94
N GLY O 106 -30.39 26.66 -30.90
CA GLY O 106 -29.23 25.82 -31.09
C GLY O 106 -29.09 25.40 -32.53
N VAL O 107 -28.58 24.19 -32.73
CA VAL O 107 -28.39 23.64 -34.07
C VAL O 107 -29.74 23.16 -34.59
N VAL O 108 -30.10 23.59 -35.80
CA VAL O 108 -31.40 23.24 -36.35
C VAL O 108 -31.48 21.78 -36.78
N SER O 109 -30.39 21.22 -37.32
CA SER O 109 -30.43 19.83 -37.78
C SER O 109 -30.64 18.85 -36.64
N PHE O 110 -30.28 19.24 -35.41
CA PHE O 110 -30.51 18.41 -34.25
C PHE O 110 -31.90 18.56 -33.67
N GLY O 111 -32.66 19.56 -34.12
CA GLY O 111 -34.00 19.78 -33.60
C GLY O 111 -34.06 20.60 -32.33
N GLU O 112 -33.17 21.59 -32.20
CA GLU O 112 -33.13 22.43 -31.01
C GLU O 112 -33.89 23.73 -31.27
N PHE O 113 -35.21 23.60 -31.31
CA PHE O 113 -36.10 24.74 -31.50
C PHE O 113 -37.47 24.35 -31.00
N PHE O 114 -38.37 25.33 -30.91
CA PHE O 114 -39.72 25.04 -30.47
C PHE O 114 -40.70 26.05 -31.05
N TYR O 115 -41.92 25.60 -31.30
CA TYR O 115 -42.96 26.43 -31.90
C TYR O 115 -43.79 27.12 -30.83
N TYR O 116 -44.36 28.27 -31.20
CA TYR O 116 -45.26 29.01 -30.34
C TYR O 116 -46.34 29.65 -31.20
N TYR O 117 -47.45 29.99 -30.55
CA TYR O 117 -48.63 30.54 -31.22
C TYR O 117 -48.98 31.89 -30.62
N SER O 118 -49.43 32.81 -31.47
CA SER O 118 -49.82 34.15 -31.03
C SER O 118 -51.11 34.54 -31.74
N MET O 119 -52.12 34.93 -30.97
CA MET O 119 -53.40 35.35 -31.52
C MET O 119 -53.39 36.86 -31.74
N ASP O 120 -53.59 37.27 -32.99
CA ASP O 120 -53.58 38.69 -33.35
C ASP O 120 -54.97 39.26 -33.54
N VAL O 121 -55.88 38.51 -34.18
CA VAL O 121 -57.25 38.96 -34.44
C VAL O 121 -58.19 38.21 -33.51
N TRP O 122 -59.10 38.93 -32.88
CA TRP O 122 -60.08 38.36 -31.97
C TRP O 122 -61.49 38.67 -32.45
N GLY O 123 -62.48 38.27 -31.64
CA GLY O 123 -63.86 38.53 -31.93
C GLY O 123 -64.61 39.00 -30.69
N LYS O 124 -65.89 39.33 -30.89
CA LYS O 124 -66.72 39.79 -29.79
C LYS O 124 -67.15 38.65 -28.88
N GLY O 125 -67.35 37.45 -29.43
CA GLY O 125 -67.72 36.30 -28.64
C GLY O 125 -69.17 36.30 -28.22
N THR O 126 -69.73 35.12 -27.96
CA THR O 126 -71.11 34.98 -27.54
C THR O 126 -71.17 34.63 -26.05
N THR O 127 -72.21 35.14 -25.38
CA THR O 127 -72.44 34.84 -23.97
C THR O 127 -73.63 33.87 -23.88
N VAL O 128 -73.34 32.63 -23.49
CA VAL O 128 -74.35 31.59 -23.38
C VAL O 128 -74.50 31.19 -21.92
N THR O 129 -75.70 30.72 -21.57
CA THR O 129 -76.01 30.30 -20.23
C THR O 129 -76.73 28.95 -20.25
N VAL O 130 -76.56 28.19 -19.17
CA VAL O 130 -77.18 26.88 -19.00
C VAL O 130 -77.96 26.88 -17.71
N SER O 131 -79.23 26.48 -17.79
CA SER O 131 -80.10 26.44 -16.62
C SER O 131 -81.22 25.44 -16.86
N SER O 132 -81.78 24.95 -15.75
CA SER O 132 -82.85 23.97 -15.82
C SER O 132 -84.21 24.58 -16.07
N ALA O 133 -84.38 25.89 -15.83
CA ALA O 133 -85.66 26.55 -16.03
C ALA O 133 -85.68 27.31 -17.35
N VAL P 1 -28.28 -4.63 60.44
CA VAL P 1 -27.47 -4.75 61.64
C VAL P 1 -26.86 -6.16 61.72
N ARG P 2 -25.57 -6.24 61.42
CA ARG P 2 -24.87 -7.52 61.41
C ARG P 2 -24.37 -7.82 62.81
N PRO P 3 -24.62 -9.02 63.35
CA PRO P 3 -24.09 -9.36 64.67
C PRO P 3 -22.69 -9.96 64.58
N LEU P 4 -21.91 -9.75 65.64
CA LEU P 4 -20.57 -10.29 65.72
C LEU P 4 -20.25 -10.59 67.18
N SER P 5 -19.79 -11.80 67.46
CA SER P 5 -19.55 -12.26 68.82
C SER P 5 -18.07 -12.28 69.14
N VAL P 6 -17.73 -11.88 70.36
CA VAL P 6 -16.35 -11.84 70.83
C VAL P 6 -16.31 -12.41 72.24
N ALA P 7 -15.28 -13.22 72.52
CA ALA P 7 -15.08 -13.79 73.84
C ALA P 7 -14.20 -12.88 74.69
N LEU P 8 -14.17 -13.17 75.99
CA LEU P 8 -13.39 -12.35 76.91
C LEU P 8 -11.90 -12.52 76.65
N GLY P 9 -11.15 -11.44 76.89
CA GLY P 9 -9.71 -11.46 76.72
C GLY P 9 -9.22 -11.41 75.28
N GLU P 10 -10.08 -11.68 74.31
CA GLU P 10 -9.66 -11.71 72.91
C GLU P 10 -9.54 -10.29 72.36
N THR P 11 -9.15 -10.19 71.09
CA THR P 11 -9.01 -8.92 70.39
C THR P 11 -10.07 -8.85 69.31
N ALA P 12 -10.92 -7.82 69.37
CA ALA P 12 -12.01 -7.67 68.43
C ALA P 12 -11.61 -6.79 67.26
N ARG P 13 -12.21 -7.07 66.10
CA ARG P 13 -11.94 -6.33 64.87
C ARG P 13 -13.27 -6.06 64.19
N ILE P 14 -13.61 -4.78 64.01
CA ILE P 14 -14.88 -4.37 63.42
C ILE P 14 -14.57 -3.58 62.15
N SER P 15 -15.22 -3.95 61.05
CA SER P 15 -15.06 -3.27 59.76
C SER P 15 -16.43 -2.85 59.24
N CYS P 16 -16.51 -1.63 58.71
CA CYS P 16 -17.74 -1.15 58.11
C CYS P 16 -17.82 -1.55 56.64
N GLY P 17 -19.04 -1.68 56.15
CA GLY P 17 -19.24 -2.25 54.82
C GLY P 17 -18.84 -1.32 53.70
N ARG P 18 -19.04 -0.02 53.88
CA ARG P 18 -18.75 0.94 52.82
C ARG P 18 -17.25 1.02 52.57
N GLN P 19 -16.87 0.93 51.31
CA GLN P 19 -15.48 1.00 50.89
C GLN P 19 -15.19 2.35 50.23
N ALA P 20 -14.05 2.94 50.57
CA ALA P 20 -13.70 4.26 50.09
C ALA P 20 -13.05 4.17 48.71
N LEU P 21 -13.14 5.28 47.97
CA LEU P 21 -12.52 5.43 46.66
C LEU P 21 -11.69 6.71 46.69
N GLY P 22 -10.44 6.60 47.15
CA GLY P 22 -9.55 7.74 47.27
C GLY P 22 -9.12 7.94 48.71
N SER P 23 -8.81 9.19 49.03
CA SER P 23 -8.40 9.53 50.40
C SER P 23 -9.60 9.44 51.34
N ARG P 24 -9.42 8.72 52.44
CA ARG P 24 -10.49 8.48 53.39
C ARG P 24 -10.20 9.18 54.71
N ALA P 25 -11.28 9.55 55.41
CA ALA P 25 -11.19 10.13 56.75
C ALA P 25 -12.45 9.71 57.50
N VAL P 26 -12.33 8.61 58.25
CA VAL P 26 -13.49 7.99 58.87
C VAL P 26 -13.58 8.40 60.33
N GLN P 27 -14.78 8.23 60.90
CA GLN P 27 -15.02 8.47 62.31
C GLN P 27 -15.70 7.24 62.90
N TRP P 28 -15.24 6.81 64.07
CA TRP P 28 -15.78 5.65 64.75
C TRP P 28 -16.59 6.10 65.96
N TYR P 29 -17.89 5.83 65.95
CA TYR P 29 -18.78 6.22 67.03
C TYR P 29 -19.26 5.00 67.79
N GLN P 30 -19.21 5.09 69.12
CA GLN P 30 -19.69 4.03 70.00
C GLN P 30 -20.93 4.53 70.72
N HIS P 31 -22.05 3.81 70.53
CA HIS P 31 -23.34 4.22 71.07
C HIS P 31 -23.90 3.11 71.94
N ARG P 32 -23.96 3.36 73.24
CA ARG P 32 -24.58 2.44 74.20
C ARG P 32 -26.09 2.67 74.24
N PRO P 33 -26.88 1.61 74.40
CA PRO P 33 -28.34 1.79 74.43
C PRO P 33 -28.80 2.62 75.61
N GLY P 34 -29.34 3.80 75.34
CA GLY P 34 -29.81 4.71 76.36
C GLY P 34 -28.91 5.88 76.64
N GLN P 35 -27.63 5.79 76.29
CA GLN P 35 -26.66 6.85 76.53
C GLN P 35 -26.30 7.53 75.22
N ALA P 36 -25.68 8.71 75.35
CA ALA P 36 -25.23 9.46 74.19
C ALA P 36 -24.01 8.80 73.56
N PRO P 37 -23.86 8.91 72.24
CA PRO P 37 -22.70 8.28 71.58
C PRO P 37 -21.40 8.91 72.03
N ILE P 38 -20.35 8.09 72.05
CA ILE P 38 -19.00 8.51 72.44
C ILE P 38 -18.10 8.41 71.23
N LEU P 39 -17.40 9.51 70.93
CA LEU P 39 -16.46 9.52 69.81
C LEU P 39 -15.16 8.85 70.23
N LEU P 40 -14.72 7.89 69.42
CA LEU P 40 -13.50 7.13 69.71
C LEU P 40 -12.33 7.61 68.85
N ILE P 41 -12.51 7.60 67.53
CA ILE P 41 -11.48 8.04 66.59
C ILE P 41 -12.15 8.96 65.58
N TYR P 42 -11.51 10.10 65.31
CA TYR P 42 -12.10 11.11 64.43
C TYR P 42 -11.35 11.29 63.12
N ASN P 43 -10.02 11.18 63.13
CA ASN P 43 -9.23 11.39 61.92
C ASN P 43 -8.63 10.10 61.37
N ASN P 44 -9.15 8.95 61.80
CA ASN P 44 -8.78 7.59 61.38
C ASN P 44 -7.35 7.23 61.77
N GLN P 45 -6.64 8.19 62.36
CA GLN P 45 -5.27 7.98 62.81
C GLN P 45 -5.06 8.17 64.32
N ASP P 46 -5.91 8.98 64.97
CA ASP P 46 -5.74 9.25 66.40
C ASP P 46 -7.04 9.36 67.20
N ARG P 47 -7.00 8.94 68.48
CA ARG P 47 -8.15 9.02 69.37
C ARG P 47 -8.38 10.47 69.78
N PRO P 48 -9.63 10.95 69.63
CA PRO P 48 -10.06 12.34 69.90
C PRO P 48 -9.93 12.84 71.32
N SER P 49 -10.28 11.99 72.28
CA SER P 49 -10.25 12.36 73.69
C SER P 49 -9.50 11.29 74.46
N GLY P 50 -9.07 11.59 75.68
CA GLY P 50 -8.35 10.59 76.41
C GLY P 50 -9.26 9.43 76.79
N ILE P 51 -8.86 8.24 76.35
CA ILE P 51 -9.54 6.97 76.60
C ILE P 51 -8.45 5.92 76.80
N PRO P 52 -8.83 4.73 77.30
CA PRO P 52 -7.81 3.68 77.47
C PRO P 52 -7.20 3.35 76.11
N GLU P 53 -5.90 3.11 76.09
CA GLU P 53 -5.23 2.85 74.82
C GLU P 53 -5.48 1.42 74.41
N ARG P 54 -6.70 1.18 73.95
CA ARG P 54 -7.12 -0.14 73.50
C ARG P 54 -7.77 -0.12 72.12
N PHE P 55 -8.32 1.01 71.69
CA PHE P 55 -8.92 1.14 70.37
C PHE P 55 -7.92 1.77 69.41
N SER P 56 -7.67 1.11 68.28
CA SER P 56 -6.72 1.61 67.30
C SER P 56 -7.29 1.44 65.90
N GLY P 57 -7.01 2.43 65.04
CA GLY P 57 -7.43 2.40 63.67
C GLY P 57 -6.24 2.32 62.73
N THR P 58 -6.54 2.08 61.45
CA THR P 58 -5.46 1.98 60.47
C THR P 58 -5.23 3.34 59.80
N PRO P 59 -3.97 3.75 59.63
CA PRO P 59 -3.70 5.03 58.97
C PRO P 59 -4.01 4.98 57.48
N ASP P 60 -4.00 6.16 56.87
CA ASP P 60 -4.25 6.28 55.43
C ASP P 60 -2.91 6.45 54.72
N ILE P 61 -2.25 5.33 54.47
CA ILE P 61 -0.98 5.28 53.77
C ILE P 61 -1.04 4.16 52.74
N ASN P 62 -0.57 4.46 51.52
CA ASN P 62 -0.54 3.48 50.43
C ASN P 62 -1.96 2.95 50.14
N PHE P 63 -2.78 3.87 49.61
CA PHE P 63 -4.19 3.62 49.33
C PHE P 63 -4.42 2.24 48.74
N GLY P 64 -5.43 1.55 49.26
CA GLY P 64 -5.75 0.21 48.83
C GLY P 64 -6.12 -0.69 49.98
N THR P 65 -6.00 -0.18 51.20
CA THR P 65 -6.28 -0.93 52.41
C THR P 65 -7.67 -0.61 52.94
N ARG P 66 -8.25 -1.56 53.67
CA ARG P 66 -9.57 -1.37 54.24
C ARG P 66 -9.49 -0.57 55.53
N ALA P 67 -10.67 -0.27 56.09
CA ALA P 67 -10.80 0.46 57.34
C ALA P 67 -11.30 -0.50 58.41
N THR P 68 -10.49 -0.72 59.44
CA THR P 68 -10.84 -1.62 60.52
C THR P 68 -10.49 -0.98 61.86
N LEU P 69 -11.33 -1.24 62.85
CA LEU P 69 -11.13 -0.78 64.21
C LEU P 69 -10.87 -1.99 65.10
N THR P 70 -9.72 -2.00 65.77
CA THR P 70 -9.32 -3.10 66.63
C THR P 70 -9.40 -2.69 68.09
N ILE P 71 -9.83 -3.63 68.93
CA ILE P 71 -9.97 -3.41 70.37
C ILE P 71 -9.26 -4.57 71.06
N SER P 72 -8.17 -4.27 71.75
CA SER P 72 -7.38 -5.27 72.46
C SER P 72 -7.80 -5.27 73.93
N GLY P 73 -7.93 -6.47 74.50
CA GLY P 73 -8.34 -6.61 75.89
C GLY P 73 -9.76 -6.14 76.12
N VAL P 74 -10.72 -6.82 75.49
CA VAL P 74 -12.12 -6.44 75.58
C VAL P 74 -12.69 -6.93 76.91
N GLU P 75 -13.50 -6.07 77.54
CA GLU P 75 -14.16 -6.39 78.79
C GLU P 75 -15.67 -6.50 78.55
N ALA P 76 -16.43 -6.72 79.63
CA ALA P 76 -17.87 -6.83 79.52
C ALA P 76 -18.53 -5.49 79.21
N GLY P 77 -17.87 -4.37 79.53
CA GLY P 77 -18.44 -3.06 79.27
C GLY P 77 -18.42 -2.63 77.82
N ASP P 78 -17.72 -3.36 76.96
CA ASP P 78 -17.65 -3.04 75.54
C ASP P 78 -18.81 -3.70 74.78
N GLU P 79 -20.02 -3.30 75.13
CA GLU P 79 -21.25 -3.81 74.52
C GLU P 79 -22.07 -2.62 74.06
N ALA P 80 -21.86 -2.21 72.81
CA ALA P 80 -22.55 -1.06 72.24
C ALA P 80 -22.49 -1.18 70.72
N ASP P 81 -23.23 -0.30 70.05
CA ASP P 81 -23.24 -0.26 68.60
C ASP P 81 -22.10 0.61 68.09
N TYR P 82 -21.56 0.23 66.93
CA TYR P 82 -20.42 0.90 66.34
C TYR P 82 -20.80 1.44 64.97
N TYR P 83 -20.61 2.75 64.78
CA TYR P 83 -20.91 3.42 63.53
C TYR P 83 -19.60 3.85 62.87
N CYS P 84 -19.50 3.61 61.56
CA CYS P 84 -18.32 3.91 60.76
C CYS P 84 -18.69 5.01 59.77
N HIS P 85 -18.54 6.27 60.18
CA HIS P 85 -18.86 7.39 59.31
C HIS P 85 -17.74 7.57 58.30
N MET P 86 -18.04 7.35 57.02
CA MET P 86 -17.04 7.33 55.96
C MET P 86 -17.06 8.65 55.20
N TRP P 87 -15.87 9.18 54.92
CA TRP P 87 -15.72 10.40 54.14
C TRP P 87 -14.59 10.19 53.14
N ASP P 88 -14.93 10.23 51.84
CA ASP P 88 -13.92 10.08 50.80
C ASP P 88 -13.90 11.29 49.90
N SER P 89 -13.14 11.24 48.82
CA SER P 89 -12.97 12.38 47.93
C SER P 89 -13.83 12.33 46.69
N ARG P 90 -14.30 11.15 46.29
CA ARG P 90 -15.07 10.99 45.06
C ARG P 90 -16.54 10.67 45.33
N SER P 91 -17.07 11.15 46.45
CA SER P 91 -18.48 10.95 46.76
C SER P 91 -19.19 12.20 47.28
N GLY P 92 -18.48 13.30 47.52
CA GLY P 92 -19.15 14.50 47.98
C GLY P 92 -19.49 14.42 49.46
N PHE P 93 -20.61 15.06 49.81
CA PHE P 93 -21.03 15.11 51.21
C PHE P 93 -21.75 13.82 51.59
N SER P 94 -21.40 13.27 52.74
CA SER P 94 -21.94 12.00 53.22
C SER P 94 -22.93 12.30 54.35
N TRP P 95 -24.20 11.94 54.13
CA TRP P 95 -25.24 12.18 55.11
C TRP P 95 -25.56 10.97 55.97
N SER P 96 -25.52 9.76 55.41
CA SER P 96 -25.89 8.58 56.15
C SER P 96 -24.76 8.13 57.06
N PHE P 97 -25.12 7.63 58.25
CA PHE P 97 -24.14 7.12 59.19
C PHE P 97 -23.69 5.70 58.88
N GLY P 98 -24.33 5.03 57.92
CA GLY P 98 -23.96 3.67 57.57
C GLY P 98 -24.65 2.64 58.45
N GLY P 99 -24.56 1.39 58.00
CA GLY P 99 -25.16 0.29 58.75
C GLY P 99 -24.32 -0.04 59.97
N ALA P 100 -24.96 -0.07 61.14
CA ALA P 100 -24.28 -0.34 62.39
C ALA P 100 -24.20 -1.85 62.64
N THR P 101 -23.21 -2.23 63.43
CA THR P 101 -23.00 -3.62 63.82
C THR P 101 -23.37 -3.81 65.29
N ARG P 102 -23.69 -5.05 65.65
CA ARG P 102 -24.09 -5.40 67.01
C ARG P 102 -23.05 -6.34 67.60
N LEU P 103 -22.29 -5.86 68.57
CA LEU P 103 -21.27 -6.66 69.23
C LEU P 103 -21.88 -7.40 70.42
N THR P 104 -21.69 -8.71 70.44
CA THR P 104 -22.15 -9.56 71.53
C THR P 104 -20.95 -10.16 72.25
N VAL P 105 -21.13 -10.41 73.54
CA VAL P 105 -20.06 -10.88 74.41
C VAL P 105 -20.34 -12.32 74.80
N LEU P 106 -19.27 -13.13 74.81
CA LEU P 106 -19.34 -14.53 75.23
C LEU P 106 -18.84 -14.61 76.67
N GLY P 107 -19.77 -14.83 77.59
CA GLY P 107 -19.42 -14.92 79.00
C GLY P 107 -19.71 -13.65 79.78
N VAL Q 1 -45.85 -47.55 -10.16
CA VAL Q 1 -45.67 -48.62 -11.12
C VAL Q 1 -45.78 -48.08 -12.54
N ARG Q 2 -44.62 -47.90 -13.19
CA ARG Q 2 -44.58 -47.36 -14.54
C ARG Q 2 -44.77 -48.49 -15.55
N PRO Q 3 -45.68 -48.35 -16.52
CA PRO Q 3 -45.82 -49.38 -17.54
C PRO Q 3 -44.88 -49.15 -18.71
N LEU Q 4 -44.46 -50.25 -19.33
CA LEU Q 4 -43.59 -50.20 -20.50
C LEU Q 4 -43.92 -51.38 -21.39
N SER Q 5 -44.14 -51.10 -22.68
CA SER Q 5 -44.60 -52.10 -23.63
C SER Q 5 -43.48 -52.51 -24.59
N VAL Q 6 -43.41 -53.80 -24.89
CA VAL Q 6 -42.41 -54.35 -25.80
C VAL Q 6 -43.11 -55.29 -26.78
N ALA Q 7 -42.71 -55.23 -28.05
CA ALA Q 7 -43.25 -56.12 -29.07
C ALA Q 7 -42.43 -57.40 -29.15
N LEU Q 8 -42.96 -58.37 -29.89
CA LEU Q 8 -42.30 -59.66 -30.04
C LEU Q 8 -41.01 -59.51 -30.85
N GLY Q 9 -40.01 -60.31 -30.50
CA GLY Q 9 -38.74 -60.31 -31.21
C GLY Q 9 -37.83 -59.15 -30.92
N GLU Q 10 -38.33 -58.08 -30.31
CA GLU Q 10 -37.52 -56.90 -30.06
C GLU Q 10 -36.61 -57.12 -28.85
N THR Q 11 -35.82 -56.10 -28.52
CA THR Q 11 -34.91 -56.13 -27.39
C THR Q 11 -35.40 -55.12 -26.36
N ALA Q 12 -35.69 -55.60 -25.15
CA ALA Q 12 -36.25 -54.77 -24.10
C ALA Q 12 -35.13 -54.19 -23.24
N ARG Q 13 -35.36 -52.98 -22.72
CA ARG Q 13 -34.41 -52.29 -21.86
C ARG Q 13 -35.17 -51.67 -20.70
N ILE Q 14 -34.87 -52.11 -19.48
CA ILE Q 14 -35.56 -51.64 -18.28
C ILE Q 14 -34.54 -50.96 -17.38
N SER Q 15 -34.87 -49.75 -16.92
CA SER Q 15 -34.02 -48.99 -16.02
C SER Q 15 -34.81 -48.58 -14.79
N CYS Q 16 -34.18 -48.69 -13.63
CA CYS Q 16 -34.81 -48.27 -12.38
C CYS Q 16 -34.56 -46.80 -12.13
N GLY Q 17 -35.49 -46.16 -11.41
CA GLY Q 17 -35.45 -44.72 -11.28
C GLY Q 17 -34.35 -44.23 -10.36
N ARG Q 18 -34.03 -45.00 -9.33
CA ARG Q 18 -33.02 -44.57 -8.37
C ARG Q 18 -31.64 -44.53 -9.01
N GLN Q 19 -30.93 -43.43 -8.82
CA GLN Q 19 -29.60 -43.23 -9.36
C GLN Q 19 -28.57 -43.34 -8.24
N ALA Q 20 -27.46 -44.03 -8.52
CA ALA Q 20 -26.44 -44.27 -7.52
C ALA Q 20 -25.48 -43.11 -7.43
N LEU Q 21 -24.84 -42.98 -6.26
CA LEU Q 21 -23.82 -41.97 -6.00
C LEU Q 21 -22.59 -42.69 -5.46
N GLY Q 22 -21.75 -43.19 -6.36
CA GLY Q 22 -20.57 -43.94 -5.99
C GLY Q 22 -20.58 -45.33 -6.58
N SER Q 23 -19.89 -46.25 -5.90
CA SER Q 23 -19.84 -47.64 -6.35
C SER Q 23 -21.20 -48.30 -6.12
N ARG Q 24 -21.73 -48.92 -7.16
CA ARG Q 24 -23.05 -49.53 -7.13
C ARG Q 24 -22.96 -51.04 -7.23
N ALA Q 25 -23.93 -51.72 -6.63
CA ALA Q 25 -24.05 -53.19 -6.73
C ALA Q 25 -25.54 -53.50 -6.66
N VAL Q 26 -26.17 -53.64 -7.83
CA VAL Q 26 -27.61 -53.76 -7.92
C VAL Q 26 -27.99 -55.23 -8.08
N GLN Q 27 -29.26 -55.52 -7.78
CA GLN Q 27 -29.84 -56.84 -7.98
C GLN Q 27 -31.13 -56.70 -8.77
N TRP Q 28 -31.31 -57.56 -9.76
CA TRP Q 28 -32.49 -57.53 -10.61
C TRP Q 28 -33.38 -58.72 -10.26
N TYR Q 29 -34.59 -58.45 -9.79
CA TYR Q 29 -35.54 -59.48 -9.40
C TYR Q 29 -36.71 -59.51 -10.37
N GLN Q 30 -37.08 -60.71 -10.80
CA GLN Q 30 -38.23 -60.92 -11.68
C GLN Q 30 -39.31 -61.65 -10.89
N HIS Q 31 -40.47 -61.03 -10.77
CA HIS Q 31 -41.57 -61.56 -9.96
C HIS Q 31 -42.81 -61.71 -10.81
N ARG Q 32 -43.20 -62.96 -11.07
CA ARG Q 32 -44.44 -63.27 -11.78
C ARG Q 32 -45.61 -63.24 -10.81
N PRO Q 33 -46.78 -62.81 -11.25
CA PRO Q 33 -47.95 -62.76 -10.34
C PRO Q 33 -48.37 -64.14 -9.87
N GLY Q 34 -48.20 -64.40 -8.57
CA GLY Q 34 -48.56 -65.66 -7.97
C GLY Q 34 -47.40 -66.57 -7.64
N GLN Q 35 -46.24 -66.37 -8.29
CA GLN Q 35 -45.07 -67.19 -8.07
C GLN Q 35 -44.01 -66.41 -7.29
N ALA Q 36 -43.03 -67.15 -6.79
CA ALA Q 36 -41.93 -66.55 -6.05
C ALA Q 36 -41.00 -65.80 -7.00
N PRO Q 37 -40.36 -64.73 -6.52
CA PRO Q 37 -39.44 -63.98 -7.39
C PRO Q 37 -38.23 -64.82 -7.77
N ILE Q 38 -37.70 -64.56 -8.96
CA ILE Q 38 -36.54 -65.25 -9.49
C ILE Q 38 -35.40 -64.24 -9.62
N LEU Q 39 -34.26 -64.57 -9.02
CA LEU Q 39 -33.09 -63.70 -9.10
C LEU Q 39 -32.42 -63.88 -10.46
N LEU Q 40 -32.19 -62.77 -11.16
CA LEU Q 40 -31.58 -62.79 -12.48
C LEU Q 40 -30.11 -62.38 -12.43
N ILE Q 41 -29.82 -61.21 -11.87
CA ILE Q 41 -28.46 -60.70 -11.74
C ILE Q 41 -28.28 -60.22 -10.31
N TYR Q 42 -27.18 -60.59 -9.68
CA TYR Q 42 -26.96 -60.26 -8.28
C TYR Q 42 -25.80 -59.28 -8.07
N ASN Q 43 -24.74 -59.35 -8.87
CA ASN Q 43 -23.59 -58.49 -8.69
C ASN Q 43 -23.45 -57.45 -9.80
N ASN Q 44 -24.51 -57.21 -10.57
CA ASN Q 44 -24.65 -56.22 -11.65
C ASN Q 44 -23.71 -56.54 -12.81
N GLN Q 45 -22.85 -57.53 -12.59
CA GLN Q 45 -21.93 -58.06 -13.59
C GLN Q 45 -22.10 -59.58 -13.70
N ASP Q 46 -23.06 -60.13 -12.95
CA ASP Q 46 -23.34 -61.56 -12.89
C ASP Q 46 -23.93 -62.18 -14.14
N ARG Q 47 -23.65 -63.46 -14.32
CA ARG Q 47 -24.13 -64.24 -15.47
C ARG Q 47 -25.66 -64.35 -15.51
N PRO Q 48 -26.31 -64.54 -14.35
CA PRO Q 48 -26.06 -65.52 -13.29
C PRO Q 48 -26.45 -66.93 -13.71
N SER Q 49 -25.91 -67.93 -13.02
CA SER Q 49 -26.19 -69.32 -13.34
C SER Q 49 -27.66 -69.66 -13.20
N GLY Q 50 -28.14 -70.54 -14.08
CA GLY Q 50 -29.54 -70.93 -14.09
C GLY Q 50 -30.43 -70.00 -14.88
N ILE Q 51 -29.81 -69.03 -15.56
CA ILE Q 51 -30.54 -68.06 -16.36
C ILE Q 51 -30.09 -68.11 -17.83
N PRO Q 52 -31.05 -68.01 -18.75
CA PRO Q 52 -30.77 -68.05 -20.20
C PRO Q 52 -29.90 -66.88 -20.61
N GLU Q 53 -28.97 -67.13 -21.54
CA GLU Q 53 -28.06 -66.08 -22.00
C GLU Q 53 -28.83 -65.04 -22.80
N ARG Q 54 -29.81 -64.40 -22.18
CA ARG Q 54 -30.57 -63.33 -22.81
C ARG Q 54 -30.65 -62.06 -21.97
N PHE Q 55 -30.50 -62.15 -20.65
CA PHE Q 55 -30.51 -61.00 -19.77
C PHE Q 55 -29.08 -60.58 -19.47
N SER Q 56 -28.77 -59.31 -19.71
CA SER Q 56 -27.44 -58.78 -19.48
C SER Q 56 -27.53 -57.45 -18.77
N GLY Q 57 -26.55 -57.19 -17.89
CA GLY Q 57 -26.46 -55.94 -17.16
C GLY Q 57 -25.19 -55.19 -17.51
N THR Q 58 -25.15 -53.94 -17.07
CA THR Q 58 -23.98 -53.12 -17.36
C THR Q 58 -22.96 -53.22 -16.22
N PRO Q 59 -21.68 -53.40 -16.52
CA PRO Q 59 -20.68 -53.47 -15.46
C PRO Q 59 -20.47 -52.11 -14.80
N ASP Q 60 -19.76 -52.14 -13.66
CA ASP Q 60 -19.44 -50.93 -12.91
C ASP Q 60 -18.00 -50.53 -13.22
N ILE Q 61 -17.84 -49.85 -14.35
CA ILE Q 61 -16.55 -49.33 -14.78
C ILE Q 61 -16.73 -47.89 -15.23
N ASN Q 62 -15.81 -47.02 -14.82
CA ASN Q 62 -15.84 -45.61 -15.19
C ASN Q 62 -17.14 -44.95 -14.73
N PHE Q 63 -17.26 -44.85 -13.41
CA PHE Q 63 -18.47 -44.34 -12.74
C PHE Q 63 -19.05 -43.14 -13.47
N GLY Q 64 -20.37 -43.16 -13.65
CA GLY Q 64 -21.07 -42.11 -14.35
C GLY Q 64 -22.15 -42.65 -15.27
N THR Q 65 -22.21 -43.97 -15.38
CA THR Q 65 -23.16 -44.64 -16.27
C THR Q 65 -24.38 -45.11 -15.48
N ARG Q 66 -25.51 -45.21 -16.17
CA ARG Q 66 -26.74 -45.65 -15.54
C ARG Q 66 -26.77 -47.18 -15.45
N ALA Q 67 -27.78 -47.68 -14.75
CA ALA Q 67 -27.99 -49.11 -14.58
C ALA Q 67 -29.20 -49.53 -15.40
N THR Q 68 -28.98 -50.37 -16.40
CA THR Q 68 -30.04 -50.85 -17.26
C THR Q 68 -29.92 -52.36 -17.45
N LEU Q 69 -31.06 -53.03 -17.52
CA LEU Q 69 -31.14 -54.46 -17.79
C LEU Q 69 -31.73 -54.66 -19.18
N THR Q 70 -30.99 -55.37 -20.03
CA THR Q 70 -31.41 -55.62 -21.40
C THR Q 70 -31.78 -57.09 -21.56
N ILE Q 71 -32.83 -57.33 -22.36
CA ILE Q 71 -33.32 -58.67 -22.65
C ILE Q 71 -33.45 -58.80 -24.16
N SER Q 72 -32.63 -59.66 -24.76
CA SER Q 72 -32.63 -59.89 -26.19
C SER Q 72 -33.49 -61.11 -26.51
N GLY Q 73 -34.31 -61.01 -27.55
CA GLY Q 73 -35.18 -62.10 -27.93
C GLY Q 73 -36.26 -62.36 -26.90
N VAL Q 74 -37.15 -61.39 -26.71
CA VAL Q 74 -38.19 -61.51 -25.70
C VAL Q 74 -39.32 -62.39 -26.24
N GLU Q 75 -39.84 -63.27 -25.38
CA GLU Q 75 -40.95 -64.14 -25.72
C GLU Q 75 -42.19 -63.73 -24.91
N ALA Q 76 -43.27 -64.49 -25.06
CA ALA Q 76 -44.50 -64.20 -24.34
C ALA Q 76 -44.38 -64.50 -22.85
N GLY Q 77 -43.46 -65.38 -22.46
CA GLY Q 77 -43.29 -65.73 -21.06
C GLY Q 77 -42.59 -64.68 -20.23
N ASP Q 78 -42.06 -63.63 -20.85
CA ASP Q 78 -41.39 -62.55 -20.13
C ASP Q 78 -42.39 -61.46 -19.76
N GLU Q 79 -43.34 -61.84 -18.91
CA GLU Q 79 -44.39 -60.94 -18.43
C GLU Q 79 -44.40 -61.02 -16.90
N ALA Q 80 -43.63 -60.14 -16.27
CA ALA Q 80 -43.53 -60.12 -14.81
C ALA Q 80 -43.02 -58.75 -14.39
N ASP Q 81 -43.06 -58.50 -13.09
CA ASP Q 81 -42.57 -57.25 -12.53
C ASP Q 81 -41.06 -57.34 -12.30
N TYR Q 82 -40.39 -56.20 -12.46
CA TYR Q 82 -38.94 -56.14 -12.34
C TYR Q 82 -38.57 -55.17 -11.23
N TYR Q 83 -37.80 -55.67 -10.26
CA TYR Q 83 -37.33 -54.88 -9.13
C TYR Q 83 -35.83 -54.64 -9.25
N CYS Q 84 -35.42 -53.40 -9.02
CA CYS Q 84 -34.04 -52.96 -9.13
C CYS Q 84 -33.55 -52.59 -7.73
N HIS Q 85 -32.99 -53.55 -7.01
CA HIS Q 85 -32.47 -53.31 -5.67
C HIS Q 85 -31.12 -52.61 -5.79
N MET Q 86 -31.06 -51.36 -5.35
CA MET Q 86 -29.87 -50.53 -5.50
C MET Q 86 -29.09 -50.49 -4.20
N TRP Q 87 -27.77 -50.66 -4.30
CA TRP Q 87 -26.87 -50.59 -3.17
C TRP Q 87 -25.67 -49.74 -3.55
N ASP Q 88 -25.53 -48.57 -2.91
CA ASP Q 88 -24.40 -47.69 -3.17
C ASP Q 88 -23.57 -47.52 -1.91
N SER Q 89 -22.56 -46.64 -1.97
CA SER Q 89 -21.65 -46.47 -0.85
C SER Q 89 -21.96 -45.24 0.01
N ARG Q 90 -22.71 -44.28 -0.52
CA ARG Q 90 -23.00 -43.04 0.20
C ARG Q 90 -24.45 -42.96 0.64
N SER Q 91 -25.10 -44.11 0.88
CA SER Q 91 -26.47 -44.12 1.38
C SER Q 91 -26.70 -45.09 2.53
N GLY Q 92 -25.72 -45.90 2.92
CA GLY Q 92 -25.95 -46.82 4.02
C GLY Q 92 -26.78 -48.02 3.61
N PHE Q 93 -27.51 -48.56 4.59
CA PHE Q 93 -28.29 -49.76 4.35
C PHE Q 93 -29.61 -49.45 3.66
N SER Q 94 -29.93 -50.21 2.63
CA SER Q 94 -31.10 -49.97 1.79
C SER Q 94 -32.20 -50.97 2.15
N TRP Q 95 -33.33 -50.46 2.63
CA TRP Q 95 -34.44 -51.30 3.05
C TRP Q 95 -35.53 -51.44 2.00
N SER Q 96 -35.79 -50.40 1.22
CA SER Q 96 -36.86 -50.46 0.23
C SER Q 96 -36.40 -51.19 -1.03
N PHE Q 97 -37.31 -51.95 -1.63
CA PHE Q 97 -37.02 -52.65 -2.87
C PHE Q 97 -37.11 -51.75 -4.10
N GLY Q 98 -37.57 -50.51 -3.94
CA GLY Q 98 -37.70 -49.60 -5.05
C GLY Q 98 -39.01 -49.76 -5.78
N GLY Q 99 -39.32 -48.76 -6.60
CA GLY Q 99 -40.54 -48.79 -7.40
C GLY Q 99 -40.41 -49.78 -8.54
N ALA Q 100 -41.37 -50.69 -8.65
CA ALA Q 100 -41.36 -51.71 -9.67
C ALA Q 100 -42.00 -51.21 -10.95
N THR Q 101 -41.62 -51.82 -12.07
CA THR Q 101 -42.17 -51.50 -13.38
C THR Q 101 -43.03 -52.66 -13.86
N ARG Q 102 -43.95 -52.35 -14.78
CA ARG Q 102 -44.87 -53.33 -15.33
C ARG Q 102 -44.60 -53.48 -16.82
N LEU Q 103 -44.07 -54.65 -17.20
CA LEU Q 103 -43.77 -54.93 -18.59
C LEU Q 103 -44.98 -55.56 -19.28
N THR Q 104 -45.42 -54.96 -20.38
CA THR Q 104 -46.53 -55.46 -21.17
C THR Q 104 -46.01 -55.92 -22.53
N VAL Q 105 -46.70 -56.90 -23.10
CA VAL Q 105 -46.29 -57.52 -24.35
C VAL Q 105 -47.29 -57.16 -25.44
N LEU Q 106 -46.76 -56.89 -26.63
CA LEU Q 106 -47.57 -56.59 -27.81
C LEU Q 106 -47.67 -57.86 -28.65
N GLY Q 107 -48.81 -58.53 -28.57
CA GLY Q 107 -49.03 -59.76 -29.31
C GLY Q 107 -48.98 -61.00 -28.45
N VAL R 1 -55.38 36.68 -8.23
CA VAL R 1 -55.32 38.00 -8.82
C VAL R 1 -54.68 38.99 -7.85
N ARG R 2 -53.44 39.37 -8.14
CA ARG R 2 -52.70 40.29 -7.29
C ARG R 2 -53.01 41.73 -7.71
N PRO R 3 -53.40 42.60 -6.78
CA PRO R 3 -53.61 44.00 -7.14
C PRO R 3 -52.32 44.79 -7.05
N LEU R 4 -52.22 45.81 -7.90
CA LEU R 4 -51.06 46.70 -7.91
C LEU R 4 -51.52 48.09 -8.29
N SER R 5 -51.11 49.08 -7.50
CA SER R 5 -51.59 50.45 -7.66
C SER R 5 -50.51 51.33 -8.27
N VAL R 6 -50.93 52.23 -9.16
CA VAL R 6 -50.04 53.17 -9.83
C VAL R 6 -50.71 54.54 -9.83
N ALA R 7 -49.91 55.58 -9.60
CA ALA R 7 -50.39 56.96 -9.66
C ALA R 7 -50.21 57.52 -11.07
N LEU R 8 -50.83 58.67 -11.30
CA LEU R 8 -50.74 59.32 -12.61
C LEU R 8 -49.32 59.80 -12.88
N GLY R 9 -48.92 59.73 -14.15
CA GLY R 9 -47.62 60.19 -14.56
C GLY R 9 -46.46 59.28 -14.22
N GLU R 10 -46.66 58.29 -13.35
CA GLU R 10 -45.59 57.40 -12.94
C GLU R 10 -45.35 56.33 -14.01
N THR R 11 -44.37 55.48 -13.76
CA THR R 11 -44.01 54.38 -14.66
C THR R 11 -44.32 53.06 -13.96
N ALA R 12 -45.18 52.27 -14.59
CA ALA R 12 -45.62 51.00 -14.01
C ALA R 12 -44.75 49.85 -14.48
N ARG R 13 -44.62 48.85 -13.62
CA ARG R 13 -43.82 47.65 -13.92
C ARG R 13 -44.61 46.44 -13.45
N ILE R 14 -44.96 45.55 -14.39
CA ILE R 14 -45.76 44.37 -14.09
C ILE R 14 -44.94 43.14 -14.47
N SER R 15 -44.78 42.22 -13.53
CA SER R 15 -44.06 40.97 -13.76
C SER R 15 -44.96 39.79 -13.43
N CYS R 16 -44.92 38.76 -14.28
CA CYS R 16 -45.69 37.55 -14.05
C CYS R 16 -44.93 36.61 -13.14
N GLY R 17 -45.69 35.78 -12.40
CA GLY R 17 -45.09 34.96 -11.36
C GLY R 17 -44.25 33.83 -11.89
N ARG R 18 -44.65 33.25 -13.03
CA ARG R 18 -43.95 32.10 -13.56
C ARG R 18 -42.55 32.49 -14.03
N GLN R 19 -41.55 31.71 -13.63
CA GLN R 19 -40.16 31.94 -14.00
C GLN R 19 -39.73 30.89 -15.02
N ALA R 20 -38.99 31.33 -16.04
CA ALA R 20 -38.60 30.44 -17.12
C ALA R 20 -37.30 29.72 -16.79
N LEU R 21 -37.09 28.60 -17.46
CA LEU R 21 -35.88 27.78 -17.34
C LEU R 21 -35.36 27.56 -18.76
N GLY R 22 -34.56 28.49 -19.25
CA GLY R 22 -34.02 28.42 -20.59
C GLY R 22 -34.41 29.63 -21.42
N SER R 23 -34.50 29.42 -22.73
CA SER R 23 -34.90 30.50 -23.63
C SER R 23 -36.38 30.82 -23.45
N ARG R 24 -36.71 32.11 -23.44
CA ARG R 24 -38.06 32.57 -23.20
C ARG R 24 -38.64 33.20 -24.46
N ALA R 25 -39.96 33.07 -24.60
CA ALA R 25 -40.72 33.78 -25.64
C ALA R 25 -42.10 34.04 -25.06
N VAL R 26 -42.27 35.21 -24.45
CA VAL R 26 -43.47 35.52 -23.70
C VAL R 26 -44.38 36.42 -24.53
N GLN R 27 -45.65 36.45 -24.17
CA GLN R 27 -46.64 37.32 -24.78
C GLN R 27 -47.39 38.07 -23.69
N TRP R 28 -47.61 39.36 -23.92
CA TRP R 28 -48.32 40.21 -22.96
C TRP R 28 -49.69 40.56 -23.54
N TYR R 29 -50.75 40.16 -22.84
CA TYR R 29 -52.10 40.42 -23.28
C TYR R 29 -52.78 41.40 -22.33
N GLN R 30 -53.46 42.39 -22.90
CA GLN R 30 -54.21 43.38 -22.14
C GLN R 30 -55.70 43.16 -22.39
N HIS R 31 -56.44 42.87 -21.32
CA HIS R 31 -57.86 42.52 -21.41
C HIS R 31 -58.66 43.50 -20.56
N ARG R 32 -59.44 44.35 -21.22
CA ARG R 32 -60.36 45.26 -20.55
C ARG R 32 -61.67 44.53 -20.22
N PRO R 33 -62.31 44.87 -19.09
CA PRO R 33 -63.56 44.19 -18.74
C PRO R 33 -64.67 44.48 -19.73
N GLY R 34 -65.10 43.45 -20.47
CA GLY R 34 -66.15 43.58 -21.45
C GLY R 34 -65.68 43.61 -22.89
N GLN R 35 -64.42 43.94 -23.13
CA GLN R 35 -63.87 44.02 -24.47
C GLN R 35 -62.94 42.84 -24.74
N ALA R 36 -62.59 42.68 -26.01
CA ALA R 36 -61.68 41.61 -26.42
C ALA R 36 -60.24 41.96 -26.03
N PRO R 37 -59.41 40.97 -25.75
CA PRO R 37 -58.02 41.25 -25.37
C PRO R 37 -57.24 41.86 -26.53
N ILE R 38 -56.26 42.69 -26.17
CA ILE R 38 -55.40 43.36 -27.14
C ILE R 38 -53.98 42.86 -26.92
N LEU R 39 -53.34 42.37 -28.00
CA LEU R 39 -51.97 41.91 -27.93
C LEU R 39 -51.02 43.10 -27.94
N LEU R 40 -50.11 43.15 -26.97
CA LEU R 40 -49.16 44.25 -26.85
C LEU R 40 -47.77 43.85 -27.34
N ILE R 41 -47.21 42.78 -26.78
CA ILE R 41 -45.89 42.27 -27.16
C ILE R 41 -46.02 40.78 -27.37
N TYR R 42 -45.45 40.27 -28.47
CA TYR R 42 -45.58 38.86 -28.81
C TYR R 42 -44.27 38.10 -28.76
N ASN R 43 -43.15 38.72 -29.12
CA ASN R 43 -41.85 38.05 -29.13
C ASN R 43 -40.93 38.54 -28.03
N ASN R 44 -41.48 39.22 -27.01
CA ASN R 44 -40.79 39.70 -25.81
C ASN R 44 -39.74 40.76 -26.14
N GLN R 45 -39.46 40.90 -27.43
CA GLN R 45 -38.57 41.94 -27.95
C GLN R 45 -39.29 42.73 -29.06
N ASP R 46 -40.54 42.34 -29.33
CA ASP R 46 -41.36 42.95 -30.38
C ASP R 46 -41.74 44.38 -30.05
N ARG R 47 -41.89 45.19 -31.10
CA ARG R 47 -42.22 46.60 -30.96
C ARG R 47 -43.59 46.84 -30.31
N PRO R 48 -44.60 46.02 -30.64
CA PRO R 48 -45.10 45.70 -31.98
C PRO R 48 -45.84 46.88 -32.61
N SER R 49 -45.92 46.89 -33.93
CA SER R 49 -46.59 47.96 -34.67
C SER R 49 -48.07 48.03 -34.34
N GLY R 50 -48.61 49.25 -34.37
CA GLY R 50 -50.01 49.47 -34.05
C GLY R 50 -50.22 49.73 -32.57
N ILE R 51 -49.11 49.81 -31.83
CA ILE R 51 -49.15 50.05 -30.39
C ILE R 51 -48.30 51.29 -30.06
N PRO R 52 -48.76 52.10 -29.09
CA PRO R 52 -48.07 53.32 -28.68
C PRO R 52 -46.69 53.00 -28.10
N GLU R 53 -45.71 53.86 -28.40
CA GLU R 53 -44.35 53.66 -27.92
C GLU R 53 -44.27 53.95 -26.43
N ARG R 54 -45.03 53.22 -25.62
CA ARG R 54 -44.99 53.35 -24.18
C ARG R 54 -44.79 52.03 -23.45
N PHE R 55 -45.14 50.90 -24.05
CA PHE R 55 -44.95 49.59 -23.45
C PHE R 55 -43.67 48.98 -24.00
N SER R 56 -42.80 48.51 -23.10
CA SER R 56 -41.53 47.92 -23.49
C SER R 56 -41.28 46.68 -22.66
N GLY R 57 -40.66 45.67 -23.29
CA GLY R 57 -40.31 44.44 -22.63
C GLY R 57 -38.80 44.24 -22.62
N THR R 58 -38.37 43.26 -21.84
CA THR R 58 -36.94 43.00 -21.74
C THR R 58 -36.52 41.93 -22.73
N PRO R 59 -35.42 42.12 -23.46
CA PRO R 59 -34.98 41.11 -24.42
C PRO R 59 -34.43 39.88 -23.71
N ASP R 60 -34.21 38.83 -24.50
CA ASP R 60 -33.68 37.57 -24.01
C ASP R 60 -32.19 37.51 -24.34
N ILE R 61 -31.38 38.15 -23.50
CA ILE R 61 -29.94 38.18 -23.63
C ILE R 61 -29.33 37.90 -22.27
N ASN R 62 -28.32 37.02 -22.24
CA ASN R 62 -27.62 36.64 -21.01
C ASN R 62 -28.61 36.09 -19.97
N PHE R 63 -29.14 34.91 -20.31
CA PHE R 63 -30.15 34.22 -19.52
C PHE R 63 -29.87 34.33 -18.03
N GLY R 64 -30.92 34.63 -17.27
CA GLY R 64 -30.81 34.81 -15.84
C GLY R 64 -31.62 36.00 -15.34
N THR R 65 -32.21 36.74 -16.28
CA THR R 65 -32.99 37.92 -15.95
C THR R 65 -34.49 37.60 -15.97
N ARG R 66 -35.25 38.38 -15.20
CA ARG R 66 -36.68 38.19 -15.13
C ARG R 66 -37.37 38.83 -16.33
N ALA R 67 -38.64 38.51 -16.51
CA ALA R 67 -39.48 39.05 -17.57
C ALA R 67 -40.49 40.01 -16.97
N THR R 68 -40.41 41.28 -17.36
CA THR R 68 -41.30 42.29 -16.85
C THR R 68 -41.68 43.26 -17.97
N LEU R 69 -42.87 43.83 -17.86
CA LEU R 69 -43.38 44.80 -18.82
C LEU R 69 -43.49 46.16 -18.14
N THR R 70 -42.89 47.17 -18.76
CA THR R 70 -42.90 48.53 -18.24
C THR R 70 -43.79 49.41 -19.10
N ILE R 71 -44.47 50.34 -18.45
CA ILE R 71 -45.38 51.29 -19.09
C ILE R 71 -45.04 52.67 -18.59
N SER R 72 -44.53 53.52 -19.48
CA SER R 72 -44.15 54.89 -19.14
C SER R 72 -45.27 55.84 -19.56
N GLY R 73 -45.55 56.83 -18.71
CA GLY R 73 -46.60 57.77 -18.98
C GLY R 73 -47.98 57.13 -18.95
N VAL R 74 -48.37 56.61 -17.79
CA VAL R 74 -49.64 55.92 -17.67
C VAL R 74 -50.77 56.93 -17.54
N GLU R 75 -51.88 56.65 -18.21
CA GLU R 75 -53.07 57.48 -18.17
C GLU R 75 -54.20 56.72 -17.48
N ALA R 76 -55.38 57.35 -17.43
CA ALA R 76 -56.53 56.71 -16.81
C ALA R 76 -57.08 55.55 -17.62
N GLY R 77 -56.83 55.54 -18.94
CA GLY R 77 -57.32 54.47 -19.79
C GLY R 77 -56.59 53.16 -19.65
N ASP R 78 -55.45 53.14 -18.95
CA ASP R 78 -54.68 51.91 -18.74
C ASP R 78 -55.16 51.20 -17.49
N GLU R 79 -56.41 50.73 -17.54
CA GLU R 79 -57.05 50.01 -16.43
C GLU R 79 -57.62 48.72 -17.01
N ALA R 80 -56.82 47.66 -16.98
CA ALA R 80 -57.24 46.37 -17.51
C ALA R 80 -56.36 45.29 -16.89
N ASP R 81 -56.72 44.03 -17.15
CA ASP R 81 -55.95 42.90 -16.66
C ASP R 81 -54.83 42.57 -17.63
N TYR R 82 -53.73 42.06 -17.09
CA TYR R 82 -52.54 41.74 -17.87
C TYR R 82 -52.20 40.27 -17.71
N TYR R 83 -52.09 39.58 -18.84
CA TYR R 83 -51.76 38.16 -18.88
C TYR R 83 -50.36 37.99 -19.46
N CYS R 84 -49.58 37.10 -18.83
CA CYS R 84 -48.19 36.84 -19.21
C CYS R 84 -48.08 35.39 -19.68
N HIS R 85 -48.17 35.19 -20.99
CA HIS R 85 -48.02 33.85 -21.57
C HIS R 85 -46.54 33.50 -21.66
N MET R 86 -46.13 32.47 -20.92
CA MET R 86 -44.74 32.07 -20.84
C MET R 86 -44.49 30.83 -21.68
N TRP R 87 -43.44 30.88 -22.50
CA TRP R 87 -43.03 29.74 -23.34
C TRP R 87 -41.54 29.53 -23.17
N ASP R 88 -41.15 28.40 -22.60
CA ASP R 88 -39.74 28.07 -22.44
C ASP R 88 -39.42 26.77 -23.17
N SER R 89 -38.19 26.29 -23.02
CA SER R 89 -37.74 25.10 -23.73
C SER R 89 -37.81 23.82 -22.89
N ARG R 90 -37.80 23.93 -21.56
CA ARG R 90 -37.78 22.77 -20.68
C ARG R 90 -39.13 22.52 -20.00
N SER R 91 -40.22 22.94 -20.66
CA SER R 91 -41.55 22.69 -20.11
C SER R 91 -42.55 22.18 -21.14
N GLY R 92 -42.20 22.11 -22.42
CA GLY R 92 -43.14 21.60 -23.40
C GLY R 92 -44.19 22.64 -23.77
N PHE R 93 -45.37 22.14 -24.12
CA PHE R 93 -46.46 23.02 -24.53
C PHE R 93 -47.15 23.61 -23.31
N SER R 94 -47.39 24.92 -23.36
CA SER R 94 -47.98 25.65 -22.24
C SER R 94 -49.43 25.97 -22.58
N TRP R 95 -50.36 25.43 -21.78
CA TRP R 95 -51.79 25.63 -22.01
C TRP R 95 -52.39 26.75 -21.18
N SER R 96 -51.91 26.94 -19.95
CA SER R 96 -52.50 27.94 -19.06
C SER R 96 -51.99 29.33 -19.39
N PHE R 97 -52.86 30.32 -19.23
CA PHE R 97 -52.49 31.71 -19.46
C PHE R 97 -51.79 32.35 -18.25
N GLY R 98 -51.78 31.67 -17.11
CA GLY R 98 -51.16 32.21 -15.91
C GLY R 98 -52.09 33.12 -15.13
N GLY R 99 -51.67 33.42 -13.91
CA GLY R 99 -52.46 34.29 -13.04
C GLY R 99 -52.34 35.74 -13.48
N ALA R 100 -53.49 36.38 -13.64
CA ALA R 100 -53.53 37.77 -14.07
C ALA R 100 -53.47 38.71 -12.87
N THR R 101 -53.01 39.93 -13.14
CA THR R 101 -52.91 40.98 -12.12
C THR R 101 -53.95 42.07 -12.39
N ARG R 102 -54.26 42.82 -11.35
CA ARG R 102 -55.27 43.88 -11.42
C ARG R 102 -54.60 45.22 -11.16
N LEU R 103 -54.53 46.06 -12.19
CA LEU R 103 -53.92 47.38 -12.09
C LEU R 103 -54.97 48.40 -11.65
N THR R 104 -54.64 49.16 -10.61
CA THR R 104 -55.51 50.21 -10.10
C THR R 104 -54.83 51.56 -10.25
N VAL R 105 -55.65 52.59 -10.44
CA VAL R 105 -55.18 53.94 -10.73
C VAL R 105 -55.46 54.83 -9.53
N LEU R 106 -54.51 55.71 -9.23
CA LEU R 106 -54.63 56.71 -8.16
C LEU R 106 -54.97 58.05 -8.78
N GLY R 107 -56.20 58.51 -8.55
CA GLY R 107 -56.63 59.80 -9.05
C GLY R 107 -57.42 59.70 -10.34
#